data_6MDM
#
_entry.id   6MDM
#
_cell.length_a   1
_cell.length_b   1
_cell.length_c   1
_cell.angle_alpha   90.000
_cell.angle_beta   90.000
_cell.angle_gamma   90.000
#
_symmetry.space_group_name_H-M   'P 1'
#
loop_
_entity.id
_entity.type
_entity.pdbx_description
1 polymer 'Vesicle-fusing ATPase'
2 polymer 'Synaptosomal-associated protein 25'
3 polymer Syntaxin-1A
4 polymer 'Vesicle-associated membrane protein 2'
5 polymer 'Alpha-soluble NSF attachment protein'
6 non-polymer "ADENOSINE-5'-TRIPHOSPHATE"
7 non-polymer "ADENOSINE-5'-DIPHOSPHATE"
#
loop_
_entity_poly.entity_id
_entity_poly.type
_entity_poly.pdbx_seq_one_letter_code
_entity_poly.pdbx_strand_id
1 'polypeptide(L)'
;MGHHHHHHDYDIPTTENLYFQGAHMAGRSMQAARCPTDELSLSNCAVVSEKDYQSGQHVIVRTSPNHKYIFTLRTHPSVV
PGSVAFSLPQRKWAGLSIGQEIEVALYSFDKAKQCIGTMTIEIDFLQKKNIDSNPYDTDKMAAEFIQQFNNQAFSVGQQL
VFSFNDKLFGLLVKDIEAMDPSILKGEPASGKRQKIEVGLVVGNSQVAFEKAENSSLNLIGKAKTKENRQSIINPDWNFE
KMGIGGLDKEFSDIFRRAFASRVFPPEIVEQMGCKHVKGILLYGPPGCGKTLLARQIGKMLNAREPKVVNGPEILNKYVG
ESEANIRKLFADAEEEQRRLGANSGLHIIIFDEIDAICKQRGSMAGSTGVHDTVVNQLLSKIDGVEQLNNILVIGMTNRP
DLIDEALLRPGRLEVKMEIGLPDEKGRLQILHIHTARMRGHQLLSADVDIKELAVETKNFSGAELEGLVRAAQSTAMNRH
IIASTKVEVDMEKAESLQVTRGDFLASLENDIKPAFGTNQEDYASYIMNGIIKWGDPVTRVLDDGELLVQQTKNSDRTPL
VSVLLEGPPHSGKTALAAKIAEESNFPFIKICSPDKMIGFSETAKCQAMKKIFDDAYKSQLSCVVVDDIERLLDYVPIGP
RFSNLVLQALLVLLKKAPPQGRKLLIIGTTSRKDVLQEMEMLNAFSTTIHVPNIATGEQLLEALELLGNFKDKERTTIAQ
QVKGKKVWIGIKKLLMLIEMSLQMDPEYRVRKFLALLREEGASPLDFD
;
A,B,C,D,E,F
2 'polypeptide(L)'
;MASMAEDADMRNELEEMQRRADQLADESLESTRRMLQLVEESKDAGIRTLVMLDEQGEQLDRVEEGMNHINQDMKEAEKN
LKDLGKCCGLFICPCNKLKSSDAYKKAWGNNQDGVVASQPARVVDEREQMAISGGFIRRVTNDARENEMDENLEQVSGII
GNLRHMALDMGNEIDTQNRQIDRIMEKADSNKTRIDEANQRATKMLG
;
H
3 'polypeptide(L)'
;MKDRTQELRTAKDSDDDDDVTVTVDRDRFMDEFFEQVEEIRGFIDKIAENVEEVKRKHSAILASPNPDEKTKEELEELMS
DIKKTANKVRSKLKSIEQSIEQEEGLNRSSADLRIRKTQHSTLSRKFVEVMSEYNATQSDYRERSKGRIQRQLEITGRTT
TSEELEDMLESGNPAIFASGIIMDSSISKQALSEIETRHSEIIKLENSIRELHDMFMDMAMLVESQGEMIDRIEYNVEHA
VDYVERAVSDTKKAVK
;
I
4 'polypeptide(L)'
;MASYYHHHHHHDYDIPTSENLYFQGASHMSATAATVPPAAPAGEGGPPAPPPNLTSNRRLQQTQAQVDEVVDIMRVNVDK
VLERDQKLSELDDRADALQAGASQFETSAAKLKRKYW
;
J
5 'polypeptide(L)'
;MHHHHHHHHHHENLYFQGMDTSGKQAEAMALLAEAERKVKNSQSFFSGLFGGSSKIEEACEIYARAANMFKMAKNWSAAG
NAFCQAAQLHLQLQSKHDAATCFVDAGNAFKKADPQEAINCLMRAIEIYTDMGRFTIAAKHHISIAEIYETELVDVEKAI
AHYEQSADYYKGEESNSSANKCLLKVAGYAAQLEQYQKAIDIYEQVGTSAMDSPLLKYSAKDYFFKAALCHFCIDMLNAK
LAVQKYEELFPAFSDSRECKLMKKLLEAHEEQNVDSYTESVKEYDSISRLDQWLTTMLLRIKKTIQGDEEDLR
;
K,L
#
loop_
_chem_comp.id
_chem_comp.type
_chem_comp.name
_chem_comp.formula
ADP non-polymer ADENOSINE-5'-DIPHOSPHATE 'C10 H15 N5 O10 P2'
ATP non-polymer ADENOSINE-5'-TRIPHOSPHATE 'C10 H16 N5 O13 P3'
#
# COMPACT_ATOMS: atom_id res chain seq x y z
N MET A 25 76.45 23.92 -10.76
CA MET A 25 77.63 23.88 -9.83
C MET A 25 77.42 24.80 -8.63
N ALA A 26 77.70 26.09 -8.78
CA ALA A 26 77.57 27.04 -7.69
C ALA A 26 76.21 27.73 -7.69
N GLY A 27 75.51 27.75 -8.82
CA GLY A 27 74.20 28.35 -8.94
C GLY A 27 74.08 29.25 -10.14
N ARG A 28 72.92 29.20 -10.80
CA ARG A 28 72.66 30.00 -11.97
C ARG A 28 71.21 30.47 -11.96
N SER A 29 70.99 31.55 -12.70
CA SER A 29 69.67 32.12 -12.86
C SER A 29 68.90 31.24 -13.84
N MET A 30 67.69 30.86 -13.46
CA MET A 30 66.84 30.02 -14.27
C MET A 30 65.46 30.64 -14.22
N GLN A 31 64.61 30.20 -15.13
CA GLN A 31 63.23 30.69 -15.21
C GLN A 31 62.29 29.50 -15.15
N ALA A 32 61.34 29.58 -14.23
CA ALA A 32 60.36 28.52 -14.07
C ALA A 32 59.39 28.46 -15.25
N ALA A 33 59.14 27.24 -15.72
CA ALA A 33 58.22 26.96 -16.82
C ALA A 33 57.33 25.78 -16.44
N ARG A 34 56.53 25.28 -17.38
CA ARG A 34 55.66 24.14 -17.15
C ARG A 34 56.27 22.89 -17.75
N CYS A 35 56.00 21.75 -17.09
CA CYS A 35 56.49 20.46 -17.55
C CYS A 35 56.05 20.26 -19.01
N PRO A 36 56.94 19.80 -19.91
CA PRO A 36 56.54 19.63 -21.32
C PRO A 36 55.26 18.83 -21.53
N THR A 37 55.25 17.57 -21.10
CA THR A 37 54.12 16.69 -21.30
C THR A 37 53.86 15.91 -20.01
N ASP A 38 52.71 15.25 -19.98
CA ASP A 38 52.33 14.44 -18.83
C ASP A 38 53.25 13.24 -18.61
N GLU A 39 54.15 12.94 -19.56
CA GLU A 39 55.04 11.82 -19.41
C GLU A 39 56.07 12.05 -18.31
N LEU A 40 56.66 13.24 -18.26
CA LEU A 40 57.66 13.58 -17.26
C LEU A 40 57.08 14.15 -15.97
N SER A 41 55.77 14.08 -15.78
CA SER A 41 55.15 14.59 -14.56
C SER A 41 55.00 13.53 -13.47
N LEU A 42 55.08 12.25 -13.83
CA LEU A 42 54.95 11.14 -12.89
C LEU A 42 56.31 10.63 -12.43
N SER A 43 57.37 11.41 -12.64
CA SER A 43 58.72 11.05 -12.26
C SER A 43 59.24 11.85 -11.09
N ASN A 44 58.59 12.95 -10.73
CA ASN A 44 59.01 13.80 -9.62
C ASN A 44 60.44 14.27 -9.84
N CYS A 45 60.79 14.52 -11.09
CA CYS A 45 62.11 14.97 -11.48
C CYS A 45 62.02 16.29 -12.23
N ALA A 46 62.94 17.20 -11.92
CA ALA A 46 62.98 18.51 -12.55
C ALA A 46 63.39 18.34 -14.01
N VAL A 47 62.46 18.60 -14.92
CA VAL A 47 62.74 18.44 -16.34
C VAL A 47 63.53 19.64 -16.82
N VAL A 48 64.64 19.39 -17.51
CA VAL A 48 65.48 20.45 -18.06
C VAL A 48 65.85 20.10 -19.49
N SER A 49 66.71 20.91 -20.09
CA SER A 49 67.21 20.71 -21.45
C SER A 49 68.58 20.05 -21.38
N GLU A 50 68.98 19.43 -22.49
CA GLU A 50 70.30 18.81 -22.53
C GLU A 50 71.40 19.85 -22.68
N LYS A 51 71.07 21.06 -23.10
CA LYS A 51 72.07 22.10 -23.26
C LYS A 51 72.51 22.75 -21.94
N ASP A 52 71.83 22.48 -20.83
CA ASP A 52 72.19 23.09 -19.55
C ASP A 52 72.73 22.06 -18.57
N TYR A 53 71.89 21.15 -18.07
CA TYR A 53 72.28 20.13 -17.11
C TYR A 53 72.18 18.76 -17.77
N GLN A 54 72.27 17.69 -16.97
CA GLN A 54 72.26 16.34 -17.49
C GLN A 54 71.52 15.37 -16.59
N SER A 55 70.74 14.47 -17.22
CA SER A 55 69.98 13.44 -16.52
C SER A 55 70.87 12.62 -15.61
N GLY A 56 70.52 12.61 -14.32
CA GLY A 56 71.25 11.88 -13.30
C GLY A 56 71.70 12.78 -12.16
N GLN A 57 71.89 14.06 -12.45
CA GLN A 57 72.32 15.07 -11.51
C GLN A 57 71.16 15.53 -10.63
N HIS A 58 71.52 16.04 -9.46
CA HIS A 58 70.60 16.57 -8.48
C HIS A 58 70.84 18.07 -8.34
N VAL A 59 69.79 18.80 -7.96
CA VAL A 59 69.88 20.24 -7.79
C VAL A 59 69.14 20.69 -6.56
N ILE A 60 69.46 21.90 -6.16
CA ILE A 60 68.88 22.54 -5.00
C ILE A 60 68.32 23.86 -5.49
N VAL A 61 67.00 23.93 -5.58
CA VAL A 61 66.36 25.16 -5.98
C VAL A 61 66.44 26.10 -4.80
N ARG A 62 66.65 27.38 -5.10
CA ARG A 62 66.74 28.42 -4.11
C ARG A 62 65.73 29.49 -4.49
N THR A 63 64.95 29.91 -3.50
CA THR A 63 63.91 30.91 -3.69
C THR A 63 64.02 32.03 -2.68
N SER A 64 64.80 31.87 -1.63
CA SER A 64 64.95 32.87 -0.60
C SER A 64 66.10 32.42 0.29
N PRO A 65 66.59 33.25 1.21
CA PRO A 65 67.65 32.78 2.11
C PRO A 65 67.17 31.78 3.16
N ASN A 66 65.90 31.33 3.09
CA ASN A 66 65.35 30.37 4.04
C ASN A 66 64.59 29.21 3.38
N HIS A 67 64.14 29.35 2.14
CA HIS A 67 63.46 28.26 1.43
C HIS A 67 64.41 27.62 0.43
N LYS A 68 65.00 26.48 0.82
CA LYS A 68 65.87 25.70 -0.03
C LYS A 68 65.20 24.36 -0.23
N TYR A 69 65.08 23.94 -1.50
CA TYR A 69 64.39 22.71 -1.86
C TYR A 69 65.32 21.90 -2.74
N ILE A 70 65.22 20.57 -2.72
CA ILE A 70 66.12 19.72 -3.49
C ILE A 70 65.32 18.80 -4.39
N PHE A 71 65.65 18.80 -5.68
CA PHE A 71 64.99 18.00 -6.70
C PHE A 71 66.03 17.21 -7.51
N THR A 72 65.52 16.33 -8.37
CA THR A 72 66.31 15.49 -9.26
C THR A 72 66.11 15.94 -10.68
N LEU A 73 67.19 15.97 -11.46
CA LEU A 73 67.14 16.45 -12.83
C LEU A 73 66.91 15.35 -13.85
N ARG A 74 66.28 15.72 -14.96
CA ARG A 74 66.04 14.80 -16.06
C ARG A 74 65.94 15.65 -17.33
N THR A 75 66.90 15.50 -18.23
CA THR A 75 66.88 16.28 -19.46
C THR A 75 65.74 15.86 -20.39
N HIS A 76 65.42 16.76 -21.32
CA HIS A 76 64.37 16.60 -22.31
C HIS A 76 64.61 17.63 -23.41
N PRO A 77 64.76 17.24 -24.71
CA PRO A 77 65.07 18.22 -25.77
C PRO A 77 64.02 19.29 -26.11
N SER A 78 63.12 19.64 -25.19
CA SER A 78 62.11 20.67 -25.41
C SER A 78 62.27 21.86 -24.50
N VAL A 79 62.98 21.72 -23.37
CA VAL A 79 63.19 22.83 -22.46
C VAL A 79 64.06 23.88 -23.12
N VAL A 80 63.82 25.14 -22.77
CA VAL A 80 64.54 26.26 -23.34
C VAL A 80 65.83 26.43 -22.55
N PRO A 81 67.02 26.56 -23.19
CA PRO A 81 68.26 26.75 -22.41
C PRO A 81 68.14 27.92 -21.46
N GLY A 82 68.31 27.67 -20.16
CA GLY A 82 68.18 28.70 -19.17
C GLY A 82 66.80 28.77 -18.56
N SER A 83 66.13 27.62 -18.40
CA SER A 83 64.81 27.56 -17.80
C SER A 83 64.57 26.12 -17.37
N VAL A 84 63.87 25.97 -16.25
CA VAL A 84 63.56 24.67 -15.69
C VAL A 84 62.05 24.51 -15.67
N ALA A 85 61.57 23.35 -16.09
CA ALA A 85 60.15 23.03 -16.10
C ALA A 85 59.81 22.14 -14.90
N PHE A 86 58.72 22.49 -14.22
CA PHE A 86 58.20 21.76 -13.07
C PHE A 86 56.74 21.40 -13.25
N SER A 87 56.33 20.30 -12.62
CA SER A 87 54.94 19.86 -12.63
C SER A 87 54.18 20.57 -11.52
N LEU A 88 52.84 20.51 -11.60
CA LEU A 88 52.00 21.14 -10.57
C LEU A 88 52.31 20.64 -9.17
N PRO A 89 52.39 19.33 -8.90
CA PRO A 89 52.70 18.90 -7.53
C PRO A 89 54.00 19.48 -7.00
N GLN A 90 55.02 19.60 -7.84
CA GLN A 90 56.28 20.19 -7.39
C GLN A 90 56.07 21.66 -7.11
N ARG A 91 55.32 22.31 -7.97
CA ARG A 91 54.95 23.71 -7.86
C ARG A 91 53.93 23.92 -6.77
N LYS A 92 53.20 22.86 -6.40
CA LYS A 92 52.20 22.93 -5.34
C LYS A 92 52.83 22.82 -3.96
N TRP A 93 54.14 22.55 -3.88
CA TRP A 93 54.89 22.48 -2.65
C TRP A 93 55.80 23.68 -2.44
N ALA A 94 56.59 24.01 -3.45
CA ALA A 94 57.55 25.09 -3.36
C ALA A 94 57.02 26.49 -3.63
N GLY A 95 55.73 26.66 -3.90
CA GLY A 95 55.23 28.01 -4.15
C GLY A 95 55.89 28.68 -5.34
N LEU A 96 56.10 27.92 -6.40
CA LEU A 96 56.77 28.36 -7.61
C LEU A 96 55.76 28.79 -8.67
N SER A 97 56.08 29.86 -9.40
CA SER A 97 55.22 30.40 -10.44
C SER A 97 55.85 30.22 -11.82
N ILE A 98 54.99 30.08 -12.83
CA ILE A 98 55.37 29.89 -14.22
C ILE A 98 55.78 31.23 -14.81
N GLY A 99 57.06 31.59 -14.68
CA GLY A 99 57.52 32.84 -15.25
C GLY A 99 58.21 33.74 -14.25
N GLN A 100 59.02 33.16 -13.37
CA GLN A 100 59.72 33.91 -12.36
C GLN A 100 61.18 33.47 -12.43
N GLU A 101 62.05 34.27 -11.82
CA GLU A 101 63.47 33.97 -11.80
C GLU A 101 63.81 33.28 -10.48
N ILE A 102 64.57 32.19 -10.58
CA ILE A 102 64.98 31.40 -9.43
C ILE A 102 66.44 31.01 -9.62
N GLU A 103 67.13 30.77 -8.50
CA GLU A 103 68.54 30.38 -8.54
C GLU A 103 68.61 28.88 -8.26
N VAL A 104 69.02 28.12 -9.28
CA VAL A 104 69.14 26.68 -9.19
C VAL A 104 70.62 26.32 -9.17
N ALA A 105 70.99 25.35 -8.33
CA ALA A 105 72.38 24.92 -8.21
C ALA A 105 72.47 23.42 -8.02
N LEU A 106 73.47 22.81 -8.65
CA LEU A 106 73.71 21.38 -8.49
C LEU A 106 73.98 21.09 -7.02
N TYR A 107 73.46 19.96 -6.53
CA TYR A 107 73.66 19.59 -5.13
C TYR A 107 74.00 18.12 -5.05
N SER A 108 75.19 17.81 -4.54
CA SER A 108 75.69 16.44 -4.42
C SER A 108 75.54 15.94 -2.99
N PHE A 109 74.81 14.83 -2.84
CA PHE A 109 74.56 14.18 -1.57
C PHE A 109 75.82 13.47 -1.07
N ASP A 110 75.77 13.10 0.21
CA ASP A 110 76.86 12.37 0.86
C ASP A 110 76.31 10.99 1.21
N LYS A 111 77.03 9.95 0.81
CA LYS A 111 76.60 8.58 1.06
C LYS A 111 77.08 8.09 2.43
N ALA A 112 76.53 8.71 3.47
CA ALA A 112 76.84 8.28 4.82
C ALA A 112 75.55 8.28 5.62
N LYS A 113 75.00 9.48 5.88
CA LYS A 113 73.74 9.63 6.59
C LYS A 113 72.62 10.11 5.69
N GLN A 114 72.83 10.32 4.39
CA GLN A 114 71.75 10.83 3.54
C GLN A 114 71.06 9.74 2.73
N CYS A 115 71.40 8.47 2.92
CA CYS A 115 70.80 7.38 2.19
C CYS A 115 69.58 6.89 2.98
N ILE A 116 68.41 6.99 2.37
CA ILE A 116 67.17 6.66 3.05
C ILE A 116 67.07 5.16 3.29
N GLY A 117 66.65 4.80 4.51
CA GLY A 117 66.46 3.43 4.93
C GLY A 117 65.07 3.14 5.44
N THR A 118 64.46 4.07 6.17
CA THR A 118 63.10 3.90 6.70
C THR A 118 62.39 5.24 6.55
N MET A 119 61.51 5.33 5.56
CA MET A 119 60.77 6.57 5.28
C MET A 119 59.27 6.38 5.26
N THR A 120 58.58 7.09 6.15
CA THR A 120 57.13 7.08 6.25
C THR A 120 56.54 8.21 5.41
N ILE A 121 55.50 7.90 4.63
CA ILE A 121 54.79 8.87 3.79
C ILE A 121 53.31 8.81 4.11
N GLU A 122 52.65 9.97 3.99
CA GLU A 122 51.20 10.07 4.24
C GLU A 122 50.52 10.01 2.88
N ILE A 123 50.43 8.78 2.37
CA ILE A 123 49.78 8.54 1.10
C ILE A 123 48.32 8.94 1.17
N ASP A 124 47.77 9.33 0.03
CA ASP A 124 46.36 9.70 0.00
C ASP A 124 45.95 9.85 -1.46
N PHE A 125 44.65 9.66 -1.69
CA PHE A 125 44.09 9.79 -3.02
C PHE A 125 44.11 11.25 -3.44
N LEU A 126 44.39 11.47 -4.73
CA LEU A 126 44.47 12.80 -5.31
C LEU A 126 43.12 13.36 -5.72
N GLN A 127 42.23 12.48 -6.18
CA GLN A 127 40.93 12.87 -6.67
C GLN A 127 39.82 12.35 -5.78
N LYS A 128 38.76 13.16 -5.70
CA LYS A 128 37.59 12.82 -4.89
C LYS A 128 36.68 11.89 -5.68
N LYS A 129 36.52 12.15 -6.97
CA LYS A 129 35.72 11.32 -7.87
C LYS A 129 36.31 9.95 -8.17
N ASN A 130 37.24 9.45 -7.35
CA ASN A 130 37.89 8.18 -7.59
C ASN A 130 38.23 7.44 -6.30
N ILE A 131 37.71 7.86 -5.15
CA ILE A 131 38.05 7.26 -3.87
C ILE A 131 37.37 5.90 -3.69
N ASP A 132 38.14 4.82 -3.86
CA ASP A 132 37.66 3.47 -3.61
C ASP A 132 38.36 2.88 -2.39
N SER A 133 37.61 2.11 -1.59
CA SER A 133 38.15 1.46 -0.40
C SER A 133 38.71 0.07 -0.70
N ASN A 134 38.78 -0.34 -1.96
CA ASN A 134 39.28 -1.66 -2.30
C ASN A 134 40.73 -1.87 -1.86
N PRO A 135 41.15 -3.12 -1.68
CA PRO A 135 42.53 -3.40 -1.28
C PRO A 135 43.56 -3.00 -2.34
N TYR A 136 44.70 -2.50 -1.86
CA TYR A 136 45.85 -2.08 -2.65
C TYR A 136 47.09 -2.72 -2.06
N ASP A 137 47.62 -3.71 -2.77
CA ASP A 137 48.80 -4.44 -2.32
C ASP A 137 49.97 -3.49 -2.12
N THR A 138 50.40 -3.37 -0.87
CA THR A 138 51.51 -2.49 -0.53
C THR A 138 52.83 -3.03 -1.03
N ASP A 139 52.99 -4.35 -1.11
CA ASP A 139 54.25 -4.92 -1.59
C ASP A 139 54.62 -4.35 -2.95
N LYS A 140 53.68 -4.35 -3.88
CA LYS A 140 53.94 -3.78 -5.19
C LYS A 140 54.15 -2.27 -5.08
N MET A 141 53.59 -1.64 -4.04
CA MET A 141 53.72 -0.19 -3.89
C MET A 141 55.13 0.16 -3.45
N ALA A 142 55.64 -0.53 -2.42
CA ALA A 142 57.02 -0.32 -2.00
C ALA A 142 57.99 -0.79 -3.07
N ALA A 143 57.53 -1.65 -4.00
CA ALA A 143 58.39 -2.11 -5.08
C ALA A 143 58.39 -1.13 -6.23
N GLU A 144 57.29 -0.41 -6.44
CA GLU A 144 57.20 0.59 -7.49
C GLU A 144 57.70 1.95 -7.04
N PHE A 145 57.48 2.31 -5.78
CA PHE A 145 57.92 3.62 -5.30
C PHE A 145 59.42 3.72 -5.24
N ILE A 146 60.07 2.71 -4.68
CA ILE A 146 61.51 2.82 -4.53
C ILE A 146 62.18 2.78 -5.90
N GLN A 147 61.82 1.79 -6.72
CA GLN A 147 62.45 1.63 -8.04
C GLN A 147 62.09 2.77 -8.99
N GLN A 148 60.83 3.18 -9.02
CA GLN A 148 60.44 4.26 -9.93
C GLN A 148 61.13 5.54 -9.50
N PHE A 149 61.21 5.77 -8.20
CA PHE A 149 61.79 6.98 -7.62
C PHE A 149 63.09 6.66 -6.88
N ASN A 150 63.94 5.82 -7.48
CA ASN A 150 65.23 5.46 -6.90
C ASN A 150 66.31 6.43 -7.35
N ASN A 151 67.29 6.62 -6.47
CA ASN A 151 68.38 7.57 -6.72
C ASN A 151 67.79 8.97 -6.90
N GLN A 152 66.73 9.27 -6.15
CA GLN A 152 66.12 10.58 -6.22
C GLN A 152 66.15 11.23 -4.85
N ALA A 153 65.86 12.52 -4.86
CA ALA A 153 65.94 13.35 -3.67
C ALA A 153 64.56 13.63 -3.12
N PHE A 154 64.43 13.49 -1.81
CA PHE A 154 63.17 13.73 -1.10
C PHE A 154 63.47 14.53 0.15
N SER A 155 62.53 15.41 0.50
CA SER A 155 62.63 16.28 1.66
C SER A 155 61.42 16.02 2.55
N VAL A 156 61.56 16.34 3.84
CA VAL A 156 60.47 16.12 4.77
C VAL A 156 59.36 17.13 4.48
N GLY A 157 58.18 16.62 4.13
CA GLY A 157 57.04 17.45 3.83
C GLY A 157 56.81 17.72 2.34
N GLN A 158 57.58 17.08 1.47
CA GLN A 158 57.44 17.28 0.03
C GLN A 158 56.21 16.56 -0.48
N GLN A 159 55.65 17.11 -1.56
CA GLN A 159 54.43 16.62 -2.19
C GLN A 159 54.75 16.08 -3.57
N LEU A 160 54.17 14.92 -3.86
CA LEU A 160 54.42 14.22 -5.10
C LEU A 160 53.22 13.32 -5.43
N VAL A 161 53.25 12.74 -6.62
CA VAL A 161 52.19 11.89 -7.14
C VAL A 161 52.65 10.45 -7.27
N PHE A 162 51.81 9.51 -6.84
CA PHE A 162 52.11 8.09 -6.94
C PHE A 162 51.09 7.50 -7.91
N SER A 163 51.56 6.79 -8.94
CA SER A 163 50.73 6.20 -9.99
C SER A 163 50.65 4.68 -9.79
N PHE A 164 49.62 4.22 -9.07
CA PHE A 164 49.40 2.81 -8.78
C PHE A 164 48.28 2.24 -9.63
N ASN A 165 48.64 1.43 -10.63
CA ASN A 165 47.65 0.78 -11.50
C ASN A 165 46.72 1.81 -12.14
N ASP A 166 47.31 2.88 -12.66
CA ASP A 166 46.54 3.96 -13.26
C ASP A 166 45.58 4.60 -12.26
N LYS A 167 45.82 4.46 -10.95
CA LYS A 167 44.95 5.03 -9.94
C LYS A 167 45.76 6.18 -9.38
N LEU A 168 45.27 7.40 -9.56
CA LEU A 168 46.02 8.57 -9.12
C LEU A 168 45.98 8.72 -7.61
N PHE A 169 47.14 9.01 -7.02
CA PHE A 169 47.24 9.21 -5.58
C PHE A 169 48.00 10.51 -5.36
N GLY A 170 48.34 10.80 -4.12
CA GLY A 170 49.08 11.99 -3.76
C GLY A 170 49.88 11.65 -2.52
N LEU A 171 51.16 12.00 -2.51
CA LEU A 171 52.03 11.66 -1.39
C LEU A 171 52.47 12.91 -0.63
N LEU A 172 52.88 12.69 0.63
CA LEU A 172 53.33 13.76 1.53
C LEU A 172 54.30 13.15 2.54
N VAL A 173 55.60 13.33 2.30
CA VAL A 173 56.63 12.79 3.19
C VAL A 173 56.40 13.24 4.62
N LYS A 174 56.35 12.25 5.52
CA LYS A 174 56.16 12.47 6.96
C LYS A 174 57.43 12.32 7.79
N ASP A 175 58.25 11.31 7.53
CA ASP A 175 59.46 11.09 8.31
C ASP A 175 60.46 10.34 7.44
N ILE A 176 61.73 10.73 7.55
CA ILE A 176 62.82 10.11 6.80
C ILE A 176 63.85 9.64 7.80
N GLU A 177 64.36 8.42 7.60
CA GLU A 177 65.41 7.85 8.43
C GLU A 177 66.54 7.39 7.53
N ALA A 178 67.75 7.67 7.97
CA ALA A 178 68.94 7.24 7.27
C ALA A 178 69.35 5.84 7.69
N MET A 179 69.97 5.10 6.78
CA MET A 179 70.47 3.77 7.10
C MET A 179 71.63 3.87 8.08
N ARG A 193 69.32 6.68 16.00
CA ARG A 193 68.54 6.93 14.78
C ARG A 193 68.28 8.44 14.65
N GLN A 194 69.05 9.04 13.74
CA GLN A 194 69.01 10.47 13.44
C GLN A 194 68.05 10.81 12.30
N LYS A 195 67.43 11.99 12.40
CA LYS A 195 66.51 12.51 11.39
C LYS A 195 67.29 13.38 10.41
N ILE A 196 67.06 13.16 9.12
CA ILE A 196 67.75 13.89 8.06
C ILE A 196 66.79 14.81 7.32
N GLU A 197 67.31 15.97 6.90
CA GLU A 197 66.53 16.95 6.16
C GLU A 197 66.15 16.42 4.78
N VAL A 198 67.16 16.05 3.99
CA VAL A 198 66.98 15.56 2.63
C VAL A 198 67.66 14.22 2.51
N GLY A 199 66.98 13.25 1.88
CA GLY A 199 67.54 11.94 1.68
C GLY A 199 67.50 11.53 0.21
N LEU A 200 68.09 10.37 -0.03
CA LEU A 200 68.24 9.77 -1.35
C LEU A 200 67.60 8.39 -1.35
N VAL A 201 66.43 8.26 -1.96
CA VAL A 201 65.88 6.91 -2.00
C VAL A 201 66.81 6.10 -2.89
N VAL A 202 67.53 5.17 -2.27
CA VAL A 202 68.46 4.28 -2.95
C VAL A 202 67.65 3.02 -3.19
N GLY A 203 68.30 1.95 -3.62
CA GLY A 203 67.55 0.73 -3.90
C GLY A 203 67.08 0.02 -2.64
N ASN A 204 67.92 -0.01 -1.60
CA ASN A 204 67.56 -0.69 -0.35
C ASN A 204 66.92 0.26 0.67
N SER A 205 65.91 1.01 0.22
CA SER A 205 65.17 1.92 1.07
C SER A 205 63.82 1.30 1.36
N GLN A 206 63.45 1.25 2.64
CA GLN A 206 62.17 0.69 3.06
C GLN A 206 61.21 1.86 3.31
N VAL A 207 60.19 1.96 2.46
CA VAL A 207 59.18 3.00 2.58
C VAL A 207 57.91 2.38 3.12
N ALA A 208 57.24 3.14 3.97
CA ALA A 208 56.00 2.73 4.60
C ALA A 208 54.99 3.83 4.33
N PHE A 209 53.80 3.43 3.91
CA PHE A 209 52.72 4.34 3.59
C PHE A 209 51.63 4.27 4.67
N GLU A 210 51.12 5.43 5.05
CA GLU A 210 50.08 5.51 6.06
C GLU A 210 48.91 6.33 5.56
N LYS A 211 47.74 5.72 5.58
CA LYS A 211 46.51 6.41 5.21
C LYS A 211 46.31 7.61 6.15
N ALA A 212 45.85 8.72 5.59
CA ALA A 212 45.64 9.93 6.38
C ALA A 212 44.49 9.72 7.38
N GLU A 213 44.27 10.72 8.23
CA GLU A 213 43.20 10.64 9.21
C GLU A 213 41.86 10.78 8.50
N ASN A 214 40.88 9.98 8.96
CA ASN A 214 39.55 9.91 8.36
C ASN A 214 39.61 9.37 6.93
N SER A 215 40.66 8.61 6.64
CA SER A 215 40.89 8.04 5.31
C SER A 215 40.13 6.74 5.12
N SER A 216 39.87 6.42 3.86
CA SER A 216 39.19 5.22 3.43
C SER A 216 40.14 4.27 2.70
N LEU A 217 41.44 4.60 2.67
CA LEU A 217 42.44 3.79 1.98
C LEU A 217 42.62 2.44 2.64
N ASN A 218 42.55 1.39 1.84
CA ASN A 218 42.75 0.02 2.27
C ASN A 218 44.14 -0.42 1.83
N LEU A 219 45.06 -0.57 2.78
CA LEU A 219 46.42 -0.99 2.49
C LEU A 219 46.61 -2.39 3.03
N ILE A 220 47.28 -3.24 2.25
CA ILE A 220 47.57 -4.61 2.66
C ILE A 220 48.98 -4.97 2.21
N GLY A 221 49.67 -5.75 3.04
CA GLY A 221 51.03 -6.17 2.78
C GLY A 221 51.87 -5.83 3.98
N LYS A 222 53.19 -5.85 3.82
CA LYS A 222 54.09 -5.47 4.90
C LYS A 222 54.55 -4.02 4.82
N ALA A 223 54.44 -3.38 3.65
CA ALA A 223 54.89 -1.99 3.50
C ALA A 223 53.79 -1.02 3.92
N LYS A 224 53.61 -0.93 5.23
CA LYS A 224 52.64 -0.06 5.87
C LYS A 224 53.27 0.51 7.12
N THR A 225 52.73 1.64 7.57
CA THR A 225 52.94 2.23 8.90
C THR A 225 54.04 3.29 8.79
N PRO A 235 44.43 -19.48 29.00
CA PRO A 235 43.15 -20.17 29.23
C PRO A 235 42.39 -19.61 30.44
N ASP A 236 41.19 -19.11 30.15
CA ASP A 236 40.33 -18.41 31.11
C ASP A 236 39.11 -19.23 31.54
N TRP A 237 39.10 -20.52 31.26
CA TRP A 237 37.92 -21.39 31.32
C TRP A 237 37.67 -22.01 32.69
N ASN A 238 38.39 -21.60 33.71
CA ASN A 238 38.31 -22.23 35.02
C ASN A 238 36.92 -22.18 35.64
N PHE A 239 36.55 -23.27 36.33
CA PHE A 239 35.31 -23.37 37.08
C PHE A 239 35.39 -22.84 38.50
N GLU A 240 36.60 -22.66 39.03
CA GLU A 240 36.74 -22.01 40.33
C GLU A 240 36.12 -20.63 40.33
N LYS A 241 35.98 -20.03 39.15
CA LYS A 241 35.26 -18.79 39.01
C LYS A 241 33.84 -18.96 39.50
N MET A 242 33.31 -17.87 40.04
CA MET A 242 32.19 -17.95 40.96
C MET A 242 30.90 -18.35 40.25
N GLY A 243 30.76 -17.98 38.98
CA GLY A 243 29.43 -17.85 38.38
C GLY A 243 28.60 -19.12 38.45
N ILE A 244 29.19 -20.25 38.08
CA ILE A 244 28.50 -21.53 38.02
C ILE A 244 29.37 -22.68 38.51
N GLY A 245 28.73 -23.79 38.80
CA GLY A 245 29.43 -24.97 39.27
C GLY A 245 28.56 -26.21 39.22
N GLY A 246 29.22 -27.37 39.31
CA GLY A 246 28.57 -28.64 39.45
C GLY A 246 28.47 -29.46 38.18
N LEU A 247 28.49 -28.78 37.03
CA LEU A 247 28.32 -29.38 35.70
C LEU A 247 29.63 -29.53 34.96
N ASP A 248 30.74 -29.62 35.70
CA ASP A 248 32.06 -29.31 35.17
C ASP A 248 32.40 -30.03 33.87
N LYS A 249 31.92 -31.25 33.68
CA LYS A 249 32.26 -31.99 32.47
C LYS A 249 31.76 -31.34 31.19
N GLU A 250 30.53 -30.82 31.20
CA GLU A 250 29.99 -30.42 29.90
C GLU A 250 30.50 -29.05 29.47
N PHE A 251 30.53 -28.06 30.36
CA PHE A 251 31.19 -26.82 30.01
C PHE A 251 32.63 -27.09 29.61
N SER A 252 33.25 -28.07 30.25
CA SER A 252 34.58 -28.45 29.81
C SER A 252 34.48 -28.94 28.38
N ASP A 253 33.52 -29.83 28.12
CA ASP A 253 33.30 -30.40 26.80
C ASP A 253 33.13 -29.35 25.70
N ILE A 254 32.28 -28.36 25.93
CA ILE A 254 32.12 -27.33 24.90
C ILE A 254 33.41 -26.57 24.74
N PHE A 255 34.11 -26.33 25.84
CA PHE A 255 35.40 -25.69 25.70
C PHE A 255 36.31 -26.57 24.86
N ARG A 256 36.16 -27.90 25.01
CA ARG A 256 37.03 -28.83 24.34
C ARG A 256 36.81 -28.72 22.84
N ARG A 257 35.61 -29.06 22.40
CA ARG A 257 35.27 -29.13 20.99
C ARG A 257 34.48 -27.93 20.45
N ALA A 258 33.81 -27.16 21.30
CA ALA A 258 33.00 -26.07 20.76
C ALA A 258 33.78 -24.79 20.54
N PHE A 259 34.52 -24.35 21.56
CA PHE A 259 35.06 -23.00 21.61
C PHE A 259 36.57 -22.96 21.50
N ALA A 260 37.20 -24.06 21.12
CA ALA A 260 38.65 -24.03 21.01
C ALA A 260 39.11 -23.13 19.88
N SER A 261 38.34 -23.06 18.80
CA SER A 261 38.74 -22.27 17.65
C SER A 261 38.89 -20.80 18.00
N ARG A 262 38.09 -20.31 18.93
CA ARG A 262 38.06 -18.89 19.20
C ARG A 262 39.12 -18.48 20.19
N VAL A 263 39.55 -19.38 21.06
CA VAL A 263 40.78 -19.18 21.81
C VAL A 263 41.83 -20.03 21.13
N PHE A 264 42.59 -19.38 20.27
CA PHE A 264 43.83 -19.91 19.71
C PHE A 264 44.50 -18.74 18.99
N PRO A 265 45.80 -18.76 18.76
CA PRO A 265 46.38 -17.68 17.96
C PRO A 265 45.80 -17.68 16.57
N PRO A 266 45.24 -16.56 16.10
CA PRO A 266 44.61 -16.58 14.78
C PRO A 266 45.58 -16.81 13.65
N GLU A 267 46.85 -16.48 13.86
CA GLU A 267 47.86 -16.62 12.82
C GLU A 267 47.94 -18.05 12.31
N ILE A 268 47.71 -19.02 13.18
CA ILE A 268 47.75 -20.41 12.77
C ILE A 268 46.45 -20.80 12.07
N VAL A 269 45.31 -20.53 12.71
CA VAL A 269 44.06 -21.11 12.24
C VAL A 269 43.67 -20.50 10.91
N GLU A 270 44.10 -19.27 10.66
CA GLU A 270 43.80 -18.62 9.39
C GLU A 270 44.35 -19.44 8.23
N GLN A 271 45.41 -20.21 8.46
CA GLN A 271 45.80 -21.21 7.47
C GLN A 271 44.70 -22.25 7.34
N MET A 272 44.27 -22.82 8.47
CA MET A 272 43.39 -23.96 8.39
C MET A 272 42.02 -23.59 7.84
N GLY A 273 41.68 -22.30 7.83
CA GLY A 273 40.42 -21.84 7.27
C GLY A 273 39.20 -22.39 7.96
N CYS A 274 39.31 -22.67 9.25
CA CYS A 274 38.22 -23.29 9.99
C CYS A 274 37.18 -22.26 10.37
N LYS A 275 35.98 -22.44 9.87
CA LYS A 275 34.86 -21.57 10.22
C LYS A 275 34.41 -21.90 11.63
N HIS A 276 34.17 -20.88 12.42
CA HIS A 276 33.69 -21.16 13.76
C HIS A 276 32.28 -21.73 13.72
N VAL A 277 31.92 -22.39 14.80
CA VAL A 277 30.53 -22.81 15.00
C VAL A 277 29.66 -21.58 15.13
N LYS A 278 28.58 -21.55 14.35
CA LYS A 278 27.64 -20.45 14.42
C LYS A 278 26.64 -20.57 15.54
N GLY A 279 26.27 -21.78 15.91
CA GLY A 279 25.17 -21.96 16.83
C GLY A 279 25.34 -23.16 17.71
N ILE A 280 24.66 -23.11 18.85
CA ILE A 280 24.69 -24.17 19.83
C ILE A 280 23.30 -24.36 20.37
N LEU A 281 23.03 -25.57 20.83
CA LEU A 281 21.81 -25.89 21.53
C LEU A 281 22.16 -26.47 22.87
N LEU A 282 21.32 -26.14 23.84
CA LEU A 282 21.40 -26.71 25.16
C LEU A 282 20.01 -26.98 25.70
N TYR A 283 19.82 -28.19 26.23
CA TYR A 283 18.53 -28.59 26.75
C TYR A 283 18.68 -29.21 28.12
N GLY A 284 17.54 -29.31 28.79
CA GLY A 284 17.49 -29.78 30.15
C GLY A 284 16.21 -29.35 30.80
N PRO A 285 16.06 -29.67 32.07
CA PRO A 285 14.89 -29.22 32.79
C PRO A 285 14.93 -27.72 32.92
N PRO A 286 13.83 -27.08 33.31
CA PRO A 286 13.84 -25.61 33.31
C PRO A 286 14.86 -24.99 34.22
N GLY A 287 14.91 -25.43 35.47
CA GLY A 287 15.51 -24.61 36.49
C GLY A 287 16.95 -24.88 36.83
N CYS A 288 17.78 -25.33 35.89
CA CYS A 288 19.12 -25.78 36.25
C CYS A 288 20.18 -24.75 35.87
N GLY A 289 19.79 -23.50 35.63
CA GLY A 289 20.79 -22.47 35.57
C GLY A 289 21.50 -22.43 34.24
N LYS A 290 20.71 -22.37 33.20
CA LYS A 290 21.22 -22.30 31.85
C LYS A 290 21.57 -20.88 31.46
N THR A 291 20.74 -19.95 31.89
CA THR A 291 20.89 -18.56 31.53
C THR A 291 22.05 -17.89 32.21
N LEU A 292 22.58 -18.47 33.27
CA LEU A 292 23.83 -17.98 33.83
C LEU A 292 25.04 -18.61 33.19
N LEU A 293 24.86 -19.66 32.42
CA LEU A 293 25.97 -20.10 31.61
C LEU A 293 26.18 -19.16 30.45
N ALA A 294 25.09 -18.78 29.78
CA ALA A 294 25.22 -18.10 28.51
C ALA A 294 25.82 -16.73 28.70
N ARG A 295 25.22 -15.91 29.55
CA ARG A 295 25.79 -14.60 29.79
C ARG A 295 27.21 -14.71 30.30
N GLN A 296 27.53 -15.77 31.03
CA GLN A 296 28.86 -15.81 31.59
C GLN A 296 29.89 -16.20 30.54
N ILE A 297 29.49 -16.94 29.51
CA ILE A 297 30.44 -17.12 28.41
C ILE A 297 30.56 -15.83 27.62
N GLY A 298 29.50 -15.03 27.58
CA GLY A 298 29.62 -13.72 26.98
C GLY A 298 30.68 -12.93 27.73
N LYS A 299 30.66 -13.05 29.05
CA LYS A 299 31.70 -12.42 29.85
C LYS A 299 33.06 -13.08 29.57
N MET A 300 33.06 -14.40 29.39
CA MET A 300 34.31 -15.13 29.13
C MET A 300 35.03 -14.64 27.88
N LEU A 301 34.33 -14.63 26.76
CA LEU A 301 34.79 -14.07 25.51
C LEU A 301 33.91 -12.89 25.18
N ASN A 302 34.51 -11.71 25.09
CA ASN A 302 33.71 -10.50 25.03
C ASN A 302 33.03 -10.39 23.67
N ALA A 303 31.71 -10.50 23.70
CA ALA A 303 30.77 -9.95 22.74
C ALA A 303 30.50 -8.49 23.06
N ARG A 304 29.79 -7.83 22.15
CA ARG A 304 29.33 -6.49 22.47
C ARG A 304 28.46 -6.51 23.71
N GLU A 305 27.33 -7.21 23.62
CA GLU A 305 26.46 -7.54 24.74
C GLU A 305 25.61 -8.71 24.31
N PRO A 306 25.03 -9.45 25.25
CA PRO A 306 23.88 -10.28 24.89
C PRO A 306 22.61 -9.47 24.78
N LYS A 307 21.86 -9.68 23.72
CA LYS A 307 20.45 -9.37 23.69
C LYS A 307 19.73 -10.71 23.76
N VAL A 308 19.00 -10.90 24.83
CA VAL A 308 18.27 -12.12 25.11
C VAL A 308 16.80 -11.91 24.77
N VAL A 309 16.18 -12.92 24.18
CA VAL A 309 14.77 -12.87 23.80
C VAL A 309 14.12 -14.17 24.19
N ASN A 310 12.82 -14.11 24.33
CA ASN A 310 12.01 -15.28 24.53
C ASN A 310 11.19 -15.48 23.26
N GLY A 311 11.00 -16.74 22.86
CA GLY A 311 10.31 -17.06 21.63
C GLY A 311 8.90 -16.54 21.63
N PRO A 312 8.10 -17.01 22.58
CA PRO A 312 6.70 -16.58 22.63
C PRO A 312 6.54 -15.08 22.77
N GLU A 313 7.56 -14.38 23.22
CA GLU A 313 7.51 -12.93 23.30
C GLU A 313 7.48 -12.24 21.95
N ILE A 314 7.90 -12.88 20.86
CA ILE A 314 7.75 -12.30 19.51
C ILE A 314 6.91 -13.22 18.64
N LEU A 315 5.62 -12.93 18.65
CA LEU A 315 4.69 -13.55 17.75
C LEU A 315 3.54 -12.57 17.62
N ASN A 316 3.23 -12.25 16.39
CA ASN A 316 2.23 -11.26 16.06
C ASN A 316 1.16 -11.92 15.25
N LYS A 317 -0.05 -11.49 15.49
CA LYS A 317 -1.17 -11.99 14.73
C LYS A 317 -0.98 -11.58 13.29
N TYR A 318 -0.51 -10.36 13.10
CA TYR A 318 -0.36 -9.82 11.77
C TYR A 318 0.82 -10.49 11.09
N VAL A 319 0.67 -10.66 9.78
CA VAL A 319 1.45 -11.65 9.05
C VAL A 319 2.92 -11.32 9.08
N GLY A 320 3.24 -10.06 8.90
CA GLY A 320 4.58 -9.64 8.60
C GLY A 320 5.38 -9.22 9.79
N GLU A 321 4.78 -9.19 10.97
CA GLU A 321 5.41 -8.66 12.16
C GLU A 321 6.10 -9.72 12.99
N SER A 322 5.98 -10.97 12.59
CA SER A 322 6.53 -12.08 13.35
C SER A 322 7.89 -12.52 12.87
N GLU A 323 8.30 -12.09 11.71
CA GLU A 323 9.66 -12.31 11.21
C GLU A 323 10.62 -11.16 11.42
N ALA A 324 10.12 -9.95 11.60
CA ALA A 324 11.00 -8.80 11.59
C ALA A 324 11.65 -8.59 12.95
N ASN A 325 10.90 -8.91 14.00
CA ASN A 325 11.45 -8.88 15.34
C ASN A 325 12.60 -9.85 15.51
N ILE A 326 12.73 -10.83 14.63
CA ILE A 326 13.91 -11.67 14.62
C ILE A 326 15.06 -10.98 13.92
N ARG A 327 14.78 -10.42 12.75
CA ARG A 327 15.85 -9.89 11.93
C ARG A 327 16.51 -8.68 12.54
N LYS A 328 15.79 -7.97 13.40
CA LYS A 328 16.36 -6.85 14.11
C LYS A 328 17.42 -7.25 15.11
N LEU A 329 17.53 -8.53 15.42
CA LEU A 329 18.62 -9.01 16.25
C LEU A 329 19.89 -9.11 15.43
N PHE A 330 19.76 -9.63 14.23
CA PHE A 330 20.92 -9.92 13.42
C PHE A 330 21.44 -8.71 12.66
N ALA A 331 20.62 -7.68 12.49
CA ALA A 331 21.10 -6.49 11.80
C ALA A 331 22.30 -5.89 12.52
N ASP A 332 22.26 -5.86 13.85
CA ASP A 332 23.33 -5.27 14.63
C ASP A 332 24.64 -6.02 14.41
N ALA A 333 24.56 -7.29 14.05
CA ALA A 333 25.76 -8.04 13.70
C ALA A 333 26.15 -7.81 12.27
N GLU A 334 25.16 -7.68 11.40
CA GLU A 334 25.45 -7.59 9.99
C GLU A 334 26.23 -6.32 9.71
N GLU A 335 25.88 -5.24 10.39
CA GLU A 335 26.56 -3.97 10.25
C GLU A 335 28.04 -4.11 10.53
N GLU A 336 28.36 -4.58 11.72
CA GLU A 336 29.76 -4.68 12.13
C GLU A 336 30.52 -5.65 11.24
N GLN A 337 29.89 -6.75 10.84
CA GLN A 337 30.59 -7.75 10.05
C GLN A 337 30.99 -7.15 8.71
N ARG A 338 30.03 -6.52 8.02
CA ARG A 338 30.35 -5.95 6.72
C ARG A 338 31.35 -4.81 6.87
N ARG A 339 31.17 -3.99 7.90
CA ARG A 339 32.00 -2.81 8.08
C ARG A 339 33.45 -3.22 8.34
N LEU A 340 33.66 -4.01 9.41
CA LEU A 340 34.99 -4.27 9.93
C LEU A 340 35.53 -5.63 9.52
N GLY A 341 34.95 -6.23 8.50
CA GLY A 341 35.45 -7.51 8.05
C GLY A 341 35.30 -8.56 9.11
N ALA A 342 36.32 -9.40 9.24
CA ALA A 342 36.20 -10.67 9.94
C ALA A 342 36.91 -10.71 11.28
N ASN A 343 37.42 -9.58 11.77
CA ASN A 343 38.03 -9.52 13.10
C ASN A 343 37.12 -8.86 14.11
N SER A 344 35.82 -8.82 13.82
CA SER A 344 34.88 -8.19 14.72
C SER A 344 34.55 -9.09 15.90
N GLY A 345 34.19 -8.45 17.00
CA GLY A 345 33.76 -9.17 18.17
C GLY A 345 32.37 -9.71 18.00
N LEU A 346 32.08 -10.75 18.76
CA LEU A 346 30.82 -11.45 18.63
C LEU A 346 29.61 -10.59 18.94
N HIS A 347 28.63 -10.68 18.08
CA HIS A 347 27.25 -10.33 18.37
C HIS A 347 26.52 -11.60 18.74
N ILE A 348 26.16 -11.73 20.00
CA ILE A 348 25.66 -12.98 20.54
C ILE A 348 24.17 -12.88 20.79
N ILE A 349 23.45 -13.95 20.48
CA ILE A 349 22.01 -14.01 20.66
C ILE A 349 21.67 -15.19 21.55
N ILE A 350 20.59 -15.02 22.32
CA ILE A 350 20.06 -16.05 23.20
C ILE A 350 18.55 -16.07 23.07
N PHE A 351 17.99 -17.27 22.86
CA PHE A 351 16.55 -17.49 22.87
C PHE A 351 16.17 -18.19 24.16
N ASP A 352 15.22 -17.62 24.89
CA ASP A 352 14.80 -18.19 26.17
C ASP A 352 14.13 -19.54 25.98
N GLU A 353 13.14 -19.59 25.08
CA GLU A 353 12.65 -20.84 24.50
C GLU A 353 12.32 -20.62 23.05
N ILE A 354 12.94 -21.42 22.20
CA ILE A 354 12.58 -21.52 20.79
C ILE A 354 11.44 -22.49 20.52
N ASP A 355 11.21 -23.45 21.43
CA ASP A 355 10.56 -24.69 21.03
C ASP A 355 9.15 -24.51 20.51
N ALA A 356 8.53 -23.35 20.75
CA ALA A 356 7.24 -23.10 20.15
C ALA A 356 7.38 -22.74 18.70
N ILE A 357 8.31 -21.85 18.40
CA ILE A 357 8.42 -21.36 17.04
C ILE A 357 9.06 -22.40 16.14
N CYS A 358 9.90 -23.26 16.69
CA CYS A 358 10.72 -24.17 15.90
C CYS A 358 10.17 -25.58 15.89
N LYS A 359 8.87 -25.74 16.14
CA LYS A 359 8.23 -27.04 15.96
C LYS A 359 8.48 -27.53 14.56
N GLN A 360 8.45 -28.84 14.41
CA GLN A 360 9.00 -29.48 13.23
C GLN A 360 7.93 -29.46 12.17
N ARG A 361 8.15 -28.63 11.17
CA ARG A 361 7.26 -28.56 10.04
C ARG A 361 7.26 -29.88 9.30
N GLY A 362 6.17 -30.13 8.60
CA GLY A 362 6.05 -31.32 7.77
C GLY A 362 5.38 -30.97 6.47
N SER A 363 5.68 -31.76 5.44
CA SER A 363 5.48 -31.35 4.07
C SER A 363 4.31 -32.08 3.44
N MET A 364 3.23 -31.35 3.22
CA MET A 364 2.15 -31.76 2.34
C MET A 364 1.31 -30.52 2.08
N ALA A 365 0.41 -30.63 1.09
CA ALA A 365 -0.29 -29.46 0.56
C ALA A 365 -1.12 -28.76 1.63
N GLY A 366 -1.86 -29.55 2.39
CA GLY A 366 -2.62 -29.07 3.52
C GLY A 366 -1.87 -29.18 4.81
N SER A 367 -2.37 -28.45 5.81
CA SER A 367 -1.85 -28.53 7.17
C SER A 367 -0.35 -28.29 7.17
N THR A 368 0.06 -27.30 6.39
CA THR A 368 1.44 -26.84 6.42
C THR A 368 1.79 -26.33 7.80
N GLY A 369 0.99 -25.40 8.29
CA GLY A 369 0.97 -25.11 9.71
C GLY A 369 0.60 -23.67 9.94
N VAL A 370 0.44 -23.35 11.22
CA VAL A 370 0.12 -21.99 11.62
C VAL A 370 1.37 -21.12 11.64
N HIS A 371 2.46 -21.60 12.25
CA HIS A 371 3.68 -20.82 12.42
C HIS A 371 4.80 -21.23 11.48
N ASP A 372 4.48 -21.88 10.37
CA ASP A 372 5.53 -22.44 9.55
C ASP A 372 6.39 -21.43 8.81
N THR A 373 6.15 -20.12 8.93
CA THR A 373 6.90 -19.13 8.17
C THR A 373 7.89 -18.31 8.97
N VAL A 374 7.97 -18.50 10.27
CA VAL A 374 8.99 -17.80 11.04
C VAL A 374 10.33 -18.49 10.93
N VAL A 375 10.29 -19.81 11.00
CA VAL A 375 11.46 -20.66 10.96
C VAL A 375 12.25 -20.49 9.68
N ASN A 376 11.57 -20.22 8.58
CA ASN A 376 12.26 -20.10 7.31
C ASN A 376 13.23 -18.95 7.33
N GLN A 377 12.82 -17.85 7.96
CA GLN A 377 13.72 -16.72 8.01
C GLN A 377 14.84 -16.98 8.97
N LEU A 378 14.54 -17.69 10.07
CA LEU A 378 15.58 -17.98 11.04
C LEU A 378 16.73 -18.73 10.41
N LEU A 379 16.43 -19.85 9.81
CA LEU A 379 17.49 -20.67 9.27
C LEU A 379 18.15 -19.99 8.10
N SER A 380 17.38 -19.19 7.35
CA SER A 380 17.98 -18.47 6.24
C SER A 380 18.92 -17.38 6.73
N LYS A 381 18.69 -16.84 7.92
CA LYS A 381 19.68 -15.97 8.52
C LYS A 381 20.90 -16.76 8.92
N ILE A 382 20.69 -17.94 9.48
CA ILE A 382 21.82 -18.65 10.04
C ILE A 382 22.79 -19.03 8.93
N ASP A 383 22.35 -19.84 7.98
CA ASP A 383 23.30 -20.42 7.04
C ASP A 383 23.19 -19.81 5.65
N GLY A 384 22.57 -18.65 5.55
CA GLY A 384 22.13 -18.15 4.27
C GLY A 384 23.22 -17.55 3.41
N VAL A 385 22.73 -16.96 2.32
CA VAL A 385 23.55 -16.22 1.38
C VAL A 385 24.26 -15.10 2.09
N GLU A 386 25.49 -14.81 1.64
CA GLU A 386 26.34 -13.83 2.30
C GLU A 386 26.59 -14.21 3.74
N GLN A 387 27.14 -15.42 3.93
CA GLN A 387 27.47 -15.91 5.25
C GLN A 387 28.22 -14.89 6.07
N LEU A 388 27.99 -14.95 7.36
CA LEU A 388 28.64 -14.10 8.32
C LEU A 388 29.28 -15.02 9.33
N ASN A 389 30.50 -14.67 9.76
CA ASN A 389 31.23 -15.42 10.75
C ASN A 389 31.30 -14.70 12.09
N ASN A 390 30.45 -13.69 12.27
CA ASN A 390 30.55 -12.73 13.35
C ASN A 390 29.62 -13.07 14.50
N ILE A 391 29.09 -14.28 14.56
CA ILE A 391 27.91 -14.55 15.35
C ILE A 391 28.06 -15.81 16.18
N LEU A 392 27.29 -15.85 17.26
CA LEU A 392 27.09 -17.05 18.05
C LEU A 392 25.68 -16.97 18.60
N VAL A 393 24.98 -18.10 18.59
CA VAL A 393 23.56 -18.13 18.92
C VAL A 393 23.28 -19.37 19.77
N ILE A 394 22.58 -19.18 20.88
CA ILE A 394 22.27 -20.24 21.82
C ILE A 394 20.79 -20.52 21.78
N GLY A 395 20.43 -21.72 21.40
CA GLY A 395 19.09 -22.22 21.60
C GLY A 395 18.92 -22.82 22.99
N MET A 396 17.72 -22.67 23.53
CA MET A 396 17.36 -23.20 24.84
C MET A 396 16.02 -23.90 24.70
N THR A 397 15.90 -25.13 25.22
CA THR A 397 14.60 -25.79 25.21
C THR A 397 14.54 -26.90 26.24
N ASN A 398 13.30 -27.33 26.49
CA ASN A 398 12.98 -28.54 27.22
C ASN A 398 12.44 -29.64 26.30
N ARG A 399 12.43 -29.45 24.98
CA ARG A 399 11.89 -30.43 24.03
C ARG A 399 12.82 -30.67 22.86
N PRO A 400 13.88 -31.44 23.05
CA PRO A 400 14.88 -31.60 22.00
C PRO A 400 14.40 -32.40 20.81
N ASP A 401 13.30 -33.11 20.93
CA ASP A 401 12.87 -33.97 19.85
C ASP A 401 11.90 -33.26 18.90
N LEU A 402 11.27 -32.18 19.36
CA LEU A 402 10.37 -31.49 18.47
C LEU A 402 11.08 -30.55 17.52
N ILE A 403 12.32 -30.19 17.79
CA ILE A 403 12.99 -29.23 16.94
C ILE A 403 13.21 -29.88 15.58
N ASP A 404 12.99 -29.10 14.54
CA ASP A 404 13.25 -29.60 13.19
C ASP A 404 14.68 -30.12 13.11
N GLU A 405 14.87 -31.13 12.31
CA GLU A 405 16.17 -31.77 12.24
C GLU A 405 17.14 -30.98 11.41
N ALA A 406 16.65 -30.11 10.54
CA ALA A 406 17.52 -29.29 9.72
C ALA A 406 17.93 -28.04 10.44
N LEU A 407 17.15 -27.62 11.43
CA LEU A 407 17.52 -26.43 12.17
C LEU A 407 18.82 -26.64 12.88
N LEU A 408 19.07 -27.87 13.34
CA LEU A 408 20.26 -28.20 14.11
C LEU A 408 21.25 -29.02 13.32
N ARG A 409 21.14 -29.07 12.02
CA ARG A 409 22.13 -29.83 11.32
C ARG A 409 23.47 -29.10 11.39
N PRO A 410 24.56 -29.82 11.19
CA PRO A 410 25.88 -29.20 11.32
C PRO A 410 26.08 -28.02 10.40
N GLY A 411 26.64 -26.97 10.97
CA GLY A 411 26.81 -25.71 10.28
C GLY A 411 25.76 -24.70 10.69
N ARG A 412 24.52 -25.16 10.95
CA ARG A 412 23.51 -24.22 11.40
C ARG A 412 23.47 -24.10 12.92
N LEU A 413 23.21 -25.22 13.61
CA LEU A 413 23.61 -25.43 15.01
C LEU A 413 24.26 -26.79 15.06
N GLU A 414 25.55 -26.83 15.26
CA GLU A 414 26.26 -28.06 15.02
C GLU A 414 26.24 -28.94 16.25
N VAL A 415 26.45 -28.37 17.42
CA VAL A 415 26.76 -29.13 18.62
C VAL A 415 25.66 -28.90 19.63
N LYS A 416 25.33 -29.96 20.33
CA LYS A 416 24.18 -30.03 21.21
C LYS A 416 24.70 -30.44 22.57
N MET A 417 24.06 -29.91 23.60
CA MET A 417 24.38 -30.34 24.95
C MET A 417 23.16 -30.59 25.80
N GLU A 418 23.38 -31.50 26.73
CA GLU A 418 22.39 -31.94 27.68
C GLU A 418 22.80 -31.40 29.03
N ILE A 419 21.83 -30.85 29.72
CA ILE A 419 21.96 -30.48 31.12
C ILE A 419 20.98 -31.35 31.86
N GLY A 420 21.41 -31.87 32.98
CA GLY A 420 20.57 -32.70 33.80
C GLY A 420 20.78 -32.33 35.25
N LEU A 421 19.81 -32.74 36.04
CA LEU A 421 19.75 -32.37 37.43
C LEU A 421 21.07 -32.64 38.13
N PRO A 422 21.62 -31.68 38.86
CA PRO A 422 22.95 -31.86 39.42
C PRO A 422 22.98 -32.87 40.54
N ASP A 423 24.16 -33.45 40.70
CA ASP A 423 24.41 -34.38 41.76
C ASP A 423 24.76 -33.62 43.04
N GLU A 424 24.78 -34.36 44.14
CA GLU A 424 25.08 -33.80 45.45
C GLU A 424 26.39 -33.03 45.44
N LYS A 425 27.38 -33.55 44.74
CA LYS A 425 28.68 -32.89 44.62
C LYS A 425 28.55 -31.51 44.00
N GLY A 426 27.78 -31.40 42.93
CA GLY A 426 27.55 -30.11 42.33
C GLY A 426 26.77 -29.21 43.25
N ARG A 427 25.83 -29.79 43.98
CA ARG A 427 24.97 -28.94 44.78
C ARG A 427 25.71 -28.43 46.00
N LEU A 428 26.60 -29.22 46.59
CA LEU A 428 27.44 -28.68 47.65
C LEU A 428 28.41 -27.63 47.13
N GLN A 429 28.86 -27.76 45.88
CA GLN A 429 29.65 -26.67 45.31
C GLN A 429 28.81 -25.41 45.24
N ILE A 430 27.60 -25.57 44.72
CA ILE A 430 26.69 -24.45 44.55
C ILE A 430 26.36 -23.83 45.91
N LEU A 431 26.21 -24.65 46.93
CA LEU A 431 25.94 -24.07 48.24
C LEU A 431 27.13 -23.26 48.70
N HIS A 432 28.34 -23.72 48.39
CA HIS A 432 29.50 -22.86 48.64
C HIS A 432 29.34 -21.55 47.89
N ILE A 433 28.81 -21.61 46.67
CA ILE A 433 28.65 -20.40 45.85
C ILE A 433 27.73 -19.41 46.53
N HIS A 434 26.49 -19.83 46.79
CA HIS A 434 25.49 -18.89 47.28
C HIS A 434 25.80 -18.38 48.67
N THR A 435 26.60 -19.13 49.41
CA THR A 435 27.07 -18.69 50.72
C THR A 435 28.22 -17.70 50.61
N ALA A 436 28.96 -17.70 49.50
CA ALA A 436 30.21 -16.96 49.43
C ALA A 436 30.09 -15.49 49.78
N ARG A 437 28.90 -14.89 49.62
CA ARG A 437 28.74 -13.53 50.11
C ARG A 437 28.53 -13.59 51.61
N MET A 438 27.72 -14.56 52.04
CA MET A 438 27.45 -14.75 53.46
C MET A 438 28.76 -15.08 54.15
N ARG A 439 29.61 -15.85 53.46
CA ARG A 439 30.91 -16.21 54.01
C ARG A 439 31.70 -14.94 54.24
N GLY A 440 31.64 -14.00 53.29
CA GLY A 440 32.35 -12.76 53.45
C GLY A 440 31.81 -11.96 54.61
N HIS A 441 30.50 -11.91 54.78
CA HIS A 441 29.95 -11.17 55.89
C HIS A 441 29.95 -11.98 57.17
N GLN A 442 30.18 -13.30 57.07
CA GLN A 442 30.24 -14.20 58.22
C GLN A 442 28.96 -14.16 59.04
N LEU A 443 27.83 -13.90 58.39
CA LEU A 443 26.57 -13.84 59.12
C LEU A 443 26.19 -15.22 59.66
N LEU A 444 26.42 -16.27 58.88
CA LEU A 444 26.13 -17.63 59.29
C LEU A 444 27.45 -18.32 59.51
N SER A 445 27.73 -18.68 60.76
CA SER A 445 28.99 -19.30 61.14
C SER A 445 28.89 -20.64 61.82
N ALA A 446 27.76 -20.96 62.45
CA ALA A 446 27.66 -22.17 63.26
C ALA A 446 26.39 -22.94 63.01
N ASP A 447 26.49 -24.24 63.26
CA ASP A 447 25.40 -25.20 63.10
C ASP A 447 24.90 -25.23 61.68
N VAL A 448 25.77 -24.88 60.74
CA VAL A 448 25.46 -24.94 59.33
C VAL A 448 26.61 -25.70 58.68
N ASP A 449 26.28 -26.81 58.03
CA ASP A 449 27.26 -27.62 57.32
C ASP A 449 26.66 -27.94 55.97
N ILE A 450 27.43 -27.73 54.92
CA ILE A 450 26.94 -27.98 53.57
C ILE A 450 27.09 -29.44 53.20
N LYS A 451 28.12 -30.09 53.72
CA LYS A 451 28.44 -31.46 53.31
C LYS A 451 27.31 -32.45 53.56
N GLU A 452 26.66 -32.38 54.71
CA GLU A 452 25.48 -33.24 54.89
C GLU A 452 24.23 -32.60 54.31
N LEU A 453 24.19 -31.27 54.32
CA LEU A 453 22.99 -30.56 53.95
C LEU A 453 22.72 -30.59 52.44
N ALA A 454 23.72 -30.85 51.63
CA ALA A 454 23.47 -31.08 50.21
C ALA A 454 22.83 -32.44 50.01
N VAL A 455 23.43 -33.46 50.62
CA VAL A 455 22.98 -34.83 50.44
C VAL A 455 21.65 -35.10 51.10
N GLU A 456 21.24 -34.32 52.10
CA GLU A 456 19.96 -34.60 52.72
C GLU A 456 18.84 -34.42 51.72
N THR A 457 19.03 -33.53 50.74
CA THR A 457 18.21 -33.47 49.55
C THR A 457 18.89 -34.22 48.42
N LYS A 458 18.26 -35.29 47.99
CA LYS A 458 18.78 -36.06 46.87
C LYS A 458 18.47 -35.39 45.54
N ASN A 459 17.30 -34.74 45.41
CA ASN A 459 16.97 -34.04 44.17
C ASN A 459 16.32 -32.69 44.44
N PHE A 460 17.02 -31.62 44.02
CA PHE A 460 16.54 -30.26 43.84
C PHE A 460 17.15 -29.65 42.59
N SER A 461 16.58 -28.53 42.19
CA SER A 461 17.08 -27.70 41.11
C SER A 461 17.88 -26.53 41.65
N GLY A 462 19.02 -26.26 41.03
CA GLY A 462 19.85 -25.14 41.42
C GLY A 462 19.11 -23.83 41.50
N ALA A 463 18.07 -23.68 40.68
CA ALA A 463 17.19 -22.54 40.82
C ALA A 463 16.47 -22.54 42.14
N GLU A 464 16.03 -23.71 42.60
CA GLU A 464 15.26 -23.78 43.83
C GLU A 464 16.10 -23.48 45.07
N LEU A 465 17.39 -23.80 45.02
CA LEU A 465 18.22 -23.71 46.21
C LEU A 465 18.43 -22.30 46.70
N GLU A 466 18.47 -21.33 45.81
CA GLU A 466 18.69 -19.99 46.30
C GLU A 466 17.50 -19.53 47.09
N GLY A 467 16.30 -20.00 46.73
CA GLY A 467 15.15 -19.64 47.54
C GLY A 467 15.26 -20.21 48.93
N LEU A 468 15.80 -21.43 49.03
CA LEU A 468 16.06 -22.00 50.34
C LEU A 468 17.04 -21.12 51.08
N VAL A 469 18.13 -20.79 50.41
CA VAL A 469 19.14 -19.94 51.01
C VAL A 469 18.54 -18.58 51.30
N ARG A 470 17.64 -18.13 50.43
CA ARG A 470 17.00 -16.85 50.65
C ARG A 470 16.19 -16.88 51.92
N ALA A 471 15.55 -18.00 52.21
CA ALA A 471 14.81 -18.10 53.46
C ALA A 471 15.76 -18.08 54.64
N ALA A 472 16.93 -18.69 54.47
CA ALA A 472 17.92 -18.67 55.53
C ALA A 472 18.40 -17.25 55.77
N GLN A 473 18.43 -16.42 54.72
CA GLN A 473 18.73 -15.02 54.94
C GLN A 473 17.52 -14.25 55.43
N SER A 474 16.33 -14.72 55.13
CA SER A 474 15.12 -14.00 55.47
C SER A 474 14.67 -14.31 56.88
N THR A 475 14.98 -15.51 57.34
CA THR A 475 14.53 -15.94 58.65
C THR A 475 15.19 -15.18 59.79
N ALA A 476 16.45 -14.79 59.63
CA ALA A 476 17.08 -14.01 60.69
C ALA A 476 16.40 -12.65 60.80
N MET A 477 15.84 -12.16 59.70
CA MET A 477 15.06 -10.94 59.81
C MET A 477 13.64 -11.27 60.22
N ASN A 478 13.14 -12.45 59.84
CA ASN A 478 11.90 -12.88 60.45
C ASN A 478 12.12 -13.40 61.84
N ARG A 479 13.39 -13.57 62.26
CA ARG A 479 13.69 -13.85 63.65
C ARG A 479 13.67 -12.59 64.50
N HIS A 480 14.03 -11.44 63.90
CA HIS A 480 14.04 -10.17 64.61
C HIS A 480 12.74 -9.38 64.46
N ILE A 481 11.68 -9.98 63.92
CA ILE A 481 10.37 -9.41 64.19
C ILE A 481 10.10 -9.58 65.67
N ILE A 482 10.63 -10.66 66.25
CA ILE A 482 10.45 -10.91 67.66
C ILE A 482 11.25 -9.92 68.47
N ALA A 483 12.41 -9.50 67.95
CA ALA A 483 13.31 -8.61 68.66
C ALA A 483 13.02 -7.15 68.33
N ARG A 501 24.48 -14.58 65.18
CA ARG A 501 23.57 -13.89 64.29
C ARG A 501 23.00 -14.82 63.23
N GLY A 502 23.70 -15.92 62.99
CA GLY A 502 23.27 -16.90 62.01
C GLY A 502 22.93 -18.27 62.54
N ASP A 503 21.73 -18.75 62.20
CA ASP A 503 21.24 -20.07 62.61
C ASP A 503 20.73 -20.83 61.40
N PHE A 504 20.88 -22.15 61.42
CA PHE A 504 20.40 -22.92 60.29
C PHE A 504 18.88 -22.91 60.27
N LEU A 505 18.33 -22.89 59.07
CA LEU A 505 16.89 -22.92 58.88
C LEU A 505 16.51 -23.86 57.76
N ALA A 506 17.48 -24.58 57.18
CA ALA A 506 17.17 -25.47 56.09
C ALA A 506 16.20 -26.55 56.49
N SER A 507 16.40 -27.13 57.67
CA SER A 507 15.49 -28.14 58.17
C SER A 507 14.09 -27.58 58.35
N LEU A 508 13.98 -26.27 58.52
CA LEU A 508 12.67 -25.66 58.64
C LEU A 508 12.00 -25.55 57.31
N GLU A 509 12.73 -25.11 56.29
CA GLU A 509 12.08 -24.67 55.09
C GLU A 509 11.94 -25.79 54.08
N ASN A 510 12.71 -26.87 54.24
CA ASN A 510 12.59 -27.98 53.31
C ASN A 510 11.20 -28.55 53.29
N ASP A 511 10.46 -28.49 54.40
CA ASP A 511 9.09 -28.95 54.38
C ASP A 511 8.21 -28.00 53.58
N ILE A 512 8.54 -26.70 53.61
CA ILE A 512 7.78 -25.72 52.83
C ILE A 512 7.94 -25.97 51.34
N LYS A 513 9.15 -26.25 50.89
CA LYS A 513 9.43 -26.20 49.46
C LYS A 513 8.72 -27.25 48.65
N PRO A 514 7.89 -26.89 47.67
CA PRO A 514 7.57 -27.85 46.63
C PRO A 514 8.82 -27.96 45.80
N ALA A 515 9.29 -29.17 45.64
CA ALA A 515 10.39 -29.40 44.74
C ALA A 515 9.91 -29.63 43.33
N PHE A 516 10.86 -29.57 42.42
CA PHE A 516 10.68 -30.16 41.11
C PHE A 516 10.40 -31.63 41.28
N GLY A 517 11.08 -32.25 42.24
CA GLY A 517 10.98 -33.64 42.54
C GLY A 517 9.99 -33.88 43.66
N THR A 518 10.31 -34.84 44.53
CA THR A 518 9.39 -35.36 45.53
C THR A 518 8.76 -34.28 46.39
N ASN A 519 7.49 -34.52 46.74
CA ASN A 519 6.73 -33.72 47.68
C ASN A 519 6.17 -34.59 48.80
N GLN A 520 6.13 -34.04 50.01
CA GLN A 520 5.69 -34.76 51.19
C GLN A 520 4.29 -34.35 51.64
N GLU A 521 3.65 -33.45 50.90
CA GLU A 521 2.40 -32.86 51.31
C GLU A 521 1.23 -33.38 50.48
N ASP A 522 1.49 -34.26 49.53
CA ASP A 522 0.43 -34.84 48.73
C ASP A 522 -0.09 -36.13 49.29
N TYR A 523 0.59 -36.71 50.27
CA TYR A 523 0.11 -37.96 50.85
C TYR A 523 -1.23 -37.70 51.50
N ALA A 524 -1.31 -36.61 52.25
CA ALA A 524 -2.39 -36.34 53.17
C ALA A 524 -3.74 -36.46 52.47
N SER A 525 -3.84 -35.94 51.27
CA SER A 525 -5.09 -36.04 50.55
C SER A 525 -5.45 -37.50 50.32
N TYR A 526 -4.45 -38.29 49.94
CA TYR A 526 -4.61 -39.72 49.75
C TYR A 526 -4.65 -40.49 51.05
N ILE A 527 -3.77 -40.14 51.98
CA ILE A 527 -3.79 -40.69 53.32
C ILE A 527 -4.55 -39.72 54.18
N MET A 528 -5.78 -40.10 54.51
CA MET A 528 -6.50 -39.42 55.57
C MET A 528 -5.97 -39.83 56.93
N ASN A 529 -6.07 -41.10 57.24
CA ASN A 529 -5.94 -41.60 58.59
C ASN A 529 -4.66 -42.37 58.84
N GLY A 530 -3.85 -42.57 57.83
CA GLY A 530 -2.69 -43.38 57.99
C GLY A 530 -3.03 -44.84 57.85
N ILE A 531 -2.08 -45.67 58.25
CA ILE A 531 -2.13 -47.09 57.98
C ILE A 531 -2.47 -47.78 59.28
N ILE A 532 -3.66 -48.34 59.29
CA ILE A 532 -4.18 -49.12 60.39
C ILE A 532 -4.01 -50.57 59.99
N LYS A 533 -3.13 -51.27 60.69
CA LYS A 533 -2.81 -52.64 60.36
C LYS A 533 -3.84 -53.54 61.00
N TRP A 534 -4.71 -54.11 60.16
CA TRP A 534 -5.72 -55.04 60.61
C TRP A 534 -5.30 -56.49 60.53
N GLY A 535 -4.41 -56.86 59.61
CA GLY A 535 -4.00 -58.25 59.60
C GLY A 535 -2.77 -58.53 58.78
N ASP A 536 -2.53 -59.82 58.64
CA ASP A 536 -1.42 -60.34 57.85
C ASP A 536 -1.38 -59.85 56.40
N PRO A 537 -2.50 -59.68 55.69
CA PRO A 537 -2.38 -59.34 54.27
C PRO A 537 -1.71 -58.01 54.08
N VAL A 538 -2.01 -57.10 54.98
CA VAL A 538 -1.45 -55.76 54.90
C VAL A 538 0.06 -55.82 54.95
N THR A 539 0.57 -56.48 55.98
CA THR A 539 2.01 -56.46 56.19
C THR A 539 2.74 -57.25 55.12
N ARG A 540 2.17 -58.37 54.66
CA ARG A 540 2.87 -59.14 53.66
C ARG A 540 2.87 -58.43 52.33
N VAL A 541 1.80 -57.71 52.03
CA VAL A 541 1.76 -56.93 50.81
C VAL A 541 2.78 -55.82 50.83
N LEU A 542 2.74 -54.99 51.84
CA LEU A 542 3.67 -53.87 51.84
C LEU A 542 5.10 -54.32 52.03
N ASP A 543 5.31 -55.50 52.61
CA ASP A 543 6.62 -56.09 52.61
C ASP A 543 7.03 -56.43 51.19
N ASP A 544 6.08 -56.92 50.38
CA ASP A 544 6.38 -57.18 48.99
C ASP A 544 6.71 -55.90 48.26
N GLY A 545 6.07 -54.81 48.64
CA GLY A 545 6.41 -53.52 48.06
C GLY A 545 7.86 -53.18 48.32
N GLU A 546 8.25 -53.28 49.59
CA GLU A 546 9.64 -53.12 49.97
C GLU A 546 10.53 -54.15 49.31
N LEU A 547 9.96 -55.26 48.88
CA LEU A 547 10.73 -56.29 48.21
C LEU A 547 11.12 -55.85 46.82
N LEU A 548 10.14 -55.47 46.01
CA LEU A 548 10.47 -55.24 44.61
C LEU A 548 10.98 -53.84 44.35
N VAL A 549 10.91 -52.93 45.32
CA VAL A 549 11.64 -51.70 45.13
C VAL A 549 13.13 -52.02 45.05
N GLN A 550 13.56 -52.96 45.87
CA GLN A 550 14.96 -53.35 45.85
C GLN A 550 15.31 -54.00 44.55
N GLN A 551 14.33 -54.64 43.90
CA GLN A 551 14.57 -55.24 42.61
C GLN A 551 15.11 -54.17 41.67
N THR A 552 14.43 -53.04 41.62
CA THR A 552 14.85 -51.93 40.77
C THR A 552 16.22 -51.47 41.18
N LYS A 553 16.36 -51.15 42.46
CA LYS A 553 17.57 -50.53 42.94
C LYS A 553 18.78 -51.44 42.79
N ASN A 554 18.56 -52.74 42.65
CA ASN A 554 19.62 -53.72 42.55
C ASN A 554 19.75 -54.31 41.16
N SER A 555 19.01 -53.80 40.19
CA SER A 555 19.10 -54.30 38.83
C SER A 555 19.84 -53.32 37.95
N ASP A 556 20.75 -53.86 37.17
CA ASP A 556 21.41 -53.09 36.14
C ASP A 556 20.82 -53.34 34.77
N ARG A 557 20.05 -54.42 34.61
CA ARG A 557 19.45 -54.78 33.34
C ARG A 557 17.94 -54.63 33.31
N THR A 558 17.31 -54.19 34.39
CA THR A 558 15.86 -53.94 34.41
C THR A 558 15.56 -52.67 35.16
N PRO A 559 15.84 -51.53 34.56
CA PRO A 559 15.44 -50.28 35.17
C PRO A 559 13.95 -50.22 35.38
N LEU A 560 13.21 -50.80 34.44
CA LEU A 560 11.78 -50.74 34.45
C LEU A 560 11.22 -51.96 35.14
N VAL A 561 10.20 -51.69 35.95
CA VAL A 561 9.35 -52.70 36.57
C VAL A 561 7.93 -52.16 36.61
N SER A 562 6.98 -53.05 36.84
CA SER A 562 5.59 -52.63 36.90
C SER A 562 4.80 -53.52 37.83
N VAL A 563 3.90 -52.91 38.58
CA VAL A 563 2.85 -53.62 39.29
C VAL A 563 1.58 -52.80 39.24
N LEU A 564 0.50 -53.47 39.56
CA LEU A 564 -0.77 -52.84 39.84
C LEU A 564 -1.31 -53.46 41.10
N LEU A 565 -1.91 -52.66 41.94
CA LEU A 565 -2.64 -53.19 43.08
C LEU A 565 -4.06 -53.37 42.61
N GLU A 566 -4.45 -54.62 42.39
CA GLU A 566 -5.85 -54.93 42.21
C GLU A 566 -6.50 -55.28 43.54
N GLY A 567 -7.79 -55.08 43.59
CA GLY A 567 -8.61 -55.59 44.64
C GLY A 567 -10.01 -55.04 44.53
N PRO A 568 -10.88 -55.46 45.42
CA PRO A 568 -12.22 -54.94 45.41
C PRO A 568 -12.22 -53.48 45.76
N PRO A 569 -13.30 -52.77 45.49
CA PRO A 569 -13.31 -51.34 45.74
C PRO A 569 -13.28 -51.05 47.22
N HIS A 570 -12.96 -49.80 47.52
CA HIS A 570 -13.05 -49.26 48.87
C HIS A 570 -12.19 -50.05 49.85
N SER A 571 -11.08 -50.56 49.34
CA SER A 571 -10.07 -51.24 50.15
C SER A 571 -8.78 -50.45 50.33
N GLY A 572 -8.79 -49.15 50.04
CA GLY A 572 -7.65 -48.30 50.31
C GLY A 572 -6.37 -48.71 49.63
N LYS A 573 -6.50 -49.24 48.43
CA LYS A 573 -5.33 -49.64 47.66
C LYS A 573 -4.45 -48.45 47.37
N THR A 574 -5.08 -47.30 47.20
CA THR A 574 -4.37 -46.05 47.02
C THR A 574 -3.44 -45.79 48.20
N ALA A 575 -3.96 -45.97 49.40
CA ALA A 575 -3.18 -45.70 50.58
C ALA A 575 -1.98 -46.62 50.66
N LEU A 576 -2.17 -47.88 50.29
CA LEU A 576 -1.06 -48.80 50.34
C LEU A 576 0.00 -48.40 49.35
N ALA A 577 -0.43 -47.92 48.20
CA ALA A 577 0.53 -47.49 47.23
C ALA A 577 1.32 -46.30 47.73
N ALA A 578 0.63 -45.38 48.38
CA ALA A 578 1.31 -44.20 48.88
C ALA A 578 2.34 -44.57 49.94
N LYS A 579 1.98 -45.51 50.81
CA LYS A 579 2.91 -45.90 51.85
C LYS A 579 4.09 -46.67 51.30
N ILE A 580 3.82 -47.59 50.36
CA ILE A 580 4.90 -48.32 49.73
C ILE A 580 5.86 -47.36 49.07
N ALA A 581 5.34 -46.27 48.54
CA ALA A 581 6.23 -45.29 47.96
C ALA A 581 7.03 -44.63 49.06
N GLU A 582 6.37 -44.26 50.15
CA GLU A 582 7.04 -43.46 51.14
C GLU A 582 8.06 -44.25 51.94
N GLU A 583 7.96 -45.58 51.93
CA GLU A 583 8.74 -46.37 52.87
C GLU A 583 10.22 -46.41 52.54
N SER A 584 10.60 -46.30 51.27
CA SER A 584 11.98 -46.55 50.88
C SER A 584 12.79 -45.29 50.65
N ASN A 585 12.23 -44.13 50.94
CA ASN A 585 12.93 -42.86 50.85
C ASN A 585 13.43 -42.55 49.45
N PHE A 586 12.54 -42.68 48.48
CA PHE A 586 12.91 -42.37 47.13
C PHE A 586 13.40 -40.94 46.96
N PRO A 587 14.14 -40.68 45.88
CA PRO A 587 14.40 -39.31 45.49
C PRO A 587 13.16 -38.61 45.01
N PHE A 588 12.40 -39.32 44.18
CA PHE A 588 11.32 -38.74 43.38
C PHE A 588 10.06 -39.59 43.45
N ILE A 589 8.98 -38.98 43.90
CA ILE A 589 7.67 -39.58 43.84
C ILE A 589 6.65 -38.60 43.32
N LYS A 590 5.66 -39.13 42.62
CA LYS A 590 4.66 -38.28 42.03
C LYS A 590 3.39 -39.07 41.81
N ILE A 591 2.31 -38.33 41.92
CA ILE A 591 0.96 -38.81 41.74
C ILE A 591 0.52 -38.39 40.35
N CYS A 592 -0.27 -39.25 39.71
CA CYS A 592 -1.07 -38.86 38.58
C CYS A 592 -2.47 -39.27 38.91
N SER A 593 -3.39 -38.33 38.90
CA SER A 593 -4.73 -38.66 39.33
C SER A 593 -5.71 -37.76 38.61
N PRO A 594 -6.93 -38.23 38.42
CA PRO A 594 -7.93 -37.39 37.77
C PRO A 594 -8.31 -36.18 38.58
N ASP A 595 -7.99 -36.17 39.87
CA ASP A 595 -8.24 -35.01 40.71
C ASP A 595 -7.72 -33.75 40.05
N LYS A 596 -6.48 -33.81 39.57
CA LYS A 596 -5.92 -32.68 38.83
C LYS A 596 -6.18 -32.78 37.33
N MET A 597 -6.36 -33.98 36.76
CA MET A 597 -6.66 -34.07 35.34
C MET A 597 -8.15 -33.94 35.05
N ILE A 598 -8.90 -33.50 36.03
CA ILE A 598 -10.34 -33.39 35.94
C ILE A 598 -10.79 -32.47 34.82
N GLY A 599 -11.86 -32.87 34.16
CA GLY A 599 -12.50 -32.00 33.20
C GLY A 599 -11.65 -31.74 31.99
N PHE A 600 -10.94 -32.75 31.52
CA PHE A 600 -10.05 -32.61 30.39
C PHE A 600 -10.44 -33.59 29.31
N SER A 601 -9.98 -33.27 28.11
CA SER A 601 -10.21 -34.12 26.98
C SER A 601 -9.21 -35.26 27.01
N GLU A 602 -9.51 -36.27 26.22
CA GLU A 602 -8.68 -37.45 26.20
C GLU A 602 -7.26 -37.18 25.72
N THR A 603 -7.04 -36.07 25.01
CA THR A 603 -5.71 -35.71 24.55
C THR A 603 -5.03 -34.63 25.36
N ALA A 604 -5.73 -34.05 26.34
CA ALA A 604 -5.06 -33.18 27.29
C ALA A 604 -4.44 -33.95 28.44
N LYS A 605 -5.11 -34.98 28.89
CA LYS A 605 -4.58 -35.74 30.00
C LYS A 605 -3.42 -36.61 29.57
N CYS A 606 -3.43 -37.05 28.32
CA CYS A 606 -2.26 -37.74 27.82
C CYS A 606 -1.05 -36.85 27.85
N GLN A 607 -1.23 -35.60 27.47
CA GLN A 607 -0.11 -34.68 27.43
C GLN A 607 0.21 -34.10 28.80
N ALA A 608 -0.64 -34.35 29.79
CA ALA A 608 -0.28 -34.14 31.18
C ALA A 608 0.48 -35.32 31.74
N MET A 609 0.21 -36.49 31.19
CA MET A 609 0.77 -37.71 31.71
C MET A 609 2.19 -37.90 31.22
N LYS A 610 2.39 -37.64 29.95
CA LYS A 610 3.70 -37.83 29.38
C LYS A 610 4.70 -36.80 29.86
N LYS A 611 4.24 -35.61 30.22
CA LYS A 611 5.15 -34.70 30.90
C LYS A 611 5.60 -35.28 32.22
N ILE A 612 4.68 -35.89 32.94
CA ILE A 612 5.05 -36.39 34.25
C ILE A 612 6.10 -37.47 34.10
N PHE A 613 5.94 -38.34 33.14
CA PHE A 613 6.94 -39.40 33.07
C PHE A 613 8.26 -38.89 32.52
N ASP A 614 8.26 -38.05 31.50
CA ASP A 614 9.57 -37.60 31.03
C ASP A 614 10.21 -36.68 32.05
N ASP A 615 9.41 -36.05 32.89
CA ASP A 615 9.96 -35.41 34.08
C ASP A 615 10.61 -36.44 34.96
N ALA A 616 9.97 -37.57 35.14
CA ALA A 616 10.49 -38.59 36.03
C ALA A 616 11.65 -39.33 35.41
N TYR A 617 11.64 -39.48 34.08
CA TYR A 617 12.67 -40.26 33.41
C TYR A 617 14.05 -39.75 33.74
N LYS A 618 14.21 -38.46 33.93
CA LYS A 618 15.51 -37.86 34.06
C LYS A 618 16.02 -37.81 35.48
N SER A 619 15.22 -38.25 36.44
CA SER A 619 15.79 -38.61 37.72
C SER A 619 16.32 -40.02 37.65
N GLN A 620 17.24 -40.30 38.57
CA GLN A 620 17.94 -41.57 38.51
C GLN A 620 17.04 -42.70 38.94
N LEU A 621 16.43 -42.57 40.11
CA LEU A 621 15.62 -43.62 40.68
C LEU A 621 14.29 -42.99 41.03
N SER A 622 13.19 -43.67 40.72
CA SER A 622 11.90 -43.05 40.97
C SER A 622 10.77 -44.05 41.14
N CYS A 623 9.68 -43.53 41.69
CA CYS A 623 8.46 -44.25 41.94
C CYS A 623 7.30 -43.37 41.57
N VAL A 624 6.44 -43.84 40.68
CA VAL A 624 5.27 -43.05 40.31
C VAL A 624 4.04 -43.91 40.47
N VAL A 625 2.93 -43.23 40.72
CA VAL A 625 1.71 -43.92 41.08
C VAL A 625 0.56 -43.28 40.32
N VAL A 626 -0.31 -44.14 39.82
CA VAL A 626 -1.50 -43.77 39.08
C VAL A 626 -2.69 -44.41 39.75
N ASP A 627 -3.72 -43.61 40.01
CA ASP A 627 -4.87 -44.06 40.78
C ASP A 627 -6.12 -44.19 39.91
N ASP A 628 -6.93 -45.20 40.22
CA ASP A 628 -8.28 -45.37 39.66
C ASP A 628 -8.19 -45.38 38.15
N ILE A 629 -7.33 -46.27 37.68
CA ILE A 629 -6.89 -46.44 36.30
C ILE A 629 -8.06 -46.33 35.37
N GLU A 630 -9.14 -47.02 35.72
CA GLU A 630 -10.34 -47.05 34.90
C GLU A 630 -10.90 -45.66 34.66
N ARG A 631 -10.77 -44.76 35.62
CA ARG A 631 -11.40 -43.46 35.50
C ARG A 631 -10.73 -42.63 34.42
N LEU A 632 -9.43 -42.46 34.54
CA LEU A 632 -8.71 -41.69 33.53
C LEU A 632 -8.70 -42.43 32.22
N LEU A 633 -8.80 -43.75 32.30
CA LEU A 633 -8.99 -44.65 31.20
C LEU A 633 -10.38 -44.54 30.62
N ASP A 634 -11.27 -43.83 31.30
CA ASP A 634 -12.63 -43.48 30.89
C ASP A 634 -13.47 -44.71 30.53
N TYR A 635 -13.51 -45.66 31.46
CA TYR A 635 -14.30 -46.87 31.30
C TYR A 635 -15.70 -46.74 31.85
N VAL A 636 -16.65 -47.35 31.17
CA VAL A 636 -17.98 -47.65 31.70
C VAL A 636 -18.42 -49.02 31.21
N PRO A 637 -19.05 -49.84 32.06
CA PRO A 637 -19.59 -51.11 31.56
C PRO A 637 -20.79 -50.97 30.67
N ILE A 638 -21.57 -49.91 30.89
CA ILE A 638 -22.95 -49.80 30.38
C ILE A 638 -23.00 -50.07 28.89
N GLY A 639 -22.05 -49.56 28.18
CA GLY A 639 -21.68 -50.03 26.89
C GLY A 639 -20.20 -49.89 27.05
N PRO A 640 -19.41 -50.71 26.38
CA PRO A 640 -17.97 -50.52 26.52
C PRO A 640 -17.60 -49.22 25.82
N ARG A 641 -16.99 -48.33 26.57
CA ARG A 641 -16.47 -47.08 26.05
C ARG A 641 -15.20 -46.75 26.78
N PHE A 642 -14.21 -46.35 26.02
CA PHE A 642 -13.00 -45.80 26.58
C PHE A 642 -12.22 -45.12 25.48
N SER A 643 -11.21 -44.39 25.90
CA SER A 643 -10.33 -43.68 25.01
C SER A 643 -9.15 -44.56 24.66
N ASN A 644 -9.10 -44.98 23.41
CA ASN A 644 -8.06 -45.89 22.96
C ASN A 644 -6.72 -45.22 23.09
N LEU A 645 -6.72 -43.91 22.80
CA LEU A 645 -5.52 -43.12 22.82
C LEU A 645 -4.83 -43.26 24.17
N VAL A 646 -5.60 -43.21 25.24
CA VAL A 646 -5.02 -43.08 26.55
C VAL A 646 -4.32 -44.36 26.97
N LEU A 647 -4.98 -45.50 26.84
CA LEU A 647 -4.33 -46.72 27.32
C LEU A 647 -3.17 -47.04 26.43
N GLN A 648 -3.31 -46.72 25.15
CA GLN A 648 -2.22 -46.97 24.25
C GLN A 648 -0.99 -46.18 24.70
N ALA A 649 -1.23 -44.93 25.04
CA ALA A 649 -0.13 -44.09 25.47
C ALA A 649 0.33 -44.44 26.85
N LEU A 650 -0.48 -45.15 27.61
CA LEU A 650 -0.10 -45.53 28.95
C LEU A 650 0.72 -46.80 28.97
N LEU A 651 0.35 -47.74 28.14
CA LEU A 651 0.96 -49.03 28.26
C LEU A 651 2.30 -49.00 27.57
N VAL A 652 2.44 -48.18 26.54
CA VAL A 652 3.77 -48.07 25.97
C VAL A 652 4.72 -47.49 26.99
N LEU A 653 4.21 -46.59 27.82
CA LEU A 653 5.00 -46.08 28.93
C LEU A 653 5.32 -47.16 29.91
N LEU A 654 4.47 -48.17 29.98
CA LEU A 654 4.81 -49.34 30.77
C LEU A 654 5.78 -50.27 30.08
N LYS A 655 5.92 -50.19 28.76
CA LYS A 655 6.88 -51.02 28.03
C LYS A 655 8.09 -50.27 27.57
N LYS A 656 8.22 -49.00 27.94
CA LYS A 656 9.29 -48.18 27.43
C LYS A 656 10.32 -48.01 28.52
N ALA A 657 11.51 -48.45 28.24
CA ALA A 657 12.58 -48.29 29.21
C ALA A 657 13.11 -46.86 29.14
N PRO A 658 13.44 -46.24 30.26
CA PRO A 658 14.04 -44.94 30.20
C PRO A 658 15.48 -45.00 29.79
N PRO A 659 16.09 -43.88 29.55
CA PRO A 659 17.52 -43.86 29.24
C PRO A 659 18.38 -44.57 30.27
N GLN A 660 19.54 -44.94 29.77
CA GLN A 660 20.47 -45.80 30.45
C GLN A 660 20.88 -45.24 31.80
N GLY A 661 20.78 -46.07 32.82
CA GLY A 661 21.26 -45.69 34.12
C GLY A 661 20.24 -45.06 35.01
N ARG A 662 19.01 -44.91 34.53
CA ARG A 662 17.93 -44.34 35.31
C ARG A 662 16.85 -45.40 35.42
N LYS A 663 16.22 -45.50 36.60
CA LYS A 663 15.30 -46.59 36.90
C LYS A 663 14.05 -46.10 37.60
N LEU A 664 12.95 -46.82 37.41
CA LEU A 664 11.70 -46.42 38.05
C LEU A 664 10.76 -47.60 38.23
N LEU A 665 9.89 -47.51 39.23
CA LEU A 665 8.75 -48.40 39.34
C LEU A 665 7.45 -47.62 39.25
N ILE A 666 6.42 -48.32 38.80
CA ILE A 666 5.09 -47.78 38.51
C ILE A 666 4.03 -48.57 39.24
N ILE A 667 3.00 -47.86 39.71
CA ILE A 667 2.00 -48.41 40.61
C ILE A 667 0.57 -48.08 40.17
N GLY A 668 -0.17 -49.11 39.73
CA GLY A 668 -1.62 -48.98 39.52
C GLY A 668 -2.44 -49.34 40.77
N THR A 669 -3.60 -48.70 40.92
CA THR A 669 -4.52 -48.98 42.02
C THR A 669 -5.83 -49.62 41.58
N THR A 670 -5.91 -50.15 40.37
CA THR A 670 -7.19 -50.53 39.77
C THR A 670 -8.08 -51.39 40.66
N SER A 671 -9.37 -51.08 40.64
CA SER A 671 -10.34 -51.75 41.49
C SER A 671 -11.02 -52.92 40.80
N ARG A 672 -10.93 -53.00 39.47
CA ARG A 672 -11.45 -54.15 38.75
C ARG A 672 -10.52 -54.50 37.61
N LYS A 673 -10.10 -55.76 37.56
CA LYS A 673 -9.12 -56.22 36.59
C LYS A 673 -9.70 -57.12 35.52
N ASP A 674 -10.98 -57.44 35.60
CA ASP A 674 -11.56 -58.29 34.58
C ASP A 674 -11.52 -57.64 33.21
N VAL A 675 -11.81 -56.36 33.17
CA VAL A 675 -11.72 -55.61 31.94
C VAL A 675 -10.28 -55.59 31.47
N LEU A 676 -9.36 -55.46 32.40
CA LEU A 676 -7.99 -55.21 32.02
C LEU A 676 -7.39 -56.43 31.37
N GLN A 677 -7.74 -57.60 31.88
CA GLN A 677 -7.32 -58.82 31.23
C GLN A 677 -7.97 -58.92 29.87
N GLU A 678 -9.21 -58.50 29.79
CA GLU A 678 -9.89 -58.53 28.50
C GLU A 678 -9.27 -57.56 27.50
N MET A 679 -8.73 -56.46 27.99
CA MET A 679 -8.18 -55.37 27.20
C MET A 679 -6.68 -55.46 27.00
N GLU A 680 -6.09 -56.60 27.31
CA GLU A 680 -4.74 -56.94 26.86
C GLU A 680 -3.73 -55.91 27.32
N MET A 681 -3.84 -55.49 28.57
CA MET A 681 -2.77 -54.78 29.24
C MET A 681 -2.15 -55.53 30.39
N LEU A 682 -2.72 -56.67 30.79
CA LEU A 682 -2.27 -57.28 32.02
C LEU A 682 -1.14 -58.26 31.81
N ASN A 683 -1.01 -58.82 30.60
CA ASN A 683 0.18 -59.58 30.31
C ASN A 683 1.39 -58.65 30.27
N ALA A 684 1.15 -57.37 30.00
CA ALA A 684 2.23 -56.40 29.89
C ALA A 684 2.66 -55.94 31.27
N PHE A 685 1.72 -55.76 32.18
CA PHE A 685 2.10 -55.63 33.56
C PHE A 685 2.83 -56.87 34.01
N SER A 686 3.86 -56.65 34.80
CA SER A 686 4.66 -57.74 35.31
C SER A 686 3.84 -58.66 36.18
N THR A 687 3.30 -58.11 37.25
CA THR A 687 2.64 -58.93 38.25
C THR A 687 1.66 -58.10 39.05
N THR A 688 0.88 -58.82 39.85
CA THR A 688 -0.28 -58.29 40.52
C THR A 688 -0.20 -58.55 41.99
N ILE A 689 -1.03 -57.82 42.69
CA ILE A 689 -1.20 -57.96 44.12
C ILE A 689 -2.69 -58.00 44.38
N HIS A 690 -3.17 -59.09 44.96
CA HIS A 690 -4.52 -59.09 45.48
C HIS A 690 -4.50 -58.43 46.83
N VAL A 691 -5.41 -57.48 47.00
CA VAL A 691 -5.58 -56.80 48.28
C VAL A 691 -6.94 -57.24 48.79
N PRO A 692 -7.04 -58.32 49.55
CA PRO A 692 -8.35 -58.72 50.04
C PRO A 692 -8.88 -57.72 51.03
N ASN A 693 -10.13 -57.34 50.82
CA ASN A 693 -10.79 -56.60 51.85
C ASN A 693 -11.01 -57.51 53.04
N ILE A 694 -11.35 -56.93 54.20
CA ILE A 694 -11.47 -57.73 55.39
C ILE A 694 -12.56 -58.77 55.23
N ALA A 695 -12.23 -60.00 55.56
CA ALA A 695 -13.09 -61.15 55.34
C ALA A 695 -13.72 -61.68 56.62
N THR A 696 -13.37 -61.14 57.79
CA THR A 696 -13.69 -61.81 59.03
C THR A 696 -13.95 -60.82 60.14
N GLY A 697 -14.84 -61.21 61.05
CA GLY A 697 -15.21 -60.36 62.16
C GLY A 697 -14.18 -60.31 63.26
N GLU A 698 -13.50 -61.42 63.51
CA GLU A 698 -12.51 -61.47 64.57
C GLU A 698 -11.37 -60.50 64.28
N GLN A 699 -11.14 -60.23 63.00
CA GLN A 699 -10.20 -59.23 62.58
C GLN A 699 -10.84 -57.86 62.55
N LEU A 700 -12.13 -57.82 62.28
CA LEU A 700 -12.83 -56.55 62.19
C LEU A 700 -12.79 -55.82 63.51
N LEU A 701 -13.25 -56.48 64.57
CA LEU A 701 -13.26 -55.80 65.86
C LEU A 701 -11.84 -55.51 66.30
N GLU A 702 -10.89 -56.35 65.89
CA GLU A 702 -9.49 -56.07 66.19
C GLU A 702 -9.11 -54.72 65.60
N ALA A 703 -9.49 -54.51 64.34
CA ALA A 703 -9.20 -53.23 63.72
C ALA A 703 -9.90 -52.12 64.47
N LEU A 704 -11.13 -52.38 64.89
CA LEU A 704 -11.87 -51.37 65.65
C LEU A 704 -11.20 -51.06 66.97
N GLU A 705 -10.50 -52.04 67.53
CA GLU A 705 -9.71 -51.76 68.72
C GLU A 705 -8.58 -50.83 68.38
N LEU A 706 -8.00 -51.01 67.20
CA LEU A 706 -6.96 -50.09 66.78
C LEU A 706 -7.53 -48.69 66.63
N LEU A 707 -8.78 -48.58 66.16
CA LEU A 707 -9.38 -47.26 66.08
C LEU A 707 -9.79 -46.79 67.45
N GLY A 708 -10.50 -47.64 68.17
CA GLY A 708 -10.83 -47.34 69.54
C GLY A 708 -12.06 -46.47 69.65
N ASN A 709 -12.95 -46.54 68.68
CA ASN A 709 -14.14 -45.72 68.76
C ASN A 709 -15.11 -46.25 69.80
N PHE A 710 -15.20 -47.56 69.92
CA PHE A 710 -16.29 -48.19 70.67
C PHE A 710 -15.74 -48.86 71.91
N LYS A 711 -16.55 -48.86 72.96
CA LYS A 711 -16.16 -49.42 74.24
C LYS A 711 -16.25 -50.94 74.25
N ASP A 712 -15.70 -51.50 75.31
CA ASP A 712 -15.69 -52.93 75.54
C ASP A 712 -17.10 -53.50 75.49
N LYS A 713 -18.11 -52.74 75.90
CA LYS A 713 -19.48 -53.23 75.83
C LYS A 713 -19.96 -53.20 74.40
N GLU A 714 -19.78 -52.07 73.73
CA GLU A 714 -20.14 -51.94 72.33
C GLU A 714 -19.42 -52.95 71.47
N ARG A 715 -18.20 -53.30 71.85
CA ARG A 715 -17.40 -54.27 71.11
C ARG A 715 -17.68 -55.69 71.54
N THR A 716 -18.08 -55.87 72.79
CA THR A 716 -18.55 -57.14 73.28
C THR A 716 -19.82 -57.54 72.56
N THR A 717 -20.62 -56.53 72.21
CA THR A 717 -21.80 -56.78 71.41
C THR A 717 -21.44 -57.47 70.11
N ILE A 718 -20.45 -56.93 69.42
CA ILE A 718 -20.05 -57.49 68.15
C ILE A 718 -19.50 -58.89 68.38
N ALA A 719 -18.67 -59.04 69.41
CA ALA A 719 -18.09 -60.33 69.72
C ALA A 719 -19.12 -61.39 69.99
N GLN A 720 -20.24 -61.04 70.63
CA GLN A 720 -21.32 -62.01 70.78
C GLN A 720 -22.04 -62.25 69.47
N GLN A 721 -22.39 -61.19 68.74
CA GLN A 721 -23.37 -61.34 67.66
C GLN A 721 -22.79 -62.14 66.50
N VAL A 722 -21.75 -61.65 65.89
CA VAL A 722 -21.19 -62.25 64.69
C VAL A 722 -19.75 -62.64 64.96
N LYS A 723 -19.58 -63.93 65.21
CA LYS A 723 -18.34 -64.67 65.03
C LYS A 723 -18.36 -65.48 63.75
N GLY A 724 -19.49 -66.14 63.47
CA GLY A 724 -19.53 -67.17 62.46
C GLY A 724 -19.44 -66.58 61.07
N LYS A 725 -20.14 -65.49 60.83
CA LYS A 725 -20.19 -64.93 59.49
C LYS A 725 -18.79 -64.55 59.03
N LYS A 726 -18.52 -64.75 57.74
CA LYS A 726 -17.43 -64.07 57.08
C LYS A 726 -18.03 -62.80 56.50
N VAL A 727 -17.67 -61.67 57.09
CA VAL A 727 -18.06 -60.38 56.55
C VAL A 727 -17.10 -60.02 55.43
N TRP A 728 -17.66 -59.54 54.33
CA TRP A 728 -16.88 -59.07 53.19
C TRP A 728 -17.16 -57.58 53.01
N ILE A 729 -16.21 -56.75 53.42
CA ILE A 729 -16.35 -55.31 53.40
C ILE A 729 -15.02 -54.65 53.13
N GLY A 730 -15.05 -53.61 52.30
CA GLY A 730 -13.91 -52.71 52.17
C GLY A 730 -13.87 -51.72 53.33
N ILE A 731 -12.66 -51.44 53.79
CA ILE A 731 -12.50 -50.70 55.02
C ILE A 731 -12.79 -49.22 54.87
N LYS A 732 -12.56 -48.63 53.72
CA LYS A 732 -12.97 -47.25 53.53
C LYS A 732 -14.47 -47.12 53.78
N LYS A 733 -15.21 -48.13 53.37
CA LYS A 733 -16.63 -48.17 53.67
C LYS A 733 -16.84 -48.42 55.15
N LEU A 734 -15.96 -49.23 55.76
CA LEU A 734 -16.04 -49.44 57.20
C LEU A 734 -16.00 -48.12 57.93
N LEU A 735 -15.02 -47.28 57.59
CA LEU A 735 -14.94 -45.97 58.21
C LEU A 735 -16.21 -45.20 57.97
N MET A 736 -16.75 -45.34 56.76
CA MET A 736 -17.96 -44.60 56.41
C MET A 736 -19.07 -44.92 57.40
N LEU A 737 -19.32 -46.20 57.63
CA LEU A 737 -20.50 -46.52 58.42
C LEU A 737 -20.22 -46.46 59.91
N ILE A 738 -18.97 -46.57 60.37
CA ILE A 738 -18.73 -46.28 61.79
C ILE A 738 -19.02 -44.81 62.05
N GLU A 739 -18.66 -43.95 61.10
CA GLU A 739 -18.95 -42.54 61.27
C GLU A 739 -20.44 -42.30 61.12
N MET A 740 -21.11 -43.18 60.41
CA MET A 740 -22.52 -43.04 60.19
C MET A 740 -23.29 -43.46 61.42
N SER A 741 -22.73 -44.39 62.18
CA SER A 741 -23.28 -44.80 63.45
C SER A 741 -22.79 -43.94 64.59
N LEU A 742 -21.65 -43.29 64.41
CA LEU A 742 -21.15 -42.40 65.45
C LEU A 742 -22.15 -41.29 65.75
N GLN A 743 -22.95 -40.88 64.77
CA GLN A 743 -24.10 -40.04 65.04
C GLN A 743 -25.31 -40.91 65.30
N MET A 744 -25.72 -40.99 66.57
CA MET A 744 -26.94 -41.70 66.94
C MET A 744 -27.21 -41.44 68.42
N ASP A 745 -28.43 -41.74 68.82
CA ASP A 745 -28.72 -41.98 70.22
C ASP A 745 -27.81 -43.10 70.72
N PRO A 746 -27.06 -42.91 71.83
CA PRO A 746 -26.09 -43.95 72.21
C PRO A 746 -26.70 -45.31 72.43
N GLU A 747 -27.90 -45.37 72.99
CA GLU A 747 -28.55 -46.65 73.19
C GLU A 747 -28.84 -47.33 71.86
N TYR A 748 -29.22 -46.55 70.85
CA TYR A 748 -29.55 -47.10 69.54
C TYR A 748 -28.34 -47.12 68.62
N ARG A 749 -27.22 -46.59 69.08
CA ARG A 749 -26.01 -46.48 68.29
C ARG A 749 -25.59 -47.80 67.67
N VAL A 750 -25.43 -48.83 68.50
CA VAL A 750 -24.74 -50.04 68.11
C VAL A 750 -25.56 -50.88 67.13
N ARG A 751 -26.82 -51.14 67.44
CA ARG A 751 -27.55 -52.02 66.57
C ARG A 751 -27.85 -51.38 65.23
N LYS A 752 -27.82 -50.04 65.17
CA LYS A 752 -27.76 -49.37 63.88
C LYS A 752 -26.54 -49.85 63.12
N PHE A 753 -25.40 -49.86 63.79
CA PHE A 753 -24.17 -50.27 63.15
C PHE A 753 -24.29 -51.68 62.64
N LEU A 754 -24.89 -52.55 63.43
CA LEU A 754 -25.00 -53.93 63.02
C LEU A 754 -25.89 -54.07 61.81
N ALA A 755 -27.04 -53.41 61.84
CA ALA A 755 -28.00 -53.54 60.74
C ALA A 755 -27.44 -52.97 59.45
N LEU A 756 -26.81 -51.81 59.52
CA LEU A 756 -26.19 -51.25 58.33
C LEU A 756 -25.09 -52.18 57.85
N LEU A 757 -24.34 -52.72 58.79
CA LEU A 757 -23.23 -53.57 58.43
C LEU A 757 -23.74 -54.83 57.79
N ARG A 758 -24.97 -55.23 58.11
CA ARG A 758 -25.56 -56.44 57.60
C ARG A 758 -26.30 -56.17 56.28
N GLU A 759 -26.09 -54.99 55.71
CA GLU A 759 -26.68 -54.56 54.45
C GLU A 759 -25.67 -54.61 53.32
N GLU A 760 -24.55 -55.30 53.52
CA GLU A 760 -23.42 -55.14 52.61
C GLU A 760 -23.58 -55.94 51.32
N GLY A 761 -24.33 -57.02 51.35
CA GLY A 761 -24.48 -57.88 50.18
C GLY A 761 -23.36 -58.91 50.08
N ALA A 762 -23.68 -60.04 49.45
CA ALA A 762 -22.73 -61.14 49.26
C ALA A 762 -22.12 -61.64 50.58
N MET B 25 61.41 16.55 -50.82
CA MET B 25 61.03 15.15 -50.48
C MET B 25 62.17 14.48 -49.72
N ALA B 26 63.40 14.86 -50.05
CA ALA B 26 64.54 14.28 -49.34
C ALA B 26 64.49 14.65 -47.86
N GLY B 27 64.15 15.88 -47.57
CA GLY B 27 64.06 16.35 -46.21
C GLY B 27 64.30 17.84 -46.08
N ARG B 28 63.75 18.41 -45.03
CA ARG B 28 63.85 19.83 -44.72
C ARG B 28 63.56 20.02 -43.23
N SER B 29 64.26 20.97 -42.62
CA SER B 29 64.04 21.24 -41.22
C SER B 29 62.73 21.99 -41.06
N MET B 30 61.98 21.64 -40.03
CA MET B 30 60.71 22.26 -39.72
C MET B 30 60.63 22.33 -38.21
N GLN B 31 59.61 23.02 -37.70
CA GLN B 31 59.42 23.16 -36.26
C GLN B 31 57.98 22.80 -35.90
N ALA B 32 57.84 21.94 -34.90
CA ALA B 32 56.52 21.51 -34.44
C ALA B 32 55.78 22.66 -33.77
N ALA B 33 54.46 22.66 -33.94
CA ALA B 33 53.57 23.66 -33.35
C ALA B 33 52.28 22.94 -32.96
N ARG B 34 51.24 23.71 -32.61
CA ARG B 34 49.95 23.18 -32.20
C ARG B 34 48.94 23.39 -33.32
N CYS B 35 47.98 22.48 -33.41
CA CYS B 35 46.96 22.56 -34.45
C CYS B 35 46.12 23.84 -34.31
N PRO B 36 45.98 24.64 -35.39
CA PRO B 36 45.16 25.86 -35.30
C PRO B 36 43.72 25.69 -34.79
N THR B 37 42.81 25.18 -35.62
CA THR B 37 41.41 25.04 -35.29
C THR B 37 41.10 23.62 -34.84
N ASP B 38 39.81 23.25 -34.80
CA ASP B 38 39.36 21.94 -34.38
C ASP B 38 39.17 20.98 -35.54
N GLU B 39 38.70 21.46 -36.69
CA GLU B 39 38.49 20.59 -37.85
C GLU B 39 39.77 19.84 -38.20
N LEU B 40 40.87 20.58 -38.31
CA LEU B 40 42.14 19.96 -38.62
C LEU B 40 42.62 19.01 -37.54
N SER B 41 42.16 19.19 -36.29
CA SER B 41 42.50 18.25 -35.24
C SER B 41 41.66 16.98 -35.35
N LEU B 42 40.62 17.04 -36.21
CA LEU B 42 39.72 15.95 -36.49
C LEU B 42 40.01 15.35 -37.85
N SER B 43 41.07 15.82 -38.53
CA SER B 43 41.46 15.33 -39.85
C SER B 43 42.70 14.46 -39.82
N ASN B 44 43.41 14.41 -38.69
CA ASN B 44 44.64 13.61 -38.56
C ASN B 44 45.61 13.96 -39.68
N CYS B 45 45.65 15.25 -40.02
CA CYS B 45 46.50 15.75 -41.10
C CYS B 45 47.58 16.66 -40.55
N ALA B 46 48.78 16.55 -41.12
CA ALA B 46 49.90 17.38 -40.74
C ALA B 46 49.61 18.77 -41.28
N VAL B 47 49.01 19.58 -40.42
CA VAL B 47 48.66 20.95 -40.77
C VAL B 47 49.95 21.69 -41.05
N VAL B 48 50.06 22.25 -42.24
CA VAL B 48 51.24 22.99 -42.65
C VAL B 48 50.84 24.34 -43.25
N SER B 49 51.85 25.06 -43.72
CA SER B 49 51.75 26.37 -44.35
C SER B 49 51.60 26.22 -45.87
N GLU B 50 51.09 27.29 -46.49
CA GLU B 50 50.89 27.31 -47.93
C GLU B 50 52.14 27.62 -48.72
N LYS B 51 53.27 27.92 -48.06
CA LYS B 51 54.53 28.25 -48.73
C LYS B 51 55.54 27.11 -48.76
N ASP B 52 55.25 25.97 -48.14
CA ASP B 52 56.18 24.84 -48.10
C ASP B 52 55.68 23.65 -48.90
N TYR B 53 54.57 23.05 -48.48
CA TYR B 53 54.00 21.88 -49.12
C TYR B 53 52.59 22.22 -49.62
N GLN B 54 51.87 21.19 -50.05
CA GLN B 54 50.51 21.32 -50.56
C GLN B 54 49.61 20.28 -49.92
N SER B 55 48.33 20.66 -49.75
CA SER B 55 47.31 19.82 -49.15
C SER B 55 47.00 18.61 -50.03
N GLY B 56 47.41 17.42 -49.59
CA GLY B 56 47.15 16.19 -50.30
C GLY B 56 48.34 15.24 -50.28
N GLN B 57 49.53 15.79 -50.18
CA GLN B 57 50.73 14.97 -50.13
C GLN B 57 50.95 14.42 -48.72
N HIS B 58 51.72 13.36 -48.65
CA HIS B 58 52.05 12.66 -47.42
C HIS B 58 53.49 12.97 -47.06
N VAL B 59 53.82 12.83 -45.77
CA VAL B 59 55.15 13.12 -45.27
C VAL B 59 55.58 12.06 -44.27
N ILE B 60 56.90 11.97 -44.12
CA ILE B 60 57.56 11.04 -43.23
C ILE B 60 58.30 11.86 -42.19
N VAL B 61 57.66 12.02 -41.03
CA VAL B 61 58.23 12.78 -39.94
C VAL B 61 59.38 11.98 -39.34
N ARG B 62 60.56 12.62 -39.34
CA ARG B 62 61.80 12.11 -38.78
C ARG B 62 62.17 12.98 -37.58
N THR B 63 62.19 12.38 -36.39
CA THR B 63 62.55 13.07 -35.15
C THR B 63 63.83 12.53 -34.55
N SER B 64 63.93 11.22 -34.43
CA SER B 64 65.07 10.53 -33.85
C SER B 64 65.40 9.34 -34.73
N PRO B 65 66.61 8.77 -34.58
CA PRO B 65 67.00 7.61 -35.41
C PRO B 65 66.10 6.38 -35.39
N ASN B 66 65.06 6.32 -34.56
CA ASN B 66 64.20 5.13 -34.49
C ASN B 66 62.74 5.54 -34.38
N HIS B 67 62.37 6.63 -35.04
CA HIS B 67 60.98 7.08 -35.05
C HIS B 67 60.70 7.71 -36.41
N LYS B 68 60.15 6.93 -37.32
CA LYS B 68 59.75 7.41 -38.64
C LYS B 68 58.26 7.18 -38.69
N TYR B 69 57.48 8.26 -38.70
CA TYR B 69 56.03 8.17 -38.72
C TYR B 69 55.54 8.90 -39.95
N ILE B 70 54.38 8.52 -40.45
CA ILE B 70 53.85 9.08 -41.69
C ILE B 70 52.54 9.81 -41.39
N PHE B 71 52.44 11.04 -41.89
CA PHE B 71 51.27 11.90 -41.70
C PHE B 71 50.79 12.41 -43.06
N THR B 72 49.61 13.04 -43.03
CA THR B 72 48.93 13.57 -44.21
C THR B 72 48.96 15.10 -44.16
N LEU B 73 49.34 15.73 -45.26
CA LEU B 73 49.46 17.17 -45.26
C LEU B 73 48.17 17.90 -45.54
N ARG B 74 48.08 19.11 -45.00
CA ARG B 74 46.94 19.99 -45.21
C ARG B 74 47.38 21.41 -44.91
N THR B 75 47.56 22.22 -45.95
CA THR B 75 48.02 23.59 -45.76
C THR B 75 47.02 24.39 -44.94
N HIS B 76 47.50 25.49 -44.35
CA HIS B 76 46.65 26.38 -43.56
C HIS B 76 47.35 27.72 -43.33
N PRO B 77 46.67 28.86 -43.57
CA PRO B 77 47.34 30.17 -43.38
C PRO B 77 48.05 30.46 -42.06
N SER B 78 47.42 30.16 -40.91
CA SER B 78 48.01 30.52 -39.61
C SER B 78 49.42 29.96 -39.40
N VAL B 79 49.66 28.72 -39.83
CA VAL B 79 50.96 28.06 -39.70
C VAL B 79 52.02 28.97 -40.30
N VAL B 80 53.22 28.93 -39.75
CA VAL B 80 54.32 29.80 -40.17
C VAL B 80 55.15 29.03 -41.19
N PRO B 81 55.49 29.64 -42.39
CA PRO B 81 56.33 28.91 -43.37
C PRO B 81 57.60 28.44 -42.71
N GLY B 82 57.81 27.13 -42.69
CA GLY B 82 58.96 26.56 -42.02
C GLY B 82 58.59 26.01 -40.67
N SER B 83 57.31 25.70 -40.44
CA SER B 83 56.81 25.18 -39.19
C SER B 83 55.61 24.31 -39.53
N VAL B 84 55.54 23.15 -38.89
CA VAL B 84 54.45 22.22 -39.09
C VAL B 84 53.60 22.23 -37.82
N ALA B 85 52.29 22.27 -38.00
CA ALA B 85 51.35 22.27 -36.88
C ALA B 85 50.69 20.90 -36.79
N PHE B 86 50.64 20.37 -35.57
CA PHE B 86 50.02 19.09 -35.26
C PHE B 86 48.95 19.27 -34.21
N SER B 87 48.14 18.23 -34.10
CA SER B 87 47.05 18.14 -33.14
C SER B 87 47.51 17.40 -31.90
N LEU B 88 46.62 17.38 -30.90
CA LEU B 88 46.93 16.67 -29.66
C LEU B 88 47.20 15.20 -29.89
N PRO B 89 46.34 14.44 -30.60
CA PRO B 89 46.66 13.01 -30.84
C PRO B 89 48.02 12.78 -31.47
N GLN B 90 48.27 13.46 -32.59
CA GLN B 90 49.54 13.33 -33.31
C GLN B 90 50.71 13.57 -32.36
N ARG B 91 50.68 14.71 -31.67
CA ARG B 91 51.71 15.06 -30.72
C ARG B 91 51.76 14.14 -29.51
N LYS B 92 50.74 13.29 -29.32
CA LYS B 92 50.72 12.29 -28.26
C LYS B 92 50.95 10.88 -28.79
N TRP B 93 51.22 10.75 -30.08
CA TRP B 93 51.54 9.49 -30.73
C TRP B 93 52.98 9.47 -31.17
N ALA B 94 53.45 10.63 -31.61
CA ALA B 94 54.83 10.84 -32.04
C ALA B 94 55.72 11.28 -30.88
N GLY B 95 55.14 11.71 -29.75
CA GLY B 95 55.91 12.14 -28.59
C GLY B 95 56.63 13.45 -28.77
N LEU B 96 55.92 14.44 -29.30
CA LEU B 96 56.49 15.74 -29.63
C LEU B 96 55.90 16.85 -28.78
N SER B 97 56.71 17.88 -28.57
CA SER B 97 56.34 19.08 -27.84
C SER B 97 56.80 20.25 -28.69
N ILE B 98 56.15 21.39 -28.50
CA ILE B 98 56.49 22.58 -29.27
C ILE B 98 57.88 23.06 -28.86
N GLY B 99 58.58 23.67 -29.81
CA GLY B 99 59.93 24.18 -29.61
C GLY B 99 61.06 23.24 -29.99
N GLN B 100 60.76 22.06 -30.55
CA GLN B 100 61.77 21.12 -31.00
C GLN B 100 61.72 21.07 -32.52
N GLU B 101 62.89 21.18 -33.15
CA GLU B 101 62.99 21.24 -34.60
C GLU B 101 63.11 19.83 -35.18
N ILE B 102 62.10 19.43 -35.94
CA ILE B 102 61.99 18.11 -36.56
C ILE B 102 62.41 18.16 -38.02
N GLU B 103 62.71 16.98 -38.58
CA GLU B 103 63.13 16.84 -39.97
C GLU B 103 61.94 16.24 -40.73
N VAL B 104 61.23 17.10 -41.45
CA VAL B 104 60.04 16.73 -42.21
C VAL B 104 60.42 16.47 -43.66
N ALA B 105 59.86 15.40 -44.23
CA ALA B 105 60.11 15.04 -45.61
C ALA B 105 58.86 14.47 -46.26
N LEU B 106 58.61 14.84 -47.52
CA LEU B 106 57.49 14.26 -48.25
C LEU B 106 57.72 12.77 -48.40
N TYR B 107 56.64 12.03 -48.53
CA TYR B 107 56.72 10.59 -48.69
C TYR B 107 55.60 10.20 -49.64
N SER B 108 55.85 9.20 -50.49
CA SER B 108 54.87 8.77 -51.48
C SER B 108 54.71 7.27 -51.36
N PHE B 109 53.46 6.85 -51.30
CA PHE B 109 53.05 5.46 -51.14
C PHE B 109 53.04 4.71 -52.46
N ASP B 110 52.84 3.39 -52.35
CA ASP B 110 52.66 2.51 -53.49
C ASP B 110 51.16 2.28 -53.52
N LYS B 111 50.52 2.67 -54.62
CA LYS B 111 49.06 2.64 -54.70
C LYS B 111 48.49 1.23 -54.59
N ALA B 112 49.04 0.26 -55.30
CA ALA B 112 48.45 -1.07 -55.26
C ALA B 112 48.55 -1.75 -53.90
N LYS B 113 49.77 -1.85 -53.35
CA LYS B 113 49.95 -2.49 -52.06
C LYS B 113 49.42 -1.71 -50.85
N GLN B 114 49.68 -0.41 -50.76
CA GLN B 114 49.24 0.33 -49.58
C GLN B 114 47.75 0.61 -49.48
N CYS B 115 47.02 0.84 -50.59
CA CYS B 115 45.60 1.23 -50.44
C CYS B 115 44.88 0.24 -49.53
N ILE B 116 44.04 0.78 -48.70
CA ILE B 116 43.33 0.02 -47.68
C ILE B 116 42.01 -0.53 -48.17
N GLY B 117 41.76 -1.79 -47.80
CA GLY B 117 40.54 -2.50 -48.15
C GLY B 117 39.79 -3.02 -46.94
N THR B 118 40.50 -3.33 -45.86
CA THR B 118 39.84 -3.82 -44.64
C THR B 118 40.69 -3.40 -43.44
N MET B 119 40.20 -2.47 -42.62
CA MET B 119 40.97 -1.99 -41.48
C MET B 119 40.18 -1.93 -40.19
N THR B 120 40.70 -2.60 -39.16
CA THR B 120 40.10 -2.61 -37.82
C THR B 120 40.72 -1.50 -36.97
N ILE B 121 39.86 -0.80 -36.22
CA ILE B 121 40.22 0.32 -35.37
C ILE B 121 39.61 0.12 -33.98
N GLU B 122 40.33 0.55 -32.94
CA GLU B 122 39.83 0.51 -31.56
C GLU B 122 39.31 1.90 -31.21
N ILE B 123 38.00 1.98 -30.99
CA ILE B 123 37.28 3.22 -30.71
C ILE B 123 36.87 3.28 -29.24
N ASP B 124 36.88 4.49 -28.68
CA ASP B 124 36.51 4.75 -27.30
C ASP B 124 36.46 6.26 -27.08
N PHE B 125 35.48 6.73 -26.30
CA PHE B 125 35.33 8.15 -25.97
C PHE B 125 36.68 8.76 -25.63
N LEU B 126 37.06 9.77 -26.42
CA LEU B 126 38.32 10.45 -26.23
C LEU B 126 38.41 11.02 -24.83
N GLN B 127 37.36 11.71 -24.40
CA GLN B 127 37.30 12.34 -23.09
C GLN B 127 36.36 11.53 -22.23
N LYS B 128 36.90 10.96 -21.16
CA LYS B 128 36.08 10.21 -20.24
C LYS B 128 35.17 11.13 -19.35
N LYS B 129 35.17 12.44 -19.62
CA LYS B 129 34.39 13.45 -18.92
C LYS B 129 33.01 13.67 -19.54
N ASN B 130 32.76 13.10 -20.71
CA ASN B 130 31.52 13.29 -21.48
C ASN B 130 30.94 11.95 -21.92
N ILE B 131 30.87 11.01 -20.98
CA ILE B 131 30.40 9.66 -21.26
C ILE B 131 28.88 9.61 -21.25
N ASP B 132 28.29 8.88 -22.21
CA ASP B 132 26.85 8.69 -22.30
C ASP B 132 26.54 7.21 -22.55
N SER B 133 25.26 6.84 -22.44
CA SER B 133 24.82 5.46 -22.60
C SER B 133 23.95 5.21 -23.84
N ASN B 134 23.95 6.13 -24.81
CA ASN B 134 23.10 5.93 -25.99
C ASN B 134 23.80 5.03 -27.02
N PRO B 135 23.05 4.22 -27.78
CA PRO B 135 23.71 3.39 -28.81
C PRO B 135 24.01 4.21 -30.06
N TYR B 136 25.13 3.85 -30.71
CA TYR B 136 25.60 4.57 -31.90
C TYR B 136 25.81 3.64 -33.09
N ASP B 137 25.07 3.89 -34.17
CA ASP B 137 25.14 3.12 -35.41
C ASP B 137 26.50 3.33 -36.07
N THR B 138 27.31 2.28 -36.15
CA THR B 138 28.61 2.44 -36.78
C THR B 138 28.49 2.70 -38.27
N ASP B 139 27.44 2.17 -38.91
CA ASP B 139 27.31 2.37 -40.35
C ASP B 139 27.37 3.84 -40.71
N LYS B 140 26.89 4.73 -39.84
CA LYS B 140 27.03 6.14 -40.14
C LYS B 140 28.34 6.68 -39.59
N MET B 141 29.00 5.90 -38.72
CA MET B 141 30.29 6.28 -38.14
C MET B 141 31.36 5.92 -39.14
N ALA B 142 31.31 4.67 -39.64
CA ALA B 142 32.23 4.27 -40.70
C ALA B 142 31.95 5.08 -41.96
N ALA B 143 30.69 5.49 -42.15
CA ALA B 143 30.37 6.31 -43.33
C ALA B 143 31.00 7.67 -43.21
N GLU B 144 30.98 8.25 -42.01
CA GLU B 144 31.62 9.55 -41.86
C GLU B 144 33.13 9.41 -41.83
N PHE B 145 33.60 8.23 -41.42
CA PHE B 145 35.04 7.95 -41.37
C PHE B 145 35.59 8.01 -42.78
N ILE B 146 34.96 7.29 -43.70
CA ILE B 146 35.37 7.33 -45.09
C ILE B 146 35.02 8.67 -45.74
N GLN B 147 34.01 9.37 -45.22
CA GLN B 147 33.61 10.66 -45.78
C GLN B 147 34.63 11.77 -45.47
N GLN B 148 35.43 11.62 -44.40
CA GLN B 148 36.40 12.64 -44.01
C GLN B 148 37.85 12.18 -44.13
N PHE B 149 38.12 10.89 -43.91
CA PHE B 149 39.47 10.31 -43.95
C PHE B 149 39.72 9.57 -45.26
N ASN B 150 39.37 10.20 -46.37
CA ASN B 150 39.56 9.60 -47.69
C ASN B 150 40.90 10.07 -48.23
N ASN B 151 41.65 9.16 -48.85
CA ASN B 151 42.94 9.46 -49.43
C ASN B 151 43.89 10.01 -48.35
N GLN B 152 44.00 9.28 -47.23
CA GLN B 152 44.86 9.74 -46.15
C GLN B 152 45.69 8.58 -45.64
N ALA B 153 46.80 8.88 -44.97
CA ALA B 153 47.70 7.84 -44.47
C ALA B 153 47.42 7.45 -43.03
N PHE B 154 47.33 6.14 -42.80
CA PHE B 154 47.10 5.54 -41.47
C PHE B 154 48.00 4.33 -41.28
N SER B 155 48.53 4.17 -40.07
CA SER B 155 49.43 3.08 -39.73
C SER B 155 48.87 2.25 -38.58
N VAL B 156 49.40 1.03 -38.44
CA VAL B 156 48.94 0.13 -37.40
C VAL B 156 49.37 0.68 -36.04
N GLY B 157 48.39 0.89 -35.16
CA GLY B 157 48.62 1.41 -33.84
C GLY B 157 48.50 2.91 -33.74
N GLN B 158 48.27 3.60 -34.86
CA GLN B 158 48.14 5.05 -34.81
C GLN B 158 46.87 5.45 -34.06
N GLN B 159 46.98 6.52 -33.27
CA GLN B 159 45.91 7.04 -32.46
C GLN B 159 45.42 8.34 -33.07
N LEU B 160 44.12 8.54 -33.03
CA LEU B 160 43.50 9.72 -33.61
C LEU B 160 42.13 9.92 -32.96
N VAL B 161 41.45 11.00 -33.34
CA VAL B 161 40.14 11.35 -32.79
C VAL B 161 39.11 11.28 -33.90
N PHE B 162 37.90 10.83 -33.54
CA PHE B 162 36.80 10.73 -34.50
C PHE B 162 35.64 11.61 -34.04
N SER B 163 35.11 12.40 -34.96
CA SER B 163 34.02 13.33 -34.69
C SER B 163 32.72 12.81 -35.26
N PHE B 164 31.89 12.18 -34.43
CA PHE B 164 30.61 11.65 -34.88
C PHE B 164 29.50 12.52 -34.28
N ASN B 165 28.80 13.25 -35.14
CA ASN B 165 27.75 14.17 -34.70
C ASN B 165 28.37 15.23 -33.77
N ASP B 166 29.60 15.62 -34.10
CA ASP B 166 30.34 16.60 -33.32
C ASP B 166 30.69 16.08 -31.93
N LYS B 167 30.65 14.75 -31.75
CA LYS B 167 30.95 14.11 -30.48
C LYS B 167 32.33 13.51 -30.65
N LEU B 168 33.21 13.77 -29.68
CA LEU B 168 34.59 13.32 -29.77
C LEU B 168 34.75 11.89 -29.27
N PHE B 169 35.51 11.10 -30.05
CA PHE B 169 35.81 9.71 -29.76
C PHE B 169 37.30 9.52 -29.95
N GLY B 170 37.81 8.39 -29.48
CA GLY B 170 39.21 8.06 -29.57
C GLY B 170 39.50 6.81 -30.35
N LEU B 171 39.98 6.96 -31.57
CA LEU B 171 40.32 5.85 -32.43
C LEU B 171 41.77 5.42 -32.27
N LEU B 172 42.00 4.15 -32.59
CA LEU B 172 43.32 3.55 -32.51
C LEU B 172 43.36 2.42 -33.52
N VAL B 173 44.07 2.65 -34.63
CA VAL B 173 44.18 1.66 -35.69
C VAL B 173 44.77 0.38 -35.14
N LYS B 174 44.12 -0.74 -35.47
CA LYS B 174 44.52 -2.07 -35.01
C LYS B 174 45.09 -2.96 -36.10
N ASP B 175 44.39 -3.10 -37.23
CA ASP B 175 44.85 -3.94 -38.32
C ASP B 175 44.56 -3.27 -39.64
N ILE B 176 45.46 -3.41 -40.61
CA ILE B 176 45.31 -2.81 -41.92
C ILE B 176 45.49 -3.92 -42.96
N GLU B 177 44.52 -4.03 -43.88
CA GLU B 177 44.57 -4.99 -44.97
C GLU B 177 44.34 -4.27 -46.30
N ALA B 178 44.99 -4.78 -47.34
CA ALA B 178 44.94 -4.25 -48.69
C ALA B 178 43.84 -4.94 -49.50
N MET B 179 43.83 -4.72 -50.81
CA MET B 179 42.83 -5.29 -51.72
C MET B 179 43.39 -6.48 -52.49
N ARG B 193 44.81 -10.76 -50.59
CA ARG B 193 44.73 -9.73 -49.57
C ARG B 193 45.92 -9.81 -48.62
N GLN B 194 46.63 -8.69 -48.50
CA GLN B 194 47.82 -8.57 -47.66
C GLN B 194 47.61 -7.61 -46.49
N LYS B 195 48.25 -7.94 -45.39
CA LYS B 195 48.24 -7.15 -44.16
C LYS B 195 49.47 -6.26 -44.22
N ILE B 196 49.26 -4.95 -44.03
CA ILE B 196 50.32 -3.97 -44.16
C ILE B 196 50.49 -3.18 -42.85
N GLU B 197 51.57 -2.40 -42.80
CA GLU B 197 51.87 -1.55 -41.65
C GLU B 197 51.26 -0.17 -41.82
N VAL B 198 51.60 0.52 -42.90
CA VAL B 198 51.06 1.83 -43.21
C VAL B 198 50.28 1.71 -44.52
N GLY B 199 49.07 2.27 -44.54
CA GLY B 199 48.23 2.22 -45.71
C GLY B 199 47.66 3.59 -46.02
N LEU B 200 46.81 3.60 -47.05
CA LEU B 200 46.18 4.82 -47.58
C LEU B 200 44.69 4.58 -47.66
N VAL B 201 43.95 5.17 -46.71
CA VAL B 201 42.51 5.05 -46.75
C VAL B 201 42.01 5.75 -48.00
N VAL B 202 41.27 5.00 -48.79
CA VAL B 202 40.65 5.43 -50.04
C VAL B 202 39.14 5.25 -49.88
N GLY B 203 38.39 5.46 -50.95
CA GLY B 203 36.95 5.32 -50.91
C GLY B 203 36.42 3.94 -50.61
N ASN B 204 36.74 2.97 -51.48
CA ASN B 204 36.26 1.59 -51.32
C ASN B 204 37.11 0.79 -50.32
N SER B 205 37.21 1.34 -49.11
CA SER B 205 37.94 0.74 -48.00
C SER B 205 36.96 0.42 -46.89
N GLN B 206 36.89 -0.85 -46.49
CA GLN B 206 36.00 -1.26 -45.41
C GLN B 206 36.71 -1.05 -44.09
N VAL B 207 35.95 -0.66 -43.08
CA VAL B 207 36.51 -0.36 -41.77
C VAL B 207 35.68 -1.03 -40.69
N ALA B 208 36.38 -1.43 -39.63
CA ALA B 208 35.82 -2.08 -38.47
C ALA B 208 36.19 -1.26 -37.24
N PHE B 209 35.29 -1.27 -36.28
CA PHE B 209 35.39 -0.57 -35.01
C PHE B 209 35.27 -1.53 -33.82
N GLU B 210 35.96 -1.25 -32.74
CA GLU B 210 35.83 -2.13 -31.58
C GLU B 210 35.93 -1.26 -30.34
N LYS B 211 34.91 -1.31 -29.48
CA LYS B 211 34.98 -0.55 -28.25
C LYS B 211 36.21 -1.01 -27.49
N ALA B 212 36.91 -0.06 -26.89
CA ALA B 212 38.13 -0.43 -26.18
C ALA B 212 37.74 -1.19 -24.92
N GLU B 213 38.74 -1.46 -24.11
CA GLU B 213 38.53 -2.12 -22.84
C GLU B 213 37.94 -1.11 -21.87
N ASN B 214 37.34 -1.63 -20.76
CA ASN B 214 36.64 -0.92 -19.68
C ASN B 214 35.84 0.25 -20.24
N SER B 215 35.23 0.05 -21.40
CA SER B 215 34.45 1.05 -22.11
C SER B 215 32.96 0.83 -21.90
N SER B 216 32.20 1.92 -22.04
CA SER B 216 30.75 1.90 -21.93
C SER B 216 30.13 2.28 -23.27
N LEU B 217 30.91 2.20 -24.35
CA LEU B 217 30.43 2.52 -25.68
C LEU B 217 29.61 1.35 -26.22
N ASN B 218 28.32 1.59 -26.48
CA ASN B 218 27.40 0.60 -27.02
C ASN B 218 27.27 0.80 -28.53
N LEU B 219 27.91 -0.07 -29.31
CA LEU B 219 27.90 -0.02 -30.76
C LEU B 219 26.99 -1.11 -31.34
N ILE B 220 26.10 -0.74 -32.27
CA ILE B 220 25.17 -1.68 -32.90
C ILE B 220 25.46 -1.79 -34.40
N GLY B 221 24.87 -2.80 -35.05
CA GLY B 221 25.07 -3.03 -36.48
C GLY B 221 26.13 -4.10 -36.79
N LYS B 222 26.43 -4.27 -38.10
CA LYS B 222 27.43 -5.23 -38.56
C LYS B 222 28.66 -4.62 -39.25
N ALA B 223 28.98 -3.36 -39.00
CA ALA B 223 30.17 -2.71 -39.57
C ALA B 223 31.33 -2.67 -38.58
N LYS B 224 31.34 -3.59 -37.61
CA LYS B 224 32.39 -3.57 -36.59
C LYS B 224 32.26 -4.74 -35.63
N THR B 225 33.36 -5.00 -34.94
CA THR B 225 33.45 -6.01 -33.89
C THR B 225 32.93 -7.37 -34.36
N ILE B 233 30.01 -8.69 -22.86
CA ILE B 233 31.23 -9.15 -22.22
C ILE B 233 30.98 -10.48 -21.54
N ASN B 234 32.00 -11.34 -21.53
CA ASN B 234 31.85 -12.63 -20.88
C ASN B 234 31.61 -12.40 -19.39
N PRO B 235 30.74 -13.16 -18.76
CA PRO B 235 30.49 -12.91 -17.34
C PRO B 235 31.51 -13.55 -16.41
N ASP B 236 31.99 -14.72 -16.79
CA ASP B 236 32.93 -15.50 -15.98
C ASP B 236 34.22 -15.76 -16.74
N TRP B 237 35.29 -15.15 -16.25
CA TRP B 237 36.64 -15.36 -16.71
C TRP B 237 37.46 -16.25 -15.78
N ASN B 238 37.01 -16.44 -14.55
CA ASN B 238 37.68 -17.31 -13.58
C ASN B 238 36.73 -18.45 -13.21
N PHE B 239 37.02 -19.63 -13.75
CA PHE B 239 36.30 -20.86 -13.43
C PHE B 239 37.24 -22.03 -13.24
N GLU B 240 37.38 -22.48 -11.99
CA GLU B 240 38.28 -23.57 -11.66
C GLU B 240 37.64 -24.69 -10.84
N LYS B 241 36.31 -24.82 -10.88
CA LYS B 241 35.61 -25.84 -10.11
C LYS B 241 35.99 -25.82 -8.64
N MET B 242 36.15 -24.63 -8.08
CA MET B 242 36.45 -24.46 -6.68
C MET B 242 35.24 -23.96 -5.92
N GLY B 243 35.11 -24.52 -4.74
CA GLY B 243 34.05 -24.25 -3.81
C GLY B 243 33.12 -25.43 -3.74
N ILE B 244 33.09 -26.24 -4.80
CA ILE B 244 32.13 -27.32 -4.94
C ILE B 244 32.89 -28.53 -5.42
N GLY B 245 32.46 -29.70 -4.96
CA GLY B 245 32.87 -30.94 -5.54
C GLY B 245 31.67 -31.85 -5.64
N GLY B 246 31.78 -32.82 -6.51
CA GLY B 246 30.65 -33.68 -6.77
C GLY B 246 29.58 -33.03 -7.59
N LEU B 247 28.60 -33.86 -7.97
CA LEU B 247 27.45 -33.43 -8.75
C LEU B 247 27.89 -32.61 -9.95
N ASP B 248 29.04 -33.00 -10.48
CA ASP B 248 29.55 -32.42 -11.71
C ASP B 248 28.58 -32.72 -12.82
N LYS B 249 27.98 -33.90 -12.80
CA LYS B 249 27.06 -34.23 -13.87
C LYS B 249 25.90 -33.29 -13.79
N GLU B 250 25.40 -33.08 -12.58
CA GLU B 250 24.24 -32.24 -12.42
C GLU B 250 24.63 -30.78 -12.53
N PHE B 251 25.82 -30.42 -12.07
CA PHE B 251 26.27 -29.05 -12.25
C PHE B 251 26.44 -28.74 -13.72
N SER B 252 27.03 -29.64 -14.48
CA SER B 252 27.28 -29.37 -15.88
C SER B 252 25.98 -29.38 -16.65
N ASP B 253 25.02 -30.22 -16.25
CA ASP B 253 23.70 -30.15 -16.85
C ASP B 253 23.09 -28.78 -16.63
N ILE B 254 23.24 -28.27 -15.41
CA ILE B 254 22.68 -26.97 -15.08
C ILE B 254 23.40 -25.90 -15.87
N PHE B 255 24.73 -26.00 -15.92
CA PHE B 255 25.55 -25.03 -16.61
C PHE B 255 25.16 -25.01 -18.07
N ARG B 256 24.96 -26.20 -18.62
CA ARG B 256 24.50 -26.35 -19.99
C ARG B 256 23.17 -25.66 -20.19
N ARG B 257 22.17 -26.03 -19.40
CA ARG B 257 20.81 -25.59 -19.66
C ARG B 257 20.66 -24.10 -19.44
N ALA B 258 21.28 -23.61 -18.37
CA ALA B 258 21.19 -22.21 -18.01
C ALA B 258 22.05 -21.31 -18.88
N PHE B 259 23.32 -21.64 -19.01
CA PHE B 259 24.32 -20.65 -19.42
C PHE B 259 24.86 -20.86 -20.82
N ALA B 260 24.35 -21.85 -21.54
CA ALA B 260 24.80 -22.08 -22.90
C ALA B 260 24.48 -20.88 -23.76
N SER B 261 23.24 -20.41 -23.68
CA SER B 261 22.82 -19.34 -24.56
C SER B 261 23.55 -18.05 -24.29
N ARG B 262 23.93 -17.81 -23.05
CA ARG B 262 24.62 -16.56 -22.75
C ARG B 262 26.10 -16.57 -23.12
N VAL B 263 26.82 -17.66 -22.82
CA VAL B 263 28.26 -17.66 -23.10
C VAL B 263 28.58 -17.70 -24.58
N PHE B 264 27.70 -18.19 -25.36
CA PHE B 264 27.91 -18.37 -26.78
C PHE B 264 27.76 -16.99 -27.41
N PRO B 265 28.36 -16.72 -28.57
CA PRO B 265 28.33 -15.35 -29.10
C PRO B 265 26.92 -14.87 -29.39
N PRO B 266 26.58 -13.63 -29.02
CA PRO B 266 25.17 -13.22 -29.06
C PRO B 266 24.59 -13.20 -30.46
N GLU B 267 25.43 -12.98 -31.45
CA GLU B 267 24.91 -12.81 -32.79
C GLU B 267 24.29 -14.09 -33.30
N ILE B 268 24.94 -15.23 -33.05
CA ILE B 268 24.48 -16.48 -33.65
C ILE B 268 23.26 -17.00 -32.91
N VAL B 269 23.24 -16.82 -31.59
CA VAL B 269 22.03 -17.17 -30.85
C VAL B 269 20.87 -16.31 -31.33
N GLU B 270 21.15 -15.07 -31.73
CA GLU B 270 20.09 -14.25 -32.32
C GLU B 270 19.81 -14.62 -33.75
N GLN B 271 20.78 -15.22 -34.46
CA GLN B 271 20.50 -15.77 -35.78
C GLN B 271 19.45 -16.84 -35.69
N MET B 272 19.69 -17.83 -34.84
CA MET B 272 18.72 -18.89 -34.65
C MET B 272 17.48 -18.34 -33.96
N GLY B 273 17.70 -17.50 -32.96
CA GLY B 273 16.69 -16.86 -32.16
C GLY B 273 16.50 -17.76 -30.97
N CYS B 274 16.29 -17.18 -29.79
CA CYS B 274 16.15 -17.94 -28.56
C CYS B 274 15.58 -17.03 -27.49
N LYS B 275 15.06 -17.65 -26.45
CA LYS B 275 14.71 -16.98 -25.22
C LYS B 275 15.59 -17.52 -24.11
N HIS B 276 16.43 -16.65 -23.54
CA HIS B 276 17.29 -17.06 -22.45
C HIS B 276 16.43 -17.52 -21.29
N VAL B 277 16.95 -18.47 -20.52
CA VAL B 277 16.23 -19.05 -19.40
C VAL B 277 16.07 -18.01 -18.30
N LYS B 278 14.88 -17.97 -17.69
CA LYS B 278 14.57 -16.93 -16.72
C LYS B 278 14.58 -17.43 -15.28
N GLY B 279 15.09 -18.63 -15.01
CA GLY B 279 15.48 -18.97 -13.67
C GLY B 279 15.65 -20.45 -13.50
N ILE B 280 16.35 -20.82 -12.42
CA ILE B 280 16.57 -22.21 -12.07
C ILE B 280 16.29 -22.46 -10.62
N LEU B 281 16.02 -23.73 -10.37
CA LEU B 281 15.42 -24.18 -9.14
C LEU B 281 16.07 -25.48 -8.76
N LEU B 282 16.27 -25.65 -7.47
CA LEU B 282 16.92 -26.85 -7.00
C LEU B 282 16.46 -27.16 -5.61
N TYR B 283 16.38 -28.45 -5.33
CA TYR B 283 15.77 -28.93 -4.11
C TYR B 283 16.51 -30.16 -3.63
N GLY B 284 16.19 -30.53 -2.42
CA GLY B 284 16.83 -31.65 -1.81
C GLY B 284 16.71 -31.56 -0.32
N PRO B 285 17.39 -32.46 0.36
CA PRO B 285 17.37 -32.44 1.78
C PRO B 285 18.18 -31.29 2.30
N PRO B 286 18.04 -30.99 3.60
CA PRO B 286 18.84 -29.93 4.21
C PRO B 286 20.30 -30.27 4.33
N GLY B 287 20.66 -31.53 4.15
CA GLY B 287 22.03 -31.95 4.30
C GLY B 287 22.95 -31.41 3.23
N CYS B 288 22.62 -31.66 1.99
CA CYS B 288 23.54 -31.37 0.92
C CYS B 288 23.51 -29.88 0.70
N GLY B 289 24.66 -29.23 0.86
CA GLY B 289 24.66 -27.80 0.77
C GLY B 289 24.28 -27.43 -0.64
N LYS B 290 23.12 -26.82 -0.72
CA LYS B 290 22.65 -26.08 -1.86
C LYS B 290 23.03 -24.62 -1.89
N THR B 291 22.94 -23.94 -0.75
CA THR B 291 23.07 -22.50 -0.75
C THR B 291 24.46 -22.08 -1.20
N LEU B 292 25.44 -22.89 -0.86
CA LEU B 292 26.80 -22.74 -1.36
C LEU B 292 26.81 -22.65 -2.87
N LEU B 293 26.06 -23.53 -3.51
CA LEU B 293 26.07 -23.57 -4.96
C LEU B 293 25.58 -22.25 -5.54
N ALA B 294 24.45 -21.79 -5.02
CA ALA B 294 23.85 -20.57 -5.52
C ALA B 294 24.75 -19.39 -5.28
N ARG B 295 25.38 -19.37 -4.12
CA ARG B 295 26.36 -18.35 -3.82
C ARG B 295 27.47 -18.32 -4.86
N GLN B 296 28.07 -19.47 -5.13
CA GLN B 296 29.25 -19.48 -5.98
C GLN B 296 28.93 -19.22 -7.42
N ILE B 297 27.73 -19.56 -7.86
CA ILE B 297 27.34 -19.15 -9.20
C ILE B 297 27.31 -17.62 -9.26
N GLY B 298 26.75 -17.00 -8.23
CA GLY B 298 26.71 -15.55 -8.21
C GLY B 298 28.11 -14.95 -8.24
N LYS B 299 29.07 -15.64 -7.63
CA LYS B 299 30.46 -15.18 -7.70
C LYS B 299 31.04 -15.44 -9.07
N MET B 300 30.62 -16.53 -9.69
CA MET B 300 31.12 -16.89 -11.00
C MET B 300 30.81 -15.78 -11.99
N LEU B 301 29.54 -15.46 -12.13
CA LEU B 301 29.09 -14.58 -13.18
C LEU B 301 29.35 -13.15 -12.78
N ASN B 302 30.00 -12.40 -13.65
CA ASN B 302 30.08 -10.96 -13.46
C ASN B 302 28.72 -10.38 -13.74
N ALA B 303 28.18 -9.71 -12.74
CA ALA B 303 26.88 -9.09 -12.86
C ALA B 303 26.79 -8.04 -11.79
N ARG B 304 25.75 -7.24 -11.87
CA ARG B 304 25.46 -6.42 -10.72
C ARG B 304 25.08 -7.39 -9.62
N GLU B 305 25.66 -7.17 -8.46
CA GLU B 305 25.88 -8.18 -7.44
C GLU B 305 24.59 -8.91 -7.11
N PRO B 306 24.65 -10.18 -6.70
CA PRO B 306 23.41 -10.90 -6.40
C PRO B 306 22.56 -10.12 -5.44
N LYS B 307 21.30 -9.96 -5.80
CA LYS B 307 20.35 -9.34 -4.89
C LYS B 307 19.78 -10.45 -4.05
N VAL B 308 20.18 -10.49 -2.80
CA VAL B 308 19.66 -11.50 -1.91
C VAL B 308 18.33 -11.01 -1.37
N VAL B 309 17.37 -11.91 -1.37
CA VAL B 309 16.15 -11.79 -0.63
C VAL B 309 16.18 -12.97 0.31
N ASN B 310 16.06 -12.70 1.59
CA ASN B 310 16.25 -13.73 2.58
C ASN B 310 14.90 -14.24 3.05
N GLY B 311 14.54 -15.42 2.57
CA GLY B 311 13.29 -16.04 2.89
C GLY B 311 12.16 -15.07 2.64
N PRO B 312 11.03 -15.25 3.33
CA PRO B 312 10.15 -14.12 3.56
C PRO B 312 10.81 -13.16 4.53
N GLU B 313 11.12 -11.94 4.07
CA GLU B 313 11.18 -10.76 4.91
C GLU B 313 10.07 -9.78 4.55
N ILE B 314 9.57 -9.90 3.32
CA ILE B 314 8.74 -8.90 2.67
C ILE B 314 7.46 -8.73 3.45
N LEU B 315 6.90 -9.85 3.91
CA LEU B 315 5.53 -9.92 4.36
C LEU B 315 5.32 -8.88 5.43
N ASN B 316 4.29 -8.07 5.23
CA ASN B 316 4.01 -6.90 6.04
C ASN B 316 2.56 -6.93 6.47
N LYS B 317 2.30 -6.29 7.60
CA LYS B 317 0.95 -6.28 8.12
C LYS B 317 0.06 -5.53 7.15
N TYR B 318 0.59 -4.49 6.55
CA TYR B 318 -0.20 -3.63 5.69
C TYR B 318 -0.35 -4.24 4.32
N VAL B 319 -1.44 -3.90 3.66
CA VAL B 319 -1.68 -4.35 2.30
C VAL B 319 -0.75 -3.63 1.34
N GLY B 320 -0.24 -4.39 0.37
CA GLY B 320 0.40 -3.86 -0.80
C GLY B 320 1.90 -3.70 -0.71
N GLU B 321 2.44 -3.47 0.48
CA GLU B 321 3.89 -3.47 0.61
C GLU B 321 4.48 -4.85 0.46
N SER B 322 3.70 -5.88 0.74
CA SER B 322 4.23 -7.20 0.57
C SER B 322 4.35 -7.57 -0.90
N GLU B 323 3.72 -6.80 -1.77
CA GLU B 323 3.99 -6.81 -3.19
C GLU B 323 4.96 -5.74 -3.66
N ALA B 324 5.10 -4.68 -2.88
CA ALA B 324 6.01 -3.61 -3.26
C ALA B 324 7.44 -4.04 -3.09
N ASN B 325 7.72 -4.75 -2.01
CA ASN B 325 9.06 -5.24 -1.82
C ASN B 325 9.38 -6.32 -2.83
N ILE B 326 8.39 -6.92 -3.48
CA ILE B 326 8.65 -7.89 -4.51
C ILE B 326 9.08 -7.20 -5.78
N ARG B 327 8.30 -6.21 -6.22
CA ARG B 327 8.63 -5.53 -7.46
C ARG B 327 9.85 -4.64 -7.29
N LYS B 328 10.19 -4.35 -6.04
CA LYS B 328 11.44 -3.69 -5.68
C LYS B 328 12.61 -4.37 -6.33
N LEU B 329 12.58 -5.70 -6.33
CA LEU B 329 13.66 -6.49 -6.89
C LEU B 329 13.85 -6.21 -8.37
N PHE B 330 12.79 -6.36 -9.13
CA PHE B 330 12.93 -6.47 -10.56
C PHE B 330 12.92 -5.15 -11.30
N ALA B 331 12.42 -4.06 -10.70
CA ALA B 331 12.44 -2.81 -11.46
C ALA B 331 13.84 -2.36 -11.85
N ASP B 332 14.85 -2.80 -11.10
CA ASP B 332 16.23 -2.46 -11.42
C ASP B 332 16.69 -3.11 -12.70
N ALA B 333 16.22 -4.31 -12.98
CA ALA B 333 16.59 -4.95 -14.22
C ALA B 333 15.65 -4.59 -15.34
N GLU B 334 14.38 -4.33 -15.00
CA GLU B 334 13.40 -4.05 -16.02
C GLU B 334 13.77 -2.77 -16.75
N GLU B 335 14.13 -1.75 -15.98
CA GLU B 335 14.47 -0.48 -16.59
C GLU B 335 15.69 -0.62 -17.49
N GLU B 336 16.67 -1.36 -17.00
CA GLU B 336 17.91 -1.55 -17.74
C GLU B 336 17.66 -2.37 -19.00
N GLN B 337 16.78 -3.37 -18.92
CA GLN B 337 16.47 -4.17 -20.09
C GLN B 337 15.83 -3.28 -21.13
N ARG B 338 14.99 -2.36 -20.67
CA ARG B 338 14.32 -1.47 -21.58
C ARG B 338 15.34 -0.57 -22.24
N ARG B 339 16.32 -0.14 -21.45
CA ARG B 339 17.35 0.75 -21.97
C ARG B 339 18.27 0.01 -22.92
N LEU B 340 18.82 -1.10 -22.46
CA LEU B 340 19.57 -2.06 -23.27
C LEU B 340 18.77 -3.35 -23.33
N GLY B 341 18.19 -3.67 -24.48
CA GLY B 341 17.64 -4.99 -24.60
C GLY B 341 18.68 -6.07 -24.75
N ALA B 342 19.49 -5.95 -25.80
CA ALA B 342 20.20 -7.11 -26.31
C ALA B 342 21.36 -7.49 -25.41
N ASN B 343 22.16 -6.51 -25.02
CA ASN B 343 23.45 -6.71 -24.38
C ASN B 343 23.47 -6.33 -22.92
N SER B 344 22.32 -6.18 -22.29
CA SER B 344 22.28 -5.73 -20.92
C SER B 344 22.89 -6.78 -20.00
N GLY B 345 23.24 -6.36 -18.80
CA GLY B 345 23.82 -7.27 -17.86
C GLY B 345 22.78 -7.92 -17.00
N LEU B 346 23.13 -9.08 -16.49
CA LEU B 346 22.21 -9.86 -15.68
C LEU B 346 21.96 -9.19 -14.35
N HIS B 347 20.72 -9.27 -13.89
CA HIS B 347 20.43 -9.17 -12.47
C HIS B 347 19.81 -10.49 -12.01
N ILE B 348 20.62 -11.36 -11.42
CA ILE B 348 20.10 -12.57 -10.77
C ILE B 348 19.54 -12.26 -9.39
N ILE B 349 18.49 -12.98 -9.03
CA ILE B 349 17.83 -12.95 -7.74
C ILE B 349 17.86 -14.31 -7.07
N ILE B 350 17.94 -14.30 -5.75
CA ILE B 350 18.08 -15.50 -4.94
C ILE B 350 17.08 -15.52 -3.79
N PHE B 351 16.12 -16.41 -3.88
CA PHE B 351 15.17 -16.73 -2.82
C PHE B 351 15.69 -17.94 -2.07
N ASP B 352 15.99 -17.77 -0.78
CA ASP B 352 16.49 -18.92 -0.03
C ASP B 352 15.40 -19.97 0.12
N GLU B 353 14.24 -19.59 0.63
CA GLU B 353 13.10 -20.49 0.71
C GLU B 353 11.92 -19.94 -0.08
N ILE B 354 11.56 -20.68 -1.13
CA ILE B 354 10.37 -20.42 -1.90
C ILE B 354 9.14 -20.93 -1.19
N ASP B 355 9.25 -22.08 -0.53
CA ASP B 355 8.07 -22.82 -0.12
C ASP B 355 7.19 -22.01 0.81
N ALA B 356 7.79 -21.16 1.61
CA ALA B 356 7.02 -20.35 2.54
C ALA B 356 6.27 -19.26 1.79
N ILE B 357 6.95 -18.66 0.81
CA ILE B 357 6.34 -17.61 0.00
C ILE B 357 5.15 -18.14 -0.78
N CYS B 358 5.39 -19.11 -1.66
CA CYS B 358 4.36 -19.61 -2.56
C CYS B 358 4.08 -21.08 -2.30
N LYS B 359 2.86 -21.34 -1.87
CA LYS B 359 2.25 -22.64 -1.87
C LYS B 359 0.96 -22.52 -2.66
N GLN B 360 0.37 -23.66 -3.03
CA GLN B 360 -0.71 -23.70 -4.01
C GLN B 360 -1.81 -22.72 -3.66
N ARG B 361 -2.28 -22.04 -4.71
CA ARG B 361 -3.17 -20.90 -4.59
C ARG B 361 -4.62 -21.18 -4.94
N GLY B 362 -5.04 -22.44 -4.91
CA GLY B 362 -6.30 -22.85 -5.49
C GLY B 362 -7.44 -22.84 -4.49
N SER B 363 -7.39 -21.93 -3.53
CA SER B 363 -8.30 -21.95 -2.37
C SER B 363 -8.07 -23.23 -1.57
N MET B 364 -6.78 -23.51 -1.33
CA MET B 364 -6.30 -24.61 -0.52
C MET B 364 -5.28 -24.02 0.45
N ALA B 365 -4.86 -24.82 1.42
CA ALA B 365 -4.00 -24.36 2.52
C ALA B 365 -4.63 -23.24 3.32
N GLY B 366 -5.84 -23.50 3.82
CA GLY B 366 -6.60 -22.49 4.53
C GLY B 366 -7.44 -21.59 3.62
N SER B 367 -7.55 -20.32 3.99
CA SER B 367 -8.40 -19.39 3.27
C SER B 367 -7.56 -18.76 2.18
N THR B 368 -7.85 -19.14 0.94
CA THR B 368 -7.16 -18.62 -0.24
C THR B 368 -5.64 -18.75 -0.09
N GLY B 369 -5.19 -19.93 0.34
CA GLY B 369 -3.77 -20.11 0.60
C GLY B 369 -3.33 -19.17 1.70
N VAL B 370 -2.09 -18.72 1.58
CA VAL B 370 -1.54 -17.76 2.53
C VAL B 370 -1.16 -16.55 1.70
N HIS B 371 -2.14 -15.68 1.49
CA HIS B 371 -1.92 -14.41 0.81
C HIS B 371 -1.39 -14.66 -0.61
N ASP B 372 -2.08 -15.55 -1.32
CA ASP B 372 -1.69 -16.02 -2.65
C ASP B 372 -1.60 -14.93 -3.70
N THR B 373 -2.12 -13.75 -3.42
CA THR B 373 -1.90 -12.58 -4.25
C THR B 373 -0.44 -12.41 -4.66
N VAL B 374 0.44 -12.78 -3.74
CA VAL B 374 1.87 -12.64 -3.96
C VAL B 374 2.36 -13.47 -5.13
N VAL B 375 2.05 -14.76 -5.13
CA VAL B 375 2.60 -15.59 -6.19
C VAL B 375 2.02 -15.18 -7.53
N ASN B 376 0.77 -14.70 -7.52
CA ASN B 376 0.20 -14.17 -8.75
C ASN B 376 1.01 -13.01 -9.25
N GLN B 377 1.37 -12.09 -8.34
CA GLN B 377 2.15 -10.95 -8.75
C GLN B 377 3.47 -11.39 -9.32
N LEU B 378 4.06 -12.39 -8.70
CA LEU B 378 5.41 -12.79 -9.07
C LEU B 378 5.44 -13.43 -10.44
N LEU B 379 4.61 -14.43 -10.66
CA LEU B 379 4.63 -15.07 -11.97
C LEU B 379 4.04 -14.17 -13.02
N SER B 380 3.30 -13.13 -12.62
CA SER B 380 2.89 -12.09 -13.55
C SER B 380 4.05 -11.19 -13.87
N LYS B 381 5.01 -11.10 -12.97
CA LYS B 381 6.07 -10.14 -13.08
C LYS B 381 7.12 -10.69 -14.02
N ILE B 382 7.48 -11.96 -13.83
CA ILE B 382 8.60 -12.52 -14.59
C ILE B 382 8.21 -12.84 -16.02
N ASP B 383 6.99 -13.28 -16.25
CA ASP B 383 6.51 -13.61 -17.58
C ASP B 383 5.53 -12.57 -18.07
N GLY B 384 5.58 -11.36 -17.51
CA GLY B 384 4.52 -10.41 -17.75
C GLY B 384 4.62 -9.87 -19.15
N VAL B 385 3.89 -8.80 -19.38
CA VAL B 385 3.65 -8.40 -20.76
C VAL B 385 4.93 -7.91 -21.38
N GLU B 386 5.88 -7.47 -20.59
CA GLU B 386 7.21 -7.24 -21.09
C GLU B 386 8.03 -8.48 -20.87
N GLN B 387 8.93 -8.73 -21.81
CA GLN B 387 9.66 -9.99 -21.80
C GLN B 387 10.60 -10.04 -20.61
N LEU B 388 11.44 -9.02 -20.49
CA LEU B 388 12.41 -8.94 -19.41
C LEU B 388 13.27 -10.20 -19.42
N ASN B 389 13.85 -10.45 -20.58
CA ASN B 389 14.60 -11.61 -20.96
C ASN B 389 15.97 -11.75 -20.27
N ASN B 390 16.41 -10.80 -19.45
CA ASN B 390 17.82 -10.68 -19.06
C ASN B 390 18.14 -11.09 -17.62
N ILE B 391 17.34 -11.96 -16.98
CA ILE B 391 17.58 -12.38 -15.60
C ILE B 391 17.31 -13.84 -15.34
N LEU B 392 18.06 -14.42 -14.39
CA LEU B 392 17.76 -15.73 -13.83
C LEU B 392 17.57 -15.68 -12.32
N VAL B 393 16.52 -16.35 -11.84
CA VAL B 393 16.18 -16.39 -10.42
C VAL B 393 16.56 -17.76 -9.86
N ILE B 394 17.25 -17.75 -8.77
CA ILE B 394 17.59 -18.99 -8.09
C ILE B 394 16.52 -19.26 -7.07
N GLY B 395 16.12 -20.52 -6.93
CA GLY B 395 15.25 -20.89 -5.83
C GLY B 395 15.58 -22.23 -5.23
N MET B 396 15.25 -22.34 -3.94
CA MET B 396 15.72 -23.42 -3.09
C MET B 396 14.64 -23.80 -2.10
N THR B 397 14.33 -25.09 -2.01
CA THR B 397 13.34 -25.63 -1.10
C THR B 397 13.83 -26.97 -0.61
N ASN B 398 13.32 -27.37 0.56
CA ASN B 398 13.43 -28.76 0.98
C ASN B 398 12.14 -29.55 0.85
N ARG B 399 11.10 -28.95 0.28
CA ARG B 399 9.79 -29.61 0.15
C ARG B 399 9.11 -29.13 -1.12
N PRO B 400 9.66 -29.49 -2.27
CA PRO B 400 9.31 -28.80 -3.52
C PRO B 400 7.88 -28.98 -3.95
N ASP B 401 7.26 -30.12 -3.63
CA ASP B 401 6.00 -30.50 -4.24
C ASP B 401 4.92 -29.48 -3.97
N LEU B 402 5.07 -28.71 -2.90
CA LEU B 402 4.07 -27.74 -2.48
C LEU B 402 3.79 -26.73 -3.59
N ILE B 403 4.83 -26.31 -4.30
CA ILE B 403 4.77 -25.15 -5.16
C ILE B 403 3.77 -25.34 -6.28
N ASP B 404 3.07 -24.26 -6.60
CA ASP B 404 2.04 -24.29 -7.61
C ASP B 404 2.60 -24.48 -9.01
N GLU B 405 1.96 -25.40 -9.73
CA GLU B 405 2.28 -25.69 -11.11
C GLU B 405 2.32 -24.47 -12.01
N ALA B 406 1.62 -23.41 -11.65
CA ALA B 406 1.68 -22.19 -12.43
C ALA B 406 3.09 -21.64 -12.53
N LEU B 407 3.85 -21.74 -11.44
CA LEU B 407 5.20 -21.21 -11.47
C LEU B 407 6.22 -22.14 -12.08
N LEU B 408 6.13 -23.44 -11.84
CA LEU B 408 7.21 -24.30 -12.28
C LEU B 408 7.19 -24.60 -13.76
N ARG B 409 6.23 -24.13 -14.52
CA ARG B 409 6.18 -24.63 -15.86
C ARG B 409 7.31 -24.03 -16.71
N PRO B 410 7.61 -24.66 -17.84
CA PRO B 410 8.70 -24.18 -18.68
C PRO B 410 8.52 -22.76 -19.15
N GLY B 411 9.58 -21.99 -18.95
CA GLY B 411 9.67 -20.62 -19.37
C GLY B 411 9.57 -19.68 -18.21
N ARG B 412 8.84 -20.05 -17.16
CA ARG B 412 8.99 -19.32 -15.91
C ARG B 412 10.13 -19.94 -15.10
N LEU B 413 10.00 -21.19 -14.70
CA LEU B 413 11.15 -22.02 -14.35
C LEU B 413 11.03 -23.38 -15.01
N GLU B 414 11.88 -23.68 -15.98
CA GLU B 414 11.72 -24.98 -16.61
C GLU B 414 12.30 -26.09 -15.74
N VAL B 415 13.48 -25.88 -15.17
CA VAL B 415 14.30 -26.96 -14.66
C VAL B 415 14.31 -26.96 -13.15
N LYS B 416 13.98 -28.11 -12.60
CA LYS B 416 14.07 -28.43 -11.19
C LYS B 416 15.07 -29.56 -11.02
N MET B 417 16.11 -29.33 -10.26
CA MET B 417 17.12 -30.35 -10.01
C MET B 417 17.03 -30.79 -8.55
N GLU B 418 17.38 -32.05 -8.32
CA GLU B 418 17.49 -32.60 -6.99
C GLU B 418 18.97 -32.86 -6.78
N ILE B 419 19.48 -32.45 -5.64
CA ILE B 419 20.83 -32.81 -5.25
C ILE B 419 20.70 -33.78 -4.09
N GLY B 420 21.43 -34.90 -4.20
CA GLY B 420 21.17 -36.05 -3.39
C GLY B 420 22.43 -36.61 -2.77
N LEU B 421 22.20 -37.41 -1.76
CA LEU B 421 23.24 -37.87 -0.89
C LEU B 421 24.32 -38.66 -1.64
N PRO B 422 25.56 -38.17 -1.68
CA PRO B 422 26.52 -38.67 -2.67
C PRO B 422 27.11 -40.02 -2.32
N ASP B 423 27.59 -40.69 -3.36
CA ASP B 423 28.39 -41.88 -3.16
C ASP B 423 29.79 -41.48 -2.68
N GLU B 424 30.56 -42.47 -2.24
CA GLU B 424 31.82 -42.19 -1.54
C GLU B 424 32.78 -41.36 -2.39
N LYS B 425 32.74 -41.52 -3.72
CA LYS B 425 33.57 -40.69 -4.59
C LYS B 425 33.16 -39.24 -4.45
N GLY B 426 31.85 -39.00 -4.48
CA GLY B 426 31.39 -37.64 -4.28
C GLY B 426 31.79 -37.18 -2.90
N ARG B 427 31.60 -38.06 -1.95
CA ARG B 427 31.96 -37.83 -0.57
C ARG B 427 33.47 -37.84 -0.39
N LEU B 428 34.22 -38.36 -1.37
CA LEU B 428 35.67 -38.24 -1.35
C LEU B 428 36.18 -36.87 -1.78
N GLN B 429 35.75 -36.37 -2.93
CA GLN B 429 36.31 -35.09 -3.38
C GLN B 429 35.91 -33.98 -2.43
N ILE B 430 34.67 -34.03 -1.91
CA ILE B 430 34.21 -32.95 -1.05
C ILE B 430 35.07 -32.90 0.20
N LEU B 431 35.46 -34.07 0.64
CA LEU B 431 36.32 -34.19 1.78
C LEU B 431 37.67 -33.61 1.41
N HIS B 432 38.10 -33.88 0.18
CA HIS B 432 39.38 -33.37 -0.28
C HIS B 432 39.34 -31.85 -0.35
N ILE B 433 38.18 -31.28 -0.65
CA ILE B 433 38.04 -29.83 -0.65
C ILE B 433 38.25 -29.28 0.73
N HIS B 434 37.46 -29.77 1.68
CA HIS B 434 37.57 -29.18 3.02
C HIS B 434 38.90 -29.47 3.68
N THR B 435 39.65 -30.43 3.17
CA THR B 435 40.94 -30.75 3.72
C THR B 435 42.11 -30.12 2.99
N ALA B 436 41.92 -29.67 1.76
CA ALA B 436 43.06 -29.24 0.96
C ALA B 436 43.65 -27.93 1.44
N ARG B 437 42.81 -27.04 1.95
CA ARG B 437 43.32 -25.79 2.52
C ARG B 437 44.32 -26.08 3.61
N MET B 438 44.04 -27.09 4.42
CA MET B 438 44.88 -27.41 5.56
C MET B 438 46.01 -28.34 5.17
N ARG B 439 45.80 -29.17 4.15
CA ARG B 439 46.85 -30.04 3.65
C ARG B 439 47.90 -29.21 2.93
N GLY B 440 47.44 -28.25 2.13
CA GLY B 440 48.33 -27.46 1.29
C GLY B 440 49.43 -26.78 2.07
N HIS B 441 49.14 -26.44 3.32
CA HIS B 441 50.13 -25.87 4.22
C HIS B 441 50.86 -26.94 5.01
N GLN B 442 50.76 -28.20 4.56
CA GLN B 442 51.53 -29.31 5.09
C GLN B 442 51.27 -29.50 6.57
N LEU B 443 50.04 -29.24 6.99
CA LEU B 443 49.73 -29.39 8.40
C LEU B 443 49.62 -30.86 8.80
N LEU B 444 48.76 -31.64 8.14
CA LEU B 444 48.56 -33.04 8.49
C LEU B 444 48.87 -34.01 7.35
N SER B 445 49.95 -34.76 7.51
CA SER B 445 50.21 -35.93 6.68
C SER B 445 50.05 -37.21 7.48
N ALA B 446 49.43 -37.15 8.65
CA ALA B 446 49.62 -38.17 9.66
C ALA B 446 48.66 -39.30 9.36
N ASP B 447 49.20 -40.38 8.77
CA ASP B 447 48.61 -41.70 8.58
C ASP B 447 47.10 -41.65 8.40
N VAL B 448 46.64 -40.70 7.60
CA VAL B 448 45.23 -40.45 7.43
C VAL B 448 44.81 -41.03 6.09
N ASP B 449 44.15 -42.19 6.14
CA ASP B 449 43.59 -42.78 4.95
C ASP B 449 42.26 -42.08 4.68
N ILE B 450 42.15 -41.44 3.53
CA ILE B 450 40.91 -40.78 3.19
C ILE B 450 39.89 -41.79 2.72
N LYS B 451 40.33 -42.73 1.90
CA LYS B 451 39.41 -43.76 1.41
C LYS B 451 38.77 -44.53 2.54
N GLU B 452 39.50 -44.76 3.64
CA GLU B 452 38.91 -45.49 4.74
C GLU B 452 37.80 -44.67 5.37
N LEU B 453 38.02 -43.37 5.47
CA LEU B 453 36.97 -42.48 5.94
C LEU B 453 35.76 -42.59 5.04
N ALA B 454 36.00 -42.58 3.74
CA ALA B 454 34.92 -42.59 2.78
C ALA B 454 34.07 -43.84 2.91
N VAL B 455 34.71 -45.00 2.84
CA VAL B 455 33.97 -46.24 2.92
C VAL B 455 33.40 -46.44 4.31
N GLU B 456 33.94 -45.73 5.30
CA GLU B 456 33.36 -45.78 6.63
C GLU B 456 32.10 -44.94 6.67
N THR B 457 32.10 -43.86 5.93
CA THR B 457 31.00 -42.92 5.96
C THR B 457 30.00 -43.31 4.88
N LYS B 458 28.85 -43.79 5.32
CA LYS B 458 27.88 -44.33 4.39
C LYS B 458 27.08 -43.24 3.69
N ASN B 459 26.30 -42.48 4.47
CA ASN B 459 25.30 -41.57 3.91
C ASN B 459 25.51 -40.10 4.18
N PHE B 460 26.62 -39.72 4.82
CA PHE B 460 26.63 -38.37 5.36
C PHE B 460 26.56 -37.34 4.25
N SER B 461 26.08 -36.18 4.62
CA SER B 461 25.73 -35.09 3.73
C SER B 461 26.78 -33.98 3.84
N GLY B 462 26.86 -33.20 2.76
CA GLY B 462 27.97 -32.27 2.54
C GLY B 462 28.29 -31.39 3.72
N ALA B 463 27.31 -31.14 4.57
CA ALA B 463 27.54 -30.40 5.80
C ALA B 463 28.03 -31.28 6.94
N GLU B 464 27.55 -32.51 7.01
CA GLU B 464 27.80 -33.30 8.21
C GLU B 464 29.27 -33.65 8.34
N LEU B 465 29.90 -33.93 7.23
CA LEU B 465 31.27 -34.41 7.24
C LEU B 465 32.27 -33.28 7.31
N GLU B 466 31.94 -32.11 6.80
CA GLU B 466 32.80 -31.00 7.14
C GLU B 466 32.64 -30.64 8.61
N GLY B 467 31.50 -30.97 9.20
CA GLY B 467 31.39 -30.93 10.65
C GLY B 467 32.32 -31.93 11.30
N LEU B 468 32.40 -33.12 10.74
CA LEU B 468 33.26 -34.17 11.26
C LEU B 468 34.70 -33.71 11.30
N VAL B 469 35.20 -33.25 10.15
CA VAL B 469 36.57 -32.80 10.08
C VAL B 469 36.76 -31.62 11.02
N ARG B 470 35.74 -30.79 11.16
CA ARG B 470 35.84 -29.64 12.05
C ARG B 470 36.12 -30.12 13.45
N ALA B 471 35.41 -31.17 13.84
CA ALA B 471 35.62 -31.73 15.17
C ALA B 471 37.03 -32.25 15.27
N ALA B 472 37.53 -32.81 14.18
CA ALA B 472 38.91 -33.30 14.20
C ALA B 472 39.88 -32.17 14.45
N GLN B 473 39.66 -31.01 13.82
CA GLN B 473 40.55 -29.89 14.11
C GLN B 473 40.40 -29.45 15.55
N SER B 474 39.19 -29.51 16.05
CA SER B 474 39.00 -29.08 17.43
C SER B 474 39.73 -30.00 18.38
N THR B 475 39.66 -31.31 18.13
CA THR B 475 40.42 -32.25 18.94
C THR B 475 41.91 -32.07 18.76
N ALA B 476 42.32 -31.72 17.55
CA ALA B 476 43.73 -31.46 17.29
C ALA B 476 44.19 -30.34 18.18
N MET B 477 43.37 -29.31 18.28
CA MET B 477 43.65 -28.24 19.20
C MET B 477 43.60 -28.74 20.61
N ASN B 478 42.70 -29.67 20.90
CA ASN B 478 42.61 -30.12 22.28
C ASN B 478 43.82 -30.92 22.71
N ARG B 479 44.67 -31.35 21.79
CA ARG B 479 45.98 -31.80 22.22
C ARG B 479 46.93 -30.66 22.54
N HIS B 480 46.49 -29.40 22.50
CA HIS B 480 47.45 -28.32 22.72
C HIS B 480 47.72 -28.12 24.19
N ILE B 481 47.16 -28.96 25.06
CA ILE B 481 47.10 -28.62 26.47
C ILE B 481 48.51 -28.60 27.04
N ILE B 482 48.89 -27.46 27.60
CA ILE B 482 50.26 -27.20 28.02
C ILE B 482 50.36 -27.46 29.52
N ALA B 483 51.19 -28.43 29.88
CA ALA B 483 51.65 -28.60 31.26
C ALA B 483 53.00 -27.90 31.36
N SER B 484 53.04 -26.79 32.08
CA SER B 484 54.24 -25.97 32.11
C SER B 484 54.26 -25.09 33.36
N VAL B 499 54.02 -30.20 15.51
CA VAL B 499 53.05 -29.42 16.27
C VAL B 499 51.72 -29.42 15.55
N THR B 500 50.78 -30.15 16.13
CA THR B 500 49.40 -30.27 15.66
C THR B 500 49.31 -30.82 14.24
N ARG B 501 50.32 -31.58 13.81
CA ARG B 501 50.27 -32.32 12.56
C ARG B 501 49.62 -33.68 12.75
N GLY B 502 49.96 -34.35 13.85
CA GLY B 502 49.42 -35.65 14.14
C GLY B 502 47.95 -35.61 14.41
N ASP B 503 47.16 -36.21 13.53
CA ASP B 503 45.76 -36.45 13.86
C ASP B 503 45.27 -37.70 13.16
N PHE B 504 44.57 -38.51 13.93
CA PHE B 504 43.70 -39.56 13.43
C PHE B 504 42.34 -39.17 13.97
N LEU B 505 41.41 -38.87 13.08
CA LEU B 505 40.09 -38.34 13.43
C LEU B 505 38.95 -39.34 13.49
N ALA B 506 39.04 -40.50 12.86
CA ALA B 506 37.79 -41.21 12.54
C ALA B 506 37.15 -41.85 13.75
N SER B 507 37.86 -42.78 14.36
CA SER B 507 37.31 -43.57 15.46
C SER B 507 36.98 -42.67 16.63
N LEU B 508 37.67 -41.55 16.72
CA LEU B 508 37.55 -40.58 17.78
C LEU B 508 36.11 -40.07 17.82
N GLU B 509 35.65 -39.34 16.79
CA GLU B 509 34.38 -38.63 16.90
C GLU B 509 33.31 -39.09 15.93
N ASN B 510 33.50 -40.17 15.16
CA ASN B 510 32.33 -40.64 14.41
C ASN B 510 31.23 -41.06 15.36
N ASP B 511 31.60 -41.64 16.50
CA ASP B 511 30.59 -42.15 17.41
C ASP B 511 29.79 -41.02 18.06
N ILE B 512 30.38 -39.83 18.16
CA ILE B 512 29.76 -38.72 18.88
C ILE B 512 28.50 -38.24 18.18
N LYS B 513 28.47 -38.26 16.86
CA LYS B 513 27.54 -37.46 16.09
C LYS B 513 26.41 -38.27 15.46
N PRO B 514 25.15 -38.09 15.87
CA PRO B 514 24.05 -38.67 15.08
C PRO B 514 23.88 -37.96 13.75
N ALA B 515 23.90 -38.75 12.70
CA ALA B 515 23.68 -38.37 11.32
C ALA B 515 22.21 -38.32 10.94
N PHE B 516 21.99 -37.75 9.76
CA PHE B 516 20.77 -37.97 9.00
C PHE B 516 20.54 -39.43 8.69
N GLY B 517 21.59 -40.20 8.59
CA GLY B 517 21.51 -41.58 8.21
C GLY B 517 21.35 -42.46 9.41
N THR B 518 21.97 -43.64 9.34
CA THR B 518 21.83 -44.61 10.40
C THR B 518 22.40 -44.11 11.70
N ASN B 519 21.70 -44.38 12.79
CA ASN B 519 22.24 -43.98 14.08
C ASN B 519 23.44 -44.86 14.34
N GLN B 520 24.53 -44.27 14.80
CA GLN B 520 25.71 -45.08 15.06
C GLN B 520 25.44 -46.07 16.17
N GLU B 521 24.87 -45.60 17.28
CA GLU B 521 24.58 -46.51 18.36
C GLU B 521 23.43 -45.93 19.18
N ASP B 522 22.24 -46.40 18.91
CA ASP B 522 21.06 -46.02 19.65
C ASP B 522 20.21 -47.26 19.95
N TYR B 523 20.76 -48.43 19.67
CA TYR B 523 20.04 -49.69 19.73
C TYR B 523 19.84 -50.15 21.16
N ALA B 524 20.75 -49.73 22.04
CA ALA B 524 20.80 -50.20 23.41
C ALA B 524 19.47 -50.15 24.11
N SER B 525 18.63 -49.18 23.77
CA SER B 525 17.34 -49.13 24.42
C SER B 525 16.50 -50.30 23.95
N TYR B 526 16.71 -50.76 22.73
CA TYR B 526 16.00 -51.91 22.23
C TYR B 526 16.58 -53.20 22.75
N ILE B 527 17.91 -53.28 22.77
CA ILE B 527 18.64 -54.40 23.37
C ILE B 527 19.40 -53.93 24.60
N MET B 528 18.90 -54.28 25.77
CA MET B 528 19.66 -54.04 26.99
C MET B 528 20.59 -55.17 27.31
N ASN B 529 20.11 -56.40 27.19
CA ASN B 529 20.86 -57.58 27.57
C ASN B 529 21.68 -58.12 26.42
N GLY B 530 21.16 -57.96 25.23
CA GLY B 530 21.70 -58.59 24.05
C GLY B 530 21.06 -59.94 23.87
N ILE B 531 20.86 -60.32 22.62
CA ILE B 531 20.25 -61.61 22.33
C ILE B 531 21.21 -62.70 22.73
N ILE B 532 20.64 -63.76 23.26
CA ILE B 532 21.39 -64.93 23.64
C ILE B 532 20.84 -66.09 22.84
N LYS B 533 21.74 -66.92 22.35
CA LYS B 533 21.29 -68.10 21.63
C LYS B 533 20.98 -69.15 22.67
N TRP B 534 19.71 -69.44 22.80
CA TRP B 534 19.18 -70.41 23.74
C TRP B 534 18.80 -71.71 23.07
N GLY B 535 18.97 -71.81 21.76
CA GLY B 535 18.73 -73.07 21.09
C GLY B 535 18.85 -72.90 19.60
N ASP B 536 18.24 -73.85 18.90
CA ASP B 536 18.34 -73.86 17.44
C ASP B 536 17.62 -72.69 16.80
N PRO B 537 16.39 -72.33 17.20
CA PRO B 537 15.64 -71.34 16.41
C PRO B 537 16.31 -70.01 16.36
N VAL B 538 17.09 -69.66 17.37
CA VAL B 538 17.71 -68.36 17.34
C VAL B 538 18.72 -68.27 16.22
N THR B 539 19.47 -69.35 16.00
CA THR B 539 20.33 -69.41 14.84
C THR B 539 19.51 -69.45 13.57
N ARG B 540 18.49 -70.30 13.55
CA ARG B 540 17.69 -70.52 12.36
C ARG B 540 17.11 -69.21 11.85
N VAL B 541 16.56 -68.43 12.76
CA VAL B 541 15.85 -67.21 12.42
C VAL B 541 16.77 -66.23 11.75
N LEU B 542 17.82 -65.85 12.44
CA LEU B 542 18.64 -64.80 11.92
C LEU B 542 19.49 -65.28 10.76
N ASP B 543 19.70 -66.58 10.62
CA ASP B 543 20.29 -67.08 9.39
C ASP B 543 19.32 -66.89 8.23
N ASP B 544 18.05 -67.19 8.47
CA ASP B 544 17.05 -66.97 7.44
C ASP B 544 17.07 -65.50 7.05
N GLY B 545 17.14 -64.64 8.05
CA GLY B 545 17.20 -63.23 7.76
C GLY B 545 18.51 -62.82 7.13
N GLU B 546 19.56 -63.58 7.36
CA GLU B 546 20.81 -63.30 6.68
C GLU B 546 20.68 -63.57 5.19
N LEU B 547 20.08 -64.69 4.83
CA LEU B 547 19.82 -64.92 3.41
C LEU B 547 18.87 -63.85 2.88
N LEU B 548 17.96 -63.40 3.72
CA LEU B 548 17.00 -62.39 3.31
C LEU B 548 17.69 -61.09 3.02
N VAL B 549 18.66 -60.74 3.84
CA VAL B 549 19.33 -59.48 3.60
C VAL B 549 20.26 -59.62 2.41
N GLN B 550 20.75 -60.83 2.15
CA GLN B 550 21.41 -61.05 0.87
C GLN B 550 20.44 -60.80 -0.27
N GLN B 551 19.18 -61.19 -0.06
CA GLN B 551 18.17 -61.03 -1.09
C GLN B 551 18.04 -59.58 -1.47
N THR B 552 17.91 -58.74 -0.47
CA THR B 552 17.76 -57.33 -0.79
C THR B 552 19.05 -56.72 -1.30
N LYS B 553 20.21 -57.14 -0.78
CA LYS B 553 21.40 -56.37 -1.10
C LYS B 553 21.75 -56.46 -2.58
N ASN B 554 21.81 -57.66 -3.11
CA ASN B 554 21.87 -57.87 -4.54
C ASN B 554 20.62 -58.58 -5.00
N SER B 555 19.79 -57.85 -5.74
CA SER B 555 18.76 -58.43 -6.58
C SER B 555 18.28 -57.37 -7.55
N ASP B 556 17.63 -57.83 -8.60
CA ASP B 556 16.84 -56.98 -9.46
C ASP B 556 15.41 -57.48 -9.39
N ARG B 557 14.48 -56.60 -9.75
CA ARG B 557 13.05 -56.87 -9.86
C ARG B 557 12.48 -57.49 -8.60
N THR B 558 13.10 -57.17 -7.46
CA THR B 558 12.44 -57.23 -6.16
C THR B 558 13.08 -56.16 -5.31
N PRO B 559 12.82 -54.90 -5.63
CA PRO B 559 13.55 -53.81 -4.98
C PRO B 559 13.30 -53.73 -3.51
N LEU B 560 12.18 -54.27 -3.03
CA LEU B 560 11.84 -54.27 -1.63
C LEU B 560 11.36 -55.65 -1.26
N VAL B 561 11.28 -55.88 0.04
CA VAL B 561 10.62 -57.04 0.60
C VAL B 561 9.86 -56.65 1.85
N SER B 562 8.98 -57.56 2.27
CA SER B 562 8.09 -57.32 3.39
C SER B 562 8.14 -58.54 4.26
N VAL B 563 8.60 -58.36 5.49
CA VAL B 563 8.79 -59.44 6.42
C VAL B 563 8.05 -59.09 7.69
N LEU B 564 7.69 -60.12 8.43
CA LEU B 564 6.98 -59.93 9.68
C LEU B 564 7.43 -60.95 10.69
N LEU B 565 7.58 -60.47 11.92
CA LEU B 565 7.95 -61.29 13.05
C LEU B 565 6.75 -61.61 13.90
N GLU B 566 6.35 -62.86 13.90
CA GLU B 566 5.28 -63.34 14.76
C GLU B 566 5.89 -64.02 15.97
N GLY B 567 5.27 -63.79 17.12
CA GLY B 567 5.56 -64.55 18.30
C GLY B 567 4.68 -64.12 19.45
N PRO B 568 4.78 -64.81 20.57
CA PRO B 568 3.97 -64.47 21.70
C PRO B 568 4.41 -63.17 22.34
N PRO B 569 3.61 -62.64 23.27
CA PRO B 569 3.77 -61.24 23.70
C PRO B 569 5.15 -60.87 24.16
N HIS B 570 5.72 -61.71 24.98
CA HIS B 570 7.13 -61.63 25.31
C HIS B 570 7.78 -62.83 24.67
N SER B 571 8.41 -62.62 23.51
CA SER B 571 9.46 -63.48 23.03
C SER B 571 10.75 -62.77 22.66
N GLY B 572 10.88 -61.48 22.95
CA GLY B 572 12.08 -60.78 22.53
C GLY B 572 12.13 -60.45 21.06
N LYS B 573 11.00 -60.10 20.48
CA LYS B 573 10.91 -59.86 19.04
C LYS B 573 11.67 -58.62 18.62
N THR B 574 11.34 -57.51 19.25
CA THR B 574 11.89 -56.22 18.88
C THR B 574 13.41 -56.21 18.94
N ALA B 575 13.96 -56.90 19.92
CA ALA B 575 15.40 -56.86 20.13
C ALA B 575 16.14 -57.56 19.01
N LEU B 576 15.69 -58.75 18.67
CA LEU B 576 16.40 -59.49 17.66
C LEU B 576 16.16 -58.88 16.29
N ALA B 577 15.07 -58.14 16.15
CA ALA B 577 14.91 -57.36 14.94
C ALA B 577 16.00 -56.31 14.86
N ALA B 578 16.28 -55.66 15.96
CA ALA B 578 17.35 -54.69 15.95
C ALA B 578 18.69 -55.36 15.68
N LYS B 579 18.86 -56.57 16.17
CA LYS B 579 20.12 -57.26 15.96
C LYS B 579 20.33 -57.54 14.50
N ILE B 580 19.33 -58.11 13.87
CA ILE B 580 19.46 -58.40 12.45
C ILE B 580 19.73 -57.14 11.66
N ALA B 581 19.05 -56.05 12.01
CA ALA B 581 19.30 -54.83 11.26
C ALA B 581 20.71 -54.34 11.46
N GLU B 582 21.23 -54.47 12.68
CA GLU B 582 22.59 -54.07 12.95
C GLU B 582 23.57 -54.97 12.22
N GLU B 583 23.34 -56.28 12.29
CA GLU B 583 24.28 -57.23 11.72
C GLU B 583 24.27 -57.21 10.21
N SER B 584 23.25 -56.60 9.63
CA SER B 584 23.10 -56.43 8.20
C SER B 584 24.09 -55.46 7.57
N ASN B 585 24.67 -54.57 8.37
CA ASN B 585 25.62 -53.58 7.89
C ASN B 585 25.06 -52.67 6.81
N PHE B 586 23.77 -52.35 6.87
CA PHE B 586 23.24 -51.36 5.96
C PHE B 586 23.73 -49.95 6.21
N PRO B 587 23.69 -49.12 5.19
CA PRO B 587 24.07 -47.73 5.34
C PRO B 587 23.05 -46.87 6.05
N PHE B 588 21.77 -47.24 5.97
CA PHE B 588 20.68 -46.41 6.48
C PHE B 588 19.71 -47.26 7.27
N ILE B 589 19.56 -46.95 8.56
CA ILE B 589 18.64 -47.66 9.43
C ILE B 589 17.94 -46.68 10.34
N LYS B 590 16.60 -46.68 10.31
CA LYS B 590 15.85 -45.97 11.31
C LYS B 590 14.73 -46.87 11.84
N ILE B 591 14.47 -46.70 13.13
CA ILE B 591 13.44 -47.43 13.83
C ILE B 591 12.44 -46.43 14.37
N CYS B 592 11.19 -46.55 13.92
CA CYS B 592 10.07 -45.80 14.47
C CYS B 592 9.33 -46.65 15.47
N SER B 593 9.36 -46.23 16.71
CA SER B 593 8.59 -46.84 17.76
C SER B 593 7.46 -45.96 18.25
N PRO B 594 6.44 -46.54 18.86
CA PRO B 594 5.46 -45.73 19.56
C PRO B 594 6.03 -44.98 20.74
N ASP B 595 7.18 -45.44 21.26
CA ASP B 595 7.72 -44.90 22.50
C ASP B 595 7.84 -43.39 22.47
N LYS B 596 8.23 -42.86 21.33
CA LYS B 596 8.53 -41.44 21.18
C LYS B 596 7.41 -40.66 20.55
N MET B 597 6.48 -41.34 19.89
CA MET B 597 5.38 -40.71 19.15
C MET B 597 4.08 -40.81 19.91
N ILE B 598 4.19 -40.96 21.22
CA ILE B 598 3.05 -41.02 22.12
C ILE B 598 2.20 -39.80 21.96
N GLY B 599 0.90 -39.99 21.97
CA GLY B 599 0.03 -38.87 22.06
C GLY B 599 -0.31 -38.19 20.79
N PHE B 600 0.41 -38.45 19.72
CA PHE B 600 0.03 -37.79 18.50
C PHE B 600 -1.31 -38.30 18.07
N SER B 601 -2.04 -37.42 17.40
CA SER B 601 -3.25 -37.90 16.77
C SER B 601 -2.87 -38.61 15.49
N GLU B 602 -3.88 -39.22 14.91
CA GLU B 602 -3.71 -40.19 13.86
C GLU B 602 -2.89 -39.68 12.70
N THR B 603 -3.28 -38.53 12.20
CA THR B 603 -2.63 -37.98 11.04
C THR B 603 -1.21 -37.58 11.40
N ALA B 604 -0.99 -37.16 12.63
CA ALA B 604 0.34 -36.79 13.04
C ALA B 604 1.23 -38.00 13.27
N LYS B 605 0.66 -39.19 13.40
CA LYS B 605 1.48 -40.38 13.33
C LYS B 605 1.81 -40.69 11.89
N CYS B 606 0.80 -40.60 11.04
CA CYS B 606 0.95 -40.94 9.64
C CYS B 606 2.06 -40.11 9.02
N GLN B 607 2.11 -38.85 9.37
CA GLN B 607 3.07 -37.98 8.72
C GLN B 607 4.46 -38.24 9.23
N ALA B 608 4.60 -38.74 10.46
CA ALA B 608 5.94 -39.08 10.89
C ALA B 608 6.43 -40.34 10.21
N MET B 609 5.51 -41.27 9.96
CA MET B 609 5.87 -42.44 9.19
C MET B 609 6.33 -42.05 7.81
N LYS B 610 5.45 -41.38 7.08
CA LYS B 610 5.73 -40.96 5.72
C LYS B 610 6.98 -40.10 5.67
N LYS B 611 7.29 -39.37 6.74
CA LYS B 611 8.51 -38.60 6.75
C LYS B 611 9.71 -39.52 6.73
N ILE B 612 9.72 -40.52 7.62
CA ILE B 612 10.94 -41.31 7.66
C ILE B 612 11.04 -42.16 6.43
N PHE B 613 9.93 -42.60 5.90
CA PHE B 613 10.03 -43.41 4.70
C PHE B 613 10.49 -42.57 3.53
N ASP B 614 10.06 -41.32 3.45
CA ASP B 614 10.58 -40.48 2.40
C ASP B 614 12.03 -40.11 2.64
N ASP B 615 12.49 -40.21 3.87
CA ASP B 615 13.93 -40.18 4.09
C ASP B 615 14.57 -41.46 3.60
N ALA B 616 13.83 -42.56 3.63
CA ALA B 616 14.42 -43.82 3.22
C ALA B 616 14.39 -43.99 1.72
N TYR B 617 13.54 -43.25 1.03
CA TYR B 617 13.53 -43.36 -0.42
C TYR B 617 14.66 -42.55 -1.04
N LYS B 618 15.52 -41.97 -0.21
CA LYS B 618 16.66 -41.17 -0.61
C LYS B 618 17.98 -41.87 -0.30
N SER B 619 17.95 -43.17 -0.10
CA SER B 619 19.18 -43.91 0.10
C SER B 619 19.08 -45.25 -0.57
N GLN B 620 20.24 -45.70 -1.03
CA GLN B 620 20.32 -46.84 -1.94
C GLN B 620 19.73 -48.10 -1.32
N LEU B 621 20.05 -48.35 -0.05
CA LEU B 621 19.51 -49.48 0.68
C LEU B 621 19.03 -48.97 2.01
N SER B 622 17.79 -49.29 2.36
CA SER B 622 17.23 -48.89 3.65
C SER B 622 16.56 -50.04 4.38
N CYS B 623 17.00 -50.27 5.61
CA CYS B 623 16.39 -51.22 6.51
C CYS B 623 15.64 -50.38 7.52
N VAL B 624 14.33 -50.55 7.55
CA VAL B 624 13.49 -49.78 8.44
C VAL B 624 12.85 -50.75 9.40
N VAL B 625 12.46 -50.22 10.55
CA VAL B 625 11.79 -51.05 11.54
C VAL B 625 10.47 -50.44 11.92
N VAL B 626 9.49 -51.30 12.10
CA VAL B 626 8.28 -50.98 12.79
C VAL B 626 8.07 -52.01 13.89
N ASP B 627 8.24 -51.57 15.11
CA ASP B 627 8.12 -52.44 16.27
C ASP B 627 6.71 -52.29 16.82
N ASP B 628 6.20 -53.38 17.38
CA ASP B 628 5.01 -53.36 18.21
C ASP B 628 3.84 -52.72 17.48
N ILE B 629 3.62 -53.27 16.28
CA ILE B 629 2.69 -52.69 15.32
C ILE B 629 1.33 -52.48 15.95
N GLU B 630 0.86 -53.50 16.65
CA GLU B 630 -0.49 -53.51 17.17
C GLU B 630 -0.78 -52.38 18.11
N ARG B 631 0.25 -51.79 18.70
CA ARG B 631 0.10 -50.55 19.43
C ARG B 631 0.32 -49.35 18.54
N LEU B 632 1.08 -49.49 17.47
CA LEU B 632 1.27 -48.37 16.58
C LEU B 632 -0.04 -47.99 15.94
N LEU B 633 -0.75 -48.97 15.41
CA LEU B 633 -2.13 -48.80 15.02
C LEU B 633 -2.90 -49.39 16.17
N ASP B 634 -3.61 -48.54 16.89
CA ASP B 634 -4.02 -48.92 18.23
C ASP B 634 -5.07 -50.00 18.12
N TYR B 635 -4.84 -51.11 18.80
CA TYR B 635 -5.71 -52.25 18.64
C TYR B 635 -6.18 -52.66 20.01
N VAL B 636 -7.45 -53.01 20.05
CA VAL B 636 -8.10 -53.53 21.23
C VAL B 636 -9.04 -54.63 20.77
N PRO B 637 -9.09 -55.77 21.43
CA PRO B 637 -10.11 -56.74 21.07
C PRO B 637 -11.50 -56.24 21.37
N ILE B 638 -11.66 -55.56 22.50
CA ILE B 638 -12.97 -55.13 22.95
C ILE B 638 -13.51 -54.09 21.98
N GLY B 639 -14.72 -54.37 21.47
CA GLY B 639 -15.47 -53.46 20.64
C GLY B 639 -14.53 -52.99 19.57
N PRO B 640 -13.94 -53.97 18.88
CA PRO B 640 -12.63 -53.76 18.26
C PRO B 640 -12.54 -52.52 17.43
N ARG B 641 -11.57 -51.71 17.78
CA ARG B 641 -11.39 -50.40 17.22
C ARG B 641 -9.91 -50.14 17.00
N PHE B 642 -9.66 -49.42 15.93
CA PHE B 642 -8.34 -49.05 15.50
C PHE B 642 -8.45 -47.87 14.57
N SER B 643 -7.31 -47.39 14.19
CA SER B 643 -7.18 -46.20 13.40
C SER B 643 -6.98 -46.67 11.97
N ASN B 644 -7.99 -46.50 11.13
CA ASN B 644 -7.95 -47.15 9.84
C ASN B 644 -6.97 -46.50 8.88
N LEU B 645 -6.92 -45.18 8.90
CA LEU B 645 -6.03 -44.46 8.00
C LEU B 645 -4.57 -44.75 8.28
N VAL B 646 -4.25 -45.02 9.54
CA VAL B 646 -2.90 -45.46 9.85
C VAL B 646 -2.60 -46.73 9.10
N LEU B 647 -3.54 -47.66 9.16
CA LEU B 647 -3.36 -48.92 8.48
C LEU B 647 -3.22 -48.70 7.00
N GLN B 648 -4.10 -47.88 6.44
CA GLN B 648 -4.11 -47.70 5.00
C GLN B 648 -2.81 -47.09 4.53
N ALA B 649 -2.32 -46.12 5.30
CA ALA B 649 -1.05 -45.51 5.00
C ALA B 649 0.05 -46.54 5.02
N LEU B 650 0.02 -47.37 6.04
CA LEU B 650 1.05 -48.37 6.20
C LEU B 650 1.00 -49.37 5.06
N LEU B 651 -0.19 -49.82 4.75
CA LEU B 651 -0.38 -50.96 3.88
C LEU B 651 -0.09 -50.60 2.44
N VAL B 652 -0.44 -49.38 2.05
CA VAL B 652 -0.07 -48.92 0.72
C VAL B 652 1.43 -48.81 0.63
N LEU B 653 2.04 -48.38 1.71
CA LEU B 653 3.45 -48.11 1.68
C LEU B 653 4.23 -49.40 1.48
N LEU B 654 3.78 -50.47 2.09
CA LEU B 654 4.41 -51.77 1.95
C LEU B 654 4.54 -52.24 0.51
N LYS B 655 3.70 -51.74 -0.40
CA LYS B 655 3.79 -52.05 -1.81
C LYS B 655 4.20 -50.84 -2.61
N LYS B 656 4.51 -49.74 -1.96
CA LYS B 656 5.10 -48.62 -2.63
C LYS B 656 6.36 -49.02 -3.33
N ALA B 657 6.42 -48.75 -4.62
CA ALA B 657 7.59 -49.06 -5.39
C ALA B 657 8.53 -47.87 -5.24
N PRO B 658 9.70 -48.02 -4.62
CA PRO B 658 10.54 -46.89 -4.39
C PRO B 658 11.05 -46.32 -5.68
N PRO B 659 11.64 -45.14 -5.64
CA PRO B 659 12.26 -44.61 -6.85
C PRO B 659 13.29 -45.61 -7.35
N GLN B 660 13.44 -45.65 -8.67
CA GLN B 660 14.18 -46.72 -9.30
C GLN B 660 15.62 -46.76 -8.82
N GLY B 661 16.00 -47.93 -8.32
CA GLY B 661 17.35 -48.20 -7.91
C GLY B 661 17.57 -48.24 -6.43
N ARG B 662 16.72 -47.61 -5.64
CA ARG B 662 16.95 -47.52 -4.21
C ARG B 662 16.10 -48.60 -3.55
N LYS B 663 16.77 -49.63 -3.08
CA LYS B 663 16.16 -50.80 -2.50
C LYS B 663 15.84 -50.56 -1.04
N LEU B 664 15.05 -51.46 -0.48
CA LEU B 664 14.49 -51.29 0.83
C LEU B 664 14.24 -52.63 1.49
N LEU B 665 14.08 -52.59 2.80
CA LEU B 665 13.70 -53.74 3.60
C LEU B 665 12.82 -53.28 4.73
N ILE B 666 11.92 -54.16 5.15
CA ILE B 666 11.01 -53.87 6.25
C ILE B 666 10.93 -55.07 7.17
N ILE B 667 10.85 -54.78 8.46
CA ILE B 667 10.73 -55.76 9.52
C ILE B 667 9.55 -55.35 10.36
N GLY B 668 8.51 -56.18 10.35
CA GLY B 668 7.35 -55.96 11.19
C GLY B 668 7.46 -56.75 12.46
N THR B 669 6.72 -56.32 13.47
CA THR B 669 6.66 -57.01 14.74
C THR B 669 5.28 -56.96 15.34
N THR B 670 4.76 -58.11 15.72
CA THR B 670 3.49 -58.20 16.42
C THR B 670 3.46 -59.41 17.34
N SER B 671 2.66 -59.29 18.38
CA SER B 671 2.44 -60.43 19.24
C SER B 671 1.39 -61.34 18.64
N ARG B 672 0.36 -60.75 18.05
CA ARG B 672 -0.82 -61.47 17.59
C ARG B 672 -0.96 -61.36 16.09
N LYS B 673 -0.90 -62.50 15.42
CA LYS B 673 -1.08 -62.62 13.99
C LYS B 673 -2.53 -62.86 13.60
N ASP B 674 -3.34 -63.35 14.53
CA ASP B 674 -4.71 -63.73 14.22
C ASP B 674 -5.53 -62.57 13.70
N VAL B 675 -5.44 -61.41 14.35
CA VAL B 675 -6.26 -60.30 13.92
C VAL B 675 -5.75 -59.75 12.61
N LEU B 676 -4.46 -59.93 12.34
CA LEU B 676 -3.95 -59.45 11.07
C LEU B 676 -4.39 -60.31 9.93
N GLN B 677 -4.76 -61.56 10.19
CA GLN B 677 -5.37 -62.36 9.15
C GLN B 677 -6.84 -62.03 9.02
N GLU B 678 -7.43 -61.47 10.07
CA GLU B 678 -8.75 -60.88 9.99
C GLU B 678 -8.67 -59.51 9.33
N MET B 679 -7.53 -58.84 9.49
CA MET B 679 -7.35 -57.48 9.02
C MET B 679 -6.75 -57.41 7.62
N GLU B 680 -6.32 -58.53 7.06
CA GLU B 680 -5.93 -58.60 5.66
C GLU B 680 -4.76 -57.68 5.35
N MET B 681 -3.82 -57.59 6.28
CA MET B 681 -2.50 -57.06 5.97
C MET B 681 -1.39 -58.10 5.85
N LEU B 682 -1.62 -59.31 6.35
CA LEU B 682 -0.58 -60.31 6.22
C LEU B 682 -0.41 -60.81 4.81
N ASN B 683 -1.48 -60.79 4.02
CA ASN B 683 -1.35 -61.12 2.63
C ASN B 683 -0.66 -60.01 1.85
N ALA B 684 -0.42 -58.87 2.49
CA ALA B 684 0.49 -57.89 1.93
C ALA B 684 1.91 -58.25 2.27
N PHE B 685 2.12 -58.76 3.47
CA PHE B 685 3.45 -59.20 3.85
C PHE B 685 3.83 -60.44 3.07
N SER B 686 5.06 -60.45 2.62
CA SER B 686 5.54 -61.51 1.77
C SER B 686 5.56 -62.82 2.52
N THR B 687 6.26 -62.83 3.64
CA THR B 687 6.39 -64.02 4.44
C THR B 687 6.44 -63.65 5.91
N THR B 688 6.32 -64.68 6.73
CA THR B 688 6.23 -64.53 8.16
C THR B 688 7.06 -65.62 8.79
N ILE B 689 7.50 -65.36 10.01
CA ILE B 689 8.34 -66.30 10.74
C ILE B 689 7.93 -66.30 12.20
N HIS B 690 7.64 -67.49 12.70
CA HIS B 690 7.32 -67.69 14.10
C HIS B 690 8.59 -67.89 14.88
N VAL B 691 8.85 -67.00 15.81
CA VAL B 691 9.90 -67.24 16.76
C VAL B 691 9.31 -68.21 17.77
N PRO B 692 9.83 -69.43 17.89
CA PRO B 692 9.32 -70.30 18.94
C PRO B 692 9.80 -69.81 20.29
N ASN B 693 8.88 -69.71 21.22
CA ASN B 693 9.24 -69.38 22.57
C ASN B 693 9.91 -70.59 23.19
N ILE B 694 10.48 -70.41 24.38
CA ILE B 694 11.13 -71.52 25.07
C ILE B 694 10.09 -72.58 25.38
N ALA B 695 10.45 -73.84 25.19
CA ALA B 695 9.53 -74.95 25.41
C ALA B 695 9.97 -75.91 26.50
N THR B 696 11.22 -76.37 26.46
CA THR B 696 11.71 -77.36 27.41
C THR B 696 12.72 -76.77 28.38
N GLY B 697 12.57 -77.16 29.64
CA GLY B 697 13.44 -76.68 30.69
C GLY B 697 14.90 -76.90 30.35
N GLU B 698 15.20 -77.96 29.58
CA GLU B 698 16.58 -78.25 29.26
C GLU B 698 17.17 -77.09 28.48
N GLN B 699 16.43 -76.65 27.47
CA GLN B 699 16.90 -75.54 26.66
C GLN B 699 17.02 -74.31 27.53
N LEU B 700 16.01 -74.15 28.38
CA LEU B 700 15.94 -73.05 29.32
C LEU B 700 17.15 -73.06 30.22
N LEU B 701 17.47 -74.24 30.73
CA LEU B 701 18.53 -74.35 31.71
C LEU B 701 19.87 -73.92 31.14
N GLU B 702 20.07 -74.09 29.83
CA GLU B 702 21.35 -73.68 29.28
C GLU B 702 21.50 -72.18 29.33
N ALA B 703 20.41 -71.47 29.11
CA ALA B 703 20.44 -70.03 29.18
C ALA B 703 20.78 -69.57 30.57
N LEU B 704 20.24 -70.24 31.58
CA LEU B 704 20.61 -69.87 32.93
C LEU B 704 22.11 -70.04 33.12
N GLU B 705 22.65 -71.14 32.62
CA GLU B 705 24.07 -71.36 32.70
C GLU B 705 24.81 -70.28 31.95
N LEU B 706 24.20 -69.81 30.86
CA LEU B 706 24.81 -68.75 30.07
C LEU B 706 24.87 -67.46 30.88
N LEU B 707 23.78 -67.11 31.56
CA LEU B 707 23.80 -65.90 32.37
C LEU B 707 24.60 -66.11 33.65
N GLY B 708 24.49 -67.30 34.23
CA GLY B 708 25.16 -67.62 35.48
C GLY B 708 24.51 -67.03 36.70
N ASN B 709 23.24 -66.63 36.59
CA ASN B 709 22.53 -66.11 37.75
C ASN B 709 22.39 -67.16 38.83
N PHE B 710 22.19 -68.41 38.43
CA PHE B 710 22.16 -69.54 39.34
C PHE B 710 23.35 -70.30 38.79
N LYS B 711 24.48 -70.14 39.46
CA LYS B 711 25.72 -70.65 38.89
C LYS B 711 25.79 -72.17 38.81
N ASP B 712 25.51 -72.89 39.91
CA ASP B 712 25.66 -74.34 39.87
C ASP B 712 24.66 -75.21 40.61
N LYS B 713 24.72 -75.13 41.93
CA LYS B 713 23.93 -76.00 42.77
C LYS B 713 22.46 -75.73 42.57
N GLU B 714 22.11 -74.47 42.48
CA GLU B 714 20.73 -74.08 42.30
C GLU B 714 20.23 -74.61 40.96
N ARG B 715 21.05 -74.47 39.93
CA ARG B 715 20.68 -74.94 38.60
C ARG B 715 20.40 -76.42 38.63
N THR B 716 21.29 -77.17 39.27
CA THR B 716 21.11 -78.62 39.34
C THR B 716 19.90 -79.00 40.18
N THR B 717 19.62 -78.23 41.22
CA THR B 717 18.43 -78.50 42.01
C THR B 717 17.21 -78.39 41.13
N ILE B 718 17.21 -77.38 40.26
CA ILE B 718 16.12 -77.22 39.32
C ILE B 718 16.11 -78.39 38.35
N ALA B 719 17.30 -78.82 37.94
CA ALA B 719 17.41 -79.88 36.95
C ALA B 719 16.76 -81.15 37.46
N GLN B 720 17.03 -81.51 38.70
CA GLN B 720 16.28 -82.61 39.30
C GLN B 720 14.81 -82.26 39.36
N GLN B 721 14.51 -81.01 39.71
CA GLN B 721 13.12 -80.64 39.95
C GLN B 721 12.32 -80.62 38.66
N VAL B 722 12.84 -79.95 37.65
CA VAL B 722 12.17 -79.81 36.37
C VAL B 722 13.07 -80.42 35.31
N LYS B 723 12.73 -81.63 34.87
CA LYS B 723 13.22 -82.09 33.59
C LYS B 723 12.26 -83.18 33.14
N GLY B 724 12.17 -83.39 31.83
CA GLY B 724 11.08 -84.17 31.30
C GLY B 724 9.79 -83.41 31.33
N LYS B 725 9.87 -82.10 31.24
CA LYS B 725 8.74 -81.19 31.25
C LYS B 725 8.83 -80.23 30.09
N LYS B 726 7.68 -79.73 29.69
CA LYS B 726 7.57 -78.72 28.66
C LYS B 726 6.93 -77.54 29.38
N VAL B 727 7.52 -76.37 29.23
CA VAL B 727 6.95 -75.15 29.77
C VAL B 727 6.89 -74.15 28.64
N TRP B 728 5.83 -73.35 28.63
CA TRP B 728 5.73 -72.23 27.72
C TRP B 728 5.63 -70.98 28.57
N ILE B 729 6.70 -70.17 28.58
CA ILE B 729 6.66 -68.85 29.18
C ILE B 729 7.56 -67.93 28.38
N GLY B 730 7.43 -66.64 28.66
CA GLY B 730 8.20 -65.62 27.99
C GLY B 730 9.57 -65.29 28.55
N ILE B 731 10.42 -64.83 27.63
CA ILE B 731 11.81 -64.51 27.94
C ILE B 731 11.93 -63.14 28.57
N LYS B 732 11.30 -62.14 27.97
CA LYS B 732 11.34 -60.81 28.54
C LYS B 732 10.62 -60.78 29.86
N LYS B 733 9.73 -61.74 30.09
CA LYS B 733 9.18 -61.99 31.41
C LYS B 733 10.20 -62.71 32.28
N LEU B 734 10.95 -63.64 31.68
CA LEU B 734 11.88 -64.47 32.44
C LEU B 734 12.98 -63.68 33.11
N LEU B 735 13.56 -62.73 32.39
CA LEU B 735 14.61 -61.92 32.98
C LEU B 735 14.15 -61.25 34.26
N MET B 736 12.98 -60.66 34.22
CA MET B 736 12.58 -59.96 35.40
C MET B 736 12.20 -60.96 36.49
N LEU B 737 11.76 -62.16 36.10
CA LEU B 737 11.49 -63.18 37.11
C LEU B 737 12.75 -63.58 37.84
N ILE B 738 13.80 -63.92 37.08
CA ILE B 738 15.03 -64.32 37.75
C ILE B 738 15.50 -63.18 38.63
N GLU B 739 15.24 -61.94 38.24
CA GLU B 739 15.76 -60.87 39.06
C GLU B 739 14.98 -60.71 40.34
N MET B 740 13.65 -60.80 40.26
CA MET B 740 12.85 -60.67 41.46
C MET B 740 13.19 -61.78 42.44
N SER B 741 13.61 -62.93 41.93
CA SER B 741 14.07 -63.94 42.87
C SER B 741 15.47 -63.62 43.36
N LEU B 742 16.33 -63.12 42.47
CA LEU B 742 17.70 -62.82 42.88
C LEU B 742 17.77 -61.78 43.98
N GLN B 743 16.80 -60.88 44.04
CA GLN B 743 16.61 -60.11 45.26
C GLN B 743 15.62 -60.93 46.07
N MET B 744 16.20 -61.73 46.97
CA MET B 744 15.59 -62.44 48.08
C MET B 744 16.73 -63.10 48.84
N ASP B 745 16.45 -63.60 50.04
CA ASP B 745 17.38 -64.49 50.72
C ASP B 745 17.53 -65.85 50.04
N PRO B 746 18.73 -66.46 50.10
CA PRO B 746 19.00 -67.68 49.33
C PRO B 746 18.15 -68.88 49.62
N GLU B 747 17.64 -68.99 50.83
CA GLU B 747 16.95 -70.22 51.19
C GLU B 747 15.63 -70.33 50.46
N TYR B 748 14.90 -69.23 50.41
CA TYR B 748 13.64 -69.14 49.71
C TYR B 748 13.80 -68.74 48.25
N ARG B 749 15.03 -68.43 47.83
CA ARG B 749 15.27 -67.82 46.53
C ARG B 749 14.74 -68.70 45.40
N VAL B 750 15.22 -69.92 45.33
CA VAL B 750 14.86 -70.78 44.21
C VAL B 750 13.43 -71.24 44.37
N ARG B 751 13.01 -71.41 45.62
CA ARG B 751 11.66 -71.90 45.88
C ARG B 751 10.65 -70.91 45.34
N LYS B 752 10.90 -69.62 45.55
CA LYS B 752 10.03 -68.63 44.95
C LYS B 752 10.21 -68.58 43.45
N PHE B 753 11.39 -68.93 42.95
CA PHE B 753 11.56 -68.92 41.51
C PHE B 753 10.61 -69.89 40.84
N LEU B 754 10.71 -71.15 41.19
CA LEU B 754 9.84 -72.09 40.52
C LEU B 754 8.39 -71.92 40.94
N ALA B 755 8.13 -71.35 42.11
CA ALA B 755 6.74 -71.07 42.45
C ALA B 755 6.15 -70.06 41.48
N LEU B 756 6.86 -68.97 41.25
CA LEU B 756 6.36 -67.97 40.33
C LEU B 756 6.40 -68.45 38.90
N LEU B 757 7.25 -69.42 38.62
CA LEU B 757 7.32 -69.94 37.28
C LEU B 757 6.14 -70.86 36.99
N ARG B 758 5.85 -71.75 37.92
CA ARG B 758 4.74 -72.67 37.77
C ARG B 758 3.41 -71.95 37.86
N GLU B 759 3.42 -70.68 38.26
CA GLU B 759 2.27 -69.80 38.06
C GLU B 759 1.78 -69.82 36.62
N GLU B 760 2.65 -70.13 35.66
CA GLU B 760 2.28 -70.19 34.25
C GLU B 760 2.29 -71.65 33.81
N GLY B 761 1.09 -72.17 33.54
CA GLY B 761 0.95 -73.52 33.03
C GLY B 761 1.10 -73.63 31.52
N ALA B 762 0.69 -72.59 30.79
CA ALA B 762 0.73 -72.61 29.33
C ALA B 762 0.46 -71.22 28.76
N MET C 25 6.95 51.15 -59.81
CA MET C 25 7.98 50.07 -59.71
C MET C 25 9.23 50.47 -58.94
N ALA C 26 9.55 51.78 -58.98
CA ALA C 26 10.73 52.30 -58.30
C ALA C 26 10.78 51.97 -56.82
N GLY C 27 9.64 51.69 -56.20
CA GLY C 27 9.62 51.39 -54.79
C GLY C 27 9.71 52.72 -54.09
N ARG C 28 8.73 53.03 -53.24
CA ARG C 28 8.73 54.30 -52.52
C ARG C 28 8.76 54.03 -51.04
N SER C 29 9.49 54.86 -50.31
CA SER C 29 9.50 54.70 -48.87
C SER C 29 8.15 55.17 -48.37
N MET C 30 7.55 54.36 -47.52
CA MET C 30 6.26 54.63 -46.91
C MET C 30 6.43 54.42 -45.42
N GLN C 31 5.40 54.77 -44.67
CA GLN C 31 5.40 54.61 -43.23
C GLN C 31 4.21 53.73 -42.87
N ALA C 32 4.50 52.61 -42.23
CA ALA C 32 3.43 51.71 -41.80
C ALA C 32 2.56 52.47 -40.82
N ALA C 33 1.27 52.52 -41.11
CA ALA C 33 0.31 53.27 -40.31
C ALA C 33 -0.74 52.33 -39.73
N ARG C 34 -1.84 52.90 -39.24
CA ARG C 34 -2.92 52.15 -38.60
C ARG C 34 -4.13 52.10 -39.50
N CYS C 35 -4.80 50.95 -39.50
CA CYS C 35 -5.98 50.77 -40.32
C CYS C 35 -7.02 51.85 -39.98
N PRO C 36 -7.62 52.54 -40.98
CA PRO C 36 -8.63 53.55 -40.67
C PRO C 36 -9.76 53.07 -39.76
N THR C 37 -10.62 52.18 -40.25
CA THR C 37 -11.78 51.69 -39.52
C THR C 37 -11.63 50.19 -39.24
N ASP C 38 -12.72 49.60 -38.71
CA ASP C 38 -12.75 48.19 -38.38
C ASP C 38 -13.23 47.34 -39.55
N GLU C 39 -13.76 47.96 -40.61
CA GLU C 39 -14.22 47.21 -41.77
C GLU C 39 -13.04 46.67 -42.57
N LEU C 40 -12.08 47.54 -42.86
CA LEU C 40 -10.90 47.17 -43.63
C LEU C 40 -9.89 46.36 -42.83
N SER C 41 -10.04 46.29 -41.51
CA SER C 41 -9.14 45.51 -40.68
C SER C 41 -9.45 44.03 -40.81
N LEU C 42 -10.64 43.71 -41.35
CA LEU C 42 -11.12 42.38 -41.58
C LEU C 42 -10.81 41.90 -42.99
N SER C 43 -10.21 42.74 -43.82
CA SER C 43 -9.89 42.42 -45.21
C SER C 43 -8.45 42.02 -45.50
N ASN C 44 -7.52 42.25 -44.57
CA ASN C 44 -6.10 41.91 -44.77
C ASN C 44 -5.57 42.53 -46.05
N CYS C 45 -5.89 43.80 -46.25
CA CYS C 45 -5.46 44.56 -47.42
C CYS C 45 -4.71 45.79 -46.92
N ALA C 46 -3.56 46.07 -47.54
CA ALA C 46 -2.80 47.23 -47.15
C ALA C 46 -3.61 48.47 -47.50
N VAL C 47 -4.36 48.97 -46.52
CA VAL C 47 -5.21 50.12 -46.75
C VAL C 47 -4.33 51.33 -47.05
N VAL C 48 -4.67 52.01 -48.15
CA VAL C 48 -3.94 53.18 -48.63
C VAL C 48 -4.95 54.26 -49.02
N SER C 49 -4.40 55.37 -49.50
CA SER C 49 -5.18 56.50 -49.95
C SER C 49 -5.41 56.39 -51.44
N GLU C 50 -6.54 56.93 -51.90
CA GLU C 50 -6.82 56.93 -53.32
C GLU C 50 -5.90 57.86 -54.09
N LYS C 51 -5.14 58.70 -53.37
CA LYS C 51 -4.23 59.68 -53.93
C LYS C 51 -2.83 59.13 -54.24
N ASP C 52 -2.53 57.87 -53.87
CA ASP C 52 -1.20 57.31 -54.16
C ASP C 52 -1.30 56.11 -55.09
N TYR C 53 -1.91 55.02 -54.65
CA TYR C 53 -2.08 53.79 -55.40
C TYR C 53 -3.58 53.51 -55.53
N GLN C 54 -3.93 52.35 -56.10
CA GLN C 54 -5.33 51.98 -56.29
C GLN C 54 -5.64 50.57 -55.78
N SER C 55 -6.85 50.41 -55.25
CA SER C 55 -7.35 49.14 -54.73
C SER C 55 -7.42 48.11 -55.84
N GLY C 56 -6.69 47.02 -55.67
CA GLY C 56 -6.65 45.95 -56.65
C GLY C 56 -5.20 45.64 -56.96
N GLN C 57 -4.38 46.68 -56.89
CA GLN C 57 -2.96 46.54 -57.15
C GLN C 57 -2.32 45.77 -56.00
N HIS C 58 -1.18 45.17 -56.28
CA HIS C 58 -0.45 44.39 -55.29
C HIS C 58 0.90 45.03 -55.02
N VAL C 59 1.36 44.93 -53.77
CA VAL C 59 2.64 45.50 -53.37
C VAL C 59 3.40 44.53 -52.49
N ILE C 60 4.70 44.81 -52.39
CA ILE C 60 5.64 44.03 -51.60
C ILE C 60 6.31 45.00 -50.65
N VAL C 61 5.97 44.86 -49.39
CA VAL C 61 6.55 45.61 -48.30
C VAL C 61 7.94 45.05 -48.04
N ARG C 62 8.90 45.95 -47.91
CA ARG C 62 10.30 45.64 -47.67
C ARG C 62 10.74 46.35 -46.40
N THR C 63 11.14 45.57 -45.39
CA THR C 63 11.62 46.15 -44.14
C THR C 63 13.09 45.87 -43.88
N SER C 64 13.64 44.83 -44.49
CA SER C 64 15.03 44.46 -44.30
C SER C 64 15.35 43.38 -45.33
N PRO C 65 16.64 43.12 -45.57
CA PRO C 65 16.99 42.08 -46.56
C PRO C 65 16.32 40.74 -46.33
N ASN C 66 16.03 40.40 -45.07
CA ASN C 66 15.41 39.13 -44.73
C ASN C 66 13.95 39.32 -44.32
N HIS C 67 13.30 40.36 -44.83
CA HIS C 67 11.88 40.60 -44.57
C HIS C 67 11.26 41.30 -45.78
N LYS C 68 10.62 40.47 -46.61
CA LYS C 68 9.88 40.87 -47.78
C LYS C 68 8.54 40.22 -47.60
N TYR C 69 7.49 41.01 -47.48
CA TYR C 69 6.14 40.53 -47.25
C TYR C 69 5.28 41.15 -48.35
N ILE C 70 4.24 40.44 -48.79
CA ILE C 70 3.41 40.90 -49.89
C ILE C 70 2.01 41.17 -49.37
N PHE C 71 1.49 42.35 -49.71
CA PHE C 71 0.17 42.81 -49.30
C PHE C 71 -0.65 43.26 -50.51
N THR C 72 -1.95 43.41 -50.24
CA THR C 72 -2.95 43.82 -51.21
C THR C 72 -3.33 45.26 -50.90
N LEU C 73 -3.34 46.11 -51.91
CA LEU C 73 -3.69 47.50 -51.68
C LEU C 73 -5.19 47.67 -51.65
N ARG C 74 -5.64 48.58 -50.81
CA ARG C 74 -7.07 48.88 -50.66
C ARG C 74 -7.22 50.35 -50.30
N THR C 75 -7.41 51.19 -51.31
CA THR C 75 -7.56 52.62 -51.07
C THR C 75 -8.71 52.91 -50.10
N HIS C 76 -8.66 54.10 -49.51
CA HIS C 76 -9.70 54.53 -48.58
C HIS C 76 -9.60 56.05 -48.38
N PRO C 77 -10.73 56.79 -48.43
CA PRO C 77 -10.67 58.27 -48.30
C PRO C 77 -10.14 58.87 -47.00
N SER C 78 -9.51 58.12 -46.09
CA SER C 78 -9.02 58.71 -44.84
C SER C 78 -7.55 58.39 -44.58
N VAL C 79 -6.79 58.11 -45.64
CA VAL C 79 -5.36 57.84 -45.54
C VAL C 79 -4.67 59.08 -46.10
N VAL C 80 -3.58 59.46 -45.44
CA VAL C 80 -2.82 60.65 -45.83
C VAL C 80 -1.85 60.24 -46.94
N PRO C 81 -1.85 60.92 -48.12
CA PRO C 81 -0.90 60.57 -49.18
C PRO C 81 0.53 60.53 -48.65
N GLY C 82 1.17 59.39 -48.82
CA GLY C 82 2.51 59.17 -48.31
C GLY C 82 2.54 58.37 -47.04
N SER C 83 1.57 57.50 -46.82
CA SER C 83 1.51 56.64 -45.66
C SER C 83 0.61 55.47 -46.01
N VAL C 84 0.95 54.29 -45.49
CA VAL C 84 0.21 53.07 -45.76
C VAL C 84 -0.36 52.60 -44.44
N ALA C 85 -1.65 52.29 -44.43
CA ALA C 85 -2.33 51.80 -43.24
C ALA C 85 -2.35 50.28 -43.21
N PHE C 86 -2.01 49.73 -42.05
CA PHE C 86 -1.97 48.29 -41.81
C PHE C 86 -2.81 47.92 -40.60
N SER C 87 -3.39 46.73 -40.69
CA SER C 87 -4.19 46.17 -39.64
C SER C 87 -3.30 45.46 -38.64
N LEU C 88 -3.86 45.24 -37.45
CA LEU C 88 -3.15 44.52 -36.40
C LEU C 88 -2.64 43.17 -36.84
N PRO C 89 -3.45 42.28 -37.45
CA PRO C 89 -2.89 40.99 -37.90
C PRO C 89 -1.71 41.13 -38.84
N GLN C 90 -1.75 42.10 -39.75
CA GLN C 90 -0.62 42.31 -40.64
C GLN C 90 0.56 42.80 -39.84
N ARG C 91 0.30 43.75 -38.94
CA ARG C 91 1.34 44.28 -38.08
C ARG C 91 1.78 43.24 -37.06
N LYS C 92 0.89 42.34 -36.67
CA LYS C 92 1.23 41.26 -35.75
C LYS C 92 1.78 40.06 -36.48
N TRP C 93 1.95 40.18 -37.79
CA TRP C 93 2.54 39.19 -38.67
C TRP C 93 3.83 39.75 -39.22
N ALA C 94 3.74 40.95 -39.80
CA ALA C 94 4.90 41.65 -40.31
C ALA C 94 5.68 42.39 -39.24
N GLY C 95 5.17 42.46 -38.00
CA GLY C 95 5.85 43.15 -36.93
C GLY C 95 6.03 44.62 -37.26
N LEU C 96 4.93 45.30 -37.57
CA LEU C 96 4.97 46.68 -38.01
C LEU C 96 4.21 47.59 -37.04
N SER C 97 4.65 48.85 -36.93
CA SER C 97 3.96 49.84 -36.09
C SER C 97 3.74 51.12 -36.86
N ILE C 98 2.94 51.96 -36.23
CA ILE C 98 2.55 53.26 -36.75
C ILE C 98 3.78 54.16 -36.73
N GLY C 99 4.46 54.32 -37.87
CA GLY C 99 5.58 55.25 -37.95
C GLY C 99 7.04 54.86 -38.15
N GLN C 100 7.34 53.79 -38.90
CA GLN C 100 8.72 53.43 -39.23
C GLN C 100 8.87 53.52 -40.73
N GLU C 101 10.11 53.59 -41.21
CA GLU C 101 10.36 53.67 -42.64
C GLU C 101 10.39 52.25 -43.21
N ILE C 102 9.67 52.07 -44.32
CA ILE C 102 9.54 50.81 -45.02
C ILE C 102 9.54 51.17 -46.49
N GLU C 103 9.90 50.22 -47.35
CA GLU C 103 9.86 50.45 -48.79
C GLU C 103 8.77 49.57 -49.37
N VAL C 104 7.81 50.18 -50.05
CA VAL C 104 6.71 49.43 -50.65
C VAL C 104 6.85 49.59 -52.15
N ALA C 105 6.71 48.47 -52.88
CA ALA C 105 6.83 48.52 -54.32
C ALA C 105 5.77 47.64 -54.98
N LEU C 106 5.22 48.10 -56.10
CA LEU C 106 4.23 47.32 -56.82
C LEU C 106 4.88 46.01 -57.27
N TYR C 107 4.14 44.91 -57.09
CA TYR C 107 4.61 43.58 -57.46
C TYR C 107 3.53 42.89 -58.27
N SER C 108 3.91 42.40 -59.45
CA SER C 108 2.97 41.75 -60.37
C SER C 108 3.17 40.24 -60.35
N PHE C 109 2.18 39.54 -59.83
CA PHE C 109 2.19 38.09 -59.72
C PHE C 109 2.24 37.44 -61.09
N ASP C 110 2.46 36.12 -61.06
CA ASP C 110 2.52 35.28 -62.23
C ASP C 110 1.30 34.38 -62.10
N LYS C 111 0.25 34.71 -62.84
CA LYS C 111 -1.05 34.06 -62.68
C LYS C 111 -0.95 32.56 -62.94
N ALA C 112 -0.10 32.17 -63.89
CA ALA C 112 -0.02 30.78 -64.29
C ALA C 112 0.32 29.85 -63.13
N LYS C 113 1.28 30.24 -62.28
CA LYS C 113 1.70 29.41 -61.17
C LYS C 113 1.41 30.00 -59.79
N GLN C 114 0.58 31.03 -59.68
CA GLN C 114 0.30 31.64 -58.37
C GLN C 114 -1.19 31.81 -58.10
N CYS C 115 -2.07 31.29 -58.95
CA CYS C 115 -3.49 31.35 -58.66
C CYS C 115 -3.81 30.24 -57.68
N ILE C 116 -4.56 30.58 -56.64
CA ILE C 116 -4.87 29.65 -55.57
C ILE C 116 -6.01 28.74 -56.02
N GLY C 117 -5.83 27.43 -55.85
CA GLY C 117 -6.87 26.48 -56.21
C GLY C 117 -7.33 25.62 -55.05
N THR C 118 -6.46 25.43 -54.05
CA THR C 118 -6.79 24.66 -52.84
C THR C 118 -5.83 25.16 -51.77
N MET C 119 -6.36 25.82 -50.75
CA MET C 119 -5.56 26.43 -49.69
C MET C 119 -6.05 26.08 -48.29
N THR C 120 -5.18 25.43 -47.52
CA THR C 120 -5.46 25.07 -46.14
C THR C 120 -5.20 26.24 -45.22
N ILE C 121 -6.07 26.41 -44.23
CA ILE C 121 -5.96 27.48 -43.24
C ILE C 121 -6.28 26.93 -41.86
N GLU C 122 -5.46 27.30 -40.88
CA GLU C 122 -5.68 26.95 -39.48
C GLU C 122 -6.52 28.06 -38.87
N ILE C 123 -7.75 27.73 -38.51
CA ILE C 123 -8.72 28.67 -38.01
C ILE C 123 -8.82 28.56 -36.50
N ASP C 124 -9.07 29.70 -35.85
CA ASP C 124 -9.17 29.75 -34.42
C ASP C 124 -9.83 31.06 -34.01
N PHE C 125 -10.61 30.99 -32.94
CA PHE C 125 -11.28 32.15 -32.38
C PHE C 125 -10.30 33.26 -32.07
N LEU C 126 -10.63 34.46 -32.53
CA LEU C 126 -9.74 35.59 -32.31
C LEU C 126 -9.78 36.05 -30.87
N GLN C 127 -10.97 36.24 -30.32
CA GLN C 127 -11.15 36.71 -28.95
C GLN C 127 -11.36 35.53 -28.02
N LYS C 128 -10.37 35.28 -27.13
CA LYS C 128 -10.46 34.18 -26.19
C LYS C 128 -11.60 34.32 -25.18
N LYS C 129 -12.19 35.50 -25.04
CA LYS C 129 -13.28 35.72 -24.09
C LYS C 129 -14.63 35.73 -24.79
N ASN C 130 -14.70 35.05 -25.93
CA ASN C 130 -15.87 34.95 -26.77
C ASN C 130 -15.94 33.55 -27.36
N ILE C 131 -15.43 32.55 -26.64
CA ILE C 131 -15.35 31.19 -27.14
C ILE C 131 -16.67 30.48 -26.91
N ASP C 132 -17.19 29.88 -27.97
CA ASP C 132 -18.42 29.08 -27.93
C ASP C 132 -18.16 27.73 -28.57
N SER C 133 -19.18 26.88 -28.58
CA SER C 133 -19.13 25.56 -29.19
C SER C 133 -20.17 25.38 -30.30
N ASN C 134 -20.80 26.46 -30.75
CA ASN C 134 -21.84 26.30 -31.74
C ASN C 134 -21.22 25.87 -33.07
N PRO C 135 -21.92 25.07 -33.88
CA PRO C 135 -21.35 24.67 -35.17
C PRO C 135 -21.58 25.71 -36.26
N TYR C 136 -20.54 25.92 -37.05
CA TYR C 136 -20.53 26.85 -38.16
C TYR C 136 -20.10 26.09 -39.41
N ASP C 137 -21.05 25.85 -40.31
CA ASP C 137 -20.77 25.10 -41.52
C ASP C 137 -19.70 25.77 -42.37
N THR C 138 -18.59 25.06 -42.57
CA THR C 138 -17.48 25.55 -43.37
C THR C 138 -17.90 25.75 -44.81
N ASP C 139 -18.80 24.90 -45.31
CA ASP C 139 -19.28 25.02 -46.68
C ASP C 139 -19.77 26.45 -46.96
N LYS C 140 -20.33 27.12 -45.94
CA LYS C 140 -20.73 28.53 -46.04
C LYS C 140 -19.54 29.45 -45.83
N MET C 141 -18.57 28.98 -45.05
CA MET C 141 -17.42 29.81 -44.72
C MET C 141 -16.52 30.00 -45.93
N ALA C 142 -16.24 28.92 -46.67
CA ALA C 142 -15.42 29.04 -47.87
C ALA C 142 -16.08 29.96 -48.89
N ALA C 143 -17.39 29.85 -49.05
CA ALA C 143 -18.10 30.69 -50.00
C ALA C 143 -18.03 32.15 -49.58
N GLU C 144 -18.14 32.43 -48.28
CA GLU C 144 -18.04 33.81 -47.84
C GLU C 144 -16.60 34.28 -47.84
N PHE C 145 -15.66 33.34 -47.73
CA PHE C 145 -14.24 33.63 -47.71
C PHE C 145 -13.78 34.12 -49.06
N ILE C 146 -14.25 33.47 -50.13
CA ILE C 146 -13.88 33.87 -51.49
C ILE C 146 -14.69 35.09 -51.93
N GLN C 147 -15.83 35.34 -51.30
CA GLN C 147 -16.67 36.49 -51.65
C GLN C 147 -16.18 37.77 -50.98
N GLN C 148 -15.19 37.67 -50.11
CA GLN C 148 -14.67 38.81 -49.38
C GLN C 148 -13.18 39.02 -49.59
N PHE C 149 -12.41 37.93 -49.74
CA PHE C 149 -10.96 37.99 -49.91
C PHE C 149 -10.57 37.70 -51.35
N ASN C 150 -11.38 38.14 -52.30
CA ASN C 150 -11.05 37.90 -53.69
C ASN C 150 -10.01 38.90 -54.17
N ASN C 151 -9.21 38.46 -55.13
CA ASN C 151 -8.16 39.30 -55.70
C ASN C 151 -7.19 39.79 -54.63
N GLN C 152 -6.83 38.92 -53.69
CA GLN C 152 -5.89 39.27 -52.64
C GLN C 152 -4.67 38.35 -52.67
N ALA C 153 -3.59 38.84 -52.06
CA ALA C 153 -2.32 38.13 -52.00
C ALA C 153 -2.20 37.47 -50.63
N PHE C 154 -1.91 36.18 -50.62
CA PHE C 154 -1.78 35.39 -49.39
C PHE C 154 -0.52 34.54 -49.44
N SER C 155 0.29 34.61 -48.38
CA SER C 155 1.52 33.85 -48.26
C SER C 155 1.36 32.76 -47.22
N VAL C 156 2.27 31.79 -47.27
CA VAL C 156 2.22 30.66 -46.34
C VAL C 156 2.54 31.15 -44.93
N GLY C 157 1.74 30.69 -43.97
CA GLY C 157 1.91 31.08 -42.58
C GLY C 157 1.30 32.41 -42.23
N GLN C 158 0.63 33.06 -43.18
CA GLN C 158 0.04 34.36 -42.90
C GLN C 158 -1.19 34.22 -42.00
N GLN C 159 -1.31 35.14 -41.06
CA GLN C 159 -2.40 35.20 -40.11
C GLN C 159 -3.25 36.44 -40.38
N LEU C 160 -4.54 36.31 -40.16
CA LEU C 160 -5.47 37.42 -40.41
C LEU C 160 -6.75 37.15 -39.63
N VAL C 161 -7.77 37.99 -39.81
CA VAL C 161 -9.03 37.83 -39.09
C VAL C 161 -10.23 37.82 -40.03
N PHE C 162 -11.14 36.87 -39.80
CA PHE C 162 -12.36 36.72 -40.60
C PHE C 162 -13.62 36.94 -39.77
N SER C 163 -14.58 37.66 -40.32
CA SER C 163 -15.85 37.99 -39.66
C SER C 163 -16.98 37.12 -40.23
N PHE C 164 -17.32 36.01 -39.54
CA PHE C 164 -18.36 35.07 -39.98
C PHE C 164 -19.58 35.18 -39.06
N ASN C 165 -20.69 35.69 -39.61
CA ASN C 165 -21.94 35.84 -38.84
C ASN C 165 -21.71 36.68 -37.59
N ASP C 166 -21.06 37.81 -37.78
CA ASP C 166 -20.75 38.75 -36.70
C ASP C 166 -19.96 38.06 -35.59
N LYS C 167 -18.95 37.31 -36.00
CA LYS C 167 -18.05 36.62 -35.10
C LYS C 167 -16.65 36.71 -35.68
N LEU C 168 -15.74 37.18 -34.86
CA LEU C 168 -14.34 37.34 -35.25
C LEU C 168 -13.59 36.04 -35.07
N PHE C 169 -12.79 35.69 -36.08
CA PHE C 169 -11.95 34.50 -36.05
C PHE C 169 -10.56 34.94 -36.41
N GLY C 170 -9.61 34.06 -36.13
CA GLY C 170 -8.20 34.31 -36.39
C GLY C 170 -7.65 33.26 -37.32
N LEU C 171 -7.66 33.58 -38.61
CA LEU C 171 -7.16 32.67 -39.61
C LEU C 171 -5.64 32.63 -39.58
N LEU C 172 -5.11 31.57 -40.20
CA LEU C 172 -3.67 31.33 -40.25
C LEU C 172 -3.40 30.46 -41.46
N VAL C 173 -2.94 31.08 -42.56
CA VAL C 173 -2.62 30.37 -43.79
C VAL C 173 -1.59 29.27 -43.55
N LYS C 174 -2.01 28.01 -43.70
CA LYS C 174 -1.13 26.86 -43.50
C LYS C 174 -0.50 26.32 -44.77
N ASP C 175 -1.22 26.34 -45.89
CA ASP C 175 -0.65 25.82 -47.13
C ASP C 175 -1.47 26.37 -48.29
N ILE C 176 -0.78 26.60 -49.41
CA ILE C 176 -1.35 27.16 -50.63
C ILE C 176 -0.97 26.22 -51.77
N GLU C 177 -1.88 26.04 -52.74
CA GLU C 177 -1.59 25.22 -53.91
C GLU C 177 -2.01 25.95 -55.18
N ALA C 178 -1.18 25.81 -56.21
CA ALA C 178 -1.42 26.42 -57.50
C ALA C 178 -2.17 25.47 -58.45
N MET C 179 -2.82 26.06 -59.45
CA MET C 179 -3.51 25.28 -60.47
C MET C 179 -2.49 24.71 -61.46
N ARG C 193 -0.74 18.29 -57.92
CA ARG C 193 -0.90 19.40 -56.99
C ARG C 193 0.45 20.07 -56.79
N GLN C 194 0.51 21.38 -56.99
CA GLN C 194 1.76 22.13 -56.83
C GLN C 194 1.59 23.15 -55.72
N LYS C 195 2.47 23.08 -54.73
CA LYS C 195 2.47 23.96 -53.56
C LYS C 195 3.30 25.21 -53.82
N ILE C 196 2.79 26.36 -53.37
CA ILE C 196 3.42 27.66 -53.59
C ILE C 196 3.49 28.45 -52.29
N GLU C 197 4.51 29.32 -52.19
CA GLU C 197 4.73 30.12 -51.01
C GLU C 197 3.83 31.34 -50.92
N VAL C 198 3.46 31.90 -52.06
CA VAL C 198 2.57 33.06 -52.11
C VAL C 198 1.66 32.92 -53.32
N GLY C 199 0.38 33.26 -53.13
CA GLY C 199 -0.59 33.15 -54.20
C GLY C 199 -1.54 34.32 -54.22
N LEU C 200 -2.51 34.21 -55.14
CA LEU C 200 -3.50 35.25 -55.44
C LEU C 200 -4.89 34.66 -55.39
N VAL C 201 -5.70 35.04 -54.39
CA VAL C 201 -7.05 34.52 -54.37
C VAL C 201 -7.78 35.05 -55.59
N VAL C 202 -8.38 34.13 -56.33
CA VAL C 202 -9.15 34.42 -57.53
C VAL C 202 -10.56 33.92 -57.28
N GLY C 203 -11.38 33.91 -58.32
CA GLY C 203 -12.75 33.45 -58.17
C GLY C 203 -12.85 31.94 -57.97
N ASN C 204 -12.00 31.17 -58.65
CA ASN C 204 -12.04 29.71 -58.58
C ASN C 204 -11.01 29.13 -57.60
N SER C 205 -10.82 29.75 -56.45
CA SER C 205 -9.90 29.24 -55.43
C SER C 205 -10.68 28.54 -54.34
N GLN C 206 -10.32 27.27 -54.08
CA GLN C 206 -10.98 26.49 -53.05
C GLN C 206 -10.19 26.63 -51.77
N VAL C 207 -10.89 26.76 -50.66
CA VAL C 207 -10.25 26.94 -49.37
C VAL C 207 -10.77 25.93 -48.37
N ALA C 208 -9.86 25.50 -47.49
CA ALA C 208 -10.13 24.54 -46.45
C ALA C 208 -9.73 25.13 -45.11
N PHE C 209 -10.53 24.85 -44.09
CA PHE C 209 -10.26 25.30 -42.74
C PHE C 209 -10.03 24.10 -41.85
N GLU C 210 -9.29 24.33 -40.77
CA GLU C 210 -9.01 23.26 -39.81
C GLU C 210 -8.82 23.93 -38.46
N LYS C 211 -9.55 23.46 -37.46
CA LYS C 211 -9.45 24.07 -36.15
C LYS C 211 -8.03 23.96 -35.61
N ALA C 212 -7.68 24.94 -34.80
CA ALA C 212 -6.41 24.83 -34.11
C ALA C 212 -6.58 23.80 -33.00
N GLU C 213 -5.45 23.30 -32.51
CA GLU C 213 -5.49 22.31 -31.45
C GLU C 213 -6.18 22.87 -30.21
N ASN C 214 -5.87 24.11 -29.88
CA ASN C 214 -6.51 24.79 -28.76
C ASN C 214 -8.00 25.01 -29.00
N SER C 215 -8.40 25.23 -30.25
CA SER C 215 -9.78 25.56 -30.59
C SER C 215 -10.79 24.49 -30.22
N SER C 216 -11.98 24.98 -29.88
CA SER C 216 -13.15 24.20 -29.52
C SER C 216 -14.20 24.25 -30.63
N LEU C 217 -13.88 24.92 -31.74
CA LEU C 217 -14.73 25.07 -32.91
C LEU C 217 -15.22 23.75 -33.50
N ASN C 218 -16.53 23.59 -33.53
CA ASN C 218 -17.17 22.40 -34.08
C ASN C 218 -17.45 22.69 -35.55
N LEU C 219 -16.42 22.51 -36.37
CA LEU C 219 -16.53 22.80 -37.80
C LEU C 219 -17.40 21.77 -38.51
N ILE C 220 -18.03 22.21 -39.60
CA ILE C 220 -18.90 21.35 -40.40
C ILE C 220 -18.60 21.59 -41.88
N GLY C 221 -18.91 20.58 -42.69
CA GLY C 221 -18.75 20.55 -44.13
C GLY C 221 -17.49 19.81 -44.57
N LYS C 222 -17.51 19.34 -45.82
CA LYS C 222 -16.39 18.60 -46.40
C LYS C 222 -15.13 19.44 -46.65
N ALA C 223 -15.28 20.75 -46.84
CA ALA C 223 -14.15 21.63 -47.19
C ALA C 223 -13.05 21.63 -46.14
N LYS C 224 -13.35 21.28 -44.90
CA LYS C 224 -12.35 21.30 -43.85
C LYS C 224 -11.14 20.43 -44.14
N THR C 225 -11.34 19.23 -44.68
CA THR C 225 -10.20 18.30 -44.94
C THR C 225 -9.33 18.07 -43.73
N ILE C 232 -8.31 8.52 -43.94
CA ILE C 232 -8.78 7.42 -43.09
C ILE C 232 -7.71 7.00 -42.10
N ILE C 233 -8.16 6.63 -40.90
CA ILE C 233 -7.31 6.19 -39.82
C ILE C 233 -7.61 4.71 -39.60
N ASN C 234 -6.58 3.88 -39.68
CA ASN C 234 -6.66 2.44 -39.50
C ASN C 234 -5.76 1.99 -38.35
N PRO C 235 -6.26 1.15 -37.44
CA PRO C 235 -5.41 0.74 -36.32
C PRO C 235 -4.55 -0.47 -36.62
N ASP C 236 -4.77 -1.21 -37.70
CA ASP C 236 -4.01 -2.42 -37.99
C ASP C 236 -3.27 -2.34 -39.33
N TRP C 237 -1.99 -1.99 -39.23
CA TRP C 237 -1.13 -1.72 -40.38
C TRP C 237 -0.27 -2.90 -40.84
N ASN C 238 0.42 -3.58 -39.91
CA ASN C 238 1.31 -4.69 -40.25
C ASN C 238 1.26 -5.82 -39.23
N PHE C 239 0.67 -6.95 -39.58
CA PHE C 239 0.70 -8.13 -38.70
C PHE C 239 0.59 -9.32 -39.66
N GLU C 240 1.68 -9.61 -40.36
CA GLU C 240 1.62 -10.66 -41.37
C GLU C 240 1.30 -12.02 -40.77
N LYS C 241 2.05 -12.42 -39.76
CA LYS C 241 1.80 -13.60 -38.98
C LYS C 241 2.64 -13.43 -37.74
N MET C 242 2.07 -13.76 -36.61
CA MET C 242 2.68 -13.58 -35.30
C MET C 242 2.69 -14.79 -34.40
N GLY C 243 3.87 -15.37 -34.23
CA GLY C 243 4.20 -16.32 -33.18
C GLY C 243 3.19 -17.33 -32.68
N ILE C 244 2.23 -17.72 -33.52
CA ILE C 244 1.11 -18.55 -33.09
C ILE C 244 0.90 -19.70 -34.05
N GLY C 245 0.60 -20.85 -33.48
CA GLY C 245 0.07 -21.94 -34.25
C GLY C 245 -0.95 -22.71 -33.43
N GLY C 246 -1.88 -23.33 -34.12
CA GLY C 246 -2.91 -24.13 -33.53
C GLY C 246 -4.17 -23.38 -33.19
N LEU C 247 -4.12 -22.05 -33.15
CA LEU C 247 -5.20 -21.24 -32.62
C LEU C 247 -5.95 -20.49 -33.70
N ASP C 248 -5.77 -20.89 -34.96
CA ASP C 248 -6.23 -20.10 -36.08
C ASP C 248 -7.72 -19.89 -36.09
N LYS C 249 -8.48 -20.74 -35.39
CA LYS C 249 -9.89 -20.50 -35.21
C LYS C 249 -10.14 -19.46 -34.12
N GLU C 250 -9.42 -19.56 -33.03
CA GLU C 250 -9.74 -18.78 -31.86
C GLU C 250 -9.38 -17.32 -32.06
N PHE C 251 -8.24 -17.09 -32.70
CA PHE C 251 -7.86 -15.73 -33.07
C PHE C 251 -8.86 -15.15 -34.02
N SER C 252 -9.43 -15.97 -34.89
CA SER C 252 -10.42 -15.49 -35.82
C SER C 252 -11.66 -15.08 -35.07
N ASP C 253 -12.02 -15.86 -34.06
CA ASP C 253 -13.22 -15.59 -33.29
C ASP C 253 -13.10 -14.26 -32.56
N ILE C 254 -12.01 -14.12 -31.82
CA ILE C 254 -11.79 -12.87 -31.09
C ILE C 254 -11.71 -11.71 -32.04
N PHE C 255 -11.11 -11.93 -33.20
CA PHE C 255 -10.89 -10.85 -34.13
C PHE C 255 -12.21 -10.34 -34.66
N ARG C 256 -13.01 -11.26 -35.19
CA ARG C 256 -14.27 -10.86 -35.76
C ARG C 256 -15.17 -10.22 -34.73
N ARG C 257 -15.15 -10.75 -33.51
CA ARG C 257 -16.09 -10.26 -32.52
C ARG C 257 -15.71 -8.87 -32.01
N ALA C 258 -14.45 -8.68 -31.66
CA ALA C 258 -14.04 -7.47 -30.95
C ALA C 258 -13.24 -6.48 -31.75
N PHE C 259 -12.86 -6.78 -32.98
CA PHE C 259 -12.25 -5.79 -33.84
C PHE C 259 -13.05 -5.44 -35.09
N ALA C 260 -14.23 -5.99 -35.27
CA ALA C 260 -14.95 -5.67 -36.49
C ALA C 260 -15.69 -4.36 -36.33
N SER C 261 -16.24 -4.12 -35.14
CA SER C 261 -16.80 -2.82 -34.85
C SER C 261 -15.73 -1.77 -35.05
N ARG C 262 -14.52 -2.07 -34.58
CA ARG C 262 -13.37 -1.21 -34.83
C ARG C 262 -13.10 -1.11 -36.32
N VAL C 263 -12.89 -2.26 -36.96
CA VAL C 263 -12.41 -2.31 -38.33
C VAL C 263 -13.65 -2.45 -39.21
N PHE C 264 -14.11 -1.32 -39.71
CA PHE C 264 -15.31 -1.27 -40.53
C PHE C 264 -15.43 0.19 -41.04
N PRO C 265 -16.23 0.45 -42.06
CA PRO C 265 -16.58 1.84 -42.36
C PRO C 265 -17.52 2.43 -41.32
N PRO C 266 -17.21 3.60 -40.76
CA PRO C 266 -18.07 4.16 -39.71
C PRO C 266 -19.50 4.42 -40.14
N GLU C 267 -19.71 4.75 -41.41
CA GLU C 267 -21.01 5.26 -41.81
C GLU C 267 -22.08 4.23 -41.54
N ILE C 268 -21.80 3.00 -41.93
CA ILE C 268 -22.75 1.94 -41.75
C ILE C 268 -22.88 1.56 -40.30
N VAL C 269 -21.87 1.78 -39.47
CA VAL C 269 -22.02 1.29 -38.11
C VAL C 269 -22.93 2.22 -37.32
N GLU C 270 -22.83 3.56 -37.50
CA GLU C 270 -23.87 4.34 -36.80
C GLU C 270 -25.21 4.32 -37.54
N GLN C 271 -25.26 4.05 -38.85
CA GLN C 271 -26.54 3.68 -39.43
C GLN C 271 -27.11 2.46 -38.75
N MET C 272 -26.27 1.48 -38.51
CA MET C 272 -26.67 0.23 -37.90
C MET C 272 -26.99 0.44 -36.43
N GLY C 273 -26.35 1.41 -35.80
CA GLY C 273 -26.57 1.65 -34.39
C GLY C 273 -26.18 0.58 -33.39
N CYS C 274 -24.93 0.15 -33.42
CA CYS C 274 -24.42 -0.84 -32.50
C CYS C 274 -23.29 -0.23 -31.69
N LYS C 275 -23.19 -0.68 -30.47
CA LYS C 275 -22.17 -0.24 -29.54
C LYS C 275 -21.02 -1.23 -29.56
N HIS C 276 -19.80 -0.73 -29.41
CA HIS C 276 -18.64 -1.59 -29.58
C HIS C 276 -18.60 -2.61 -28.45
N VAL C 277 -18.33 -3.87 -28.80
CA VAL C 277 -18.04 -4.84 -27.75
C VAL C 277 -16.67 -4.55 -27.18
N LYS C 278 -16.54 -4.71 -25.88
CA LYS C 278 -15.29 -4.60 -25.17
C LYS C 278 -15.17 -5.73 -24.17
N GLY C 279 -14.00 -5.84 -23.57
CA GLY C 279 -13.90 -6.70 -22.41
C GLY C 279 -13.58 -8.16 -22.62
N ILE C 280 -12.55 -8.42 -23.41
CA ILE C 280 -12.02 -9.77 -23.52
C ILE C 280 -11.61 -10.31 -22.16
N LEU C 281 -11.95 -11.57 -21.94
CA LEU C 281 -11.30 -12.38 -20.92
C LEU C 281 -10.75 -13.63 -21.58
N LEU C 282 -9.60 -14.08 -21.12
CA LEU C 282 -9.00 -15.33 -21.59
C LEU C 282 -8.60 -16.20 -20.41
N TYR C 283 -9.20 -17.38 -20.36
CA TYR C 283 -8.99 -18.33 -19.28
C TYR C 283 -8.54 -19.67 -19.84
N GLY C 284 -7.54 -20.23 -19.19
CA GLY C 284 -6.99 -21.48 -19.61
C GLY C 284 -6.03 -21.99 -18.56
N PRO C 285 -5.37 -23.09 -18.84
CA PRO C 285 -4.35 -23.56 -17.95
C PRO C 285 -3.08 -22.77 -18.17
N PRO C 286 -2.10 -22.90 -17.28
CA PRO C 286 -0.86 -22.17 -17.46
C PRO C 286 -0.11 -22.65 -18.68
N GLY C 287 0.75 -21.78 -19.18
CA GLY C 287 1.59 -22.18 -20.28
C GLY C 287 0.84 -22.47 -21.56
N CYS C 288 -0.27 -21.77 -21.80
CA CYS C 288 -1.04 -21.97 -23.02
C CYS C 288 -0.96 -20.75 -23.94
N GLY C 289 -0.06 -19.81 -23.66
CA GLY C 289 0.21 -18.77 -24.62
C GLY C 289 -0.83 -17.68 -24.63
N LYS C 290 -1.36 -17.36 -23.47
CA LYS C 290 -2.37 -16.31 -23.39
C LYS C 290 -1.78 -14.92 -23.29
N THR C 291 -0.84 -14.71 -22.38
CA THR C 291 -0.30 -13.35 -22.26
C THR C 291 0.60 -13.01 -23.42
N LEU C 292 1.15 -14.02 -24.08
CA LEU C 292 1.79 -13.79 -25.36
C LEU C 292 0.84 -13.14 -26.34
N LEU C 293 -0.32 -13.78 -26.54
CA LEU C 293 -1.28 -13.29 -27.50
C LEU C 293 -1.67 -11.87 -27.16
N ALA C 294 -2.00 -11.64 -25.90
CA ALA C 294 -2.42 -10.34 -25.46
C ALA C 294 -1.33 -9.31 -25.65
N ARG C 295 -0.09 -9.70 -25.36
CA ARG C 295 1.04 -8.80 -25.51
C ARG C 295 1.16 -8.31 -26.93
N GLN C 296 1.09 -9.24 -27.86
CA GLN C 296 1.39 -8.90 -29.24
C GLN C 296 0.37 -7.94 -29.82
N ILE C 297 -0.90 -8.27 -29.66
CA ILE C 297 -1.94 -7.44 -30.24
C ILE C 297 -1.91 -6.06 -29.62
N GLY C 298 -1.78 -6.01 -28.31
CA GLY C 298 -1.88 -4.73 -27.62
C GLY C 298 -0.83 -3.75 -28.07
N LYS C 299 0.42 -4.20 -28.14
CA LYS C 299 1.53 -3.33 -28.43
C LYS C 299 2.04 -3.38 -29.87
N MET C 300 1.81 -4.47 -30.61
CA MET C 300 2.26 -4.53 -32.00
C MET C 300 1.17 -4.48 -33.04
N LEU C 301 -0.03 -4.99 -32.76
CA LEU C 301 -1.09 -4.94 -33.76
C LEU C 301 -1.66 -3.55 -33.95
N ASN C 302 -1.88 -2.81 -32.86
CA ASN C 302 -2.63 -1.57 -32.95
C ASN C 302 -1.95 -0.38 -32.29
N ALA C 303 -2.35 0.80 -32.76
CA ALA C 303 -1.62 2.03 -32.49
C ALA C 303 -2.15 2.63 -31.21
N ARG C 304 -1.40 2.40 -30.15
CA ARG C 304 -1.45 3.06 -28.86
C ARG C 304 -0.28 2.45 -28.11
N GLU C 305 0.07 3.02 -26.97
CA GLU C 305 0.79 2.25 -25.98
C GLU C 305 -0.21 1.87 -24.90
N PRO C 306 -0.46 0.60 -24.65
CA PRO C 306 -1.40 0.23 -23.59
C PRO C 306 -0.79 0.40 -22.22
N LYS C 307 -1.60 0.91 -21.31
CA LYS C 307 -1.25 0.88 -19.91
C LYS C 307 -1.62 -0.47 -19.32
N VAL C 308 -0.63 -1.10 -18.73
CA VAL C 308 -0.73 -2.45 -18.20
C VAL C 308 -0.43 -2.42 -16.72
N VAL C 309 -1.28 -3.07 -15.95
CA VAL C 309 -1.00 -3.38 -14.56
C VAL C 309 -0.45 -4.80 -14.53
N ASN C 310 0.65 -4.99 -13.84
CA ASN C 310 1.21 -6.32 -13.67
C ASN C 310 0.66 -6.84 -12.37
N GLY C 311 -0.24 -7.80 -12.46
CA GLY C 311 -0.81 -8.43 -11.30
C GLY C 311 -1.39 -7.37 -10.42
N PRO C 312 -1.28 -7.52 -9.10
CA PRO C 312 -1.34 -6.34 -8.25
C PRO C 312 -0.13 -5.45 -8.44
N GLU C 313 -0.39 -4.26 -8.94
CA GLU C 313 0.38 -3.05 -8.72
C GLU C 313 -0.40 -2.10 -7.84
N ILE C 314 -1.73 -2.23 -7.94
CA ILE C 314 -2.68 -1.24 -7.49
C ILE C 314 -2.59 -1.05 -6.00
N LEU C 315 -2.52 -2.16 -5.27
CA LEU C 315 -2.86 -2.16 -3.87
C LEU C 315 -1.91 -1.30 -3.06
N ASN C 316 -2.47 -0.59 -2.09
CA ASN C 316 -1.71 0.38 -1.33
C ASN C 316 -2.14 0.37 0.12
N LYS C 317 -1.23 0.84 0.96
CA LYS C 317 -1.41 0.82 2.40
C LYS C 317 -2.49 1.76 2.87
N TYR C 318 -2.82 2.76 2.07
CA TYR C 318 -3.74 3.79 2.48
C TYR C 318 -5.06 3.49 1.80
N VAL C 319 -6.14 3.80 2.48
CA VAL C 319 -7.45 3.57 1.89
C VAL C 319 -7.68 4.53 0.74
N GLY C 320 -8.19 4.00 -0.36
CA GLY C 320 -8.68 4.82 -1.43
C GLY C 320 -7.67 5.11 -2.52
N GLU C 321 -6.38 5.06 -2.21
CA GLU C 321 -5.39 5.35 -3.24
C GLU C 321 -5.12 4.14 -4.12
N SER C 322 -5.29 2.95 -3.57
CA SER C 322 -5.25 1.76 -4.42
C SER C 322 -6.34 1.87 -5.49
N GLU C 323 -7.57 2.04 -5.04
CA GLU C 323 -8.69 2.24 -5.95
C GLU C 323 -8.47 3.43 -6.85
N ALA C 324 -7.82 4.48 -6.35
CA ALA C 324 -7.61 5.65 -7.18
C ALA C 324 -6.72 5.36 -8.36
N ASN C 325 -5.82 4.38 -8.23
CA ASN C 325 -4.93 4.03 -9.32
C ASN C 325 -5.72 3.51 -10.50
N ILE C 326 -6.89 2.95 -10.24
CA ILE C 326 -7.78 2.49 -11.30
C ILE C 326 -8.11 3.65 -12.22
N ARG C 327 -8.58 4.73 -11.63
CA ARG C 327 -8.98 5.87 -12.43
C ARG C 327 -7.79 6.66 -12.96
N LYS C 328 -6.60 6.45 -12.38
CA LYS C 328 -5.41 7.00 -13.02
C LYS C 328 -5.19 6.32 -14.36
N LEU C 329 -5.65 5.08 -14.48
CA LEU C 329 -5.58 4.40 -15.76
C LEU C 329 -6.61 4.95 -16.72
N PHE C 330 -7.86 5.03 -16.29
CA PHE C 330 -8.88 5.35 -17.26
C PHE C 330 -8.92 6.81 -17.66
N ALA C 331 -8.23 7.68 -16.95
CA ALA C 331 -8.45 9.10 -17.17
C ALA C 331 -7.61 9.67 -18.31
N ASP C 332 -6.83 8.85 -18.99
CA ASP C 332 -6.16 9.27 -20.23
C ASP C 332 -6.96 8.92 -21.46
N ALA C 333 -7.86 7.96 -21.36
CA ALA C 333 -8.78 7.65 -22.43
C ALA C 333 -10.12 8.32 -22.22
N GLU C 334 -10.42 8.73 -20.99
CA GLU C 334 -11.71 9.30 -20.70
C GLU C 334 -11.85 10.68 -21.33
N GLU C 335 -10.90 11.57 -21.02
CA GLU C 335 -10.93 12.90 -21.60
C GLU C 335 -10.75 12.82 -23.09
N GLU C 336 -9.95 11.86 -23.55
CA GLU C 336 -9.71 11.72 -24.97
C GLU C 336 -11.03 11.50 -25.70
N GLN C 337 -11.89 10.65 -25.13
CA GLN C 337 -13.21 10.47 -25.71
C GLN C 337 -14.01 11.74 -25.56
N ARG C 338 -13.81 12.44 -24.44
CA ARG C 338 -14.59 13.64 -24.16
C ARG C 338 -14.40 14.69 -25.23
N ARG C 339 -13.17 14.85 -25.72
CA ARG C 339 -12.83 15.92 -26.64
C ARG C 339 -12.54 15.45 -28.06
N LEU C 340 -12.62 14.15 -28.36
CA LEU C 340 -12.82 13.69 -29.74
C LEU C 340 -14.15 12.99 -29.96
N GLY C 341 -15.02 12.91 -28.96
CA GLY C 341 -16.29 12.29 -29.25
C GLY C 341 -16.15 10.81 -29.60
N ALA C 342 -16.99 10.38 -30.53
CA ALA C 342 -17.01 8.98 -30.95
C ALA C 342 -15.69 8.55 -31.55
N ASN C 343 -15.23 9.25 -32.58
CA ASN C 343 -13.98 8.85 -33.22
C ASN C 343 -12.86 9.03 -32.22
N SER C 344 -12.03 8.00 -32.07
CA SER C 344 -10.91 8.19 -31.17
C SER C 344 -9.82 7.16 -31.38
N GLY C 345 -8.62 7.57 -31.00
CA GLY C 345 -7.50 6.66 -30.95
C GLY C 345 -7.74 5.66 -29.85
N LEU C 346 -7.52 4.40 -30.16
CA LEU C 346 -7.91 3.36 -29.22
C LEU C 346 -7.03 3.32 -27.99
N HIS C 347 -7.68 3.16 -26.86
CA HIS C 347 -7.02 2.82 -25.61
C HIS C 347 -7.32 1.37 -25.24
N ILE C 348 -6.33 0.75 -24.60
CA ILE C 348 -6.34 -0.66 -24.25
C ILE C 348 -5.92 -0.80 -22.80
N ILE C 349 -6.49 -1.80 -22.13
CA ILE C 349 -6.03 -2.17 -20.79
C ILE C 349 -5.82 -3.66 -20.71
N ILE C 350 -4.63 -4.04 -20.27
CA ILE C 350 -4.25 -5.41 -20.01
C ILE C 350 -4.17 -5.62 -18.51
N PHE C 351 -5.17 -6.31 -17.96
CA PHE C 351 -5.02 -6.94 -16.66
C PHE C 351 -4.34 -8.29 -16.82
N ASP C 352 -3.74 -8.76 -15.74
CA ASP C 352 -3.15 -10.07 -15.72
C ASP C 352 -3.22 -10.67 -14.34
N GLU C 353 -3.44 -11.97 -14.29
CA GLU C 353 -3.69 -12.70 -13.06
C GLU C 353 -4.74 -11.97 -12.23
N ILE C 354 -5.77 -11.55 -12.95
CA ILE C 354 -6.85 -10.74 -12.44
C ILE C 354 -7.59 -11.40 -11.30
N ASP C 355 -7.59 -12.73 -11.27
CA ASP C 355 -8.28 -13.45 -10.22
C ASP C 355 -7.78 -13.14 -8.84
N ALA C 356 -6.55 -12.66 -8.72
CA ALA C 356 -6.03 -12.27 -7.43
C ALA C 356 -6.84 -11.16 -6.81
N ILE C 357 -7.00 -10.05 -7.52
CA ILE C 357 -7.63 -8.88 -6.91
C ILE C 357 -9.13 -9.06 -6.81
N CYS C 358 -9.78 -9.58 -7.86
CA CYS C 358 -11.23 -9.68 -7.88
C CYS C 358 -11.71 -11.09 -7.55
N LYS C 359 -12.63 -11.18 -6.60
CA LYS C 359 -13.25 -12.42 -6.19
C LYS C 359 -14.63 -12.10 -5.63
N GLN C 360 -15.36 -13.16 -5.31
CA GLN C 360 -16.74 -13.01 -4.89
C GLN C 360 -16.90 -12.31 -3.55
N ARG C 361 -17.79 -11.33 -3.57
CA ARG C 361 -18.10 -10.51 -2.43
C ARG C 361 -18.92 -11.29 -1.41
N GLY C 362 -18.79 -10.92 -0.14
CA GLY C 362 -19.42 -11.64 0.94
C GLY C 362 -18.67 -12.84 1.44
N SER C 363 -17.76 -13.39 0.64
CA SER C 363 -16.90 -14.50 1.05
C SER C 363 -15.43 -14.11 1.14
N MET C 364 -15.12 -12.81 1.16
CA MET C 364 -13.76 -12.32 0.95
C MET C 364 -13.14 -12.10 2.31
N ALA C 365 -12.22 -12.99 2.71
CA ALA C 365 -11.41 -12.85 3.93
C ALA C 365 -12.31 -12.42 5.10
N GLY C 366 -13.48 -13.03 5.16
CA GLY C 366 -14.57 -12.63 6.04
C GLY C 366 -15.66 -11.94 5.24
N SER C 367 -16.65 -11.43 5.97
CA SER C 367 -17.90 -10.98 5.35
C SER C 367 -17.69 -9.80 4.41
N THR C 368 -17.17 -8.69 4.94
CA THR C 368 -17.00 -7.50 4.11
C THR C 368 -15.82 -7.62 3.15
N GLY C 369 -14.64 -7.96 3.65
CA GLY C 369 -13.50 -8.07 2.75
C GLY C 369 -12.64 -6.83 2.59
N VAL C 370 -11.34 -7.06 2.43
CA VAL C 370 -10.41 -5.98 2.09
C VAL C 370 -10.42 -5.65 0.60
N HIS C 371 -10.63 -6.63 -0.27
CA HIS C 371 -10.46 -6.46 -1.71
C HIS C 371 -11.77 -6.05 -2.37
N ASP C 372 -12.72 -5.59 -1.56
CA ASP C 372 -14.11 -5.49 -1.91
C ASP C 372 -14.48 -4.18 -2.56
N THR C 373 -13.70 -3.14 -2.32
CA THR C 373 -14.04 -1.79 -2.76
C THR C 373 -13.46 -1.44 -4.12
N VAL C 374 -12.40 -2.12 -4.52
CA VAL C 374 -11.78 -1.90 -5.81
C VAL C 374 -12.67 -2.34 -6.94
N VAL C 375 -13.35 -3.46 -6.77
CA VAL C 375 -14.18 -3.98 -7.83
C VAL C 375 -15.40 -3.12 -8.02
N ASN C 376 -15.93 -2.57 -6.93
CA ASN C 376 -17.05 -1.67 -7.05
C ASN C 376 -16.70 -0.36 -7.74
N GLN C 377 -15.41 -0.03 -7.88
CA GLN C 377 -15.05 1.08 -8.76
C GLN C 377 -14.90 0.59 -10.18
N LEU C 378 -14.36 -0.61 -10.32
CA LEU C 378 -14.05 -1.10 -11.63
C LEU C 378 -15.31 -1.25 -12.44
N LEU C 379 -16.30 -1.86 -11.81
CA LEU C 379 -17.63 -1.96 -12.38
C LEU C 379 -18.20 -0.60 -12.67
N SER C 380 -17.89 0.36 -11.82
CA SER C 380 -18.47 1.68 -11.98
C SER C 380 -17.91 2.35 -13.23
N LYS C 381 -16.69 2.01 -13.61
CA LYS C 381 -16.10 2.58 -14.81
C LYS C 381 -16.38 1.82 -16.09
N ILE C 382 -16.40 0.49 -16.06
CA ILE C 382 -16.36 -0.23 -17.32
C ILE C 382 -17.66 -0.11 -18.09
N ASP C 383 -18.79 -0.27 -17.42
CA ASP C 383 -20.09 -0.01 -18.01
C ASP C 383 -20.57 1.33 -17.53
N GLY C 384 -19.64 2.17 -17.13
CA GLY C 384 -19.95 3.31 -16.32
C GLY C 384 -20.86 4.32 -16.98
N VAL C 385 -21.30 5.21 -16.10
CA VAL C 385 -22.31 6.19 -16.41
C VAL C 385 -21.81 7.18 -17.45
N GLU C 386 -20.49 7.30 -17.62
CA GLU C 386 -19.91 8.12 -18.67
C GLU C 386 -20.05 7.48 -20.05
N GLN C 387 -20.21 6.16 -20.09
CA GLN C 387 -20.35 5.33 -21.30
C GLN C 387 -19.24 5.65 -22.30
N LEU C 388 -18.02 5.70 -21.80
CA LEU C 388 -16.88 5.72 -22.70
C LEU C 388 -16.94 4.47 -23.57
N ASN C 389 -16.65 4.63 -24.84
CA ASN C 389 -16.82 3.57 -25.82
C ASN C 389 -15.52 3.04 -26.40
N ASN C 390 -14.36 3.49 -25.93
CA ASN C 390 -13.10 3.27 -26.62
C ASN C 390 -12.10 2.36 -25.90
N ILE C 391 -12.53 1.49 -25.00
CA ILE C 391 -11.60 0.60 -24.30
C ILE C 391 -11.96 -0.85 -24.51
N LEU C 392 -10.95 -1.71 -24.60
CA LEU C 392 -11.12 -3.13 -24.41
C LEU C 392 -10.18 -3.58 -23.31
N VAL C 393 -10.72 -4.36 -22.39
CA VAL C 393 -9.99 -4.88 -21.25
C VAL C 393 -9.70 -6.34 -21.53
N ILE C 394 -8.44 -6.72 -21.46
CA ILE C 394 -8.02 -8.10 -21.62
C ILE C 394 -7.53 -8.59 -20.27
N GLY C 395 -8.32 -9.44 -19.64
CA GLY C 395 -7.93 -10.09 -18.41
C GLY C 395 -7.48 -11.52 -18.66
N MET C 396 -6.80 -12.09 -17.68
CA MET C 396 -6.40 -13.48 -17.77
C MET C 396 -6.21 -14.15 -16.41
N THR C 397 -6.59 -15.43 -16.34
CA THR C 397 -6.63 -16.21 -15.12
C THR C 397 -6.36 -17.66 -15.44
N ASN C 398 -6.07 -18.41 -14.39
CA ASN C 398 -6.19 -19.85 -14.43
C ASN C 398 -7.36 -20.36 -13.59
N ARG C 399 -8.18 -19.47 -13.03
CA ARG C 399 -9.29 -19.87 -12.15
C ARG C 399 -10.52 -18.99 -12.33
N PRO C 400 -11.23 -19.15 -13.44
CA PRO C 400 -12.28 -18.19 -13.78
C PRO C 400 -13.52 -18.34 -12.95
N ASP C 401 -13.72 -19.48 -12.32
CA ASP C 401 -14.93 -19.67 -11.52
C ASP C 401 -14.98 -18.72 -10.34
N LEU C 402 -13.83 -18.43 -9.76
CA LEU C 402 -13.74 -17.43 -8.71
C LEU C 402 -14.32 -16.08 -9.13
N ILE C 403 -14.15 -15.74 -10.39
CA ILE C 403 -14.53 -14.42 -10.89
C ILE C 403 -16.02 -14.25 -10.88
N ASP C 404 -16.46 -13.06 -10.51
CA ASP C 404 -17.88 -12.81 -10.32
C ASP C 404 -18.52 -12.59 -11.67
N GLU C 405 -19.68 -13.20 -11.86
CA GLU C 405 -20.45 -12.93 -13.06
C GLU C 405 -20.72 -11.46 -13.23
N ALA C 406 -20.90 -10.75 -12.11
CA ALA C 406 -21.26 -9.34 -12.17
C ALA C 406 -20.23 -8.56 -12.94
N LEU C 407 -18.98 -8.96 -12.87
CA LEU C 407 -17.95 -8.31 -13.66
C LEU C 407 -17.85 -8.92 -15.03
N LEU C 408 -18.19 -10.19 -15.12
CA LEU C 408 -18.03 -10.92 -16.35
C LEU C 408 -19.24 -10.82 -17.26
N ARG C 409 -20.37 -10.34 -16.78
CA ARG C 409 -21.52 -10.36 -17.63
C ARG C 409 -21.31 -9.47 -18.84
N PRO C 410 -22.04 -9.74 -19.92
CA PRO C 410 -21.81 -9.01 -21.16
C PRO C 410 -22.00 -7.52 -21.06
N GLY C 411 -21.17 -6.82 -21.81
CA GLY C 411 -21.09 -5.38 -21.81
C GLY C 411 -19.90 -4.95 -21.00
N ARG C 412 -19.71 -5.63 -19.89
CA ARG C 412 -18.56 -5.41 -19.05
C ARG C 412 -17.38 -6.26 -19.51
N LEU C 413 -17.55 -7.57 -19.54
CA LEU C 413 -16.68 -8.48 -20.29
C LEU C 413 -17.54 -9.44 -21.10
N GLU C 414 -17.51 -9.35 -22.42
CA GLU C 414 -18.54 -10.11 -23.12
C GLU C 414 -18.08 -11.54 -23.38
N VAL C 415 -16.86 -11.74 -23.85
CA VAL C 415 -16.43 -13.02 -24.42
C VAL C 415 -15.69 -13.83 -23.37
N LYS C 416 -16.30 -14.96 -23.03
CA LYS C 416 -15.63 -16.02 -22.30
C LYS C 416 -15.06 -16.99 -23.32
N MET C 417 -13.74 -16.99 -23.47
CA MET C 417 -13.03 -17.83 -24.44
C MET C 417 -12.11 -18.80 -23.73
N GLU C 418 -12.44 -20.08 -23.79
CA GLU C 418 -11.51 -21.10 -23.34
C GLU C 418 -10.43 -21.26 -24.39
N ILE C 419 -9.20 -21.37 -23.93
CA ILE C 419 -8.10 -21.84 -24.76
C ILE C 419 -7.44 -23.01 -24.06
N GLY C 420 -7.01 -23.99 -24.83
CA GLY C 420 -6.70 -25.28 -24.26
C GLY C 420 -5.55 -25.96 -24.95
N LEU C 421 -5.25 -27.12 -24.44
CA LEU C 421 -4.11 -27.88 -24.88
C LEU C 421 -4.24 -28.24 -26.35
N PRO C 422 -3.23 -28.00 -27.17
CA PRO C 422 -3.44 -28.13 -28.60
C PRO C 422 -3.39 -29.56 -29.05
N ASP C 423 -4.10 -29.81 -30.13
CA ASP C 423 -3.99 -31.04 -30.87
C ASP C 423 -2.76 -30.95 -31.78
N GLU C 424 -2.36 -32.09 -32.33
CA GLU C 424 -1.07 -32.22 -32.98
C GLU C 424 -0.93 -31.24 -34.11
N LYS C 425 -2.01 -30.98 -34.83
CA LYS C 425 -1.96 -30.20 -36.05
C LYS C 425 -1.51 -28.78 -35.77
N GLY C 426 -1.78 -28.29 -34.58
CA GLY C 426 -1.26 -27.01 -34.17
C GLY C 426 0.04 -27.19 -33.42
N ARG C 427 0.17 -28.34 -32.76
CA ARG C 427 1.38 -28.63 -32.02
C ARG C 427 2.60 -28.69 -32.93
N LEU C 428 2.39 -28.95 -34.20
CA LEU C 428 3.48 -28.87 -35.17
C LEU C 428 3.64 -27.48 -35.74
N GLN C 429 2.57 -26.70 -35.76
CA GLN C 429 2.72 -25.32 -36.18
C GLN C 429 3.63 -24.57 -35.24
N ILE C 430 3.51 -24.86 -33.95
CA ILE C 430 4.38 -24.27 -32.94
C ILE C 430 5.82 -24.56 -33.30
N LEU C 431 6.11 -25.82 -33.58
CA LEU C 431 7.48 -26.21 -33.84
C LEU C 431 7.96 -25.62 -35.14
N HIS C 432 7.08 -25.62 -36.14
CA HIS C 432 7.41 -25.03 -37.42
C HIS C 432 7.81 -23.58 -37.23
N ILE C 433 7.07 -22.86 -36.39
CA ILE C 433 7.37 -21.46 -36.10
C ILE C 433 8.72 -21.35 -35.42
N HIS C 434 8.86 -21.99 -34.27
CA HIS C 434 10.04 -21.78 -33.47
C HIS C 434 11.29 -22.32 -34.13
N THR C 435 11.15 -23.11 -35.17
CA THR C 435 12.26 -23.61 -35.93
C THR C 435 12.39 -22.92 -37.28
N ALA C 436 11.46 -22.04 -37.65
CA ALA C 436 11.57 -21.38 -38.95
C ALA C 436 12.74 -20.42 -39.00
N ARG C 437 12.92 -19.61 -37.96
CA ARG C 437 14.02 -18.67 -37.94
C ARG C 437 15.36 -19.37 -37.84
N MET C 438 15.37 -20.57 -37.30
CA MET C 438 16.56 -21.38 -37.20
C MET C 438 16.81 -22.22 -38.45
N ARG C 439 15.76 -22.48 -39.22
CA ARG C 439 15.82 -23.26 -40.45
C ARG C 439 16.17 -22.41 -41.65
N GLY C 440 15.69 -21.18 -41.68
CA GLY C 440 16.07 -20.27 -42.75
C GLY C 440 17.56 -20.05 -42.75
N HIS C 441 18.15 -19.90 -41.57
CA HIS C 441 19.57 -20.09 -41.41
C HIS C 441 19.80 -21.59 -41.41
N GLN C 442 20.98 -22.02 -41.80
CA GLN C 442 21.14 -23.44 -42.11
C GLN C 442 21.80 -24.26 -41.02
N LEU C 443 21.79 -23.81 -39.76
CA LEU C 443 22.25 -24.66 -38.67
C LEU C 443 21.47 -25.95 -38.61
N LEU C 444 20.18 -25.87 -38.82
CA LEU C 444 19.35 -27.06 -38.70
C LEU C 444 19.78 -28.13 -39.69
N SER C 445 19.63 -29.38 -39.25
CA SER C 445 19.96 -30.54 -40.04
C SER C 445 18.72 -31.17 -40.64
N ALA C 446 18.88 -31.72 -41.84
CA ALA C 446 17.78 -32.32 -42.58
C ALA C 446 17.26 -33.58 -41.92
N ASP C 447 17.98 -34.13 -40.95
CA ASP C 447 17.64 -35.42 -40.38
C ASP C 447 16.54 -35.35 -39.33
N VAL C 448 15.95 -34.18 -39.12
CA VAL C 448 14.92 -33.94 -38.12
C VAL C 448 13.61 -33.76 -38.89
N ASP C 449 12.70 -34.72 -38.75
CA ASP C 449 11.33 -34.60 -39.24
C ASP C 449 10.37 -34.31 -38.11
N ILE C 450 9.79 -33.11 -38.16
CA ILE C 450 9.03 -32.57 -37.05
C ILE C 450 7.75 -33.33 -36.77
N LYS C 451 7.26 -34.10 -37.72
CA LYS C 451 6.07 -34.89 -37.48
C LYS C 451 6.31 -35.95 -36.44
N GLU C 452 7.51 -36.52 -36.41
CA GLU C 452 7.88 -37.41 -35.34
C GLU C 452 7.83 -36.67 -34.01
N LEU C 453 8.28 -35.42 -34.02
CA LEU C 453 8.28 -34.64 -32.80
C LEU C 453 6.86 -34.31 -32.35
N ALA C 454 5.96 -34.15 -33.31
CA ALA C 454 4.56 -33.98 -32.98
C ALA C 454 4.00 -35.22 -32.32
N VAL C 455 4.29 -36.38 -32.90
CA VAL C 455 3.79 -37.63 -32.33
C VAL C 455 4.33 -37.83 -30.92
N GLU C 456 5.55 -37.39 -30.67
CA GLU C 456 6.23 -37.80 -29.45
C GLU C 456 6.10 -36.77 -28.35
N THR C 457 5.45 -35.65 -28.63
CA THR C 457 4.95 -34.77 -27.60
C THR C 457 3.48 -34.70 -27.87
N LYS C 458 2.68 -35.34 -27.05
CA LYS C 458 1.27 -35.42 -27.37
C LYS C 458 0.52 -34.20 -26.87
N ASN C 459 0.58 -33.94 -25.58
CA ASN C 459 -0.30 -32.98 -24.94
C ASN C 459 0.44 -31.78 -24.40
N PHE C 460 1.69 -31.57 -24.80
CA PHE C 460 2.41 -30.43 -24.31
C PHE C 460 1.66 -29.18 -24.74
N SER C 461 1.52 -28.22 -23.84
CA SER C 461 0.72 -27.04 -24.14
C SER C 461 1.31 -26.29 -25.33
N GLY C 462 2.64 -26.40 -25.48
CA GLY C 462 3.41 -25.68 -26.44
C GLY C 462 4.34 -24.69 -25.80
N ALA C 463 3.96 -24.21 -24.63
CA ALA C 463 4.92 -23.48 -23.80
C ALA C 463 5.99 -24.43 -23.31
N GLU C 464 5.59 -25.65 -22.98
CA GLU C 464 6.59 -26.64 -22.64
C GLU C 464 7.42 -26.97 -23.86
N LEU C 465 6.75 -27.01 -25.00
CA LEU C 465 7.35 -27.49 -26.22
C LEU C 465 8.55 -26.63 -26.63
N GLU C 466 8.43 -25.32 -26.54
CA GLU C 466 9.59 -24.47 -26.74
C GLU C 466 10.77 -24.86 -25.88
N GLY C 467 10.52 -25.24 -24.64
CA GLY C 467 11.63 -25.58 -23.77
C GLY C 467 12.39 -26.76 -24.29
N LEU C 468 11.67 -27.71 -24.89
CA LEU C 468 12.29 -28.83 -25.57
C LEU C 468 13.27 -28.28 -26.58
N VAL C 469 12.74 -27.43 -27.46
CA VAL C 469 13.52 -26.81 -28.51
C VAL C 469 14.65 -26.01 -27.92
N ARG C 470 14.37 -25.34 -26.81
CA ARG C 470 15.35 -24.41 -26.29
C ARG C 470 16.56 -25.16 -25.79
N ALA C 471 16.29 -26.26 -25.10
CA ALA C 471 17.39 -27.03 -24.56
C ALA C 471 18.17 -27.74 -25.63
N ALA C 472 17.56 -27.93 -26.80
CA ALA C 472 18.31 -28.48 -27.92
C ALA C 472 19.54 -27.66 -28.21
N GLN C 473 19.35 -26.35 -28.39
CA GLN C 473 20.47 -25.47 -28.67
C GLN C 473 21.53 -25.61 -27.62
N SER C 474 21.07 -25.74 -26.38
CA SER C 474 22.01 -25.75 -25.28
C SER C 474 22.89 -26.98 -25.32
N THR C 475 22.30 -28.13 -25.62
CA THR C 475 23.10 -29.34 -25.68
C THR C 475 24.18 -29.24 -26.72
N ALA C 476 23.85 -28.64 -27.86
CA ALA C 476 24.86 -28.47 -28.89
C ALA C 476 26.01 -27.64 -28.37
N MET C 477 25.68 -26.59 -27.63
CA MET C 477 26.73 -25.73 -27.12
C MET C 477 27.61 -26.49 -26.15
N ASN C 478 27.01 -27.36 -25.35
CA ASN C 478 27.85 -28.11 -24.42
C ASN C 478 28.66 -29.14 -25.20
N ARG C 479 28.01 -29.80 -26.16
CA ARG C 479 28.72 -30.59 -27.14
C ARG C 479 29.81 -29.77 -27.82
N HIS C 480 29.52 -28.51 -28.04
CA HIS C 480 30.42 -27.62 -28.74
C HIS C 480 31.54 -27.06 -27.89
N ILE C 481 31.46 -27.13 -26.56
CA ILE C 481 32.63 -26.77 -25.75
C ILE C 481 32.77 -27.72 -24.57
N GLU C 492 40.31 -23.50 -18.17
CA GLU C 492 39.07 -23.32 -17.45
C GLU C 492 37.85 -23.59 -18.34
N LYS C 493 37.25 -22.53 -18.89
CA LYS C 493 36.15 -22.67 -19.83
C LYS C 493 36.64 -23.16 -21.19
N ALA C 494 37.65 -22.49 -21.73
CA ALA C 494 38.34 -22.88 -22.96
C ALA C 494 37.36 -23.20 -24.10
N GLU C 495 36.41 -22.31 -24.33
CA GLU C 495 35.47 -22.48 -25.43
C GLU C 495 36.20 -22.57 -26.76
N SER C 496 35.92 -23.65 -27.50
CA SER C 496 36.52 -23.90 -28.80
C SER C 496 35.56 -23.38 -29.87
N LEU C 497 36.03 -22.48 -30.73
CA LEU C 497 35.16 -21.72 -31.61
C LEU C 497 34.93 -22.52 -32.88
N GLN C 498 33.71 -23.00 -33.07
CA GLN C 498 33.32 -23.77 -34.24
C GLN C 498 31.84 -23.51 -34.53
N VAL C 499 31.39 -24.01 -35.68
CA VAL C 499 30.00 -23.87 -36.13
C VAL C 499 29.20 -25.13 -35.87
N THR C 500 27.92 -24.96 -35.49
CA THR C 500 27.12 -25.99 -34.85
C THR C 500 25.79 -26.20 -35.57
N ARG C 501 25.18 -27.38 -35.34
CA ARG C 501 23.99 -27.83 -36.04
C ARG C 501 23.05 -28.55 -35.06
N GLY C 502 21.79 -28.14 -35.03
CA GLY C 502 20.81 -28.83 -34.18
C GLY C 502 20.45 -30.20 -34.72
N ASP C 503 20.51 -31.21 -33.86
CA ASP C 503 20.04 -32.55 -34.21
C ASP C 503 19.70 -33.36 -32.95
N PHE C 504 18.70 -34.24 -33.09
CA PHE C 504 18.31 -35.20 -32.05
C PHE C 504 18.13 -34.53 -30.70
N LEU C 505 17.39 -33.45 -30.72
CA LEU C 505 17.01 -32.78 -29.49
C LEU C 505 16.14 -33.68 -28.63
N ALA C 506 14.99 -34.08 -29.18
CA ALA C 506 13.96 -34.68 -28.35
C ALA C 506 14.38 -36.07 -27.92
N SER C 507 14.90 -36.85 -28.87
CA SER C 507 15.35 -38.20 -28.58
C SER C 507 16.35 -38.18 -27.46
N LEU C 508 17.11 -37.09 -27.36
CA LEU C 508 17.97 -36.99 -26.21
C LEU C 508 17.19 -36.66 -24.96
N GLU C 509 16.20 -35.76 -25.06
CA GLU C 509 15.66 -35.19 -23.82
C GLU C 509 14.16 -35.30 -23.62
N ASN C 510 13.45 -36.02 -24.46
CA ASN C 510 12.10 -36.38 -24.05
C ASN C 510 12.13 -37.12 -22.74
N ASP C 511 13.17 -37.92 -22.49
CA ASP C 511 13.30 -38.60 -21.22
C ASP C 511 13.49 -37.62 -20.08
N ILE C 512 14.14 -36.48 -20.33
CA ILE C 512 14.36 -35.48 -19.28
C ILE C 512 13.04 -34.93 -18.74
N LYS C 513 12.22 -34.28 -19.61
CA LYS C 513 11.23 -33.42 -18.96
C LYS C 513 9.94 -34.16 -18.64
N PRO C 514 9.45 -34.12 -17.41
CA PRO C 514 8.07 -34.54 -17.17
C PRO C 514 7.13 -33.42 -17.60
N ALA C 515 5.85 -33.75 -17.71
CA ALA C 515 4.88 -32.85 -18.31
C ALA C 515 3.54 -32.85 -17.62
N PHE C 516 2.74 -31.86 -18.01
CA PHE C 516 1.34 -31.77 -17.65
C PHE C 516 0.48 -32.90 -18.20
N GLY C 517 0.79 -33.40 -19.38
CA GLY C 517 -0.02 -34.45 -19.96
C GLY C 517 0.48 -35.81 -19.53
N THR C 518 0.39 -36.78 -20.43
CA THR C 518 0.78 -38.13 -20.09
C THR C 518 2.28 -38.17 -19.84
N ASN C 519 2.70 -39.19 -19.09
CA ASN C 519 4.11 -39.50 -18.99
C ASN C 519 4.34 -40.92 -19.48
N GLN C 520 5.51 -41.16 -20.05
CA GLN C 520 5.98 -42.53 -20.23
C GLN C 520 6.46 -43.11 -18.91
N GLU C 521 6.97 -42.26 -18.02
CA GLU C 521 7.79 -42.73 -16.92
C GLU C 521 7.00 -43.28 -15.75
N ASP C 522 5.72 -42.90 -15.64
CA ASP C 522 4.88 -43.37 -14.55
C ASP C 522 4.75 -44.89 -14.52
N TYR C 523 4.94 -45.52 -15.65
CA TYR C 523 4.66 -46.93 -15.80
C TYR C 523 5.73 -47.79 -15.15
N ALA C 524 6.99 -47.42 -15.34
CA ALA C 524 8.10 -48.27 -14.94
C ALA C 524 8.11 -48.56 -13.45
N SER C 525 7.47 -47.70 -12.66
CA SER C 525 7.24 -48.01 -11.25
C SER C 525 6.37 -49.25 -11.12
N TYR C 526 5.23 -49.23 -11.80
CA TYR C 526 4.17 -50.20 -11.61
C TYR C 526 4.40 -51.48 -12.40
N ILE C 527 4.87 -51.34 -13.61
CA ILE C 527 5.41 -52.45 -14.37
C ILE C 527 6.92 -52.32 -14.29
N MET C 528 7.53 -53.17 -13.48
CA MET C 528 8.98 -53.28 -13.48
C MET C 528 9.48 -54.29 -14.49
N ASN C 529 8.78 -55.42 -14.61
CA ASN C 529 9.19 -56.53 -15.43
C ASN C 529 8.53 -56.58 -16.81
N GLY C 530 7.67 -55.65 -17.14
CA GLY C 530 6.97 -55.79 -18.39
C GLY C 530 5.91 -56.83 -18.20
N ILE C 531 5.34 -57.28 -19.30
CA ILE C 531 4.36 -58.37 -19.29
C ILE C 531 4.87 -59.52 -20.11
N ILE C 532 5.20 -60.60 -19.42
CA ILE C 532 5.46 -61.88 -20.04
C ILE C 532 4.13 -62.59 -20.18
N LYS C 533 3.91 -63.19 -21.34
CA LYS C 533 2.73 -64.02 -21.54
C LYS C 533 2.96 -65.44 -21.07
N TRP C 534 2.14 -65.89 -20.13
CA TRP C 534 2.11 -67.29 -19.75
C TRP C 534 0.98 -68.07 -20.41
N GLY C 535 0.07 -67.43 -21.12
CA GLY C 535 -1.00 -68.20 -21.73
C GLY C 535 -2.03 -67.36 -22.44
N ASP C 536 -3.03 -68.08 -22.93
CA ASP C 536 -4.23 -67.47 -23.48
C ASP C 536 -5.03 -66.55 -22.55
N PRO C 537 -5.10 -66.76 -21.23
CA PRO C 537 -5.91 -65.84 -20.41
C PRO C 537 -5.50 -64.40 -20.61
N VAL C 538 -4.20 -64.16 -20.61
CA VAL C 538 -3.69 -62.81 -20.78
C VAL C 538 -4.08 -62.27 -22.14
N THR C 539 -4.04 -63.14 -23.16
CA THR C 539 -4.50 -62.78 -24.49
C THR C 539 -5.90 -62.24 -24.40
N ARG C 540 -6.77 -63.02 -23.79
CA ARG C 540 -8.18 -62.68 -23.69
C ARG C 540 -8.34 -61.32 -23.04
N VAL C 541 -7.59 -61.08 -21.99
CA VAL C 541 -7.80 -59.89 -21.19
C VAL C 541 -7.42 -58.67 -21.99
N LEU C 542 -6.18 -58.63 -22.45
CA LEU C 542 -5.75 -57.41 -23.08
C LEU C 542 -6.32 -57.30 -24.47
N ASP C 543 -6.79 -58.41 -25.04
CA ASP C 543 -7.49 -58.33 -26.30
C ASP C 543 -8.83 -57.67 -26.10
N ASP C 544 -9.48 -57.96 -24.98
CA ASP C 544 -10.71 -57.27 -24.65
C ASP C 544 -10.45 -55.80 -24.42
N GLY C 545 -9.33 -55.50 -23.79
CA GLY C 545 -9.02 -54.11 -23.53
C GLY C 545 -8.76 -53.31 -24.78
N GLU C 546 -7.96 -53.86 -25.70
CA GLU C 546 -7.72 -53.18 -26.95
C GLU C 546 -9.03 -53.03 -27.70
N LEU C 547 -9.85 -54.08 -27.69
CA LEU C 547 -11.17 -54.04 -28.32
C LEU C 547 -11.98 -52.89 -27.76
N LEU C 548 -11.87 -52.69 -26.47
CA LEU C 548 -12.73 -51.75 -25.80
C LEU C 548 -12.31 -50.32 -26.05
N VAL C 549 -11.01 -50.10 -26.04
CA VAL C 549 -10.53 -48.77 -26.39
C VAL C 549 -10.84 -48.46 -27.84
N GLN C 550 -10.83 -49.49 -28.69
CA GLN C 550 -11.16 -49.25 -30.08
C GLN C 550 -12.62 -48.88 -30.22
N GLN C 551 -13.45 -49.48 -29.36
CA GLN C 551 -14.84 -49.11 -29.29
C GLN C 551 -15.00 -47.65 -28.95
N THR C 552 -14.40 -47.24 -27.84
CA THR C 552 -14.59 -45.88 -27.36
C THR C 552 -14.08 -44.85 -28.34
N LYS C 553 -12.87 -45.05 -28.84
CA LYS C 553 -12.30 -44.09 -29.77
C LYS C 553 -13.19 -43.96 -30.99
N ASN C 554 -13.63 -45.09 -31.51
CA ASN C 554 -14.36 -45.07 -32.75
C ASN C 554 -15.77 -44.55 -32.51
N SER C 555 -16.44 -45.16 -31.54
CA SER C 555 -17.86 -44.99 -31.38
C SER C 555 -18.25 -43.74 -30.62
N ASP C 556 -19.54 -43.51 -30.71
CA ASP C 556 -20.35 -42.56 -29.99
C ASP C 556 -21.46 -43.34 -29.33
N ARG C 557 -22.31 -42.64 -28.61
CA ARG C 557 -23.36 -43.19 -27.78
C ARG C 557 -22.83 -44.08 -26.65
N THR C 558 -21.56 -43.99 -26.33
CA THR C 558 -21.08 -44.43 -25.04
C THR C 558 -19.86 -43.62 -24.69
N PRO C 559 -20.02 -42.30 -24.54
CA PRO C 559 -18.86 -41.41 -24.35
C PRO C 559 -17.87 -41.91 -23.32
N LEU C 560 -18.39 -42.55 -22.27
CA LEU C 560 -17.57 -43.21 -21.29
C LEU C 560 -17.89 -44.68 -21.25
N VAL C 561 -16.92 -45.43 -20.75
CA VAL C 561 -17.08 -46.82 -20.39
C VAL C 561 -16.58 -47.04 -18.99
N SER C 562 -16.98 -48.17 -18.43
CA SER C 562 -16.63 -48.48 -17.07
C SER C 562 -16.31 -49.96 -16.99
N VAL C 563 -15.10 -50.25 -16.53
CA VAL C 563 -14.65 -51.60 -16.34
C VAL C 563 -13.80 -51.64 -15.08
N LEU C 564 -13.75 -52.80 -14.46
CA LEU C 564 -12.72 -53.08 -13.50
C LEU C 564 -12.11 -54.43 -13.79
N LEU C 565 -10.94 -54.62 -13.25
CA LEU C 565 -10.19 -55.84 -13.38
C LEU C 565 -10.19 -56.47 -12.01
N GLU C 566 -10.87 -57.60 -11.89
CA GLU C 566 -10.70 -58.44 -10.73
C GLU C 566 -9.60 -59.44 -10.97
N GLY C 567 -8.82 -59.66 -9.93
CA GLY C 567 -8.02 -60.83 -9.79
C GLY C 567 -7.96 -61.13 -8.31
N PRO C 568 -7.51 -62.31 -7.94
CA PRO C 568 -7.10 -62.51 -6.59
C PRO C 568 -5.83 -61.73 -6.30
N PRO C 569 -5.49 -61.59 -5.02
CA PRO C 569 -4.30 -60.82 -4.68
C PRO C 569 -3.04 -61.49 -5.14
N HIS C 570 -2.04 -60.66 -5.38
CA HIS C 570 -0.76 -61.09 -5.93
C HIS C 570 -0.93 -61.81 -7.25
N SER C 571 -1.98 -61.43 -7.96
CA SER C 571 -2.20 -61.77 -9.36
C SER C 571 -2.21 -60.44 -10.07
N GLY C 572 -1.22 -60.23 -10.94
CA GLY C 572 -1.00 -58.88 -11.37
C GLY C 572 -2.18 -58.41 -12.18
N LYS C 573 -2.92 -57.53 -11.54
CA LYS C 573 -4.01 -56.78 -12.12
C LYS C 573 -3.60 -55.41 -12.65
N THR C 574 -2.79 -54.69 -11.90
CA THR C 574 -2.54 -53.29 -12.24
C THR C 574 -1.59 -53.15 -13.39
N ALA C 575 -0.65 -54.10 -13.47
CA ALA C 575 0.31 -54.13 -14.55
C ALA C 575 -0.43 -54.16 -15.87
N LEU C 576 -1.42 -55.03 -15.94
CA LEU C 576 -2.23 -55.16 -17.11
C LEU C 576 -2.91 -53.85 -17.41
N ALA C 577 -3.40 -53.20 -16.37
CA ALA C 577 -4.13 -51.97 -16.55
C ALA C 577 -3.23 -50.91 -17.15
N ALA C 578 -1.95 -51.00 -16.88
CA ALA C 578 -1.03 -50.04 -17.45
C ALA C 578 -0.76 -50.35 -18.91
N LYS C 579 -0.49 -51.62 -19.20
CA LYS C 579 -0.16 -51.98 -20.57
C LYS C 579 -1.31 -51.70 -21.50
N ILE C 580 -2.52 -51.82 -20.99
CA ILE C 580 -3.70 -51.53 -21.79
C ILE C 580 -3.66 -50.10 -22.28
N ALA C 581 -3.41 -49.18 -21.37
CA ALA C 581 -3.40 -47.79 -21.77
C ALA C 581 -2.22 -47.50 -22.68
N GLU C 582 -1.06 -48.04 -22.33
CA GLU C 582 0.13 -47.82 -23.12
C GLU C 582 -0.04 -48.31 -24.54
N GLU C 583 -0.90 -49.31 -24.74
CA GLU C 583 -1.22 -49.79 -26.08
C GLU C 583 -2.37 -49.03 -26.69
N SER C 584 -3.18 -48.36 -25.87
CA SER C 584 -4.32 -47.65 -26.41
C SER C 584 -3.88 -46.40 -27.15
N ASN C 585 -2.78 -45.81 -26.73
CA ASN C 585 -2.27 -44.58 -27.32
C ASN C 585 -3.29 -43.46 -27.25
N PHE C 586 -4.11 -43.46 -26.20
CA PHE C 586 -4.85 -42.27 -25.91
C PHE C 586 -3.88 -41.23 -25.34
N PRO C 587 -4.17 -39.95 -25.55
CA PRO C 587 -3.16 -38.96 -25.25
C PRO C 587 -2.98 -38.63 -23.79
N PHE C 588 -3.99 -38.84 -22.95
CA PHE C 588 -3.94 -38.38 -21.57
C PHE C 588 -4.20 -39.51 -20.61
N ILE C 589 -3.20 -39.78 -19.80
CA ILE C 589 -3.25 -40.81 -18.78
C ILE C 589 -2.62 -40.22 -17.53
N LYS C 590 -3.42 -40.08 -16.48
CA LYS C 590 -2.89 -40.05 -15.13
C LYS C 590 -3.63 -41.12 -14.37
N ILE C 591 -2.87 -42.12 -13.97
CA ILE C 591 -3.38 -43.14 -13.07
C ILE C 591 -3.71 -42.46 -11.76
N CYS C 592 -4.76 -42.93 -11.10
CA CYS C 592 -5.12 -42.46 -9.77
C CYS C 592 -4.80 -43.58 -8.83
N SER C 593 -3.88 -43.30 -7.91
CA SER C 593 -3.26 -44.30 -7.07
C SER C 593 -3.29 -43.87 -5.63
N PRO C 594 -3.36 -44.81 -4.69
CA PRO C 594 -3.24 -44.41 -3.31
C PRO C 594 -1.87 -43.88 -2.98
N ASP C 595 -0.83 -44.37 -3.65
CA ASP C 595 0.51 -44.09 -3.18
C ASP C 595 0.87 -42.63 -3.25
N LYS C 596 0.38 -41.92 -4.25
CA LYS C 596 0.58 -40.48 -4.27
C LYS C 596 -0.33 -39.76 -3.30
N MET C 597 -1.21 -40.48 -2.58
CA MET C 597 -2.03 -39.88 -1.54
C MET C 597 -1.95 -40.65 -0.24
N ILE C 598 -1.36 -40.03 0.77
CA ILE C 598 -1.03 -40.73 2.00
C ILE C 598 -1.37 -39.82 3.15
N GLY C 599 -2.02 -40.38 4.14
CA GLY C 599 -2.44 -39.61 5.27
C GLY C 599 -3.58 -38.67 5.00
N PHE C 600 -4.06 -38.56 3.78
CA PHE C 600 -5.05 -37.55 3.49
C PHE C 600 -6.36 -37.93 4.13
N SER C 601 -6.95 -36.98 4.81
CA SER C 601 -8.33 -37.15 5.16
C SER C 601 -9.12 -37.23 3.87
N GLU C 602 -10.20 -37.98 3.92
CA GLU C 602 -10.95 -38.33 2.73
C GLU C 602 -11.45 -37.14 1.95
N THR C 603 -11.65 -36.01 2.61
CA THR C 603 -12.16 -34.83 1.92
C THR C 603 -11.20 -34.39 0.85
N ALA C 604 -9.96 -34.14 1.25
CA ALA C 604 -8.98 -33.70 0.29
C ALA C 604 -8.66 -34.80 -0.70
N LYS C 605 -8.86 -36.05 -0.31
CA LYS C 605 -8.71 -37.15 -1.23
C LYS C 605 -9.65 -37.00 -2.41
N CYS C 606 -10.92 -36.80 -2.13
CA CYS C 606 -11.86 -36.73 -3.23
C CYS C 606 -11.65 -35.45 -3.99
N GLN C 607 -11.20 -34.40 -3.31
CA GLN C 607 -10.81 -33.20 -4.03
C GLN C 607 -9.74 -33.50 -5.06
N ALA C 608 -8.78 -34.34 -4.70
CA ALA C 608 -7.73 -34.71 -5.64
C ALA C 608 -8.30 -35.45 -6.82
N MET C 609 -9.17 -36.41 -6.53
CA MET C 609 -9.80 -37.18 -7.59
C MET C 609 -10.56 -36.27 -8.54
N LYS C 610 -11.19 -35.26 -7.97
CA LYS C 610 -11.94 -34.31 -8.76
C LYS C 610 -11.02 -33.54 -9.65
N LYS C 611 -9.84 -33.21 -9.13
CA LYS C 611 -8.86 -32.51 -9.92
C LYS C 611 -8.45 -33.37 -11.10
N ILE C 612 -8.28 -34.67 -10.87
CA ILE C 612 -7.81 -35.53 -11.94
C ILE C 612 -8.84 -35.57 -13.05
N PHE C 613 -10.07 -35.86 -12.70
CA PHE C 613 -11.05 -36.01 -13.77
C PHE C 613 -11.34 -34.69 -14.43
N ASP C 614 -11.27 -33.60 -13.69
CA ASP C 614 -11.51 -32.32 -14.30
C ASP C 614 -10.39 -31.95 -15.24
N ASP C 615 -9.17 -32.36 -14.94
CA ASP C 615 -8.09 -32.19 -15.87
C ASP C 615 -8.35 -33.01 -17.13
N ALA C 616 -8.87 -34.21 -16.95
CA ALA C 616 -9.14 -35.09 -18.07
C ALA C 616 -10.27 -34.60 -18.94
N TYR C 617 -11.25 -33.95 -18.35
CA TYR C 617 -12.41 -33.51 -19.12
C TYR C 617 -12.08 -32.41 -20.11
N LYS C 618 -10.90 -31.81 -20.00
CA LYS C 618 -10.49 -30.82 -20.99
C LYS C 618 -10.20 -31.46 -22.33
N SER C 619 -9.40 -32.51 -22.32
CA SER C 619 -8.94 -33.14 -23.54
C SER C 619 -10.08 -33.85 -24.27
N GLN C 620 -9.79 -34.19 -25.51
CA GLN C 620 -10.79 -34.80 -26.36
C GLN C 620 -11.05 -36.24 -25.96
N LEU C 621 -10.06 -36.92 -25.39
CA LEU C 621 -10.35 -38.23 -24.84
C LEU C 621 -9.22 -38.68 -23.93
N SER C 622 -9.50 -39.70 -23.12
CA SER C 622 -8.47 -40.16 -22.19
C SER C 622 -8.75 -41.52 -21.56
N CYS C 623 -7.70 -42.03 -20.93
CA CYS C 623 -7.69 -43.33 -20.26
C CYS C 623 -7.18 -43.11 -18.87
N VAL C 624 -8.01 -43.42 -17.89
CA VAL C 624 -7.67 -43.22 -16.50
C VAL C 624 -7.72 -44.54 -15.77
N VAL C 625 -6.69 -44.82 -15.01
CA VAL C 625 -6.59 -46.05 -14.26
C VAL C 625 -6.73 -45.66 -12.80
N VAL C 626 -7.68 -46.28 -12.17
CA VAL C 626 -7.76 -46.31 -10.73
C VAL C 626 -7.25 -47.67 -10.30
N ASP C 627 -6.49 -47.68 -9.22
CA ASP C 627 -5.98 -48.92 -8.68
C ASP C 627 -6.13 -48.99 -7.18
N ASP C 628 -6.16 -50.24 -6.72
CA ASP C 628 -6.23 -50.59 -5.32
C ASP C 628 -7.40 -49.89 -4.64
N ILE C 629 -8.56 -50.00 -5.29
CA ILE C 629 -9.77 -49.30 -4.87
C ILE C 629 -10.07 -49.60 -3.43
N GLU C 630 -9.91 -50.85 -3.06
CA GLU C 630 -10.25 -51.26 -1.72
C GLU C 630 -9.31 -50.61 -0.71
N ARG C 631 -8.14 -50.18 -1.16
CA ARG C 631 -7.26 -49.32 -0.40
C ARG C 631 -7.40 -47.86 -0.73
N LEU C 632 -7.90 -47.51 -1.91
CA LEU C 632 -8.09 -46.10 -2.21
C LEU C 632 -9.20 -45.55 -1.38
N LEU C 633 -10.30 -46.26 -1.34
CA LEU C 633 -11.33 -46.00 -0.38
C LEU C 633 -11.05 -46.98 0.70
N ASP C 634 -11.00 -46.46 1.91
CA ASP C 634 -10.60 -47.21 3.07
C ASP C 634 -11.45 -48.46 3.16
N TYR C 635 -10.84 -49.59 3.45
CA TYR C 635 -11.64 -50.78 3.61
C TYR C 635 -10.97 -51.64 4.65
N VAL C 636 -11.78 -52.18 5.55
CA VAL C 636 -11.34 -53.25 6.41
C VAL C 636 -12.46 -54.27 6.58
N PRO C 637 -12.18 -55.55 6.66
CA PRO C 637 -13.25 -56.48 6.99
C PRO C 637 -13.80 -56.19 8.38
N ILE C 638 -12.91 -56.27 9.39
CA ILE C 638 -13.34 -56.18 10.77
C ILE C 638 -13.93 -54.83 11.07
N GLY C 639 -15.13 -54.86 11.63
CA GLY C 639 -15.86 -53.66 11.93
C GLY C 639 -15.89 -52.88 10.65
N PRO C 640 -16.48 -53.44 9.60
CA PRO C 640 -16.27 -52.89 8.26
C PRO C 640 -16.51 -51.41 8.17
N ARG C 641 -15.47 -50.73 7.73
CA ARG C 641 -15.41 -49.29 7.64
C ARG C 641 -14.74 -48.83 6.39
N PHE C 642 -15.12 -47.62 6.01
CA PHE C 642 -14.62 -46.94 4.85
C PHE C 642 -15.03 -45.48 4.88
N SER C 643 -14.41 -44.72 3.99
CA SER C 643 -14.84 -43.36 3.73
C SER C 643 -15.99 -43.38 2.76
N ASN C 644 -17.13 -42.88 3.20
CA ASN C 644 -18.28 -42.82 2.33
C ASN C 644 -18.10 -41.80 1.22
N LEU C 645 -17.47 -40.67 1.52
CA LEU C 645 -17.43 -39.56 0.56
C LEU C 645 -16.68 -39.95 -0.69
N VAL C 646 -15.59 -40.69 -0.52
CA VAL C 646 -14.77 -41.00 -1.67
C VAL C 646 -15.51 -41.99 -2.52
N LEU C 647 -16.26 -42.87 -1.87
CA LEU C 647 -17.09 -43.83 -2.54
C LEU C 647 -18.10 -43.15 -3.43
N GLN C 648 -18.83 -42.21 -2.86
CA GLN C 648 -19.93 -41.62 -3.58
C GLN C 648 -19.43 -40.79 -4.73
N ALA C 649 -18.34 -40.06 -4.49
CA ALA C 649 -17.74 -39.27 -5.55
C ALA C 649 -17.27 -40.18 -6.66
N LEU C 650 -16.69 -41.31 -6.30
CA LEU C 650 -16.18 -42.23 -7.28
C LEU C 650 -17.28 -42.70 -8.20
N LEU C 651 -18.37 -43.13 -7.62
CA LEU C 651 -19.32 -43.82 -8.46
C LEU C 651 -20.23 -42.89 -9.21
N VAL C 652 -20.44 -41.67 -8.72
CA VAL C 652 -21.10 -40.71 -9.60
C VAL C 652 -20.21 -40.44 -10.79
N LEU C 653 -18.91 -40.44 -10.58
CA LEU C 653 -18.00 -40.19 -11.68
C LEU C 653 -18.02 -41.33 -12.67
N LEU C 654 -18.20 -42.56 -12.20
CA LEU C 654 -18.38 -43.63 -13.15
C LEU C 654 -19.62 -43.47 -14.00
N LYS C 655 -20.67 -42.88 -13.45
CA LYS C 655 -21.89 -42.66 -14.22
C LYS C 655 -21.96 -41.27 -14.83
N LYS C 656 -20.92 -40.47 -14.70
CA LYS C 656 -20.92 -39.12 -15.23
C LYS C 656 -20.36 -39.07 -16.62
N ALA C 657 -20.89 -38.20 -17.42
CA ALA C 657 -20.41 -37.92 -18.74
C ALA C 657 -19.75 -36.56 -18.79
N PRO C 658 -18.65 -36.39 -19.50
CA PRO C 658 -18.12 -35.06 -19.71
C PRO C 658 -18.94 -34.36 -20.76
N PRO C 659 -18.69 -33.07 -21.00
CA PRO C 659 -19.34 -32.40 -22.12
C PRO C 659 -19.20 -33.20 -23.40
N GLN C 660 -20.19 -33.07 -24.26
CA GLN C 660 -20.33 -34.00 -25.36
C GLN C 660 -19.18 -33.90 -26.34
N GLY C 661 -18.94 -35.02 -27.00
CA GLY C 661 -17.86 -35.13 -27.93
C GLY C 661 -16.61 -35.70 -27.30
N ARG C 662 -16.43 -35.44 -26.02
CA ARG C 662 -15.29 -35.97 -25.30
C ARG C 662 -15.58 -37.40 -24.85
N LYS C 663 -14.50 -38.16 -24.60
CA LYS C 663 -14.63 -39.59 -24.41
C LYS C 663 -13.58 -40.14 -23.46
N LEU C 664 -13.96 -41.09 -22.59
CA LEU C 664 -12.93 -41.67 -21.75
C LEU C 664 -13.24 -43.10 -21.40
N LEU C 665 -12.24 -43.76 -20.83
CA LEU C 665 -12.46 -45.00 -20.14
C LEU C 665 -11.80 -44.90 -18.78
N ILE C 666 -12.43 -45.51 -17.80
CA ILE C 666 -11.93 -45.55 -16.44
C ILE C 666 -11.79 -46.99 -15.98
N ILE C 667 -10.58 -47.39 -15.72
CA ILE C 667 -10.22 -48.72 -15.27
C ILE C 667 -10.10 -48.70 -13.75
N GLY C 668 -10.53 -49.81 -13.15
CA GLY C 668 -10.39 -50.01 -11.73
C GLY C 668 -9.78 -51.36 -11.47
N THR C 669 -9.29 -51.52 -10.26
CA THR C 669 -8.86 -52.82 -9.77
C THR C 669 -9.38 -53.09 -8.38
N THR C 670 -9.50 -54.36 -8.08
CA THR C 670 -9.69 -54.82 -6.73
C THR C 670 -9.39 -56.29 -6.64
N SER C 671 -9.18 -56.71 -5.40
CA SER C 671 -8.97 -58.10 -5.08
C SER C 671 -10.25 -58.78 -4.63
N ARG C 672 -11.39 -58.09 -4.68
CA ARG C 672 -12.67 -58.70 -4.34
C ARG C 672 -13.82 -58.04 -5.06
N LYS C 673 -14.80 -58.84 -5.48
CA LYS C 673 -16.06 -58.32 -6.00
C LYS C 673 -17.19 -58.34 -4.98
N ASP C 674 -17.03 -59.08 -3.90
CA ASP C 674 -18.20 -59.43 -3.08
C ASP C 674 -18.72 -58.24 -2.29
N VAL C 675 -17.83 -57.52 -1.63
CA VAL C 675 -18.30 -56.40 -0.86
C VAL C 675 -18.75 -55.29 -1.77
N LEU C 676 -18.18 -55.22 -2.97
CA LEU C 676 -18.59 -54.17 -3.89
C LEU C 676 -19.98 -54.41 -4.44
N GLN C 677 -20.33 -55.67 -4.70
CA GLN C 677 -21.71 -55.96 -5.01
C GLN C 677 -22.58 -55.62 -3.81
N GLU C 678 -22.08 -55.85 -2.60
CA GLU C 678 -22.90 -55.53 -1.44
C GLU C 678 -23.18 -54.04 -1.38
N MET C 679 -22.22 -53.21 -1.77
CA MET C 679 -22.46 -51.76 -1.80
C MET C 679 -22.96 -51.23 -3.13
N GLU C 680 -23.32 -52.10 -4.07
CA GLU C 680 -24.10 -51.69 -5.23
C GLU C 680 -23.39 -50.65 -6.07
N MET C 681 -22.08 -50.74 -6.12
CA MET C 681 -21.28 -50.00 -7.09
C MET C 681 -20.94 -50.83 -8.31
N LEU C 682 -21.16 -52.13 -8.25
CA LEU C 682 -20.76 -53.03 -9.31
C LEU C 682 -21.57 -52.83 -10.58
N ASN C 683 -22.87 -52.58 -10.43
CA ASN C 683 -23.71 -52.36 -11.59
C ASN C 683 -23.26 -51.16 -12.41
N ALA C 684 -22.68 -50.16 -11.76
CA ALA C 684 -22.23 -48.97 -12.48
C ALA C 684 -21.15 -49.36 -13.48
N PHE C 685 -20.29 -50.28 -13.10
CA PHE C 685 -19.28 -50.80 -14.00
C PHE C 685 -19.90 -51.50 -15.21
N SER C 686 -19.49 -51.07 -16.39
CA SER C 686 -20.16 -51.53 -17.61
C SER C 686 -19.92 -53.00 -17.84
N THR C 687 -18.69 -53.45 -17.63
CA THR C 687 -18.38 -54.86 -17.74
C THR C 687 -17.28 -55.18 -16.74
N THR C 688 -17.01 -56.46 -16.62
CA THR C 688 -16.03 -56.97 -15.68
C THR C 688 -15.08 -57.88 -16.41
N ILE C 689 -13.97 -58.14 -15.75
CA ILE C 689 -13.08 -59.20 -16.15
C ILE C 689 -12.65 -59.96 -14.92
N HIS C 690 -12.96 -61.25 -14.88
CA HIS C 690 -12.27 -62.11 -13.95
C HIS C 690 -10.91 -62.36 -14.55
N VAL C 691 -9.86 -62.00 -13.84
CA VAL C 691 -8.53 -62.48 -14.14
C VAL C 691 -8.34 -63.79 -13.41
N PRO C 692 -8.03 -64.88 -14.09
CA PRO C 692 -7.71 -66.12 -13.38
C PRO C 692 -6.31 -66.04 -12.79
N ASN C 693 -6.04 -67.05 -11.99
CA ASN C 693 -4.78 -67.20 -11.31
C ASN C 693 -4.15 -68.48 -11.86
N ILE C 694 -2.85 -68.59 -11.67
CA ILE C 694 -2.12 -69.64 -12.36
C ILE C 694 -2.59 -70.97 -11.81
N ALA C 695 -3.17 -71.77 -12.69
CA ALA C 695 -3.84 -73.00 -12.31
C ALA C 695 -3.04 -74.25 -12.59
N THR C 696 -1.96 -74.16 -13.36
CA THR C 696 -1.36 -75.33 -13.98
C THR C 696 0.15 -75.24 -13.94
N GLY C 697 0.75 -76.37 -13.61
CA GLY C 697 2.18 -76.49 -13.74
C GLY C 697 2.65 -76.25 -15.16
N GLU C 698 1.78 -76.46 -16.15
CA GLU C 698 2.15 -76.17 -17.53
C GLU C 698 2.49 -74.70 -17.71
N GLN C 699 1.55 -73.82 -17.34
CA GLN C 699 1.80 -72.40 -17.43
C GLN C 699 2.99 -72.00 -16.59
N LEU C 700 3.17 -72.67 -15.47
CA LEU C 700 4.27 -72.38 -14.58
C LEU C 700 5.59 -72.63 -15.28
N LEU C 701 5.77 -73.85 -15.75
CA LEU C 701 7.06 -74.26 -16.26
C LEU C 701 7.36 -73.60 -17.58
N GLU C 702 6.34 -73.24 -18.36
CA GLU C 702 6.61 -72.47 -19.56
C GLU C 702 6.95 -71.03 -19.24
N ALA C 703 6.36 -70.48 -18.19
CA ALA C 703 6.82 -69.18 -17.73
C ALA C 703 8.27 -69.24 -17.35
N LEU C 704 8.66 -70.33 -16.75
CA LEU C 704 10.04 -70.48 -16.34
C LEU C 704 10.96 -70.73 -17.53
N GLU C 705 10.44 -71.36 -18.59
CA GLU C 705 11.16 -71.37 -19.85
C GLU C 705 11.36 -69.96 -20.34
N LEU C 706 10.37 -69.10 -20.12
CA LEU C 706 10.50 -67.73 -20.59
C LEU C 706 11.57 -67.02 -19.80
N LEU C 707 11.46 -67.06 -18.47
CA LEU C 707 12.42 -66.32 -17.66
C LEU C 707 13.80 -66.93 -17.80
N GLY C 708 13.86 -68.25 -17.79
CA GLY C 708 15.12 -68.92 -17.98
C GLY C 708 16.01 -68.91 -16.77
N ASN C 709 15.45 -68.60 -15.59
CA ASN C 709 16.27 -68.56 -14.39
C ASN C 709 16.69 -69.95 -13.96
N PHE C 710 15.77 -70.89 -13.96
CA PHE C 710 16.11 -72.29 -13.76
C PHE C 710 16.14 -72.91 -15.13
N LYS C 711 17.28 -73.52 -15.47
CA LYS C 711 17.42 -74.21 -16.74
C LYS C 711 17.65 -75.70 -16.59
N ASP C 712 16.57 -76.43 -16.78
CA ASP C 712 16.42 -77.84 -17.13
C ASP C 712 17.53 -78.80 -16.72
N LYS C 713 18.20 -78.55 -15.59
CA LYS C 713 19.00 -79.60 -14.99
C LYS C 713 18.14 -80.43 -14.08
N GLU C 714 17.25 -79.75 -13.36
CA GLU C 714 16.26 -80.37 -12.50
C GLU C 714 14.82 -80.17 -12.94
N ARG C 715 14.55 -79.57 -14.08
CA ARG C 715 13.15 -79.27 -14.33
C ARG C 715 12.33 -80.52 -14.60
N THR C 716 13.00 -81.63 -14.85
CA THR C 716 12.37 -82.92 -14.69
C THR C 716 11.86 -83.11 -13.27
N THR C 717 12.61 -82.64 -12.28
CA THR C 717 12.18 -82.85 -10.90
C THR C 717 10.93 -82.04 -10.60
N ILE C 718 10.95 -80.76 -10.93
CA ILE C 718 9.81 -79.92 -10.61
C ILE C 718 8.61 -80.37 -11.42
N ALA C 719 8.85 -80.83 -12.64
CA ALA C 719 7.79 -81.44 -13.43
C ALA C 719 7.18 -82.59 -12.66
N GLN C 720 8.01 -83.55 -12.30
CA GLN C 720 7.58 -84.75 -11.59
C GLN C 720 6.87 -84.42 -10.28
N GLN C 721 7.13 -83.25 -9.71
CA GLN C 721 6.42 -82.82 -8.52
C GLN C 721 5.06 -82.24 -8.86
N VAL C 722 4.98 -81.43 -9.90
CA VAL C 722 3.76 -80.68 -10.17
C VAL C 722 2.72 -81.56 -10.83
N LYS C 723 3.15 -82.47 -11.69
CA LYS C 723 2.21 -83.23 -12.51
C LYS C 723 1.25 -83.96 -11.59
N GLY C 724 -0.02 -83.86 -11.90
CA GLY C 724 -1.08 -84.41 -11.10
C GLY C 724 -1.62 -83.47 -10.03
N LYS C 725 -0.91 -82.39 -9.71
CA LYS C 725 -1.34 -81.49 -8.63
C LYS C 725 -1.69 -80.15 -9.27
N LYS C 726 -2.49 -79.37 -8.55
CA LYS C 726 -2.99 -78.08 -8.96
C LYS C 726 -2.32 -76.98 -8.14
N VAL C 727 -2.30 -75.79 -8.72
CA VAL C 727 -1.58 -74.64 -8.17
C VAL C 727 -2.49 -73.43 -8.18
N TRP C 728 -2.47 -72.67 -7.09
CA TRP C 728 -3.34 -71.51 -6.95
C TRP C 728 -2.59 -70.18 -6.90
N ILE C 729 -1.29 -70.18 -7.05
CA ILE C 729 -0.52 -69.00 -6.68
C ILE C 729 -0.52 -68.01 -7.84
N GLY C 730 -0.60 -66.74 -7.51
CA GLY C 730 -0.38 -65.70 -8.49
C GLY C 730 1.08 -65.29 -8.59
N ILE C 731 1.42 -64.71 -9.75
CA ILE C 731 2.82 -64.57 -10.13
C ILE C 731 3.46 -63.49 -9.32
N LYS C 732 2.70 -62.49 -8.92
CA LYS C 732 3.31 -61.36 -8.24
C LYS C 732 3.91 -61.83 -6.92
N LYS C 733 3.42 -62.94 -6.38
CA LYS C 733 4.05 -63.59 -5.26
C LYS C 733 5.17 -64.50 -5.72
N LEU C 734 4.96 -65.16 -6.86
CA LEU C 734 6.00 -65.99 -7.46
C LEU C 734 7.30 -65.24 -7.58
N LEU C 735 7.24 -64.08 -8.23
CA LEU C 735 8.41 -63.26 -8.44
C LEU C 735 9.10 -62.86 -7.15
N MET C 736 8.47 -63.05 -6.00
CA MET C 736 9.28 -63.12 -4.79
C MET C 736 9.89 -64.50 -4.63
N LEU C 737 9.08 -65.55 -4.76
CA LEU C 737 9.57 -66.89 -4.43
C LEU C 737 10.78 -67.29 -5.23
N ILE C 738 10.84 -66.81 -6.47
CA ILE C 738 11.91 -67.14 -7.36
C ILE C 738 13.22 -66.77 -6.72
N GLU C 739 13.31 -65.51 -6.35
CA GLU C 739 14.54 -65.02 -5.78
C GLU C 739 14.71 -65.47 -4.34
N MET C 740 13.62 -65.62 -3.61
CA MET C 740 13.72 -66.06 -2.22
C MET C 740 14.38 -67.41 -2.13
N SER C 741 14.14 -68.26 -3.10
CA SER C 741 14.88 -69.50 -3.17
C SER C 741 16.26 -69.28 -3.76
N LEU C 742 16.35 -68.34 -4.71
CA LEU C 742 17.58 -68.16 -5.48
C LEU C 742 18.81 -67.90 -4.61
N GLN C 743 18.66 -67.19 -3.51
CA GLN C 743 19.87 -66.81 -2.79
C GLN C 743 20.52 -67.96 -2.06
N MET C 744 19.86 -69.10 -1.96
CA MET C 744 20.61 -70.23 -1.45
C MET C 744 21.52 -70.77 -2.54
N ASP C 745 22.41 -71.66 -2.13
CA ASP C 745 23.24 -72.37 -3.08
C ASP C 745 22.39 -73.23 -4.00
N PRO C 746 22.91 -73.55 -5.18
CA PRO C 746 22.08 -74.20 -6.20
C PRO C 746 21.54 -75.55 -5.79
N GLU C 747 22.23 -76.25 -4.88
CA GLU C 747 21.86 -77.62 -4.56
C GLU C 747 20.56 -77.67 -3.78
N TYR C 748 20.43 -76.82 -2.78
CA TYR C 748 19.24 -76.69 -1.95
C TYR C 748 18.19 -75.78 -2.58
N ARG C 749 18.50 -75.26 -3.77
CA ARG C 749 17.72 -74.23 -4.41
C ARG C 749 16.26 -74.62 -4.60
N VAL C 750 16.05 -75.68 -5.36
CA VAL C 750 14.72 -76.04 -5.78
C VAL C 750 14.00 -76.83 -4.71
N ARG C 751 14.76 -77.56 -3.90
CA ARG C 751 14.12 -78.24 -2.79
C ARG C 751 13.43 -77.25 -1.88
N LYS C 752 14.08 -76.14 -1.56
CA LYS C 752 13.38 -75.10 -0.83
C LYS C 752 12.28 -74.50 -1.67
N PHE C 753 12.53 -74.31 -2.97
CA PHE C 753 11.54 -73.64 -3.81
C PHE C 753 10.21 -74.36 -3.77
N LEU C 754 10.26 -75.66 -4.02
CA LEU C 754 9.05 -76.44 -4.06
C LEU C 754 8.49 -76.62 -2.65
N ALA C 755 9.38 -76.88 -1.67
CA ALA C 755 8.92 -77.05 -0.30
C ALA C 755 8.28 -75.79 0.25
N LEU C 756 8.65 -74.65 -0.29
CA LEU C 756 8.04 -73.38 0.06
C LEU C 756 6.68 -73.29 -0.60
N LEU C 757 6.65 -73.69 -1.84
CA LEU C 757 5.41 -73.65 -2.60
C LEU C 757 4.37 -74.59 -2.03
N ARG C 758 4.80 -75.58 -1.24
CA ARG C 758 3.87 -76.44 -0.54
C ARG C 758 2.87 -75.67 0.31
N GLU C 759 3.26 -74.55 0.89
CA GLU C 759 2.37 -73.91 1.85
C GLU C 759 1.14 -73.38 1.13
N GLU C 760 1.36 -72.73 0.01
CA GLU C 760 0.30 -72.09 -0.72
C GLU C 760 -0.43 -73.08 -1.61
N GLY C 761 0.31 -73.92 -2.33
CA GLY C 761 -0.32 -74.98 -3.09
C GLY C 761 -1.00 -76.03 -2.24
N ALA C 762 -0.31 -76.51 -1.20
CA ALA C 762 -0.87 -77.47 -0.23
C ALA C 762 -1.46 -78.73 -0.87
N MET D 25 -45.23 66.65 -38.90
CA MET D 25 -45.73 65.51 -38.08
C MET D 25 -46.15 64.33 -38.95
N ALA D 26 -46.25 64.54 -40.26
CA ALA D 26 -46.64 63.47 -41.16
C ALA D 26 -45.46 62.59 -41.53
N GLY D 27 -44.24 63.01 -41.19
CA GLY D 27 -43.03 62.26 -41.45
C GLY D 27 -42.02 63.09 -42.19
N ARG D 28 -40.75 62.93 -41.81
CA ARG D 28 -39.66 63.65 -42.44
C ARG D 28 -38.45 62.74 -42.53
N SER D 29 -37.65 62.98 -43.56
CA SER D 29 -36.45 62.20 -43.79
C SER D 29 -35.38 62.51 -42.76
N MET D 30 -34.73 61.46 -42.25
CA MET D 30 -33.65 61.58 -41.29
C MET D 30 -32.56 60.59 -41.71
N GLN D 31 -31.48 60.59 -40.94
CA GLN D 31 -30.28 59.81 -41.27
C GLN D 31 -29.66 59.20 -40.02
N ALA D 32 -29.63 57.86 -39.99
CA ALA D 32 -29.06 57.14 -38.87
C ALA D 32 -27.60 57.51 -38.62
N ALA D 33 -27.23 57.62 -37.34
CA ALA D 33 -25.87 57.95 -36.93
C ALA D 33 -25.51 57.08 -35.73
N ARG D 34 -24.31 57.31 -35.17
CA ARG D 34 -23.80 56.59 -34.01
C ARG D 34 -23.99 57.46 -32.78
N CYS D 35 -24.09 56.82 -31.61
CA CYS D 35 -24.29 57.58 -30.38
C CYS D 35 -23.09 58.51 -30.12
N PRO D 36 -23.30 59.81 -29.85
CA PRO D 36 -22.15 60.68 -29.59
C PRO D 36 -21.38 60.36 -28.32
N THR D 37 -22.06 60.07 -27.20
CA THR D 37 -21.43 59.83 -25.90
C THR D 37 -21.75 58.40 -25.43
N ASP D 38 -21.47 58.16 -24.14
CA ASP D 38 -21.72 56.86 -23.50
C ASP D 38 -22.87 56.91 -22.50
N GLU D 39 -23.10 58.05 -21.85
CA GLU D 39 -24.21 58.13 -20.89
C GLU D 39 -25.55 58.03 -21.61
N LEU D 40 -25.60 58.45 -22.88
CA LEU D 40 -26.82 58.35 -23.66
C LEU D 40 -27.05 56.94 -24.17
N SER D 41 -26.00 56.11 -24.20
CA SER D 41 -26.12 54.73 -24.63
C SER D 41 -26.74 53.84 -23.55
N LEU D 42 -27.06 54.39 -22.37
CA LEU D 42 -27.65 53.65 -21.26
C LEU D 42 -29.02 54.19 -20.87
N SER D 43 -29.60 55.07 -21.69
CA SER D 43 -30.92 55.66 -21.45
C SER D 43 -32.01 55.18 -22.40
N ASN D 44 -31.69 54.37 -23.41
CA ASN D 44 -32.67 53.91 -24.40
C ASN D 44 -33.35 55.08 -25.10
N CYS D 45 -32.59 56.14 -25.36
CA CYS D 45 -33.14 57.32 -26.01
C CYS D 45 -32.46 57.57 -27.34
N ALA D 46 -33.27 57.94 -28.33
CA ALA D 46 -32.80 58.27 -29.66
C ALA D 46 -32.13 59.62 -29.58
N VAL D 47 -30.80 59.62 -29.61
CA VAL D 47 -30.06 60.87 -29.48
C VAL D 47 -30.22 61.65 -30.78
N VAL D 48 -30.67 62.91 -30.66
CA VAL D 48 -30.92 63.79 -31.79
C VAL D 48 -30.32 65.17 -31.51
N SER D 49 -30.54 66.09 -32.46
CA SER D 49 -30.07 67.47 -32.38
C SER D 49 -31.14 68.38 -31.79
N GLU D 50 -30.67 69.46 -31.14
CA GLU D 50 -31.54 70.47 -30.53
C GLU D 50 -32.15 71.42 -31.56
N LYS D 51 -31.69 71.41 -32.80
CA LYS D 51 -32.19 72.35 -33.81
C LYS D 51 -33.45 71.87 -34.55
N ASP D 52 -33.95 70.66 -34.27
CA ASP D 52 -35.15 70.12 -34.91
C ASP D 52 -36.24 69.82 -33.90
N TYR D 53 -35.97 68.95 -32.93
CA TYR D 53 -36.92 68.52 -31.92
C TYR D 53 -36.36 68.91 -30.55
N GLN D 54 -37.06 68.52 -29.48
CA GLN D 54 -36.64 68.85 -28.13
C GLN D 54 -36.69 67.64 -27.22
N SER D 55 -35.74 67.59 -26.29
CA SER D 55 -35.62 66.50 -25.32
C SER D 55 -36.92 66.33 -24.55
N GLY D 56 -37.53 65.17 -24.71
CA GLY D 56 -38.79 64.86 -24.04
C GLY D 56 -39.77 64.26 -25.03
N GLN D 57 -39.73 64.74 -26.27
CA GLN D 57 -40.63 64.21 -27.28
C GLN D 57 -40.26 62.77 -27.60
N HIS D 58 -41.20 62.07 -28.22
CA HIS D 58 -41.06 60.67 -28.60
C HIS D 58 -41.27 60.58 -30.10
N VAL D 59 -40.66 59.58 -30.76
CA VAL D 59 -40.80 59.46 -32.21
C VAL D 59 -41.00 58.03 -32.65
N ILE D 60 -41.47 57.91 -33.89
CA ILE D 60 -41.74 56.62 -34.53
C ILE D 60 -40.92 56.56 -35.81
N VAL D 61 -40.01 55.60 -35.84
CA VAL D 61 -39.11 55.32 -36.96
C VAL D 61 -39.78 54.36 -37.93
N ARG D 62 -39.71 54.71 -39.21
CA ARG D 62 -40.22 53.94 -40.34
C ARG D 62 -39.10 53.69 -41.35
N THR D 63 -38.83 52.41 -41.62
CA THR D 63 -37.83 51.99 -42.60
C THR D 63 -38.49 51.30 -43.77
N SER D 64 -39.23 50.23 -43.51
CA SER D 64 -39.92 49.42 -44.49
C SER D 64 -41.43 49.61 -44.34
N PRO D 65 -42.25 49.08 -45.29
CA PRO D 65 -43.71 49.27 -45.15
C PRO D 65 -44.40 48.40 -44.11
N ASN D 66 -43.63 47.65 -43.30
CA ASN D 66 -44.23 46.80 -42.27
C ASN D 66 -43.43 46.79 -40.97
N HIS D 67 -42.48 47.70 -40.79
CA HIS D 67 -41.67 47.80 -39.58
C HIS D 67 -41.84 49.21 -39.02
N LYS D 68 -42.59 49.33 -37.92
CA LYS D 68 -42.80 50.61 -37.25
C LYS D 68 -42.28 50.43 -35.84
N TYR D 69 -41.30 51.25 -35.46
CA TYR D 69 -40.68 51.19 -34.14
C TYR D 69 -40.73 52.56 -33.51
N ILE D 70 -40.72 52.61 -32.19
CA ILE D 70 -40.86 53.86 -31.45
C ILE D 70 -39.71 54.00 -30.47
N PHE D 71 -39.11 55.19 -30.45
CA PHE D 71 -37.99 55.51 -29.60
C PHE D 71 -38.27 56.79 -28.81
N THR D 72 -37.35 57.10 -27.91
CA THR D 72 -37.41 58.23 -27.01
C THR D 72 -36.36 59.25 -27.44
N LEU D 73 -36.76 60.49 -27.67
CA LEU D 73 -35.77 61.47 -28.10
C LEU D 73 -35.01 62.02 -26.91
N ARG D 74 -33.77 62.43 -27.17
CA ARG D 74 -32.93 63.05 -26.15
C ARG D 74 -31.90 63.87 -26.94
N THR D 75 -32.22 65.14 -27.15
CA THR D 75 -31.37 66.07 -27.90
C THR D 75 -29.94 66.17 -27.37
N HIS D 76 -29.02 66.68 -28.19
CA HIS D 76 -27.65 66.87 -27.75
C HIS D 76 -26.91 67.76 -28.75
N PRO D 77 -26.16 68.82 -28.31
CA PRO D 77 -25.46 69.72 -29.27
C PRO D 77 -24.43 69.11 -30.22
N SER D 78 -24.22 67.79 -30.25
CA SER D 78 -23.22 67.18 -31.13
C SER D 78 -23.84 66.37 -32.26
N VAL D 79 -25.15 66.33 -32.36
CA VAL D 79 -25.84 65.63 -33.44
C VAL D 79 -25.95 66.61 -34.59
N VAL D 80 -25.83 66.13 -35.82
CA VAL D 80 -25.88 67.02 -36.98
C VAL D 80 -27.33 67.16 -37.39
N PRO D 81 -27.85 68.37 -37.63
CA PRO D 81 -29.26 68.52 -38.05
C PRO D 81 -29.59 67.66 -39.26
N GLY D 82 -30.70 66.93 -39.17
CA GLY D 82 -31.11 66.06 -40.25
C GLY D 82 -30.38 64.73 -40.13
N SER D 83 -30.30 64.19 -38.92
CA SER D 83 -29.65 62.92 -38.66
C SER D 83 -29.97 62.52 -37.23
N VAL D 84 -30.26 61.23 -37.03
CA VAL D 84 -30.60 60.69 -35.73
C VAL D 84 -29.52 59.70 -35.32
N ALA D 85 -29.04 59.82 -34.09
CA ALA D 85 -28.01 58.95 -33.54
C ALA D 85 -28.64 57.84 -32.70
N PHE D 86 -28.18 56.61 -32.95
CA PHE D 86 -28.62 55.41 -32.24
C PHE D 86 -27.44 54.65 -31.67
N SER D 87 -27.69 54.00 -30.54
CA SER D 87 -26.69 53.19 -29.87
C SER D 87 -26.72 51.77 -30.46
N LEU D 88 -25.77 50.94 -30.04
CA LEU D 88 -25.70 49.57 -30.56
C LEU D 88 -26.99 48.77 -30.31
N PRO D 89 -27.53 48.68 -29.08
CA PRO D 89 -28.79 47.91 -28.90
C PRO D 89 -29.93 48.40 -29.78
N GLN D 90 -30.03 49.71 -29.97
CA GLN D 90 -31.09 50.29 -30.78
C GLN D 90 -30.90 49.92 -32.25
N ARG D 91 -29.65 49.77 -32.67
CA ARG D 91 -29.37 49.40 -34.05
C ARG D 91 -29.48 47.90 -34.27
N LYS D 92 -29.28 47.09 -33.23
CA LYS D 92 -29.46 45.65 -33.33
C LYS D 92 -30.92 45.23 -33.18
N TRP D 93 -31.77 46.12 -32.68
CA TRP D 93 -33.19 45.84 -32.56
C TRP D 93 -33.91 46.37 -33.78
N ALA D 94 -33.67 47.64 -34.12
CA ALA D 94 -34.30 48.23 -35.29
C ALA D 94 -33.63 47.79 -36.60
N GLY D 95 -32.53 47.04 -36.54
CA GLY D 95 -31.84 46.56 -37.72
C GLY D 95 -31.45 47.73 -38.60
N LEU D 96 -30.74 48.69 -37.99
CA LEU D 96 -30.35 49.93 -38.62
C LEU D 96 -28.86 50.00 -38.89
N SER D 97 -28.52 50.69 -39.96
CA SER D 97 -27.15 50.87 -40.42
C SER D 97 -26.77 52.34 -40.31
N ILE D 98 -25.48 52.59 -40.16
CA ILE D 98 -24.96 53.96 -40.02
C ILE D 98 -24.98 54.58 -41.42
N GLY D 99 -26.04 55.33 -41.75
CA GLY D 99 -26.09 56.01 -43.04
C GLY D 99 -27.33 55.84 -43.89
N GLN D 100 -28.10 54.77 -43.70
CA GLN D 100 -29.28 54.59 -44.52
C GLN D 100 -30.34 55.63 -44.16
N GLU D 101 -31.17 55.96 -45.13
CA GLU D 101 -32.21 56.98 -44.95
C GLU D 101 -33.43 56.37 -44.28
N ILE D 102 -34.01 57.12 -43.35
CA ILE D 102 -35.14 56.67 -42.55
C ILE D 102 -36.18 57.78 -42.47
N GLU D 103 -37.43 57.39 -42.18
CA GLU D 103 -38.52 58.35 -42.03
C GLU D 103 -38.89 58.40 -40.56
N VAL D 104 -38.69 59.56 -39.93
CA VAL D 104 -38.98 59.75 -38.52
C VAL D 104 -40.17 60.67 -38.44
N ALA D 105 -41.11 60.34 -37.56
CA ALA D 105 -42.30 61.16 -37.38
C ALA D 105 -42.59 61.26 -35.91
N LEU D 106 -43.02 62.45 -35.48
CA LEU D 106 -43.37 62.60 -34.07
C LEU D 106 -44.52 61.67 -33.75
N TYR D 107 -44.43 60.98 -32.63
CA TYR D 107 -45.49 60.08 -32.18
C TYR D 107 -45.74 60.46 -30.72
N SER D 108 -46.93 60.98 -30.45
CA SER D 108 -47.33 61.46 -29.13
C SER D 108 -48.13 60.39 -28.40
N PHE D 109 -47.57 59.87 -27.31
CA PHE D 109 -48.30 58.86 -26.54
C PHE D 109 -49.55 59.46 -25.91
N ASP D 110 -50.58 58.63 -25.90
CA ASP D 110 -51.90 58.96 -25.37
C ASP D 110 -52.01 58.34 -23.98
N LYS D 111 -51.88 59.16 -22.93
CA LYS D 111 -51.92 58.69 -21.55
C LYS D 111 -53.31 58.23 -21.07
N ALA D 112 -54.03 57.46 -21.89
CA ALA D 112 -55.32 56.89 -21.56
C ALA D 112 -55.40 55.40 -21.89
N LYS D 113 -54.41 54.85 -22.61
CA LYS D 113 -54.38 53.44 -22.97
C LYS D 113 -52.96 52.91 -23.12
N GLN D 114 -51.92 53.72 -22.87
CA GLN D 114 -50.52 53.30 -23.00
C GLN D 114 -49.70 53.69 -21.79
N CYS D 115 -50.34 54.07 -20.68
CA CYS D 115 -49.62 54.47 -19.48
C CYS D 115 -49.30 53.20 -18.73
N ILE D 116 -48.02 52.78 -18.79
CA ILE D 116 -47.58 51.53 -18.19
C ILE D 116 -47.91 51.48 -16.70
N GLY D 117 -48.26 50.30 -16.23
CA GLY D 117 -48.56 50.01 -14.84
C GLY D 117 -47.94 48.70 -14.37
N THR D 118 -47.67 47.80 -15.33
CA THR D 118 -47.09 46.50 -15.07
C THR D 118 -46.31 46.14 -16.32
N MET D 119 -44.99 45.97 -16.18
CA MET D 119 -44.13 45.66 -17.32
C MET D 119 -43.06 44.64 -16.95
N THR D 120 -43.16 43.44 -17.56
CA THR D 120 -42.18 42.39 -17.36
C THR D 120 -41.06 42.56 -18.38
N ILE D 121 -39.82 42.38 -17.93
CA ILE D 121 -38.64 42.48 -18.77
C ILE D 121 -37.71 41.31 -18.49
N GLU D 122 -37.10 40.77 -19.55
CA GLU D 122 -36.10 39.72 -19.43
C GLU D 122 -34.75 40.42 -19.44
N ILE D 123 -34.07 40.41 -18.31
CA ILE D 123 -32.81 41.11 -18.11
C ILE D 123 -31.64 40.13 -18.18
N ASP D 124 -30.56 40.57 -18.82
CA ASP D 124 -29.36 39.75 -18.92
C ASP D 124 -28.20 40.65 -19.32
N PHE D 125 -27.05 40.41 -18.70
CA PHE D 125 -25.81 41.12 -18.98
C PHE D 125 -25.57 41.31 -20.47
N LEU D 126 -25.22 42.54 -20.85
CA LEU D 126 -24.95 42.89 -22.24
C LEU D 126 -23.67 42.27 -22.75
N GLN D 127 -22.55 42.56 -22.09
CA GLN D 127 -21.25 42.07 -22.51
C GLN D 127 -21.02 40.65 -22.01
N LYS D 128 -20.11 39.96 -22.68
CA LYS D 128 -19.80 38.58 -22.36
C LYS D 128 -18.62 38.48 -21.41
N LYS D 129 -17.82 39.55 -21.28
CA LYS D 129 -16.66 39.57 -20.40
C LYS D 129 -16.97 40.13 -19.03
N ASN D 130 -18.06 40.88 -18.86
CA ASN D 130 -18.43 41.44 -17.57
C ASN D 130 -19.52 40.62 -16.88
N ILE D 131 -19.55 39.31 -17.15
CA ILE D 131 -20.56 38.43 -16.56
C ILE D 131 -20.01 37.87 -15.25
N ASP D 132 -20.61 38.31 -14.16
CA ASP D 132 -20.27 37.90 -12.80
C ASP D 132 -21.48 37.18 -12.18
N SER D 133 -21.37 36.86 -10.89
CA SER D 133 -22.43 36.19 -10.15
C SER D 133 -22.89 36.99 -8.94
N ASN D 134 -22.59 38.28 -8.88
CA ASN D 134 -22.98 39.07 -7.73
C ASN D 134 -24.51 39.21 -7.68
N PRO D 135 -25.09 39.46 -6.50
CA PRO D 135 -26.53 39.63 -6.44
C PRO D 135 -26.93 41.06 -6.76
N TYR D 136 -28.01 41.19 -7.52
CA TYR D 136 -28.53 42.49 -7.96
C TYR D 136 -30.01 42.50 -7.57
N ASP D 137 -30.27 43.15 -6.43
CA ASP D 137 -31.58 43.31 -5.79
C ASP D 137 -32.68 43.83 -6.71
N THR D 138 -33.70 43.00 -6.98
CA THR D 138 -34.77 43.40 -7.89
C THR D 138 -35.50 44.65 -7.38
N ASP D 139 -35.73 44.76 -6.07
CA ASP D 139 -36.39 45.96 -5.57
C ASP D 139 -35.58 47.21 -5.91
N LYS D 140 -34.25 47.13 -5.81
CA LYS D 140 -33.42 48.27 -6.15
C LYS D 140 -33.37 48.49 -7.65
N MET D 141 -33.59 47.44 -8.43
CA MET D 141 -33.54 47.56 -9.87
C MET D 141 -34.84 48.15 -10.40
N ALA D 142 -35.98 47.72 -9.86
CA ALA D 142 -37.27 48.30 -10.23
C ALA D 142 -37.47 49.67 -9.62
N ALA D 143 -36.63 50.06 -8.65
CA ALA D 143 -36.70 51.38 -8.04
C ALA D 143 -35.75 52.35 -8.72
N GLU D 144 -34.66 51.83 -9.30
CA GLU D 144 -33.72 52.66 -10.04
C GLU D 144 -34.12 52.73 -11.50
N PHE D 145 -34.88 51.73 -11.97
CA PHE D 145 -35.37 51.70 -13.34
C PHE D 145 -36.35 52.84 -13.55
N ILE D 146 -37.27 53.03 -12.60
CA ILE D 146 -38.24 54.11 -12.68
C ILE D 146 -37.58 55.43 -12.29
N GLN D 147 -36.47 55.39 -11.54
CA GLN D 147 -35.75 56.60 -11.14
C GLN D 147 -34.84 57.11 -12.24
N GLN D 148 -34.71 56.38 -13.34
CA GLN D 148 -33.86 56.75 -14.45
C GLN D 148 -34.55 56.71 -15.80
N PHE D 149 -35.43 55.73 -16.04
CA PHE D 149 -36.13 55.58 -17.32
C PHE D 149 -37.58 56.05 -17.29
N ASN D 150 -37.96 56.95 -16.39
CA ASN D 150 -39.34 57.40 -16.37
C ASN D 150 -39.65 58.33 -17.54
N ASN D 151 -40.90 58.24 -18.02
CA ASN D 151 -41.35 59.06 -19.13
C ASN D 151 -40.54 58.76 -20.38
N GLN D 152 -40.50 57.47 -20.73
CA GLN D 152 -39.78 56.99 -21.91
C GLN D 152 -40.64 55.99 -22.64
N ALA D 153 -40.32 55.79 -23.92
CA ALA D 153 -41.05 54.91 -24.79
C ALA D 153 -40.41 53.53 -24.79
N PHE D 154 -41.23 52.49 -24.62
CA PHE D 154 -40.74 51.11 -24.62
C PHE D 154 -41.69 50.26 -25.46
N SER D 155 -41.12 49.29 -26.17
CA SER D 155 -41.90 48.40 -27.03
C SER D 155 -41.64 46.96 -26.62
N VAL D 156 -42.58 46.08 -26.98
CA VAL D 156 -42.45 44.67 -26.64
C VAL D 156 -41.33 44.08 -27.50
N GLY D 157 -40.30 43.57 -26.86
CA GLY D 157 -39.16 43.00 -27.54
C GLY D 157 -38.09 44.01 -27.85
N GLN D 158 -38.24 45.24 -27.38
CA GLN D 158 -37.26 46.29 -27.62
C GLN D 158 -36.05 46.06 -26.74
N GLN D 159 -34.86 46.19 -27.34
CA GLN D 159 -33.61 45.96 -26.64
C GLN D 159 -32.95 47.24 -26.20
N LEU D 160 -32.62 47.29 -24.91
CA LEU D 160 -31.93 48.40 -24.31
C LEU D 160 -30.94 47.83 -23.30
N VAL D 161 -30.22 48.72 -22.66
CA VAL D 161 -29.20 48.40 -21.68
C VAL D 161 -29.44 49.19 -20.39
N PHE D 162 -29.43 48.48 -19.27
CA PHE D 162 -29.70 49.09 -17.97
C PHE D 162 -28.42 49.33 -17.18
N SER D 163 -28.29 50.55 -16.65
CA SER D 163 -27.12 51.01 -15.88
C SER D 163 -27.38 50.89 -14.39
N PHE D 164 -27.03 49.74 -13.81
CA PHE D 164 -27.22 49.49 -12.38
C PHE D 164 -25.86 49.49 -11.73
N ASN D 165 -25.60 50.48 -10.88
CA ASN D 165 -24.30 50.60 -10.20
C ASN D 165 -23.18 50.66 -11.24
N ASP D 166 -23.38 51.43 -12.30
CA ASP D 166 -22.38 51.58 -13.37
C ASP D 166 -22.01 50.22 -13.97
N LYS D 167 -22.96 49.30 -14.01
CA LYS D 167 -22.72 47.95 -14.52
C LYS D 167 -23.57 47.83 -15.78
N LEU D 168 -22.96 47.33 -16.84
CA LEU D 168 -23.64 47.27 -18.13
C LEU D 168 -24.55 46.04 -18.18
N PHE D 169 -25.80 46.24 -18.61
CA PHE D 169 -26.79 45.17 -18.71
C PHE D 169 -27.46 45.22 -20.06
N GLY D 170 -28.27 44.19 -20.35
CA GLY D 170 -29.04 44.12 -21.57
C GLY D 170 -30.49 43.80 -21.30
N LEU D 171 -31.37 44.81 -21.29
CA LEU D 171 -32.78 44.56 -21.08
C LEU D 171 -33.44 44.08 -22.37
N LEU D 172 -34.51 43.32 -22.20
CA LEU D 172 -35.28 42.79 -23.33
C LEU D 172 -36.74 42.75 -22.86
N VAL D 173 -37.47 43.83 -23.16
CA VAL D 173 -38.87 43.92 -22.78
C VAL D 173 -39.62 42.71 -23.31
N LYS D 174 -40.35 42.04 -22.43
CA LYS D 174 -41.12 40.86 -22.77
C LYS D 174 -42.62 41.09 -22.74
N ASP D 175 -43.11 41.94 -21.84
CA ASP D 175 -44.54 42.18 -21.73
C ASP D 175 -44.76 43.55 -21.13
N ILE D 176 -45.66 44.33 -21.74
CA ILE D 176 -46.01 45.66 -21.29
C ILE D 176 -47.51 45.67 -21.04
N GLU D 177 -47.92 46.28 -19.92
CA GLU D 177 -49.33 46.40 -19.58
C GLU D 177 -49.59 47.78 -19.02
N ALA D 178 -50.65 48.42 -19.47
CA ALA D 178 -51.04 49.74 -19.00
C ALA D 178 -51.92 49.67 -17.76
N MET D 179 -51.95 50.77 -17.02
CA MET D 179 -52.80 50.83 -15.83
C MET D 179 -54.27 50.87 -16.26
N ARG D 193 -55.96 44.68 -16.94
CA ARG D 193 -54.70 44.52 -17.65
C ARG D 193 -54.90 44.49 -19.16
N GLN D 194 -54.18 45.37 -19.86
CA GLN D 194 -54.24 45.47 -21.31
C GLN D 194 -52.84 45.42 -21.90
N LYS D 195 -52.59 44.43 -22.76
CA LYS D 195 -51.30 44.34 -23.43
C LYS D 195 -51.23 45.44 -24.47
N ILE D 196 -50.06 46.06 -24.62
CA ILE D 196 -49.89 47.16 -25.56
C ILE D 196 -48.56 46.99 -26.30
N GLU D 197 -48.54 47.48 -27.54
CA GLU D 197 -47.33 47.42 -28.34
C GLU D 197 -46.27 48.35 -27.76
N VAL D 198 -46.56 49.64 -27.73
CA VAL D 198 -45.65 50.66 -27.21
C VAL D 198 -46.30 51.27 -25.97
N GLY D 199 -45.48 51.53 -24.94
CA GLY D 199 -45.96 52.12 -23.71
C GLY D 199 -45.07 53.26 -23.23
N LEU D 200 -45.53 53.85 -22.11
CA LEU D 200 -44.90 54.99 -21.46
C LEU D 200 -44.72 54.75 -19.98
N VAL D 201 -43.46 54.73 -19.52
CA VAL D 201 -43.21 54.61 -18.09
C VAL D 201 -43.52 55.95 -17.45
N VAL D 202 -44.18 55.91 -16.30
CA VAL D 202 -44.53 57.10 -15.55
C VAL D 202 -43.98 56.91 -14.14
N GLY D 203 -44.37 57.78 -13.21
CA GLY D 203 -43.85 57.68 -11.86
C GLY D 203 -44.38 56.52 -11.05
N ASN D 204 -45.57 56.00 -11.39
CA ASN D 204 -46.14 54.87 -10.65
C ASN D 204 -46.31 53.64 -11.52
N SER D 205 -45.29 53.28 -12.28
CA SER D 205 -45.33 52.09 -13.13
C SER D 205 -44.58 50.99 -12.40
N GLN D 206 -45.17 49.79 -12.37
CA GLN D 206 -44.52 48.67 -11.69
C GLN D 206 -43.80 47.88 -12.76
N VAL D 207 -42.56 47.51 -12.47
CA VAL D 207 -41.76 46.77 -13.41
C VAL D 207 -41.22 45.55 -12.71
N ALA D 208 -41.16 44.45 -13.45
CA ALA D 208 -40.68 43.18 -12.94
C ALA D 208 -39.58 42.71 -13.86
N PHE D 209 -38.50 42.23 -13.27
CA PHE D 209 -37.37 41.70 -14.01
C PHE D 209 -37.30 40.20 -13.78
N GLU D 210 -36.77 39.53 -14.77
CA GLU D 210 -36.62 38.09 -14.73
C GLU D 210 -35.36 37.81 -15.53
N LYS D 211 -34.35 37.29 -14.85
CA LYS D 211 -33.10 36.97 -15.50
C LYS D 211 -33.36 36.02 -16.65
N ALA D 212 -32.49 36.06 -17.66
CA ALA D 212 -32.65 35.12 -18.76
C ALA D 212 -32.66 33.72 -18.17
N GLU D 213 -33.43 32.83 -18.79
CA GLU D 213 -33.63 31.50 -18.23
C GLU D 213 -32.31 30.78 -17.97
N ASN D 214 -32.14 30.37 -16.71
CA ASN D 214 -30.93 29.70 -16.24
C ASN D 214 -29.66 30.48 -16.58
N SER D 215 -29.71 31.81 -16.46
CA SER D 215 -28.53 32.62 -16.72
C SER D 215 -27.62 32.59 -15.49
N SER D 216 -26.81 33.64 -15.28
CA SER D 216 -25.96 33.71 -14.11
C SER D 216 -26.23 34.96 -13.30
N LEU D 217 -27.29 35.70 -13.64
CA LEU D 217 -27.65 36.86 -12.85
C LEU D 217 -28.50 36.36 -11.69
N ASN D 218 -27.94 36.34 -10.49
CA ASN D 218 -28.70 35.89 -9.34
C ASN D 218 -29.46 37.10 -8.81
N LEU D 219 -30.75 37.13 -9.08
CA LEU D 219 -31.61 38.24 -8.67
C LEU D 219 -32.33 37.83 -7.40
N ILE D 220 -32.45 38.80 -6.50
CA ILE D 220 -33.05 38.60 -5.19
C ILE D 220 -34.14 39.63 -4.97
N GLY D 221 -35.10 39.27 -4.14
CA GLY D 221 -36.25 40.09 -3.82
C GLY D 221 -37.52 39.45 -4.36
N LYS D 222 -38.63 40.19 -4.19
CA LYS D 222 -39.94 39.74 -4.62
C LYS D 222 -40.42 40.37 -5.94
N ALA D 223 -39.72 41.37 -6.47
CA ALA D 223 -40.11 41.98 -7.75
C ALA D 223 -39.62 41.15 -8.93
N LYS D 224 -39.85 39.83 -8.90
CA LYS D 224 -39.39 38.92 -9.93
C LYS D 224 -40.55 38.52 -10.83
N THR D 225 -40.31 37.56 -11.72
CA THR D 225 -41.33 36.97 -12.61
C THR D 225 -41.62 37.90 -13.78
N ILE D 232 -41.32 29.02 -15.94
CA ILE D 232 -42.10 27.97 -15.31
C ILE D 232 -41.23 27.05 -14.49
N ILE D 233 -41.78 26.65 -13.35
CA ILE D 233 -41.08 25.74 -12.45
C ILE D 233 -41.43 24.34 -12.96
N ASN D 234 -40.78 23.97 -14.07
CA ASN D 234 -40.99 22.70 -14.74
C ASN D 234 -39.72 21.85 -14.81
N PRO D 235 -39.76 20.56 -14.40
CA PRO D 235 -38.56 19.71 -14.48
C PRO D 235 -38.37 18.93 -15.77
N ASP D 236 -39.47 18.47 -16.37
CA ASP D 236 -39.44 17.55 -17.52
C ASP D 236 -39.74 18.14 -18.90
N TRP D 237 -38.73 18.09 -19.77
CA TRP D 237 -38.79 18.74 -21.07
C TRP D 237 -39.38 17.87 -22.17
N ASN D 238 -38.70 16.76 -22.50
CA ASN D 238 -39.23 15.63 -23.23
C ASN D 238 -38.79 14.34 -22.55
N PHE D 239 -39.74 13.53 -22.07
CA PHE D 239 -39.39 12.14 -21.81
C PHE D 239 -39.59 11.24 -23.02
N GLU D 240 -40.77 11.27 -23.61
CA GLU D 240 -41.13 10.53 -24.84
C GLU D 240 -40.71 9.06 -24.82
N LYS D 241 -40.81 8.43 -23.64
CA LYS D 241 -40.83 6.98 -23.48
C LYS D 241 -39.67 6.34 -24.24
N MET D 242 -38.49 6.87 -24.01
CA MET D 242 -37.34 6.60 -24.84
C MET D 242 -36.21 6.01 -24.02
N GLY D 243 -35.68 4.90 -24.51
CA GLY D 243 -34.39 4.42 -24.13
C GLY D 243 -34.41 3.23 -23.17
N ILE D 244 -35.43 3.14 -22.32
CA ILE D 244 -35.44 2.11 -21.29
C ILE D 244 -35.74 0.74 -21.89
N GLY D 245 -36.82 0.65 -22.65
CA GLY D 245 -37.17 -0.54 -23.38
C GLY D 245 -37.79 -1.66 -22.57
N GLY D 246 -37.90 -1.52 -21.26
CA GLY D 246 -38.46 -2.58 -20.44
C GLY D 246 -38.99 -2.05 -19.14
N LEU D 247 -39.69 -2.93 -18.42
CA LEU D 247 -40.09 -2.69 -17.04
C LEU D 247 -40.94 -1.45 -16.91
N ASP D 248 -41.92 -1.35 -17.79
CA ASP D 248 -42.86 -0.25 -17.76
C ASP D 248 -43.57 -0.17 -16.41
N LYS D 249 -43.88 -1.33 -15.83
CA LYS D 249 -44.48 -1.38 -14.51
C LYS D 249 -43.66 -0.64 -13.49
N GLU D 250 -42.38 -0.99 -13.42
CA GLU D 250 -41.53 -0.41 -12.41
C GLU D 250 -41.40 1.08 -12.65
N PHE D 251 -41.22 1.47 -13.90
CA PHE D 251 -41.10 2.87 -14.22
C PHE D 251 -42.34 3.65 -13.82
N SER D 252 -43.51 3.05 -14.00
CA SER D 252 -44.74 3.72 -13.63
C SER D 252 -44.79 3.92 -12.13
N ASP D 253 -44.47 2.87 -11.39
CA ASP D 253 -44.56 2.95 -9.94
C ASP D 253 -43.59 3.99 -9.40
N ILE D 254 -42.37 4.00 -9.93
CA ILE D 254 -41.38 4.97 -9.49
C ILE D 254 -41.85 6.37 -9.81
N PHE D 255 -42.33 6.55 -11.03
CA PHE D 255 -42.68 7.88 -11.50
C PHE D 255 -43.78 8.46 -10.64
N ARG D 256 -44.81 7.68 -10.40
CA ARG D 256 -45.92 8.18 -9.60
C ARG D 256 -45.50 8.36 -8.15
N ARG D 257 -44.59 7.50 -7.67
CA ARG D 257 -44.21 7.54 -6.27
C ARG D 257 -43.37 8.77 -5.94
N ALA D 258 -42.32 9.02 -6.72
CA ALA D 258 -41.33 10.01 -6.35
C ALA D 258 -41.31 11.28 -7.19
N PHE D 259 -42.10 11.35 -8.25
CA PHE D 259 -42.24 12.58 -9.01
C PHE D 259 -43.61 13.22 -8.85
N ALA D 260 -44.50 12.62 -8.07
CA ALA D 260 -45.78 13.26 -7.80
C ALA D 260 -45.56 14.62 -7.17
N SER D 261 -44.65 14.68 -6.19
CA SER D 261 -44.28 15.95 -5.59
C SER D 261 -43.72 16.93 -6.61
N ARG D 262 -43.02 16.43 -7.60
CA ARG D 262 -42.49 17.31 -8.63
C ARG D 262 -43.57 17.76 -9.60
N VAL D 263 -44.39 16.84 -10.07
CA VAL D 263 -45.28 17.17 -11.16
C VAL D 263 -46.47 18.05 -10.76
N PHE D 264 -46.93 18.02 -9.50
CA PHE D 264 -48.25 18.59 -9.22
C PHE D 264 -48.17 20.11 -9.38
N PRO D 265 -49.30 20.81 -9.49
CA PRO D 265 -49.27 22.28 -9.38
C PRO D 265 -49.16 22.72 -7.94
N PRO D 266 -48.38 23.76 -7.65
CA PRO D 266 -47.89 23.99 -6.27
C PRO D 266 -48.96 24.10 -5.19
N GLU D 267 -50.12 24.64 -5.53
CA GLU D 267 -51.16 24.92 -4.54
C GLU D 267 -51.61 23.65 -3.82
N ILE D 268 -51.72 22.55 -4.55
CA ILE D 268 -52.39 21.36 -4.03
C ILE D 268 -51.69 20.87 -2.78
N VAL D 269 -50.37 20.78 -2.81
CA VAL D 269 -49.68 20.35 -1.61
C VAL D 269 -49.61 21.48 -0.62
N GLU D 270 -49.65 22.73 -1.06
CA GLU D 270 -49.76 23.83 -0.10
C GLU D 270 -50.90 23.57 0.86
N GLN D 271 -52.01 22.98 0.39
CA GLN D 271 -52.98 22.49 1.37
C GLN D 271 -52.43 21.37 2.24
N MET D 272 -51.66 20.45 1.67
CA MET D 272 -50.94 19.46 2.46
C MET D 272 -49.71 20.04 3.18
N GLY D 273 -49.11 19.19 4.00
CA GLY D 273 -47.80 19.40 4.57
C GLY D 273 -46.71 18.56 3.93
N CYS D 274 -47.00 17.93 2.80
CA CYS D 274 -46.11 16.92 2.23
C CYS D 274 -44.90 17.53 1.54
N LYS D 275 -43.74 17.13 2.04
CA LYS D 275 -42.41 17.34 1.50
C LYS D 275 -42.12 16.51 0.25
N HIS D 276 -41.00 16.83 -0.36
CA HIS D 276 -40.36 15.95 -1.33
C HIS D 276 -39.82 14.70 -0.62
N VAL D 277 -39.83 13.57 -1.33
CA VAL D 277 -39.02 12.43 -0.93
C VAL D 277 -37.54 12.79 -1.09
N LYS D 278 -36.72 12.32 -0.15
CA LYS D 278 -35.31 12.64 -0.23
C LYS D 278 -34.63 11.80 -1.31
N GLY D 279 -34.96 10.51 -1.37
CA GLY D 279 -34.24 9.63 -2.27
C GLY D 279 -34.88 8.26 -2.35
N ILE D 280 -34.34 7.45 -3.28
CA ILE D 280 -34.81 6.10 -3.55
C ILE D 280 -33.63 5.17 -3.76
N LEU D 281 -33.94 3.89 -3.84
CA LEU D 281 -32.94 2.87 -4.08
C LEU D 281 -33.53 1.79 -4.96
N LEU D 282 -32.72 1.36 -5.90
CA LEU D 282 -33.10 0.29 -6.80
C LEU D 282 -31.92 -0.63 -7.03
N TYR D 283 -32.22 -1.92 -7.07
CA TYR D 283 -31.21 -2.96 -7.17
C TYR D 283 -31.77 -4.14 -7.93
N GLY D 284 -30.89 -5.05 -8.23
CA GLY D 284 -31.23 -6.25 -8.94
C GLY D 284 -29.98 -6.91 -9.46
N PRO D 285 -30.14 -8.03 -10.14
CA PRO D 285 -28.99 -8.70 -10.69
C PRO D 285 -28.29 -7.84 -11.72
N PRO D 286 -27.05 -8.15 -12.02
CA PRO D 286 -26.30 -7.33 -12.97
C PRO D 286 -26.85 -7.58 -14.36
N GLY D 287 -26.42 -6.73 -15.28
CA GLY D 287 -26.86 -6.89 -16.65
C GLY D 287 -28.36 -6.85 -16.83
N CYS D 288 -29.07 -6.22 -15.90
CA CYS D 288 -30.51 -6.24 -15.88
C CYS D 288 -31.14 -4.90 -16.26
N GLY D 289 -30.34 -3.86 -16.44
CA GLY D 289 -30.83 -2.63 -17.03
C GLY D 289 -31.01 -1.46 -16.13
N LYS D 290 -30.42 -1.47 -14.95
CA LYS D 290 -30.73 -0.42 -14.00
C LYS D 290 -29.96 0.86 -14.29
N THR D 291 -28.70 0.76 -14.68
CA THR D 291 -27.95 1.99 -14.93
C THR D 291 -28.47 2.77 -16.12
N LEU D 292 -29.07 2.10 -17.10
CA LEU D 292 -29.75 2.79 -18.18
C LEU D 292 -30.81 3.75 -17.66
N LEU D 293 -31.72 3.24 -16.86
CA LEU D 293 -32.77 4.08 -16.33
C LEU D 293 -32.16 5.11 -15.40
N ALA D 294 -31.15 4.72 -14.65
CA ALA D 294 -30.64 5.65 -13.67
C ALA D 294 -29.90 6.79 -14.34
N ARG D 295 -29.49 6.60 -15.57
CA ARG D 295 -29.09 7.73 -16.39
C ARG D 295 -30.30 8.53 -16.81
N GLN D 296 -31.28 7.88 -17.44
CA GLN D 296 -32.38 8.61 -18.06
C GLN D 296 -33.15 9.44 -17.06
N ILE D 297 -33.51 8.84 -15.94
CA ILE D 297 -33.99 9.62 -14.81
C ILE D 297 -32.87 10.54 -14.41
N GLY D 298 -33.16 11.83 -14.40
CA GLY D 298 -32.26 12.81 -13.89
C GLY D 298 -31.36 13.36 -14.98
N LYS D 299 -31.11 12.56 -16.01
CA LYS D 299 -30.44 13.06 -17.20
C LYS D 299 -31.43 13.86 -18.03
N MET D 300 -32.49 13.19 -18.48
CA MET D 300 -33.54 13.79 -19.27
C MET D 300 -34.68 14.38 -18.46
N LEU D 301 -35.09 13.70 -17.40
CA LEU D 301 -36.37 14.01 -16.79
C LEU D 301 -36.36 15.35 -16.08
N ASN D 302 -35.34 15.63 -15.29
CA ASN D 302 -35.27 16.88 -14.55
C ASN D 302 -34.41 17.89 -15.27
N ALA D 303 -34.77 19.16 -15.10
CA ALA D 303 -33.97 20.25 -15.61
C ALA D 303 -32.90 20.49 -14.56
N ARG D 304 -31.70 19.94 -14.81
CA ARG D 304 -30.55 20.00 -13.92
C ARG D 304 -29.48 19.15 -14.59
N GLU D 305 -28.25 19.30 -14.10
CA GLU D 305 -27.13 18.48 -14.48
C GLU D 305 -26.91 17.43 -13.40
N PRO D 306 -26.87 16.14 -13.71
CA PRO D 306 -26.70 15.14 -12.65
C PRO D 306 -25.32 15.22 -12.06
N LYS D 307 -25.23 15.00 -10.75
CA LYS D 307 -23.96 14.76 -10.12
C LYS D 307 -23.79 13.27 -9.88
N VAL D 308 -22.77 12.74 -10.48
CA VAL D 308 -22.36 11.36 -10.32
C VAL D 308 -21.29 11.27 -9.26
N VAL D 309 -21.41 10.28 -8.39
CA VAL D 309 -20.24 9.81 -7.67
C VAL D 309 -20.05 8.36 -8.07
N ASN D 310 -18.84 8.01 -8.41
CA ASN D 310 -18.49 6.61 -8.52
C ASN D 310 -18.24 6.11 -7.10
N GLY D 311 -18.17 4.81 -6.93
CA GLY D 311 -18.33 4.25 -5.61
C GLY D 311 -17.41 4.66 -4.48
N PRO D 312 -16.13 4.30 -4.55
CA PRO D 312 -15.17 4.76 -3.54
C PRO D 312 -14.61 6.15 -3.74
N GLU D 313 -14.84 6.78 -4.89
CA GLU D 313 -14.13 8.01 -5.27
C GLU D 313 -14.14 9.09 -4.22
N ILE D 314 -15.13 9.09 -3.34
CA ILE D 314 -15.18 10.03 -2.24
C ILE D 314 -13.98 9.81 -1.35
N LEU D 315 -13.63 8.56 -1.13
CA LEU D 315 -12.73 8.18 -0.06
C LEU D 315 -11.32 8.70 -0.28
N ASN D 316 -10.75 9.21 0.79
CA ASN D 316 -9.36 9.59 0.83
C ASN D 316 -8.90 9.45 2.27
N LYS D 317 -7.59 9.43 2.45
CA LYS D 317 -7.01 8.93 3.69
C LYS D 317 -7.25 9.91 4.84
N TYR D 318 -7.11 11.21 4.60
CA TYR D 318 -7.26 12.18 5.67
C TYR D 318 -8.68 12.18 6.24
N VAL D 319 -8.74 12.19 7.57
CA VAL D 319 -9.92 11.76 8.31
C VAL D 319 -11.15 12.58 7.97
N GLY D 320 -10.97 13.85 7.63
CA GLY D 320 -12.10 14.74 7.45
C GLY D 320 -12.36 15.05 6.00
N GLU D 321 -11.52 14.55 5.12
CA GLU D 321 -11.68 14.83 3.71
C GLU D 321 -12.79 13.96 3.14
N SER D 322 -13.07 12.83 3.78
CA SER D 322 -14.15 11.96 3.37
C SER D 322 -15.49 12.68 3.45
N GLU D 323 -15.83 13.14 4.64
CA GLU D 323 -17.05 13.91 4.85
C GLU D 323 -16.99 15.22 4.11
N ALA D 324 -15.82 15.83 4.09
CA ALA D 324 -15.70 17.12 3.44
C ALA D 324 -15.84 16.99 1.94
N ASN D 325 -15.88 15.77 1.40
CA ASN D 325 -16.26 15.55 0.02
C ASN D 325 -17.74 15.29 -0.20
N ILE D 326 -18.49 14.91 0.83
CA ILE D 326 -19.93 14.74 0.68
C ILE D 326 -20.64 16.08 0.79
N ARG D 327 -20.26 16.88 1.76
CA ARG D 327 -20.82 18.20 1.91
C ARG D 327 -20.62 19.03 0.65
N LYS D 328 -19.58 18.71 -0.12
CA LYS D 328 -19.38 19.31 -1.43
C LYS D 328 -20.59 19.05 -2.29
N LEU D 329 -21.21 17.88 -2.10
CA LEU D 329 -22.33 17.47 -2.92
C LEU D 329 -23.58 18.27 -2.57
N PHE D 330 -23.86 18.47 -1.27
CA PHE D 330 -25.12 19.06 -0.85
C PHE D 330 -24.99 20.55 -0.58
N ALA D 331 -23.81 21.13 -0.74
CA ALA D 331 -23.64 22.54 -0.43
C ALA D 331 -24.50 23.40 -1.33
N ASP D 332 -24.50 23.11 -2.63
CA ASP D 332 -25.32 23.87 -3.55
C ASP D 332 -26.79 23.79 -3.14
N ALA D 333 -27.28 22.59 -2.89
CA ALA D 333 -28.69 22.43 -2.63
C ALA D 333 -29.11 22.89 -1.25
N GLU D 334 -28.19 23.00 -0.29
CA GLU D 334 -28.58 23.57 1.00
C GLU D 334 -28.48 25.07 1.00
N GLU D 335 -27.59 25.63 0.20
CA GLU D 335 -27.48 27.07 0.24
C GLU D 335 -28.61 27.66 -0.58
N GLU D 336 -28.92 27.09 -1.76
CA GLU D 336 -30.09 27.60 -2.44
C GLU D 336 -31.36 27.24 -1.71
N GLN D 337 -31.35 26.19 -0.88
CA GLN D 337 -32.49 25.96 0.00
C GLN D 337 -32.66 27.13 0.95
N ARG D 338 -31.59 27.51 1.65
CA ARG D 338 -31.65 28.67 2.53
C ARG D 338 -32.21 29.86 1.78
N ARG D 339 -31.60 30.20 0.65
CA ARG D 339 -32.06 31.34 -0.12
C ARG D 339 -33.53 31.21 -0.53
N LEU D 340 -33.77 30.34 -1.48
CA LEU D 340 -35.09 30.04 -1.99
C LEU D 340 -35.58 28.78 -1.29
N GLY D 341 -36.58 28.94 -0.42
CA GLY D 341 -37.10 27.79 0.31
C GLY D 341 -37.98 26.87 -0.51
N ALA D 342 -38.97 27.42 -1.22
CA ALA D 342 -40.05 26.58 -1.73
C ALA D 342 -39.56 25.65 -2.82
N ASN D 343 -38.75 26.18 -3.73
CA ASN D 343 -38.33 25.49 -4.92
C ASN D 343 -36.84 25.76 -5.14
N SER D 344 -36.23 24.87 -5.91
CA SER D 344 -34.81 25.02 -6.22
C SER D 344 -34.48 24.15 -7.42
N GLY D 345 -33.23 24.25 -7.87
CA GLY D 345 -32.85 23.52 -9.06
C GLY D 345 -32.68 22.02 -8.91
N LEU D 346 -33.03 21.47 -7.75
CA LEU D 346 -33.15 20.04 -7.52
C LEU D 346 -31.83 19.32 -7.87
N HIS D 347 -30.77 19.73 -7.20
CA HIS D 347 -29.49 19.07 -7.41
C HIS D 347 -29.58 17.62 -7.01
N ILE D 348 -29.33 16.70 -7.96
CA ILE D 348 -29.40 15.27 -7.69
C ILE D 348 -28.02 14.66 -7.67
N ILE D 349 -27.85 13.75 -6.73
CA ILE D 349 -26.67 12.92 -6.59
C ILE D 349 -27.02 11.50 -6.98
N ILE D 350 -26.07 10.83 -7.59
CA ILE D 350 -26.18 9.41 -7.90
C ILE D 350 -25.07 8.69 -7.18
N PHE D 351 -25.44 7.91 -6.16
CA PHE D 351 -24.54 6.88 -5.72
C PHE D 351 -24.59 5.73 -6.70
N ASP D 352 -23.51 4.94 -6.69
CA ASP D 352 -23.42 3.78 -7.54
C ASP D 352 -22.57 2.73 -6.85
N GLU D 353 -22.99 1.49 -6.94
CA GLU D 353 -22.31 0.38 -6.29
C GLU D 353 -22.04 0.68 -4.83
N ILE D 354 -23.11 1.10 -4.16
CA ILE D 354 -23.07 1.66 -2.83
C ILE D 354 -22.59 0.68 -1.78
N ASP D 355 -22.61 -0.61 -2.09
CA ASP D 355 -22.35 -1.62 -1.08
C ASP D 355 -20.95 -1.48 -0.49
N ALA D 356 -19.97 -1.09 -1.29
CA ALA D 356 -18.64 -0.92 -0.77
C ALA D 356 -18.55 0.27 0.16
N ILE D 357 -19.02 1.41 -0.33
CA ILE D 357 -18.84 2.66 0.39
C ILE D 357 -19.70 2.73 1.64
N CYS D 358 -20.94 2.25 1.57
CA CYS D 358 -21.84 2.22 2.72
C CYS D 358 -22.15 0.79 3.11
N LYS D 359 -21.64 0.36 4.25
CA LYS D 359 -22.16 -0.80 4.94
C LYS D 359 -22.22 -0.53 6.43
N GLN D 360 -22.86 -1.46 7.13
CA GLN D 360 -23.24 -1.32 8.52
C GLN D 360 -22.08 -0.86 9.41
N ARG D 361 -22.41 0.04 10.33
CA ARG D 361 -21.40 0.76 11.09
C ARG D 361 -20.62 -0.19 11.98
N GLY D 362 -21.27 -1.26 12.43
CA GLY D 362 -20.74 -2.13 13.45
C GLY D 362 -19.96 -3.27 12.87
N SER D 363 -19.37 -3.07 11.69
CA SER D 363 -18.46 -4.03 11.09
C SER D 363 -17.17 -3.32 10.74
N MET D 364 -16.10 -3.68 11.46
CA MET D 364 -14.76 -3.15 11.29
C MET D 364 -13.81 -4.21 10.76
N ALA D 365 -14.31 -5.38 10.40
CA ALA D 365 -13.45 -6.49 10.04
C ALA D 365 -12.75 -6.17 8.73
N GLY D 366 -11.42 -6.17 8.77
CA GLY D 366 -10.60 -5.87 7.63
C GLY D 366 -10.26 -4.40 7.50
N SER D 367 -11.15 -3.53 7.97
CA SER D 367 -10.87 -2.10 7.97
C SER D 367 -9.94 -1.74 9.11
N THR D 368 -10.30 -2.17 10.32
CA THR D 368 -9.66 -1.70 11.55
C THR D 368 -9.64 -0.18 11.51
N GLY D 369 -10.75 0.39 11.08
CA GLY D 369 -10.91 1.83 11.05
C GLY D 369 -12.33 2.26 11.28
N VAL D 370 -12.46 3.44 11.86
CA VAL D 370 -13.75 4.09 12.07
C VAL D 370 -14.31 4.58 10.74
N HIS D 371 -13.48 4.64 9.68
CA HIS D 371 -13.76 5.28 8.40
C HIS D 371 -14.85 4.60 7.58
N ASP D 372 -15.34 3.44 8.02
CA ASP D 372 -16.63 2.94 7.58
C ASP D 372 -17.79 3.88 7.88
N THR D 373 -17.58 4.85 8.76
CA THR D 373 -18.60 5.70 9.33
C THR D 373 -18.74 7.05 8.65
N VAL D 374 -18.31 7.15 7.40
CA VAL D 374 -18.81 8.24 6.57
C VAL D 374 -20.33 8.23 6.54
N VAL D 375 -20.94 7.05 6.67
CA VAL D 375 -22.39 6.91 6.58
C VAL D 375 -23.05 7.79 7.63
N ASN D 376 -22.44 7.88 8.80
CA ASN D 376 -23.01 8.68 9.87
C ASN D 376 -23.14 10.11 9.42
N GLN D 377 -22.11 10.61 8.74
CA GLN D 377 -22.20 11.93 8.16
C GLN D 377 -23.34 11.98 7.17
N LEU D 378 -23.54 10.92 6.41
CA LEU D 378 -24.56 10.97 5.38
C LEU D 378 -25.94 11.13 5.98
N LEU D 379 -26.32 10.20 6.82
CA LEU D 379 -27.70 10.25 7.27
C LEU D 379 -27.89 11.37 8.28
N SER D 380 -26.84 11.86 8.91
CA SER D 380 -26.97 13.07 9.70
C SER D 380 -26.95 14.32 8.84
N LYS D 381 -26.55 14.19 7.58
CA LYS D 381 -26.60 15.27 6.62
C LYS D 381 -27.94 15.37 5.88
N ILE D 382 -28.58 14.24 5.56
CA ILE D 382 -29.69 14.28 4.60
C ILE D 382 -30.92 14.94 5.20
N ASP D 383 -31.50 14.31 6.23
CA ASP D 383 -32.54 14.99 7.00
C ASP D 383 -31.93 15.82 8.11
N GLY D 384 -30.94 15.26 8.83
CA GLY D 384 -30.11 16.02 9.74
C GLY D 384 -30.94 16.76 10.75
N VAL D 385 -30.33 17.81 11.28
CA VAL D 385 -31.15 18.81 11.97
C VAL D 385 -31.82 19.69 10.94
N GLU D 386 -31.14 19.97 9.82
CA GLU D 386 -31.71 20.74 8.73
C GLU D 386 -32.36 19.75 7.76
N GLN D 387 -33.68 19.75 7.72
CA GLN D 387 -34.39 19.04 6.66
C GLN D 387 -34.25 19.78 5.34
N LEU D 388 -33.96 19.03 4.27
CA LEU D 388 -33.79 19.59 2.94
C LEU D 388 -34.72 18.93 1.94
N ASN D 389 -35.50 19.75 1.30
CA ASN D 389 -36.44 19.35 0.29
C ASN D 389 -35.87 19.86 -1.01
N ASN D 390 -36.36 19.29 -2.11
CA ASN D 390 -35.91 19.67 -3.44
C ASN D 390 -34.47 19.20 -3.65
N ILE D 391 -34.17 18.01 -3.14
CA ILE D 391 -33.00 17.21 -3.51
C ILE D 391 -33.43 15.77 -3.74
N LEU D 392 -32.95 15.13 -4.80
CA LEU D 392 -33.22 13.71 -5.04
C LEU D 392 -31.92 12.91 -5.19
N VAL D 393 -31.93 11.69 -4.68
CA VAL D 393 -30.76 10.81 -4.66
C VAL D 393 -31.20 9.39 -4.93
N ILE D 394 -30.43 8.65 -5.74
CA ILE D 394 -30.75 7.28 -6.13
C ILE D 394 -29.59 6.36 -5.83
N GLY D 395 -29.87 5.25 -5.15
CA GLY D 395 -28.87 4.20 -4.98
C GLY D 395 -28.99 3.04 -5.95
N MET D 396 -27.83 2.42 -6.18
CA MET D 396 -27.68 1.28 -7.07
C MET D 396 -26.78 0.23 -6.44
N THR D 397 -27.25 -1.00 -6.29
CA THR D 397 -26.41 -2.07 -5.77
C THR D 397 -26.72 -3.43 -6.36
N ASN D 398 -25.68 -4.23 -6.52
CA ASN D 398 -25.88 -5.65 -6.69
C ASN D 398 -26.34 -6.26 -5.37
N ARG D 399 -25.69 -5.87 -4.26
CA ARG D 399 -25.94 -6.43 -2.95
C ARG D 399 -26.86 -5.51 -2.17
N PRO D 400 -28.16 -5.85 -1.99
CA PRO D 400 -29.03 -5.00 -1.19
C PRO D 400 -28.93 -5.21 0.30
N ASP D 401 -28.33 -6.30 0.74
CA ASP D 401 -28.56 -6.76 2.10
C ASP D 401 -27.53 -6.28 3.10
N LEU D 402 -26.47 -5.64 2.65
CA LEU D 402 -25.36 -5.25 3.50
C LEU D 402 -25.45 -3.82 3.97
N ILE D 403 -26.47 -3.10 3.57
CA ILE D 403 -26.58 -1.71 3.91
C ILE D 403 -27.19 -1.59 5.29
N ASP D 404 -26.68 -0.65 6.09
CA ASP D 404 -27.39 -0.33 7.32
C ASP D 404 -28.75 0.20 6.98
N GLU D 405 -29.76 -0.44 7.53
CA GLU D 405 -31.11 -0.07 7.17
C GLU D 405 -31.55 1.22 7.86
N ALA D 406 -30.68 1.79 8.71
CA ALA D 406 -30.95 3.07 9.34
C ALA D 406 -31.12 4.20 8.33
N LEU D 407 -30.51 4.08 7.15
CA LEU D 407 -30.67 5.08 6.11
C LEU D 407 -31.59 4.58 5.02
N LEU D 408 -32.08 3.37 5.17
CA LEU D 408 -33.14 2.81 4.36
C LEU D 408 -34.52 3.13 4.89
N ARG D 409 -34.64 3.61 6.12
CA ARG D 409 -35.95 3.93 6.60
C ARG D 409 -36.59 5.03 5.77
N PRO D 410 -37.92 5.04 5.68
CA PRO D 410 -38.61 5.96 4.79
C PRO D 410 -38.33 7.41 5.13
N GLY D 411 -38.25 8.21 4.08
CA GLY D 411 -37.99 9.61 4.19
C GLY D 411 -36.57 9.84 3.76
N ARG D 412 -35.68 8.91 4.08
CA ARG D 412 -34.35 8.95 3.53
C ARG D 412 -34.25 8.17 2.23
N LEU D 413 -34.69 6.92 2.26
CA LEU D 413 -34.97 6.17 1.04
C LEU D 413 -36.30 5.46 1.18
N GLU D 414 -37.26 5.82 0.33
CA GLU D 414 -38.59 5.25 0.51
C GLU D 414 -38.63 3.85 -0.05
N VAL D 415 -38.09 3.68 -1.25
CA VAL D 415 -38.43 2.52 -2.07
C VAL D 415 -37.15 1.71 -2.19
N LYS D 416 -37.31 0.43 -1.98
CA LYS D 416 -36.24 -0.54 -1.94
C LYS D 416 -36.25 -1.40 -3.19
N MET D 417 -36.76 -0.84 -4.28
CA MET D 417 -37.20 -1.66 -5.41
C MET D 417 -36.17 -2.61 -5.97
N GLU D 418 -36.61 -3.83 -6.15
CA GLU D 418 -35.82 -4.95 -6.61
C GLU D 418 -36.22 -5.18 -8.06
N ILE D 419 -35.27 -4.93 -8.95
CA ILE D 419 -35.45 -5.16 -10.38
C ILE D 419 -35.12 -6.63 -10.61
N GLY D 420 -36.13 -7.41 -11.02
CA GLY D 420 -35.87 -8.78 -11.34
C GLY D 420 -35.56 -8.98 -12.80
N LEU D 421 -35.32 -10.23 -13.14
CA LEU D 421 -35.08 -10.63 -14.51
C LEU D 421 -36.32 -10.37 -15.37
N PRO D 422 -36.13 -10.18 -16.67
CA PRO D 422 -37.26 -9.87 -17.55
C PRO D 422 -38.22 -11.01 -17.74
N ASP D 423 -39.46 -10.64 -17.97
CA ASP D 423 -40.49 -11.56 -18.39
C ASP D 423 -40.34 -11.82 -19.89
N GLU D 424 -40.91 -12.95 -20.32
CA GLU D 424 -40.70 -13.44 -21.68
C GLU D 424 -41.09 -12.41 -22.72
N LYS D 425 -42.21 -11.74 -22.53
CA LYS D 425 -42.70 -10.82 -23.55
C LYS D 425 -42.14 -9.41 -23.43
N GLY D 426 -41.76 -8.97 -22.24
CA GLY D 426 -41.12 -7.67 -22.14
C GLY D 426 -39.78 -7.68 -22.82
N ARG D 427 -39.16 -8.83 -22.83
CA ARG D 427 -37.93 -9.08 -23.56
C ARG D 427 -38.05 -8.69 -25.02
N LEU D 428 -39.26 -8.80 -25.56
CA LEU D 428 -39.49 -8.38 -26.93
C LEU D 428 -39.30 -6.88 -27.07
N GLN D 429 -39.80 -6.13 -26.11
CA GLN D 429 -39.56 -4.69 -26.11
C GLN D 429 -38.08 -4.41 -25.98
N ILE D 430 -37.39 -5.17 -25.12
CA ILE D 430 -35.95 -5.01 -24.92
C ILE D 430 -35.23 -5.21 -26.23
N LEU D 431 -35.78 -6.06 -27.06
CA LEU D 431 -35.14 -6.39 -28.31
C LEU D 431 -35.42 -5.32 -29.34
N HIS D 432 -36.67 -4.93 -29.45
CA HIS D 432 -37.07 -4.02 -30.50
C HIS D 432 -36.47 -2.64 -30.29
N ILE D 433 -36.25 -2.26 -29.03
CA ILE D 433 -35.70 -0.93 -28.74
C ILE D 433 -34.28 -0.82 -29.25
N HIS D 434 -33.56 -1.93 -29.25
CA HIS D 434 -32.21 -1.97 -29.76
C HIS D 434 -32.20 -2.08 -31.27
N THR D 435 -33.04 -2.94 -31.80
CA THR D 435 -33.04 -3.21 -33.22
C THR D 435 -33.74 -2.17 -34.06
N ALA D 436 -34.30 -1.13 -33.44
CA ALA D 436 -35.00 -0.11 -34.20
C ALA D 436 -34.08 0.53 -35.24
N ARG D 437 -32.89 0.96 -34.81
CA ARG D 437 -31.98 1.60 -35.75
C ARG D 437 -31.57 0.62 -36.82
N MET D 438 -31.32 -0.61 -36.41
CA MET D 438 -30.85 -1.62 -37.32
C MET D 438 -31.88 -1.90 -38.42
N ARG D 439 -33.16 -1.83 -38.06
CA ARG D 439 -34.22 -2.08 -39.05
C ARG D 439 -34.56 -0.85 -39.88
N GLY D 440 -34.51 0.34 -39.29
CA GLY D 440 -34.93 1.52 -40.02
C GLY D 440 -34.08 1.82 -41.23
N HIS D 441 -32.80 1.45 -41.17
CA HIS D 441 -31.92 1.54 -42.31
C HIS D 441 -31.83 0.23 -43.07
N GLN D 442 -32.75 -0.70 -42.80
CA GLN D 442 -32.92 -1.92 -43.61
C GLN D 442 -31.65 -2.75 -43.59
N LEU D 443 -31.08 -2.86 -42.40
CA LEU D 443 -30.04 -3.82 -42.07
C LEU D 443 -30.60 -4.99 -41.31
N LEU D 444 -31.88 -5.28 -41.52
CA LEU D 444 -32.56 -6.39 -40.87
C LEU D 444 -33.41 -7.13 -41.88
N SER D 445 -33.19 -8.44 -42.01
CA SER D 445 -34.04 -9.24 -42.86
C SER D 445 -35.42 -9.43 -42.27
N ALA D 446 -36.36 -9.81 -43.14
CA ALA D 446 -37.72 -10.15 -42.74
C ALA D 446 -37.86 -11.59 -42.30
N ASP D 447 -36.81 -12.41 -42.41
CA ASP D 447 -36.92 -13.81 -42.02
C ASP D 447 -36.79 -13.97 -40.52
N VAL D 448 -35.86 -13.23 -39.92
CA VAL D 448 -35.64 -13.31 -38.49
C VAL D 448 -36.89 -12.85 -37.75
N ASP D 449 -37.21 -13.54 -36.65
CA ASP D 449 -38.39 -13.29 -35.84
C ASP D 449 -37.97 -12.95 -34.43
N ILE D 450 -38.29 -11.75 -34.01
CA ILE D 450 -37.94 -11.29 -32.68
C ILE D 450 -38.60 -12.18 -31.64
N LYS D 451 -39.77 -12.72 -31.99
CA LYS D 451 -40.45 -13.66 -31.11
C LYS D 451 -39.72 -14.98 -31.06
N GLU D 452 -39.17 -15.42 -32.21
CA GLU D 452 -38.38 -16.64 -32.21
C GLU D 452 -37.24 -16.54 -31.22
N LEU D 453 -36.68 -15.36 -31.07
CA LEU D 453 -35.69 -15.17 -30.03
C LEU D 453 -36.38 -15.26 -28.69
N ALA D 454 -37.46 -14.51 -28.54
CA ALA D 454 -37.99 -14.22 -27.21
C ALA D 454 -38.47 -15.48 -26.53
N VAL D 455 -38.98 -16.44 -27.30
CA VAL D 455 -39.27 -17.73 -26.72
C VAL D 455 -38.02 -18.58 -26.58
N GLU D 456 -37.06 -18.41 -27.47
CA GLU D 456 -35.90 -19.27 -27.43
C GLU D 456 -34.86 -18.81 -26.44
N THR D 457 -35.15 -17.75 -25.71
CA THR D 457 -34.29 -17.27 -24.66
C THR D 457 -35.09 -17.28 -23.38
N LYS D 458 -34.70 -18.12 -22.45
CA LYS D 458 -35.46 -18.23 -21.22
C LYS D 458 -35.17 -17.07 -20.29
N ASN D 459 -33.92 -16.95 -19.86
CA ASN D 459 -33.54 -16.00 -18.82
C ASN D 459 -32.58 -14.91 -19.25
N PHE D 460 -32.35 -14.72 -20.54
CA PHE D 460 -31.45 -13.63 -20.96
C PHE D 460 -31.86 -12.31 -20.34
N SER D 461 -30.86 -11.56 -19.91
CA SER D 461 -31.07 -10.29 -19.23
C SER D 461 -30.25 -9.21 -19.88
N GLY D 462 -30.94 -8.27 -20.49
CA GLY D 462 -30.38 -6.94 -20.68
C GLY D 462 -29.14 -6.95 -21.52
N ALA D 463 -28.04 -6.57 -20.87
CA ALA D 463 -26.75 -6.60 -21.52
C ALA D 463 -26.48 -7.98 -22.05
N GLU D 464 -26.80 -8.99 -21.25
CA GLU D 464 -26.62 -10.35 -21.72
C GLU D 464 -27.53 -10.63 -22.90
N LEU D 465 -28.69 -9.98 -22.92
CA LEU D 465 -29.58 -10.10 -24.06
C LEU D 465 -29.04 -9.32 -25.25
N GLU D 466 -28.50 -8.12 -25.01
CA GLU D 466 -28.03 -7.29 -26.12
C GLU D 466 -26.68 -7.73 -26.64
N GLY D 467 -26.01 -8.64 -25.94
CA GLY D 467 -24.70 -9.05 -26.37
C GLY D 467 -24.73 -9.87 -27.63
N LEU D 468 -25.68 -10.79 -27.71
CA LEU D 468 -25.80 -11.61 -28.91
C LEU D 468 -26.10 -10.74 -30.09
N VAL D 469 -26.85 -9.68 -29.88
CA VAL D 469 -27.10 -8.75 -30.97
C VAL D 469 -25.80 -8.13 -31.39
N ARG D 470 -25.11 -7.57 -30.42
CA ARG D 470 -23.93 -6.77 -30.70
C ARG D 470 -22.90 -7.60 -31.43
N ALA D 471 -22.83 -8.89 -31.11
CA ALA D 471 -21.89 -9.80 -31.75
C ALA D 471 -22.48 -10.54 -32.95
N ALA D 472 -23.79 -10.50 -33.13
CA ALA D 472 -24.38 -10.91 -34.39
C ALA D 472 -23.93 -10.00 -35.50
N GLN D 473 -23.95 -8.70 -35.23
CA GLN D 473 -23.45 -7.81 -36.27
C GLN D 473 -22.00 -8.10 -36.59
N SER D 474 -21.23 -8.57 -35.61
CA SER D 474 -19.83 -8.86 -35.87
C SER D 474 -19.72 -10.07 -36.77
N THR D 475 -20.45 -11.12 -36.43
CA THR D 475 -20.41 -12.33 -37.21
C THR D 475 -20.89 -12.08 -38.62
N ALA D 476 -21.82 -11.16 -38.79
CA ALA D 476 -22.29 -10.85 -40.13
C ALA D 476 -21.26 -10.05 -40.92
N MET D 477 -20.58 -9.13 -40.25
CA MET D 477 -19.54 -8.39 -40.93
C MET D 477 -18.43 -9.30 -41.41
N ASN D 478 -18.00 -10.26 -40.57
CA ASN D 478 -16.70 -10.90 -40.75
C ASN D 478 -16.52 -11.46 -42.15
N ARG D 479 -17.62 -11.89 -42.75
CA ARG D 479 -17.62 -12.30 -44.15
C ARG D 479 -17.10 -11.16 -45.01
N HIS D 480 -17.68 -9.99 -44.85
CA HIS D 480 -17.28 -8.84 -45.62
C HIS D 480 -15.99 -8.21 -45.10
N ILE D 481 -15.53 -8.56 -43.92
CA ILE D 481 -14.26 -8.00 -43.47
C ILE D 481 -13.13 -8.56 -44.33
N ILE D 482 -12.96 -9.88 -44.28
CA ILE D 482 -11.88 -10.54 -45.01
C ILE D 482 -12.56 -11.31 -46.12
N VAL D 489 -1.74 -11.88 -42.56
CA VAL D 489 -1.57 -11.10 -43.79
C VAL D 489 -1.17 -9.68 -43.42
N ASP D 490 -0.63 -8.92 -44.37
CA ASP D 490 -0.22 -7.55 -44.08
C ASP D 490 -1.40 -6.61 -43.95
N MET D 491 -2.22 -6.50 -44.99
CA MET D 491 -3.32 -5.55 -44.95
C MET D 491 -4.45 -6.07 -44.07
N GLU D 492 -4.90 -7.28 -44.36
CA GLU D 492 -6.14 -7.83 -43.79
C GLU D 492 -7.28 -6.84 -44.01
N LYS D 493 -7.43 -6.48 -45.27
CA LYS D 493 -8.35 -5.46 -45.77
C LYS D 493 -9.76 -5.63 -45.24
N ALA D 494 -10.41 -4.50 -45.06
CA ALA D 494 -11.84 -4.43 -44.85
C ALA D 494 -12.45 -4.09 -46.22
N GLU D 495 -13.27 -5.01 -46.73
CA GLU D 495 -13.85 -4.88 -48.06
C GLU D 495 -14.79 -3.70 -48.13
N SER D 496 -15.00 -3.23 -49.36
CA SER D 496 -15.84 -2.09 -49.62
C SER D 496 -17.32 -2.43 -49.77
N LEU D 497 -17.68 -3.72 -49.76
CA LEU D 497 -19.09 -4.09 -49.90
C LEU D 497 -19.91 -3.53 -48.74
N GLN D 498 -21.04 -2.90 -49.06
CA GLN D 498 -21.88 -2.27 -48.06
C GLN D 498 -23.30 -2.82 -47.94
N VAL D 499 -23.69 -3.78 -48.75
CA VAL D 499 -25.04 -4.35 -48.71
C VAL D 499 -24.98 -5.63 -47.88
N THR D 500 -25.34 -5.52 -46.59
CA THR D 500 -25.32 -6.72 -45.76
C THR D 500 -26.12 -6.53 -44.49
N ARG D 501 -26.48 -7.65 -43.89
CA ARG D 501 -27.11 -7.69 -42.58
C ARG D 501 -27.00 -9.09 -42.01
N GLY D 502 -26.93 -9.17 -40.68
CA GLY D 502 -26.95 -10.44 -40.01
C GLY D 502 -28.30 -11.08 -40.19
N ASP D 503 -28.32 -12.29 -40.75
CA ASP D 503 -29.58 -12.99 -41.02
C ASP D 503 -29.53 -14.43 -40.56
N PHE D 504 -30.33 -14.74 -39.54
CA PHE D 504 -30.40 -16.07 -38.94
C PHE D 504 -29.00 -16.56 -38.57
N LEU D 505 -28.16 -15.62 -38.15
CA LEU D 505 -26.93 -15.89 -37.42
C LEU D 505 -27.10 -15.66 -35.94
N ALA D 506 -28.19 -15.01 -35.55
CA ALA D 506 -28.56 -14.93 -34.16
C ALA D 506 -28.84 -16.31 -33.59
N SER D 507 -29.27 -17.24 -34.45
CA SER D 507 -29.46 -18.62 -34.02
C SER D 507 -28.13 -19.28 -33.69
N LEU D 508 -27.15 -19.09 -34.57
CA LEU D 508 -25.86 -19.72 -34.37
C LEU D 508 -25.19 -19.22 -33.11
N GLU D 509 -25.11 -17.90 -32.97
CA GLU D 509 -24.48 -17.37 -31.78
C GLU D 509 -25.26 -17.75 -30.54
N ASN D 510 -26.58 -17.92 -30.66
CA ASN D 510 -27.37 -18.33 -29.52
C ASN D 510 -26.94 -19.70 -29.07
N ASP D 511 -26.70 -20.56 -30.03
CA ASP D 511 -26.28 -21.91 -29.71
C ASP D 511 -24.92 -21.92 -29.05
N ILE D 512 -23.98 -21.13 -29.57
CA ILE D 512 -22.59 -21.24 -29.15
C ILE D 512 -22.11 -20.09 -28.26
N LYS D 513 -22.35 -18.85 -28.68
CA LYS D 513 -21.73 -17.68 -28.06
C LYS D 513 -22.00 -17.23 -26.62
N PRO D 514 -23.23 -17.18 -26.08
CA PRO D 514 -23.37 -16.60 -24.73
C PRO D 514 -23.84 -17.50 -23.63
N ALA D 515 -23.28 -17.27 -22.45
CA ALA D 515 -23.74 -17.97 -21.27
C ALA D 515 -24.95 -17.24 -20.74
N PHE D 516 -25.88 -18.01 -20.20
CA PHE D 516 -27.14 -17.43 -19.81
C PHE D 516 -27.00 -16.52 -18.61
N GLY D 517 -26.09 -16.90 -17.74
CA GLY D 517 -25.92 -16.30 -16.45
C GLY D 517 -26.70 -17.03 -15.38
N THR D 518 -27.75 -17.74 -15.79
CA THR D 518 -28.46 -18.69 -14.97
C THR D 518 -28.34 -19.95 -15.80
N ASN D 519 -27.69 -20.98 -15.28
CA ASN D 519 -27.45 -22.16 -16.10
C ASN D 519 -28.75 -22.88 -16.49
N GLN D 520 -28.87 -23.20 -17.78
CA GLN D 520 -30.02 -23.88 -18.37
C GLN D 520 -29.61 -24.47 -19.71
N GLU D 521 -30.48 -25.31 -20.24
CA GLU D 521 -30.33 -25.93 -21.56
C GLU D 521 -29.04 -26.73 -21.75
N ASP D 522 -28.68 -27.51 -20.74
CA ASP D 522 -27.53 -28.39 -20.87
C ASP D 522 -27.98 -29.76 -20.35
N TYR D 523 -28.86 -30.41 -21.11
CA TYR D 523 -29.41 -31.71 -20.75
C TYR D 523 -28.79 -32.81 -21.56
N ALA D 524 -27.77 -32.50 -22.36
CA ALA D 524 -27.11 -33.51 -23.15
C ALA D 524 -26.48 -34.54 -22.22
N SER D 525 -25.78 -34.06 -21.20
CA SER D 525 -25.18 -34.94 -20.22
C SER D 525 -26.25 -35.83 -19.59
N TYR D 526 -27.47 -35.30 -19.47
CA TYR D 526 -28.60 -36.06 -18.99
C TYR D 526 -29.23 -36.89 -20.11
N ILE D 527 -29.27 -36.32 -21.31
CA ILE D 527 -29.93 -36.91 -22.45
C ILE D 527 -28.84 -37.22 -23.46
N MET D 528 -28.45 -38.49 -23.55
CA MET D 528 -27.47 -38.87 -24.55
C MET D 528 -28.06 -39.29 -25.86
N ASN D 529 -29.17 -40.01 -25.79
CA ASN D 529 -29.82 -40.57 -26.96
C ASN D 529 -31.21 -40.06 -27.21
N GLY D 530 -31.64 -39.01 -26.51
CA GLY D 530 -33.02 -38.64 -26.59
C GLY D 530 -33.84 -39.69 -25.88
N ILE D 531 -34.98 -40.03 -26.46
CA ILE D 531 -35.84 -41.09 -25.96
C ILE D 531 -36.31 -41.97 -27.09
N ILE D 532 -35.96 -43.23 -27.02
CA ILE D 532 -36.61 -44.23 -27.83
C ILE D 532 -37.96 -44.47 -27.19
N LYS D 533 -39.01 -44.27 -27.96
CA LYS D 533 -40.35 -44.48 -27.44
C LYS D 533 -40.65 -45.95 -27.68
N TRP D 534 -40.64 -46.71 -26.60
CA TRP D 534 -40.52 -48.15 -26.65
C TRP D 534 -41.75 -48.89 -26.17
N GLY D 535 -42.88 -48.24 -25.94
CA GLY D 535 -44.07 -48.98 -25.63
C GLY D 535 -45.15 -48.13 -24.99
N ASP D 536 -46.11 -48.83 -24.42
CA ASP D 536 -47.18 -48.23 -23.64
C ASP D 536 -46.76 -47.64 -22.30
N PRO D 537 -45.82 -48.25 -21.56
CA PRO D 537 -45.52 -47.72 -20.23
C PRO D 537 -45.04 -46.31 -20.27
N VAL D 538 -44.20 -45.99 -21.24
CA VAL D 538 -43.66 -44.66 -21.32
C VAL D 538 -44.78 -43.64 -21.53
N THR D 539 -45.77 -43.99 -22.34
CA THR D 539 -46.90 -43.09 -22.52
C THR D 539 -47.70 -42.95 -21.24
N ARG D 540 -47.92 -44.06 -20.54
CA ARG D 540 -48.67 -43.97 -19.30
C ARG D 540 -47.97 -43.03 -18.34
N VAL D 541 -46.65 -43.10 -18.34
CA VAL D 541 -45.84 -42.27 -17.46
C VAL D 541 -45.91 -40.82 -17.88
N LEU D 542 -45.67 -40.56 -19.14
CA LEU D 542 -45.62 -39.20 -19.61
C LEU D 542 -46.97 -38.53 -19.49
N ASP D 543 -48.04 -39.29 -19.67
CA ASP D 543 -49.37 -38.72 -19.54
C ASP D 543 -49.70 -38.45 -18.08
N ASP D 544 -49.40 -39.41 -17.20
CA ASP D 544 -49.67 -39.20 -15.79
C ASP D 544 -48.89 -38.00 -15.28
N GLY D 545 -47.67 -37.83 -15.78
CA GLY D 545 -46.85 -36.72 -15.34
C GLY D 545 -47.37 -35.40 -15.86
N GLU D 546 -47.70 -35.35 -17.15
CA GLU D 546 -48.16 -34.09 -17.70
C GLU D 546 -49.63 -33.88 -17.39
N LEU D 547 -50.28 -34.90 -16.84
CA LEU D 547 -51.53 -34.73 -16.12
C LEU D 547 -51.27 -34.28 -14.71
N LEU D 548 -50.10 -34.59 -14.19
CA LEU D 548 -49.75 -34.18 -12.84
C LEU D 548 -49.26 -32.76 -12.81
N VAL D 549 -48.61 -32.31 -13.88
CA VAL D 549 -48.11 -30.95 -13.90
C VAL D 549 -49.26 -29.98 -13.78
N GLN D 550 -50.41 -30.36 -14.31
CA GLN D 550 -51.61 -29.55 -14.22
C GLN D 550 -52.10 -29.39 -12.81
N GLN D 551 -51.69 -30.29 -11.90
CA GLN D 551 -52.08 -30.17 -10.50
C GLN D 551 -51.76 -28.78 -9.99
N THR D 552 -50.52 -28.38 -10.20
CA THR D 552 -50.11 -27.03 -9.85
C THR D 552 -51.00 -26.03 -10.57
N LYS D 553 -50.91 -26.04 -11.90
CA LYS D 553 -51.41 -24.96 -12.73
C LYS D 553 -52.89 -24.70 -12.51
N ASN D 554 -53.65 -25.75 -12.26
CA ASN D 554 -55.07 -25.57 -12.03
C ASN D 554 -55.34 -25.15 -10.59
N SER D 555 -54.71 -25.81 -9.63
CA SER D 555 -55.12 -25.67 -8.24
C SER D 555 -54.16 -24.77 -7.50
N ASP D 556 -54.74 -23.89 -6.70
CA ASP D 556 -53.98 -22.97 -5.86
C ASP D 556 -54.01 -23.37 -4.40
N ARG D 557 -54.77 -24.40 -4.04
CA ARG D 557 -54.78 -24.94 -2.70
C ARG D 557 -53.85 -26.14 -2.51
N THR D 558 -53.31 -26.68 -3.60
CA THR D 558 -52.22 -27.66 -3.56
C THR D 558 -51.09 -27.11 -4.40
N PRO D 559 -50.54 -25.96 -4.01
CA PRO D 559 -49.46 -25.35 -4.79
C PRO D 559 -48.25 -26.21 -4.89
N LEU D 560 -48.06 -27.12 -3.95
CA LEU D 560 -46.96 -28.05 -3.93
C LEU D 560 -47.46 -29.42 -4.30
N VAL D 561 -46.72 -30.10 -5.15
CA VAL D 561 -46.92 -31.50 -5.47
C VAL D 561 -45.59 -32.23 -5.44
N SER D 562 -45.64 -33.52 -5.13
CA SER D 562 -44.44 -34.30 -4.88
C SER D 562 -44.53 -35.71 -5.45
N VAL D 563 -43.54 -36.06 -6.27
CA VAL D 563 -43.51 -37.32 -6.99
C VAL D 563 -42.21 -38.07 -6.78
N LEU D 564 -42.32 -39.38 -6.83
CA LEU D 564 -41.18 -40.26 -7.00
C LEU D 564 -41.25 -40.90 -8.39
N LEU D 565 -40.08 -41.16 -8.93
CA LEU D 565 -39.91 -42.04 -10.07
C LEU D 565 -39.18 -43.25 -9.54
N GLU D 566 -39.88 -44.37 -9.48
CA GLU D 566 -39.40 -45.59 -8.88
C GLU D 566 -39.11 -46.60 -9.97
N GLY D 567 -37.91 -47.15 -9.95
CA GLY D 567 -37.62 -48.23 -10.84
C GLY D 567 -36.30 -48.88 -10.55
N PRO D 568 -35.96 -49.86 -11.36
CA PRO D 568 -34.68 -50.51 -11.27
C PRO D 568 -33.62 -49.63 -11.90
N PRO D 569 -32.36 -49.97 -11.70
CA PRO D 569 -31.28 -49.21 -12.33
C PRO D 569 -31.33 -49.35 -13.84
N HIS D 570 -30.58 -48.47 -14.49
CA HIS D 570 -30.35 -48.54 -15.93
C HIS D 570 -31.67 -48.38 -16.68
N SER D 571 -32.56 -47.56 -16.15
CA SER D 571 -33.83 -47.30 -16.79
C SER D 571 -33.99 -45.88 -17.31
N GLY D 572 -32.98 -45.03 -17.20
CA GLY D 572 -33.09 -43.69 -17.77
C GLY D 572 -34.15 -42.84 -17.13
N LYS D 573 -34.46 -43.08 -15.87
CA LYS D 573 -35.49 -42.33 -15.19
C LYS D 573 -35.18 -40.85 -15.17
N THR D 574 -33.93 -40.52 -14.84
CA THR D 574 -33.53 -39.13 -14.73
C THR D 574 -33.53 -38.41 -16.07
N ALA D 575 -33.57 -39.15 -17.17
CA ALA D 575 -33.64 -38.50 -18.48
C ALA D 575 -35.06 -38.08 -18.82
N LEU D 576 -36.01 -38.99 -18.62
CA LEU D 576 -37.36 -38.62 -18.96
C LEU D 576 -37.89 -37.63 -17.95
N ALA D 577 -37.28 -37.59 -16.77
CA ALA D 577 -37.56 -36.51 -15.85
C ALA D 577 -37.23 -35.17 -16.49
N ALA D 578 -36.10 -35.11 -17.19
CA ALA D 578 -35.75 -33.87 -17.85
C ALA D 578 -36.70 -33.57 -18.98
N LYS D 579 -37.12 -34.62 -19.68
CA LYS D 579 -38.09 -34.42 -20.75
C LYS D 579 -39.36 -33.80 -20.21
N ILE D 580 -39.90 -34.38 -19.16
CA ILE D 580 -41.17 -33.87 -18.66
C ILE D 580 -40.99 -32.47 -18.13
N ALA D 581 -39.82 -32.15 -17.60
CA ALA D 581 -39.57 -30.80 -17.15
C ALA D 581 -39.63 -29.83 -18.32
N GLU D 582 -38.84 -30.08 -19.37
CA GLU D 582 -38.86 -29.19 -20.52
C GLU D 582 -40.22 -29.16 -21.19
N GLU D 583 -41.00 -30.23 -21.07
CA GLU D 583 -42.35 -30.22 -21.60
C GLU D 583 -43.29 -29.37 -20.77
N SER D 584 -43.00 -29.15 -19.49
CA SER D 584 -43.85 -28.24 -18.74
C SER D 584 -43.60 -26.79 -19.13
N ASN D 585 -42.39 -26.49 -19.61
CA ASN D 585 -42.06 -25.16 -20.11
C ASN D 585 -42.30 -24.09 -19.07
N PHE D 586 -41.85 -24.34 -17.85
CA PHE D 586 -42.01 -23.36 -16.80
C PHE D 586 -40.93 -22.30 -16.88
N PRO D 587 -41.11 -21.19 -16.17
CA PRO D 587 -40.06 -20.17 -16.15
C PRO D 587 -38.74 -20.60 -15.57
N PHE D 588 -38.75 -21.29 -14.42
CA PHE D 588 -37.51 -21.59 -13.70
C PHE D 588 -37.39 -23.06 -13.35
N ILE D 589 -36.34 -23.70 -13.85
CA ILE D 589 -36.11 -25.11 -13.60
C ILE D 589 -34.65 -25.34 -13.30
N LYS D 590 -34.39 -26.35 -12.49
CA LYS D 590 -33.04 -26.77 -12.23
C LYS D 590 -33.07 -28.22 -11.81
N ILE D 591 -31.94 -28.86 -12.02
CA ILE D 591 -31.69 -30.22 -11.64
C ILE D 591 -30.56 -30.15 -10.64
N CYS D 592 -30.84 -30.54 -9.41
CA CYS D 592 -29.81 -30.60 -8.40
C CYS D 592 -29.19 -31.97 -8.54
N SER D 593 -27.98 -31.99 -9.02
CA SER D 593 -27.29 -33.19 -9.35
C SER D 593 -26.23 -33.41 -8.31
N PRO D 594 -25.94 -34.65 -7.95
CA PRO D 594 -24.69 -34.92 -7.26
C PRO D 594 -23.50 -34.80 -8.16
N ASP D 595 -23.70 -34.78 -9.47
CA ASP D 595 -22.56 -34.59 -10.36
C ASP D 595 -21.89 -33.26 -10.10
N LYS D 596 -22.68 -32.20 -10.10
CA LYS D 596 -22.11 -30.87 -9.93
C LYS D 596 -21.52 -30.66 -8.56
N MET D 597 -22.03 -31.39 -7.56
CA MET D 597 -21.62 -31.20 -6.18
C MET D 597 -20.96 -32.47 -5.69
N ILE D 598 -19.66 -32.39 -5.44
CA ILE D 598 -18.90 -33.57 -5.07
C ILE D 598 -17.93 -33.18 -3.99
N GLY D 599 -17.81 -34.05 -3.01
CA GLY D 599 -17.01 -33.77 -1.85
C GLY D 599 -17.60 -32.78 -0.89
N PHE D 600 -18.74 -32.20 -1.21
CA PHE D 600 -19.32 -31.26 -0.29
C PHE D 600 -19.76 -32.00 0.95
N SER D 601 -19.21 -31.59 2.06
CA SER D 601 -19.65 -32.09 3.33
C SER D 601 -21.09 -31.68 3.55
N GLU D 602 -21.73 -32.41 4.45
CA GLU D 602 -23.16 -32.37 4.63
C GLU D 602 -23.71 -30.98 4.79
N THR D 603 -22.93 -30.07 5.34
CA THR D 603 -23.43 -28.72 5.54
C THR D 603 -23.58 -28.01 4.21
N ALA D 604 -22.53 -28.04 3.39
CA ALA D 604 -22.63 -27.43 2.08
C ALA D 604 -23.59 -28.18 1.22
N LYS D 605 -23.67 -29.49 1.43
CA LYS D 605 -24.59 -30.31 0.69
C LYS D 605 -26.03 -29.93 1.00
N CYS D 606 -26.27 -29.43 2.21
CA CYS D 606 -27.58 -28.89 2.51
C CYS D 606 -27.76 -27.48 1.95
N GLN D 607 -26.75 -26.64 2.10
CA GLN D 607 -26.86 -25.24 1.69
C GLN D 607 -27.15 -25.10 0.21
N ALA D 608 -26.54 -25.94 -0.61
CA ALA D 608 -26.77 -25.83 -2.05
C ALA D 608 -28.24 -26.05 -2.36
N MET D 609 -28.78 -27.14 -1.82
CA MET D 609 -30.20 -27.42 -1.97
C MET D 609 -31.04 -26.27 -1.46
N LYS D 610 -30.66 -25.72 -0.31
CA LYS D 610 -31.38 -24.60 0.26
C LYS D 610 -31.47 -23.44 -0.68
N LYS D 611 -30.34 -23.02 -1.22
CA LYS D 611 -30.38 -21.86 -2.09
C LYS D 611 -31.16 -22.15 -3.35
N ILE D 612 -31.05 -23.38 -3.85
CA ILE D 612 -31.79 -23.70 -5.06
C ILE D 612 -33.28 -23.58 -4.82
N PHE D 613 -33.80 -24.25 -3.81
CA PHE D 613 -35.23 -24.14 -3.65
C PHE D 613 -35.63 -22.72 -3.25
N ASP D 614 -34.79 -22.02 -2.48
CA ASP D 614 -35.15 -20.66 -2.08
C ASP D 614 -35.24 -19.71 -3.28
N ASP D 615 -34.26 -19.76 -4.19
CA ASP D 615 -34.37 -18.82 -5.31
C ASP D 615 -35.46 -19.31 -6.25
N ALA D 616 -35.73 -20.61 -6.25
CA ALA D 616 -36.83 -21.11 -7.05
C ALA D 616 -38.16 -20.60 -6.51
N TYR D 617 -38.26 -20.45 -5.20
CA TYR D 617 -39.48 -19.93 -4.60
C TYR D 617 -39.77 -18.53 -5.10
N LYS D 618 -38.72 -17.81 -5.47
CA LYS D 618 -38.86 -16.45 -5.95
C LYS D 618 -39.86 -16.35 -7.08
N SER D 619 -39.89 -17.35 -7.94
CA SER D 619 -40.82 -17.32 -9.04
C SER D 619 -42.21 -17.66 -8.57
N GLN D 620 -43.17 -17.40 -9.44
CA GLN D 620 -44.53 -17.84 -9.20
C GLN D 620 -44.68 -19.32 -9.48
N LEU D 621 -43.76 -19.90 -10.24
CA LEU D 621 -43.68 -21.35 -10.28
C LEU D 621 -42.30 -21.79 -10.73
N SER D 622 -42.09 -23.09 -10.58
CA SER D 622 -40.91 -23.79 -11.02
C SER D 622 -41.19 -25.28 -10.91
N CYS D 623 -40.38 -26.07 -11.60
CA CYS D 623 -40.31 -27.49 -11.33
C CYS D 623 -38.85 -27.86 -11.17
N VAL D 624 -38.63 -28.91 -10.40
CA VAL D 624 -37.28 -29.43 -10.19
C VAL D 624 -37.33 -30.93 -10.05
N VAL D 625 -36.29 -31.55 -10.54
CA VAL D 625 -36.09 -32.97 -10.44
C VAL D 625 -34.83 -33.14 -9.64
N VAL D 626 -34.81 -34.20 -8.86
CA VAL D 626 -33.65 -34.52 -8.07
C VAL D 626 -33.29 -35.95 -8.41
N ASP D 627 -32.09 -36.12 -8.92
CA ASP D 627 -31.64 -37.39 -9.44
C ASP D 627 -30.81 -38.14 -8.42
N ASP D 628 -31.11 -39.43 -8.32
CA ASP D 628 -30.33 -40.38 -7.57
C ASP D 628 -30.13 -39.93 -6.12
N ILE D 629 -31.24 -39.59 -5.46
CA ILE D 629 -31.18 -39.11 -4.07
C ILE D 629 -30.40 -40.08 -3.21
N GLU D 630 -30.50 -41.36 -3.54
CA GLU D 630 -29.79 -42.39 -2.83
C GLU D 630 -28.30 -42.19 -2.96
N ARG D 631 -27.87 -41.65 -4.09
CA ARG D 631 -26.48 -41.26 -4.18
C ARG D 631 -26.28 -39.94 -3.47
N LEU D 632 -27.27 -39.06 -3.60
CA LEU D 632 -27.12 -37.70 -3.13
C LEU D 632 -26.98 -37.67 -1.63
N LEU D 633 -27.97 -38.21 -0.95
CA LEU D 633 -27.78 -38.56 0.44
C LEU D 633 -27.19 -39.96 0.35
N ASP D 634 -25.93 -40.04 0.69
CA ASP D 634 -25.16 -41.25 0.48
C ASP D 634 -25.78 -42.43 1.20
N TYR D 635 -25.99 -43.51 0.46
CA TYR D 635 -26.66 -44.67 1.00
C TYR D 635 -25.83 -45.85 0.58
N VAL D 636 -25.34 -46.59 1.57
CA VAL D 636 -24.57 -47.80 1.36
C VAL D 636 -25.14 -48.92 2.22
N PRO D 637 -25.57 -50.00 1.65
CA PRO D 637 -26.10 -51.08 2.49
C PRO D 637 -25.03 -52.09 2.90
N ILE D 638 -24.04 -51.61 3.63
CA ILE D 638 -23.01 -52.47 4.23
C ILE D 638 -22.97 -51.98 5.66
N GLY D 639 -24.10 -52.17 6.26
CA GLY D 639 -24.40 -51.63 7.55
C GLY D 639 -25.17 -50.43 7.08
N PRO D 640 -26.19 -50.02 7.79
CA PRO D 640 -26.92 -48.85 7.31
C PRO D 640 -26.05 -47.63 7.52
N ARG D 641 -25.85 -46.85 6.46
CA ARG D 641 -25.08 -45.63 6.59
C ARG D 641 -25.52 -44.59 5.60
N PHE D 642 -25.77 -43.42 6.14
CA PHE D 642 -26.08 -42.22 5.38
C PHE D 642 -25.92 -41.02 6.26
N SER D 643 -26.03 -39.85 5.65
CA SER D 643 -26.09 -38.60 6.38
C SER D 643 -27.54 -38.23 6.56
N ASN D 644 -27.92 -37.95 7.78
CA ASN D 644 -29.33 -37.74 8.09
C ASN D 644 -29.75 -36.30 7.89
N LEU D 645 -28.84 -35.35 8.04
CA LEU D 645 -29.25 -33.95 8.06
C LEU D 645 -29.80 -33.56 6.72
N VAL D 646 -29.17 -34.07 5.68
CA VAL D 646 -29.65 -33.82 4.34
C VAL D 646 -31.04 -34.39 4.17
N LEU D 647 -31.29 -35.56 4.75
CA LEU D 647 -32.60 -36.18 4.67
C LEU D 647 -33.64 -35.29 5.31
N GLN D 648 -33.33 -34.79 6.50
CA GLN D 648 -34.26 -33.94 7.22
C GLN D 648 -34.59 -32.74 6.39
N ALA D 649 -33.56 -32.12 5.81
CA ALA D 649 -33.77 -30.93 5.02
C ALA D 649 -34.69 -31.24 3.85
N LEU D 650 -34.37 -32.30 3.13
CA LEU D 650 -35.11 -32.66 1.94
C LEU D 650 -36.56 -32.91 2.30
N LEU D 651 -36.78 -33.53 3.44
CA LEU D 651 -38.10 -33.96 3.82
C LEU D 651 -38.93 -32.83 4.36
N VAL D 652 -38.29 -31.79 4.87
CA VAL D 652 -39.03 -30.59 5.20
C VAL D 652 -39.47 -29.87 3.95
N LEU D 653 -38.59 -29.75 2.96
CA LEU D 653 -38.96 -28.91 1.83
C LEU D 653 -40.08 -29.51 1.02
N LEU D 654 -40.22 -30.82 1.04
CA LEU D 654 -41.36 -31.44 0.39
C LEU D 654 -42.67 -30.88 0.90
N LYS D 655 -42.79 -30.68 2.21
CA LYS D 655 -44.04 -30.21 2.80
C LYS D 655 -43.95 -28.76 3.26
N LYS D 656 -42.97 -28.00 2.79
CA LYS D 656 -42.94 -26.55 2.96
C LYS D 656 -43.70 -25.87 1.83
N ALA D 657 -44.74 -25.18 2.17
CA ALA D 657 -45.55 -24.50 1.17
C ALA D 657 -44.96 -23.11 0.87
N PRO D 658 -44.76 -22.73 -0.39
CA PRO D 658 -44.24 -21.41 -0.69
C PRO D 658 -45.20 -20.31 -0.32
N PRO D 659 -44.70 -19.08 -0.19
CA PRO D 659 -45.55 -17.95 0.19
C PRO D 659 -46.54 -17.53 -0.88
N GLN D 660 -47.78 -17.31 -0.45
CA GLN D 660 -48.83 -16.71 -1.30
C GLN D 660 -49.02 -17.50 -2.59
N GLY D 661 -49.23 -18.79 -2.43
CA GLY D 661 -49.68 -19.63 -3.52
C GLY D 661 -48.76 -19.62 -4.72
N ARG D 662 -47.46 -19.55 -4.48
CA ARG D 662 -46.47 -19.67 -5.54
C ARG D 662 -46.15 -21.14 -5.76
N LYS D 663 -46.63 -21.65 -6.89
CA LYS D 663 -46.82 -23.07 -7.10
C LYS D 663 -45.49 -23.79 -7.29
N LEU D 664 -45.38 -25.00 -6.77
CA LEU D 664 -44.18 -25.81 -6.94
C LEU D 664 -44.48 -27.23 -7.40
N LEU D 665 -43.55 -27.76 -8.19
CA LEU D 665 -43.53 -29.17 -8.55
C LEU D 665 -42.14 -29.72 -8.28
N ILE D 666 -42.11 -30.91 -7.68
CA ILE D 666 -40.86 -31.59 -7.35
C ILE D 666 -40.93 -33.05 -7.75
N ILE D 667 -39.80 -33.55 -8.24
CA ILE D 667 -39.55 -34.96 -8.45
C ILE D 667 -38.33 -35.40 -7.68
N GLY D 668 -38.34 -36.69 -7.32
CA GLY D 668 -37.14 -37.37 -6.91
C GLY D 668 -37.09 -38.72 -7.60
N THR D 669 -35.88 -39.25 -7.67
CA THR D 669 -35.66 -40.53 -8.32
C THR D 669 -34.91 -41.48 -7.41
N THR D 670 -35.28 -42.75 -7.48
CA THR D 670 -34.54 -43.78 -6.78
C THR D 670 -34.46 -45.05 -7.59
N SER D 671 -33.36 -45.74 -7.38
CA SER D 671 -33.25 -47.13 -7.76
C SER D 671 -33.76 -48.06 -6.68
N ARG D 672 -34.05 -47.56 -5.49
CA ARG D 672 -34.49 -48.39 -4.37
C ARG D 672 -35.67 -47.70 -3.70
N LYS D 673 -36.83 -48.35 -3.69
CA LYS D 673 -37.93 -47.93 -2.84
C LYS D 673 -38.00 -48.67 -1.52
N ASP D 674 -37.45 -49.88 -1.46
CA ASP D 674 -37.66 -50.70 -0.28
C ASP D 674 -36.81 -50.17 0.86
N VAL D 675 -35.77 -49.45 0.49
CA VAL D 675 -34.98 -48.73 1.46
C VAL D 675 -35.73 -47.52 1.97
N LEU D 676 -36.59 -46.93 1.15
CA LEU D 676 -37.09 -45.61 1.47
C LEU D 676 -38.23 -45.66 2.43
N GLN D 677 -39.04 -46.70 2.34
CA GLN D 677 -40.22 -46.77 3.16
C GLN D 677 -39.87 -46.87 4.63
N GLU D 678 -38.61 -47.17 4.94
CA GLU D 678 -38.15 -47.11 6.31
C GLU D 678 -37.81 -45.70 6.75
N MET D 679 -37.35 -44.84 5.86
CA MET D 679 -37.18 -43.45 6.23
C MET D 679 -38.46 -42.63 6.23
N GLU D 680 -39.61 -43.23 5.96
CA GLU D 680 -40.89 -42.51 6.03
C GLU D 680 -40.90 -41.33 5.08
N MET D 681 -40.17 -41.44 3.99
CA MET D 681 -40.00 -40.32 3.08
C MET D 681 -41.09 -40.28 2.02
N LEU D 682 -41.53 -41.42 1.50
CA LEU D 682 -42.47 -41.39 0.41
C LEU D 682 -43.87 -41.14 0.92
N ASN D 683 -44.08 -41.41 2.20
CA ASN D 683 -45.29 -40.93 2.86
C ASN D 683 -45.41 -39.44 2.67
N ALA D 684 -44.30 -38.73 2.75
CA ALA D 684 -44.33 -37.31 2.50
C ALA D 684 -44.59 -37.02 1.03
N PHE D 685 -43.99 -37.81 0.13
CA PHE D 685 -44.33 -37.65 -1.27
C PHE D 685 -45.81 -37.88 -1.55
N SER D 686 -46.30 -37.14 -2.54
CA SER D 686 -47.69 -37.26 -2.94
C SER D 686 -47.90 -38.62 -3.55
N THR D 687 -47.02 -39.00 -4.45
CA THR D 687 -47.21 -40.22 -5.19
C THR D 687 -45.89 -40.75 -5.68
N THR D 688 -45.97 -41.94 -6.25
CA THR D 688 -44.83 -42.61 -6.82
C THR D 688 -45.34 -43.28 -8.07
N ILE D 689 -44.51 -43.31 -9.09
CA ILE D 689 -44.87 -44.00 -10.31
C ILE D 689 -43.75 -44.93 -10.68
N HIS D 690 -44.14 -46.11 -11.13
CA HIS D 690 -43.20 -47.14 -11.45
C HIS D 690 -42.79 -47.03 -12.89
N VAL D 691 -41.53 -47.34 -13.13
CA VAL D 691 -40.99 -47.43 -14.47
C VAL D 691 -40.65 -48.89 -14.66
N PRO D 692 -41.51 -49.67 -15.30
CA PRO D 692 -41.11 -51.03 -15.63
C PRO D 692 -40.14 -51.02 -16.77
N ASN D 693 -39.31 -52.05 -16.77
CA ASN D 693 -38.27 -52.20 -17.76
C ASN D 693 -38.61 -53.38 -18.64
N ILE D 694 -37.96 -53.39 -19.80
CA ILE D 694 -38.39 -54.20 -20.92
C ILE D 694 -38.45 -55.66 -20.53
N ALA D 695 -39.59 -56.28 -20.82
CA ALA D 695 -39.91 -57.61 -20.36
C ALA D 695 -39.98 -58.71 -21.41
N THR D 696 -39.73 -58.43 -22.69
CA THR D 696 -40.06 -59.46 -23.67
C THR D 696 -39.41 -59.21 -25.03
N GLY D 697 -39.46 -60.26 -25.85
CA GLY D 697 -38.77 -60.26 -27.13
C GLY D 697 -39.38 -59.32 -28.15
N GLU D 698 -40.71 -59.25 -28.18
CA GLU D 698 -41.34 -58.36 -29.15
C GLU D 698 -41.00 -56.93 -28.80
N GLN D 699 -41.08 -56.65 -27.51
CA GLN D 699 -40.76 -55.35 -26.97
C GLN D 699 -39.32 -55.01 -27.30
N LEU D 700 -38.47 -56.01 -27.21
CA LEU D 700 -37.06 -55.82 -27.48
C LEU D 700 -36.81 -55.49 -28.94
N LEU D 701 -37.46 -56.20 -29.84
CA LEU D 701 -37.16 -56.00 -31.24
C LEU D 701 -37.71 -54.67 -31.71
N GLU D 702 -38.90 -54.31 -31.25
CA GLU D 702 -39.41 -52.97 -31.56
C GLU D 702 -38.44 -51.91 -31.06
N ALA D 703 -37.87 -52.10 -29.87
CA ALA D 703 -36.95 -51.10 -29.35
C ALA D 703 -35.74 -50.96 -30.27
N LEU D 704 -35.11 -52.07 -30.62
CA LEU D 704 -33.86 -51.95 -31.37
C LEU D 704 -34.09 -51.59 -32.82
N GLU D 705 -35.29 -51.80 -33.36
CA GLU D 705 -35.57 -51.30 -34.70
C GLU D 705 -35.88 -49.83 -34.66
N LEU D 706 -36.33 -49.31 -33.52
CA LEU D 706 -36.30 -47.88 -33.35
C LEU D 706 -34.85 -47.38 -33.32
N LEU D 707 -33.97 -48.09 -32.62
CA LEU D 707 -32.58 -47.66 -32.56
C LEU D 707 -31.91 -47.69 -33.92
N GLY D 708 -32.13 -48.77 -34.65
CA GLY D 708 -31.22 -49.16 -35.70
C GLY D 708 -30.12 -50.05 -35.17
N ASN D 709 -29.02 -50.05 -35.90
CA ASN D 709 -27.80 -50.81 -35.60
C ASN D 709 -28.02 -52.31 -35.52
N PHE D 710 -29.06 -52.84 -36.15
CA PHE D 710 -29.21 -54.26 -36.43
C PHE D 710 -30.08 -54.40 -37.65
N LYS D 711 -29.58 -55.03 -38.71
CA LYS D 711 -30.42 -55.18 -39.87
C LYS D 711 -31.45 -56.28 -39.64
N ASP D 712 -32.50 -56.21 -40.47
CA ASP D 712 -33.69 -57.04 -40.35
C ASP D 712 -33.38 -58.51 -40.22
N LYS D 713 -32.37 -58.97 -40.95
CA LYS D 713 -31.94 -60.34 -40.86
C LYS D 713 -31.54 -60.68 -39.45
N GLU D 714 -30.78 -59.79 -38.82
CA GLU D 714 -30.34 -60.00 -37.45
C GLU D 714 -31.51 -59.86 -36.50
N ARG D 715 -32.41 -58.93 -36.78
CA ARG D 715 -33.61 -58.78 -35.98
C ARG D 715 -34.31 -60.11 -35.87
N THR D 716 -34.56 -60.75 -37.01
CA THR D 716 -35.16 -62.06 -37.02
C THR D 716 -34.28 -63.08 -36.31
N THR D 717 -32.98 -63.03 -36.59
CA THR D 717 -32.03 -64.02 -36.10
C THR D 717 -32.05 -64.08 -34.60
N ILE D 718 -32.24 -62.95 -33.97
CA ILE D 718 -32.50 -62.93 -32.55
C ILE D 718 -33.92 -63.40 -32.29
N ALA D 719 -34.87 -62.85 -33.02
CA ALA D 719 -36.28 -62.93 -32.67
C ALA D 719 -36.82 -64.34 -32.59
N GLN D 720 -36.18 -65.32 -33.23
CA GLN D 720 -36.71 -66.69 -33.17
C GLN D 720 -36.82 -67.16 -31.73
N GLN D 721 -35.76 -66.94 -30.97
CA GLN D 721 -35.50 -67.65 -29.72
C GLN D 721 -35.66 -66.77 -28.50
N VAL D 722 -36.08 -65.53 -28.69
CA VAL D 722 -36.32 -64.63 -27.58
C VAL D 722 -37.69 -64.88 -26.95
N LYS D 723 -38.70 -65.07 -27.78
CA LYS D 723 -40.07 -65.03 -27.30
C LYS D 723 -40.36 -66.20 -26.38
N GLY D 724 -39.68 -67.32 -26.59
CA GLY D 724 -39.75 -68.41 -25.64
C GLY D 724 -39.14 -68.08 -24.30
N LYS D 725 -38.37 -67.00 -24.22
CA LYS D 725 -37.63 -66.62 -23.03
C LYS D 725 -38.20 -65.35 -22.43
N LYS D 726 -37.92 -65.17 -21.13
CA LYS D 726 -38.35 -64.03 -20.34
C LYS D 726 -37.18 -63.09 -20.13
N VAL D 727 -37.44 -61.79 -20.31
CA VAL D 727 -36.40 -60.77 -20.35
C VAL D 727 -36.56 -59.89 -19.13
N TRP D 728 -35.46 -59.67 -18.41
CA TRP D 728 -35.38 -58.57 -17.47
C TRP D 728 -34.13 -57.78 -17.84
N ILE D 729 -34.32 -56.55 -18.32
CA ILE D 729 -33.26 -55.72 -18.89
C ILE D 729 -33.53 -54.27 -18.55
N GLY D 730 -32.53 -53.40 -18.75
CA GLY D 730 -32.78 -51.98 -18.84
C GLY D 730 -32.04 -51.34 -20.00
N ILE D 731 -32.50 -50.12 -20.35
CA ILE D 731 -32.07 -49.49 -21.60
C ILE D 731 -30.60 -49.11 -21.52
N LYS D 732 -30.25 -48.39 -20.46
CA LYS D 732 -28.92 -47.79 -20.35
C LYS D 732 -27.84 -48.86 -20.35
N LYS D 733 -28.20 -50.09 -20.03
CA LYS D 733 -27.31 -51.22 -20.18
C LYS D 733 -27.35 -51.71 -21.62
N LEU D 734 -28.53 -51.65 -22.22
CA LEU D 734 -28.72 -52.21 -23.55
C LEU D 734 -27.84 -51.49 -24.54
N LEU D 735 -27.72 -50.19 -24.35
CA LEU D 735 -26.86 -49.39 -25.21
C LEU D 735 -25.45 -49.95 -25.24
N MET D 736 -24.88 -50.16 -24.06
CA MET D 736 -23.53 -50.68 -24.01
C MET D 736 -23.48 -52.09 -24.56
N LEU D 737 -24.56 -52.85 -24.39
CA LEU D 737 -24.54 -54.21 -24.93
C LEU D 737 -24.41 -54.20 -26.43
N ILE D 738 -25.30 -53.47 -27.11
CA ILE D 738 -25.25 -53.47 -28.56
C ILE D 738 -23.91 -52.94 -29.00
N GLU D 739 -23.39 -51.95 -28.27
CA GLU D 739 -22.15 -51.34 -28.66
C GLU D 739 -20.99 -52.32 -28.60
N MET D 740 -20.78 -52.91 -27.43
CA MET D 740 -19.59 -53.74 -27.29
C MET D 740 -19.70 -54.96 -28.17
N SER D 741 -20.93 -55.44 -28.38
CA SER D 741 -21.11 -56.53 -29.33
C SER D 741 -20.86 -56.05 -30.74
N LEU D 742 -21.17 -54.79 -31.02
CA LEU D 742 -21.04 -54.28 -32.37
C LEU D 742 -19.61 -54.33 -32.87
N GLN D 743 -18.63 -54.06 -32.02
CA GLN D 743 -17.30 -53.86 -32.57
C GLN D 743 -16.65 -55.13 -33.11
N MET D 744 -17.26 -56.30 -32.93
CA MET D 744 -16.79 -57.46 -33.66
C MET D 744 -17.29 -57.47 -35.11
N ASP D 745 -16.67 -58.35 -35.89
CA ASP D 745 -17.02 -58.54 -37.29
C ASP D 745 -18.46 -59.04 -37.42
N PRO D 746 -19.06 -58.89 -38.61
CA PRO D 746 -20.53 -59.00 -38.73
C PRO D 746 -21.14 -60.30 -38.24
N GLU D 747 -20.55 -61.44 -38.55
CA GLU D 747 -21.12 -62.69 -38.07
C GLU D 747 -21.12 -62.75 -36.55
N TYR D 748 -20.04 -62.32 -35.94
CA TYR D 748 -19.92 -62.44 -34.50
C TYR D 748 -20.91 -61.56 -33.75
N ARG D 749 -21.26 -60.41 -34.33
CA ARG D 749 -21.92 -59.31 -33.62
C ARG D 749 -23.12 -59.79 -32.80
N VAL D 750 -24.03 -60.49 -33.48
CA VAL D 750 -25.27 -60.89 -32.84
C VAL D 750 -25.02 -62.00 -31.85
N ARG D 751 -24.09 -62.88 -32.20
CA ARG D 751 -23.73 -63.97 -31.31
C ARG D 751 -23.26 -63.44 -29.98
N LYS D 752 -22.45 -62.39 -30.01
CA LYS D 752 -21.92 -61.83 -28.78
C LYS D 752 -23.01 -61.12 -28.00
N PHE D 753 -23.84 -60.33 -28.69
CA PHE D 753 -24.95 -59.66 -28.02
C PHE D 753 -25.84 -60.63 -27.26
N LEU D 754 -26.30 -61.65 -27.97
CA LEU D 754 -27.15 -62.67 -27.37
C LEU D 754 -26.44 -63.35 -26.23
N ALA D 755 -25.21 -63.83 -26.46
CA ALA D 755 -24.54 -64.65 -25.46
C ALA D 755 -24.31 -63.85 -24.18
N LEU D 756 -24.10 -62.54 -24.29
CA LEU D 756 -24.04 -61.71 -23.11
C LEU D 756 -25.39 -61.65 -22.43
N LEU D 757 -26.44 -61.57 -23.23
CA LEU D 757 -27.77 -61.50 -22.64
C LEU D 757 -28.13 -62.79 -21.94
N ARG D 758 -27.53 -63.91 -22.36
CA ARG D 758 -27.85 -65.20 -21.76
C ARG D 758 -27.60 -65.17 -20.26
N GLU D 759 -26.43 -64.67 -19.87
CA GLU D 759 -26.08 -64.58 -18.46
C GLU D 759 -26.66 -63.32 -17.83
N GLU D 760 -26.71 -62.23 -18.59
CA GLU D 760 -27.09 -60.95 -18.02
C GLU D 760 -28.56 -60.94 -17.66
N GLY D 761 -29.41 -61.36 -18.60
CA GLY D 761 -30.84 -61.32 -18.41
C GLY D 761 -31.39 -62.55 -17.72
N ALA D 762 -30.55 -63.25 -16.98
CA ALA D 762 -30.94 -64.47 -16.28
C ALA D 762 -30.26 -64.50 -14.92
N ASN E 234 -33.77 29.38 33.02
CA ASN E 234 -33.32 28.61 31.85
C ASN E 234 -34.44 28.52 30.82
N PRO E 235 -35.62 27.93 31.15
CA PRO E 235 -36.65 27.79 30.10
C PRO E 235 -37.47 29.06 30.00
N ASP E 236 -37.20 29.78 28.92
CA ASP E 236 -37.86 31.05 28.67
C ASP E 236 -39.34 30.89 28.32
N TRP E 237 -39.72 29.89 27.51
CA TRP E 237 -41.10 29.84 27.00
C TRP E 237 -41.79 28.48 27.14
N ASN E 238 -43.12 28.57 27.00
CA ASN E 238 -44.18 27.55 27.02
C ASN E 238 -44.12 26.67 25.76
N PHE E 239 -44.79 25.51 25.80
CA PHE E 239 -44.68 24.55 24.70
C PHE E 239 -45.91 23.66 24.69
N GLU E 240 -46.06 22.92 23.60
CA GLU E 240 -47.12 21.93 23.45
C GLU E 240 -46.43 20.61 23.07
N LYS E 241 -46.75 19.57 23.83
CA LYS E 241 -46.18 18.21 23.70
C LYS E 241 -46.55 17.37 22.47
N MET E 242 -47.78 17.48 21.94
CA MET E 242 -48.24 16.63 20.83
C MET E 242 -47.26 16.35 19.70
N GLY E 243 -46.31 17.26 19.44
CA GLY E 243 -45.51 17.18 18.23
C GLY E 243 -44.79 15.85 18.04
N ILE E 244 -44.16 15.32 19.08
CA ILE E 244 -43.51 14.02 18.90
C ILE E 244 -44.57 12.93 18.70
N GLY E 245 -45.60 12.93 19.53
CA GLY E 245 -46.68 11.95 19.44
C GLY E 245 -46.24 10.52 19.56
N GLY E 246 -45.04 10.29 20.08
CA GLY E 246 -44.52 8.95 20.20
C GLY E 246 -45.00 8.27 21.45
N LEU E 247 -44.66 8.91 22.56
CA LEU E 247 -45.32 8.66 23.82
C LEU E 247 -45.08 9.86 24.71
N ASP E 248 -46.04 10.12 25.59
CA ASP E 248 -45.97 11.21 26.52
C ASP E 248 -45.52 10.76 27.89
N LYS E 249 -45.54 9.45 28.14
CA LYS E 249 -44.98 8.92 29.37
C LYS E 249 -43.49 9.18 29.45
N GLU E 250 -42.75 8.86 28.39
CA GLU E 250 -41.31 9.03 28.44
C GLU E 250 -40.91 10.50 28.37
N PHE E 251 -41.62 11.29 27.56
CA PHE E 251 -41.31 12.71 27.53
C PHE E 251 -41.51 13.34 28.90
N SER E 252 -42.60 12.96 29.58
CA SER E 252 -42.82 13.40 30.96
C SER E 252 -41.74 12.89 31.89
N ASP E 253 -41.32 11.63 31.72
CA ASP E 253 -40.33 11.02 32.61
C ASP E 253 -39.01 11.76 32.52
N ILE E 254 -38.53 12.01 31.31
CA ILE E 254 -37.28 12.74 31.17
C ILE E 254 -37.52 14.18 31.57
N PHE E 255 -38.71 14.70 31.27
CA PHE E 255 -39.03 16.06 31.70
C PHE E 255 -38.95 16.13 33.20
N ARG E 256 -39.46 15.12 33.86
CA ARG E 256 -39.39 15.03 35.32
C ARG E 256 -37.94 15.03 35.75
N ARG E 257 -37.19 14.04 35.27
CA ARG E 257 -35.84 13.83 35.73
C ARG E 257 -34.88 14.91 35.24
N ALA E 258 -34.94 15.24 33.94
CA ALA E 258 -33.99 16.18 33.37
C ALA E 258 -34.16 17.58 33.92
N PHE E 259 -35.34 18.16 33.76
CA PHE E 259 -35.46 19.59 33.96
C PHE E 259 -35.73 20.00 35.38
N ALA E 260 -36.16 19.07 36.25
CA ALA E 260 -36.59 19.41 37.60
C ALA E 260 -35.51 20.15 38.37
N SER E 261 -34.25 19.76 38.16
CA SER E 261 -33.17 20.39 38.89
C SER E 261 -32.94 21.82 38.43
N ARG E 262 -33.10 22.08 37.13
CA ARG E 262 -32.79 23.36 36.53
C ARG E 262 -33.96 24.32 36.32
N VAL E 263 -35.21 23.89 36.45
CA VAL E 263 -36.37 24.78 36.33
C VAL E 263 -37.21 24.69 37.59
N PHE E 264 -37.31 25.80 38.32
CA PHE E 264 -38.07 25.97 39.57
C PHE E 264 -37.30 25.34 40.74
N CYS E 274 -27.87 19.71 45.21
CA CYS E 274 -28.10 18.81 44.10
C CYS E 274 -27.42 19.31 42.83
N LYS E 275 -26.76 18.42 42.11
CA LYS E 275 -26.13 18.79 40.84
C LYS E 275 -27.13 18.73 39.70
N HIS E 276 -27.05 19.72 38.84
CA HIS E 276 -27.98 19.91 37.74
C HIS E 276 -27.60 18.97 36.60
N VAL E 277 -28.49 18.84 35.63
CA VAL E 277 -28.27 17.90 34.55
C VAL E 277 -27.38 18.56 33.51
N LYS E 278 -26.28 17.89 33.18
CA LYS E 278 -25.35 18.37 32.17
C LYS E 278 -25.46 17.69 30.83
N GLY E 279 -26.18 16.58 30.73
CA GLY E 279 -26.20 15.85 29.49
C GLY E 279 -27.20 14.72 29.47
N ILE E 280 -27.61 14.35 28.26
CA ILE E 280 -28.45 13.20 27.99
C ILE E 280 -27.98 12.51 26.72
N LEU E 281 -28.34 11.24 26.59
CA LEU E 281 -28.27 10.56 25.31
C LEU E 281 -29.45 9.59 25.24
N LEU E 282 -29.72 9.11 24.02
CA LEU E 282 -30.91 8.28 23.84
C LEU E 282 -30.82 7.50 22.55
N TYR E 283 -31.42 6.31 22.55
CA TYR E 283 -31.43 5.45 21.37
C TYR E 283 -32.82 4.91 21.03
N GLY E 284 -33.09 4.82 19.73
CA GLY E 284 -34.20 4.07 19.18
C GLY E 284 -33.63 3.37 17.97
N PRO E 285 -34.12 2.20 17.57
CA PRO E 285 -33.37 1.43 16.60
C PRO E 285 -33.47 2.03 15.20
N PRO E 286 -34.64 2.46 14.74
CA PRO E 286 -34.68 3.13 13.42
C PRO E 286 -34.63 4.64 13.56
N GLY E 287 -34.35 5.14 14.75
CA GLY E 287 -34.40 6.56 14.99
C GLY E 287 -35.83 6.92 15.36
N CYS E 288 -36.74 6.73 14.41
CA CYS E 288 -38.18 6.91 14.62
C CYS E 288 -38.52 8.21 15.33
N GLY E 289 -38.07 9.31 14.75
CA GLY E 289 -38.39 10.60 15.31
C GLY E 289 -37.36 11.27 16.18
N LYS E 290 -36.16 10.70 16.33
CA LYS E 290 -35.11 11.37 17.09
C LYS E 290 -35.02 12.83 16.72
N THR E 291 -35.02 13.08 15.41
CA THR E 291 -34.74 14.40 14.89
C THR E 291 -35.83 15.36 15.33
N LEU E 292 -37.07 14.91 15.27
CA LEU E 292 -38.19 15.76 15.64
C LEU E 292 -38.10 16.10 17.10
N LEU E 293 -37.77 15.12 17.93
CA LEU E 293 -37.64 15.33 19.37
C LEU E 293 -36.63 16.41 19.66
N ALA E 294 -35.45 16.27 19.08
CA ALA E 294 -34.38 17.18 19.40
C ALA E 294 -34.70 18.57 18.89
N ARG E 295 -35.21 18.64 17.66
CA ARG E 295 -35.58 19.93 17.11
C ARG E 295 -36.66 20.58 17.95
N GLN E 296 -37.58 19.80 18.49
CA GLN E 296 -38.74 20.36 19.16
C GLN E 296 -38.39 20.86 20.55
N ILE E 297 -37.58 20.12 21.32
CA ILE E 297 -37.18 20.68 22.60
C ILE E 297 -36.27 21.87 22.35
N GLY E 298 -35.47 21.81 21.28
CA GLY E 298 -34.63 22.95 20.90
C GLY E 298 -35.48 24.10 20.39
N LYS E 299 -36.63 23.78 19.81
CA LYS E 299 -37.61 24.77 19.41
C LYS E 299 -38.12 25.52 20.64
N MET E 300 -38.29 24.78 21.73
CA MET E 300 -38.93 25.29 22.95
C MET E 300 -38.01 26.10 23.85
N LEU E 301 -36.86 25.52 24.18
CA LEU E 301 -36.19 25.90 25.41
C LEU E 301 -35.31 27.13 25.24
N ASN E 302 -34.52 27.12 24.17
CA ASN E 302 -33.31 27.94 24.11
C ASN E 302 -33.64 29.42 23.93
N ALA E 303 -34.64 29.74 23.12
CA ALA E 303 -34.84 31.07 22.53
C ALA E 303 -33.61 31.51 21.74
N ARG E 304 -32.90 30.54 21.17
CA ARG E 304 -31.68 30.70 20.39
C ARG E 304 -31.48 29.38 19.65
N GLU E 305 -30.58 29.40 18.72
CA GLU E 305 -30.21 28.16 18.03
C GLU E 305 -29.09 27.45 18.79
N PRO E 306 -29.24 26.18 19.15
CA PRO E 306 -28.10 25.43 19.69
C PRO E 306 -27.23 24.96 18.53
N LYS E 307 -26.01 24.57 18.85
CA LYS E 307 -25.16 24.06 17.79
C LYS E 307 -25.53 22.65 17.40
N VAL E 308 -25.43 22.41 16.10
CA VAL E 308 -25.66 21.12 15.49
C VAL E 308 -24.33 20.59 14.99
N VAL E 309 -24.14 19.29 15.11
CA VAL E 309 -23.06 18.57 14.46
C VAL E 309 -23.62 17.64 13.40
N ASN E 310 -23.06 17.71 12.20
CA ASN E 310 -23.19 16.60 11.26
C ASN E 310 -21.98 15.70 11.51
N GLY E 311 -22.23 14.55 12.12
CA GLY E 311 -21.29 13.46 12.17
C GLY E 311 -19.90 13.81 12.67
N PRO E 312 -18.86 13.18 12.12
CA PRO E 312 -17.50 13.42 12.59
C PRO E 312 -16.92 14.79 12.31
N GLU E 313 -17.66 15.69 11.64
CA GLU E 313 -17.11 16.92 11.05
C GLU E 313 -16.20 17.72 11.98
N ILE E 314 -16.26 17.47 13.29
CA ILE E 314 -15.23 17.92 14.22
C ILE E 314 -13.86 17.62 13.63
N LEU E 315 -13.70 16.40 13.13
CA LEU E 315 -12.41 15.92 12.67
C LEU E 315 -11.88 16.76 11.53
N ASN E 316 -10.55 16.82 11.46
CA ASN E 316 -9.84 17.50 10.40
C ASN E 316 -8.43 16.95 10.37
N LYS E 317 -7.75 17.16 9.26
CA LYS E 317 -6.40 16.64 9.10
C LYS E 317 -5.45 17.30 10.11
N TYR E 318 -5.64 18.59 10.35
CA TYR E 318 -4.72 19.36 11.18
C TYR E 318 -4.80 18.90 12.62
N VAL E 319 -3.67 18.47 13.15
CA VAL E 319 -3.64 17.90 14.50
C VAL E 319 -4.02 18.99 15.50
N GLY E 320 -5.02 18.70 16.32
CA GLY E 320 -5.45 19.60 17.36
C GLY E 320 -6.57 20.54 16.94
N GLU E 321 -6.66 20.87 15.66
CA GLU E 321 -7.78 21.70 15.21
C GLU E 321 -9.09 20.95 15.33
N SER E 322 -9.03 19.63 15.24
CA SER E 322 -10.22 18.82 15.51
C SER E 322 -10.69 19.03 16.93
N GLU E 323 -9.76 19.26 17.83
CA GLU E 323 -10.09 19.60 19.20
C GLU E 323 -10.32 21.09 19.37
N ALA E 324 -9.89 21.91 18.41
CA ALA E 324 -10.25 23.32 18.44
C ALA E 324 -11.73 23.49 18.13
N ASN E 325 -12.28 22.61 17.30
CA ASN E 325 -13.66 22.75 16.87
C ASN E 325 -14.64 22.59 18.02
N ILE E 326 -14.32 21.77 19.01
CA ILE E 326 -15.22 21.55 20.13
C ILE E 326 -15.12 22.69 21.15
N ARG E 327 -13.89 23.06 21.48
CA ARG E 327 -13.68 24.16 22.41
C ARG E 327 -14.27 25.44 21.87
N LYS E 328 -14.42 25.53 20.54
CA LYS E 328 -15.14 26.64 19.93
C LYS E 328 -16.48 26.86 20.59
N LEU E 329 -17.30 25.81 20.68
CA LEU E 329 -18.61 25.99 21.25
C LEU E 329 -18.59 25.90 22.77
N PHE E 330 -17.71 25.07 23.35
CA PHE E 330 -17.75 25.00 24.80
C PHE E 330 -17.26 26.27 25.49
N ALA E 331 -16.40 27.04 24.83
CA ALA E 331 -15.91 28.27 25.42
C ALA E 331 -17.01 29.29 25.65
N ASP E 332 -18.02 29.34 24.78
CA ASP E 332 -19.15 30.23 25.03
C ASP E 332 -19.82 29.93 26.36
N ALA E 333 -20.19 28.67 26.59
CA ALA E 333 -20.86 28.31 27.82
C ALA E 333 -19.97 28.55 29.04
N GLU E 334 -18.69 28.21 28.90
CA GLU E 334 -17.78 28.33 30.02
C GLU E 334 -17.55 29.80 30.39
N GLU E 335 -17.24 30.60 29.38
CA GLU E 335 -17.13 32.05 29.52
C GLU E 335 -18.37 32.61 30.20
N GLU E 336 -19.55 32.35 29.63
CA GLU E 336 -20.80 32.87 30.19
C GLU E 336 -20.92 32.51 31.65
N GLN E 337 -20.64 31.25 32.01
CA GLN E 337 -20.84 30.83 33.39
C GLN E 337 -19.95 31.67 34.29
N ARG E 338 -18.65 31.69 34.02
CA ARG E 338 -17.81 32.39 35.00
C ARG E 338 -17.81 33.89 34.71
N ARG E 339 -17.76 34.30 33.44
CA ARG E 339 -17.82 35.72 33.10
C ARG E 339 -19.16 36.35 33.45
N LEU E 340 -20.27 35.80 32.91
CA LEU E 340 -21.56 36.44 33.12
C LEU E 340 -22.11 36.12 34.51
N GLY E 341 -22.03 34.87 34.94
CA GLY E 341 -22.36 34.51 36.32
C GLY E 341 -23.82 34.39 36.67
N ALA E 342 -24.73 34.56 35.71
CA ALA E 342 -26.16 34.38 35.99
C ALA E 342 -26.61 32.94 35.91
N ASN E 343 -25.74 32.04 35.48
CA ASN E 343 -26.08 30.62 35.36
C ASN E 343 -27.28 30.46 34.42
N SER E 344 -27.29 31.24 33.34
CA SER E 344 -28.31 31.13 32.30
C SER E 344 -27.86 30.04 31.34
N GLY E 345 -28.62 28.95 31.30
CA GLY E 345 -28.24 27.76 30.59
C GLY E 345 -29.01 27.48 29.33
N LEU E 346 -29.51 28.53 28.69
CA LEU E 346 -30.16 28.34 27.40
C LEU E 346 -29.25 27.70 26.35
N HIS E 347 -27.93 27.69 26.57
CA HIS E 347 -26.98 27.19 25.58
C HIS E 347 -26.80 25.69 25.78
N ILE E 348 -27.25 24.93 24.79
CA ILE E 348 -27.30 23.48 24.83
C ILE E 348 -26.91 23.08 23.42
N ILE E 349 -26.49 21.84 23.25
CA ILE E 349 -26.10 21.38 21.93
C ILE E 349 -26.67 20.01 21.63
N ILE E 350 -26.96 19.80 20.36
CA ILE E 350 -27.27 18.49 19.82
C ILE E 350 -25.99 17.96 19.20
N PHE E 351 -25.34 17.02 19.85
CA PHE E 351 -24.35 16.18 19.18
C PHE E 351 -24.98 14.87 18.76
N ASP E 352 -25.22 14.69 17.48
CA ASP E 352 -25.76 13.43 16.99
C ASP E 352 -24.65 12.38 16.75
N GLU E 353 -25.05 11.10 16.69
CA GLU E 353 -24.18 9.96 16.34
C GLU E 353 -22.87 9.93 17.13
N ILE E 354 -23.01 9.87 18.46
CA ILE E 354 -21.88 9.53 19.33
C ILE E 354 -21.20 8.23 18.88
N ASP E 355 -21.95 7.34 18.22
CA ASP E 355 -21.40 6.14 17.62
C ASP E 355 -20.11 6.42 16.88
N ALA E 356 -20.14 7.44 16.02
CA ALA E 356 -19.03 7.66 15.10
C ALA E 356 -17.84 8.30 15.81
N ILE E 357 -18.07 9.36 16.57
CA ILE E 357 -16.98 10.17 17.07
C ILE E 357 -16.14 9.43 18.09
N CYS E 358 -16.74 8.56 18.89
CA CYS E 358 -16.10 7.92 20.03
C CYS E 358 -16.07 6.43 19.83
N LYS E 359 -14.92 5.86 20.11
CA LYS E 359 -14.79 4.44 20.37
C LYS E 359 -14.61 4.32 21.87
N GLN E 360 -15.00 3.18 22.43
CA GLN E 360 -15.27 3.09 23.87
C GLN E 360 -14.05 3.51 24.69
N ARG E 361 -12.91 2.85 24.48
CA ARG E 361 -11.60 3.32 24.96
C ARG E 361 -10.67 3.68 23.81
N GLY E 362 -11.14 3.57 22.55
CA GLY E 362 -10.24 3.55 21.43
C GLY E 362 -9.74 2.17 21.07
N SER E 363 -10.02 1.16 21.90
CA SER E 363 -9.58 -0.18 21.55
C SER E 363 -10.32 -0.71 20.35
N MET E 364 -11.56 -0.27 20.15
CA MET E 364 -12.30 -0.69 18.97
C MET E 364 -11.58 -0.19 17.73
N ALA E 365 -11.75 -0.93 16.63
CA ALA E 365 -11.03 -0.67 15.41
C ALA E 365 -9.52 -0.74 15.62
N GLY E 366 -9.09 -1.56 16.58
CA GLY E 366 -7.72 -2.00 16.69
C GLY E 366 -6.70 -0.88 16.79
N SER E 367 -5.76 -0.89 15.84
CA SER E 367 -4.65 0.05 15.81
C SER E 367 -5.09 1.29 15.03
N THR E 368 -5.13 2.42 15.71
CA THR E 368 -5.62 3.68 15.16
C THR E 368 -4.65 4.79 15.52
N GLY E 369 -4.81 5.92 14.84
CA GLY E 369 -4.04 7.09 15.21
C GLY E 369 -4.36 7.51 16.64
N VAL E 370 -3.36 8.12 17.29
CA VAL E 370 -3.54 8.58 18.66
C VAL E 370 -4.69 9.58 18.74
N HIS E 371 -4.82 10.44 17.73
CA HIS E 371 -5.91 11.40 17.64
C HIS E 371 -6.96 11.00 16.62
N ASP E 372 -6.89 9.78 16.09
CA ASP E 372 -7.93 9.28 15.20
C ASP E 372 -9.26 9.21 15.94
N THR E 373 -9.20 8.95 17.25
CA THR E 373 -10.34 9.01 18.14
C THR E 373 -9.91 9.84 19.33
N VAL E 374 -10.62 10.93 19.57
CA VAL E 374 -10.48 11.71 20.79
C VAL E 374 -11.82 11.75 21.51
N VAL E 375 -11.91 10.92 22.54
CA VAL E 375 -12.93 11.05 23.57
C VAL E 375 -12.38 11.89 24.72
N ASN E 376 -11.10 11.71 25.00
CA ASN E 376 -10.49 12.28 26.18
C ASN E 376 -10.61 13.80 26.20
N GLN E 377 -10.53 14.45 25.04
CA GLN E 377 -10.52 15.90 25.03
C GLN E 377 -11.85 16.48 25.47
N LEU E 378 -12.93 16.08 24.81
CA LEU E 378 -14.23 16.65 25.13
C LEU E 378 -14.72 16.12 26.46
N LEU E 379 -14.37 14.88 26.78
CA LEU E 379 -14.63 14.36 28.11
C LEU E 379 -13.98 15.21 29.18
N SER E 380 -12.68 15.44 29.08
CA SER E 380 -11.98 16.27 30.05
C SER E 380 -12.54 17.67 30.06
N LYS E 381 -12.96 18.14 28.88
CA LYS E 381 -13.52 19.47 28.73
C LYS E 381 -14.75 19.64 29.62
N ILE E 382 -15.67 18.68 29.57
CA ILE E 382 -16.94 18.84 30.27
C ILE E 382 -16.78 18.64 31.79
N ASP E 383 -16.29 17.49 32.22
CA ASP E 383 -16.22 17.15 33.65
C ASP E 383 -14.82 17.20 34.23
N GLY E 384 -13.79 17.26 33.40
CA GLY E 384 -12.45 16.97 33.88
C GLY E 384 -11.87 18.03 34.78
N VAL E 385 -11.82 19.28 34.31
CA VAL E 385 -11.21 20.34 35.11
C VAL E 385 -12.07 20.66 36.33
N GLU E 386 -13.38 20.77 36.13
CA GLU E 386 -14.31 20.97 37.21
C GLU E 386 -15.70 20.66 36.69
N GLN E 387 -16.63 20.38 37.59
CA GLN E 387 -17.97 20.02 37.17
C GLN E 387 -18.71 21.22 36.62
N LEU E 388 -19.41 21.03 35.50
CA LEU E 388 -20.14 22.10 34.84
C LEU E 388 -21.62 21.76 34.83
N ASN E 389 -22.42 22.64 35.42
CA ASN E 389 -23.85 22.42 35.59
C ASN E 389 -24.71 23.41 34.82
N ASN E 390 -24.13 24.25 33.98
CA ASN E 390 -24.88 25.35 33.39
C ASN E 390 -25.49 24.99 32.03
N ILE E 391 -25.10 23.88 31.40
CA ILE E 391 -25.50 23.58 30.03
C ILE E 391 -25.75 22.10 29.86
N LEU E 392 -26.47 21.77 28.78
CA LEU E 392 -26.98 20.43 28.53
C LEU E 392 -26.52 19.93 27.16
N VAL E 393 -25.98 18.72 27.13
CA VAL E 393 -25.58 18.03 25.89
C VAL E 393 -26.58 16.93 25.60
N ILE E 394 -26.87 16.70 24.32
CA ILE E 394 -27.82 15.69 23.91
C ILE E 394 -27.10 14.74 22.96
N GLY E 395 -27.64 13.53 22.85
CA GLY E 395 -27.03 12.51 22.01
C GLY E 395 -28.09 11.66 21.32
N MET E 396 -27.73 11.21 20.13
CA MET E 396 -28.51 10.24 19.38
C MET E 396 -27.62 9.09 18.89
N THR E 397 -28.04 7.87 19.17
CA THR E 397 -27.39 6.69 18.62
C THR E 397 -28.46 5.69 18.24
N ASN E 398 -28.45 5.26 17.00
CA ASN E 398 -29.34 4.18 16.60
C ASN E 398 -28.81 2.85 17.12
N ARG E 399 -27.49 2.75 17.32
CA ARG E 399 -26.85 1.54 17.79
C ARG E 399 -25.98 1.93 19.00
N PRO E 400 -26.56 1.93 20.20
CA PRO E 400 -25.83 2.45 21.37
C PRO E 400 -24.71 1.54 21.84
N ASP E 401 -24.85 0.23 21.62
CA ASP E 401 -24.00 -0.76 22.27
C ASP E 401 -22.51 -0.51 22.03
N LEU E 402 -22.15 0.06 20.88
CA LEU E 402 -20.73 0.30 20.63
C LEU E 402 -20.14 1.22 21.69
N ILE E 403 -20.79 2.36 21.92
CA ILE E 403 -20.34 3.37 22.87
C ILE E 403 -20.54 2.98 24.34
N ASP E 404 -21.45 2.06 24.64
CA ASP E 404 -22.14 2.07 25.93
C ASP E 404 -21.22 1.79 27.11
N GLU E 405 -20.32 0.82 26.95
CA GLU E 405 -19.60 0.27 28.09
C GLU E 405 -18.67 1.27 28.77
N ALA E 406 -17.81 1.95 28.01
CA ALA E 406 -16.81 2.83 28.61
C ALA E 406 -17.34 4.16 29.12
N LEU E 407 -17.98 4.95 28.27
CA LEU E 407 -18.18 6.35 28.58
C LEU E 407 -19.46 6.66 29.34
N LEU E 408 -20.38 5.74 29.42
CA LEU E 408 -21.66 5.99 30.06
C LEU E 408 -21.65 5.66 31.53
N ARG E 409 -20.48 5.34 32.10
CA ARG E 409 -20.34 5.12 33.53
C ARG E 409 -20.93 6.37 34.19
N PRO E 410 -21.53 6.28 35.37
CA PRO E 410 -22.16 7.47 35.95
C PRO E 410 -21.18 8.61 36.16
N GLY E 411 -21.72 9.81 35.99
CA GLY E 411 -21.04 11.04 36.26
C GLY E 411 -20.55 11.73 35.00
N ARG E 412 -20.29 10.96 33.96
CA ARG E 412 -20.20 11.53 32.62
C ARG E 412 -21.58 11.67 32.02
N LEU E 413 -22.23 10.53 31.78
CA LEU E 413 -23.68 10.43 31.76
C LEU E 413 -24.05 9.16 32.48
N GLU E 414 -24.76 9.31 33.59
CA GLU E 414 -25.40 8.17 34.22
C GLU E 414 -26.72 7.82 33.53
N VAL E 415 -27.47 8.84 33.14
CA VAL E 415 -28.74 8.67 32.43
C VAL E 415 -28.56 8.08 31.04
N LYS E 416 -29.42 7.15 30.69
CA LYS E 416 -29.58 6.64 29.34
C LYS E 416 -31.04 6.28 29.14
N MET E 417 -31.56 6.59 27.96
CA MET E 417 -32.97 6.47 27.65
C MET E 417 -33.11 5.79 26.29
N GLU E 418 -34.19 5.03 26.11
CA GLU E 418 -34.57 4.55 24.78
C GLU E 418 -36.03 4.75 24.46
N ILE E 419 -36.29 5.25 23.26
CA ILE E 419 -37.65 5.33 22.73
C ILE E 419 -37.90 4.07 21.93
N GLY E 420 -38.89 3.33 22.33
CA GLY E 420 -39.39 2.23 21.55
C GLY E 420 -40.41 2.63 20.53
N LEU E 421 -40.61 1.69 19.60
CA LEU E 421 -41.59 1.86 18.56
C LEU E 421 -42.99 2.03 19.16
N PRO E 422 -43.92 2.59 18.40
CA PRO E 422 -45.25 2.90 18.96
C PRO E 422 -46.05 1.68 19.38
N ASP E 423 -46.79 1.84 20.45
CA ASP E 423 -47.95 1.00 20.73
C ASP E 423 -49.15 1.46 19.90
N GLU E 424 -50.18 0.61 19.88
CA GLU E 424 -51.28 0.73 18.92
C GLU E 424 -51.94 2.10 18.97
N LYS E 425 -52.10 2.66 20.16
CA LYS E 425 -52.66 4.00 20.25
C LYS E 425 -51.59 5.04 20.00
N GLY E 426 -50.35 4.76 20.39
CA GLY E 426 -49.24 5.62 20.04
C GLY E 426 -49.23 5.88 18.55
N ARG E 427 -49.19 4.81 17.76
CA ARG E 427 -49.21 4.95 16.32
C ARG E 427 -50.48 5.64 15.85
N LEU E 428 -51.58 5.46 16.58
CA LEU E 428 -52.81 6.18 16.26
C LEU E 428 -52.58 7.67 16.25
N GLN E 429 -51.94 8.19 17.29
CA GLN E 429 -51.73 9.61 17.30
C GLN E 429 -50.59 10.02 16.36
N ILE E 430 -49.69 9.10 16.03
CA ILE E 430 -48.70 9.37 14.97
C ILE E 430 -49.40 9.73 13.66
N LEU E 431 -50.28 8.86 13.18
CA LEU E 431 -50.90 9.24 11.91
C LEU E 431 -51.82 10.43 12.10
N HIS E 432 -52.42 10.54 13.28
CA HIS E 432 -53.28 11.67 13.59
C HIS E 432 -52.55 12.99 13.35
N ILE E 433 -51.34 13.11 13.88
CA ILE E 433 -50.59 14.34 13.69
C ILE E 433 -50.23 14.51 12.22
N HIS E 434 -49.80 13.43 11.57
CA HIS E 434 -49.46 13.53 10.16
C HIS E 434 -50.67 13.86 9.32
N THR E 435 -51.81 13.36 9.75
CA THR E 435 -53.06 13.56 9.04
C THR E 435 -53.79 14.79 9.53
N ALA E 436 -53.23 15.47 10.54
CA ALA E 436 -53.81 16.69 11.04
C ALA E 436 -53.98 17.68 9.89
N ARG E 437 -52.89 17.92 9.17
CA ARG E 437 -52.88 18.92 8.11
C ARG E 437 -53.83 18.53 6.99
N MET E 438 -53.95 17.25 6.73
CA MET E 438 -54.87 16.80 5.70
C MET E 438 -56.28 16.91 6.20
N ARG E 439 -56.52 16.34 7.38
CA ARG E 439 -57.84 16.26 7.97
C ARG E 439 -58.35 17.62 8.40
N GLY E 440 -57.43 18.57 8.63
CA GLY E 440 -57.82 19.95 8.79
C GLY E 440 -58.35 20.58 7.52
N HIS E 441 -58.09 19.95 6.38
CA HIS E 441 -58.76 20.27 5.12
C HIS E 441 -59.79 19.22 4.74
N GLN E 442 -60.96 19.70 4.36
CA GLN E 442 -62.13 18.89 4.11
C GLN E 442 -61.95 17.93 2.94
N LEU E 443 -60.96 18.18 2.09
CA LEU E 443 -60.85 17.45 0.83
C LEU E 443 -60.56 15.98 1.08
N LEU E 444 -59.63 15.72 1.97
CA LEU E 444 -59.00 14.43 2.20
C LEU E 444 -59.75 13.53 3.17
N SER E 445 -59.44 12.24 3.05
CA SER E 445 -59.64 11.23 4.09
C SER E 445 -61.08 11.00 4.47
N ALA E 446 -61.97 10.92 3.49
CA ALA E 446 -63.28 10.39 3.81
C ALA E 446 -63.15 8.89 4.09
N ASP E 447 -63.98 8.40 5.00
CA ASP E 447 -64.02 6.98 5.34
C ASP E 447 -62.61 6.47 5.70
N VAL E 448 -61.93 7.25 6.53
CA VAL E 448 -60.50 7.05 6.74
C VAL E 448 -60.23 5.76 7.51
N ASP E 449 -60.97 5.50 8.59
CA ASP E 449 -60.84 4.28 9.39
C ASP E 449 -59.42 4.07 9.92
N ILE E 450 -58.86 5.12 10.52
CA ILE E 450 -57.50 5.03 11.05
C ILE E 450 -57.40 3.98 12.13
N LYS E 451 -58.49 3.75 12.87
CA LYS E 451 -58.50 2.94 14.08
C LYS E 451 -58.29 1.47 13.80
N GLU E 452 -58.58 1.02 12.59
CA GLU E 452 -58.19 -0.31 12.16
C GLU E 452 -56.92 -0.32 11.36
N LEU E 453 -56.52 0.84 10.84
CA LEU E 453 -55.25 0.92 10.15
C LEU E 453 -54.09 0.73 11.10
N ALA E 454 -54.16 1.36 12.28
CA ALA E 454 -53.14 1.17 13.30
C ALA E 454 -52.88 -0.29 13.61
N VAL E 455 -53.95 -1.01 13.95
CA VAL E 455 -53.85 -2.42 14.32
C VAL E 455 -53.49 -3.29 13.15
N GLU E 456 -53.86 -2.88 11.93
CA GLU E 456 -53.38 -3.61 10.75
C GLU E 456 -51.87 -3.57 10.66
N THR E 457 -51.26 -2.57 11.27
CA THR E 457 -49.82 -2.52 11.46
C THR E 457 -49.50 -3.19 12.79
N LYS E 458 -48.86 -4.35 12.72
CA LYS E 458 -48.49 -5.06 13.94
C LYS E 458 -47.28 -4.43 14.60
N ASN E 459 -46.15 -4.41 13.90
CA ASN E 459 -44.87 -4.03 14.44
C ASN E 459 -44.29 -2.78 13.79
N PHE E 460 -45.06 -2.12 12.93
CA PHE E 460 -44.53 -0.96 12.22
C PHE E 460 -44.23 0.20 13.16
N SER E 461 -43.38 1.09 12.68
CA SER E 461 -42.89 2.22 13.44
C SER E 461 -42.76 3.41 12.52
N GLY E 462 -42.97 4.57 13.08
CA GLY E 462 -42.50 5.81 12.53
C GLY E 462 -42.80 6.22 11.10
N ALA E 463 -41.74 6.48 10.34
CA ALA E 463 -41.92 7.02 8.99
C ALA E 463 -42.63 6.11 8.01
N GLU E 464 -42.57 4.79 8.18
CA GLU E 464 -43.31 3.97 7.23
C GLU E 464 -44.78 4.28 7.32
N LEU E 465 -45.27 4.51 8.53
CA LEU E 465 -46.65 4.91 8.65
C LEU E 465 -46.84 6.23 7.94
N GLU E 466 -45.90 7.14 8.16
CA GLU E 466 -45.87 8.41 7.44
C GLU E 466 -45.70 8.14 5.94
N GLY E 467 -44.91 7.13 5.62
CA GLY E 467 -44.58 6.86 4.24
C GLY E 467 -45.73 6.26 3.48
N LEU E 468 -46.53 5.47 4.17
CA LEU E 468 -47.82 5.08 3.64
C LEU E 468 -48.58 6.30 3.12
N VAL E 469 -48.55 7.38 3.87
CA VAL E 469 -49.28 8.57 3.46
C VAL E 469 -48.61 9.20 2.25
N ARG E 470 -47.28 9.19 2.24
CA ARG E 470 -46.53 9.68 1.08
C ARG E 470 -47.02 8.99 -0.17
N ALA E 471 -47.09 7.66 -0.10
CA ALA E 471 -47.47 6.87 -1.24
C ALA E 471 -48.95 6.97 -1.49
N ALA E 472 -49.73 7.05 -0.41
CA ALA E 472 -51.16 7.13 -0.54
C ALA E 472 -51.57 8.40 -1.28
N GLN E 473 -50.93 9.52 -0.95
CA GLN E 473 -51.15 10.70 -1.77
C GLN E 473 -50.62 10.47 -3.15
N SER E 474 -49.47 9.81 -3.25
CA SER E 474 -48.81 9.71 -4.54
C SER E 474 -49.69 8.92 -5.48
N THR E 475 -50.43 7.96 -4.92
CA THR E 475 -51.31 7.12 -5.72
C THR E 475 -52.50 7.92 -6.19
N ALA E 476 -53.14 8.64 -5.27
CA ALA E 476 -54.26 9.47 -5.66
C ALA E 476 -53.78 10.61 -6.54
N MET E 477 -52.54 11.01 -6.36
CA MET E 477 -51.95 12.01 -7.23
C MET E 477 -51.58 11.41 -8.56
N ASN E 478 -51.46 10.08 -8.63
CA ASN E 478 -51.12 9.42 -9.88
C ASN E 478 -52.29 9.44 -10.84
N ARG E 479 -53.51 9.21 -10.33
CA ARG E 479 -54.64 8.91 -11.20
C ARG E 479 -54.82 9.94 -12.31
N HIS E 480 -54.42 11.18 -12.05
CA HIS E 480 -54.67 12.32 -12.93
C HIS E 480 -53.42 12.80 -13.65
N ILE E 481 -52.31 12.07 -13.57
CA ILE E 481 -51.06 12.62 -14.09
C ILE E 481 -51.03 12.60 -15.61
N ILE E 482 -51.79 11.71 -16.24
CA ILE E 482 -51.98 11.77 -17.68
C ILE E 482 -53.19 12.65 -17.94
N VAL E 489 -47.43 9.62 -24.85
CA VAL E 489 -47.00 11.00 -25.02
C VAL E 489 -45.87 11.34 -24.07
N ASP E 490 -45.01 12.28 -24.48
CA ASP E 490 -43.91 12.67 -23.63
C ASP E 490 -44.43 13.39 -22.40
N MET E 491 -45.29 14.39 -22.60
CA MET E 491 -45.78 15.19 -21.49
C MET E 491 -46.85 14.39 -20.78
N GLU E 492 -46.63 14.10 -19.52
CA GLU E 492 -47.67 13.56 -18.67
C GLU E 492 -48.32 14.75 -18.00
N LYS E 493 -49.57 15.02 -18.35
CA LYS E 493 -50.22 16.27 -18.00
C LYS E 493 -51.19 15.99 -16.86
N ALA E 494 -51.05 16.75 -15.81
CA ALA E 494 -52.05 16.82 -14.78
C ALA E 494 -52.68 18.19 -14.96
N GLU E 495 -53.93 18.21 -15.41
CA GLU E 495 -54.61 19.47 -15.48
C GLU E 495 -54.99 19.86 -14.07
N SER E 496 -55.28 21.13 -13.86
CA SER E 496 -55.56 21.52 -12.50
C SER E 496 -56.87 20.90 -12.08
N LEU E 497 -56.80 20.01 -11.10
CA LEU E 497 -57.95 19.49 -10.39
C LEU E 497 -57.61 19.50 -8.92
N GLN E 498 -58.38 20.26 -8.15
CA GLN E 498 -58.28 20.24 -6.70
C GLN E 498 -59.19 19.20 -6.11
N VAL E 499 -59.89 18.44 -6.94
CA VAL E 499 -60.60 17.27 -6.48
C VAL E 499 -59.60 16.13 -6.44
N THR E 500 -59.17 15.80 -5.24
CA THR E 500 -58.45 14.57 -4.96
C THR E 500 -58.77 14.26 -3.51
N ARG E 501 -59.05 13.00 -3.25
CA ARG E 501 -59.36 12.53 -1.92
C ARG E 501 -58.51 11.29 -1.65
N GLY E 502 -57.59 11.39 -0.71
CA GLY E 502 -57.01 10.15 -0.26
C GLY E 502 -58.08 9.31 0.40
N ASP E 503 -58.44 8.26 -0.31
CA ASP E 503 -59.33 7.21 0.16
C ASP E 503 -58.52 6.09 0.79
N PHE E 504 -59.19 5.27 1.59
CA PHE E 504 -58.58 4.05 2.11
C PHE E 504 -58.02 3.17 1.01
N LEU E 505 -58.52 3.28 -0.23
CA LEU E 505 -58.00 2.47 -1.32
C LEU E 505 -56.53 2.77 -1.50
N ALA E 506 -56.15 4.04 -1.31
CA ALA E 506 -54.77 4.43 -1.49
C ALA E 506 -53.95 3.84 -0.36
N SER E 507 -54.40 4.06 0.87
CA SER E 507 -53.76 3.47 2.02
C SER E 507 -53.79 1.95 1.95
N LEU E 508 -54.89 1.39 1.46
CA LEU E 508 -55.00 -0.06 1.38
C LEU E 508 -54.03 -0.62 0.36
N GLU E 509 -53.92 0.04 -0.78
CA GLU E 509 -53.02 -0.40 -1.82
C GLU E 509 -51.60 -0.18 -1.34
N ASN E 510 -51.35 0.98 -0.79
CA ASN E 510 -50.00 1.28 -0.38
C ASN E 510 -49.70 0.70 0.98
N ASP E 511 -50.64 -0.04 1.57
CA ASP E 511 -50.37 -0.81 2.76
C ASP E 511 -49.36 -1.91 2.50
N ILE E 512 -49.71 -2.80 1.57
CA ILE E 512 -48.94 -4.02 1.38
C ILE E 512 -47.69 -3.74 0.54
N LYS E 513 -47.84 -3.09 -0.61
CA LYS E 513 -46.76 -3.10 -1.60
C LYS E 513 -45.55 -2.30 -1.15
N PRO E 514 -45.65 -0.99 -0.87
CA PRO E 514 -44.44 -0.18 -0.71
C PRO E 514 -43.70 -0.33 0.60
N ALA E 515 -44.31 -0.86 1.66
CA ALA E 515 -43.74 -0.75 2.99
C ALA E 515 -43.76 -2.07 3.73
N PHE E 516 -42.64 -2.35 4.41
CA PHE E 516 -42.39 -3.58 5.13
C PHE E 516 -41.85 -3.29 6.50
N GLY E 517 -42.51 -3.86 7.49
CA GLY E 517 -42.05 -3.81 8.85
C GLY E 517 -40.79 -4.61 9.06
N THR E 518 -40.15 -4.33 10.19
CA THR E 518 -38.97 -5.09 10.57
C THR E 518 -39.31 -6.51 10.98
N ASN E 519 -40.39 -6.71 11.76
CA ASN E 519 -40.78 -8.04 12.24
C ASN E 519 -42.23 -8.28 11.87
N GLN E 520 -42.55 -9.46 11.35
CA GLN E 520 -43.93 -9.81 11.00
C GLN E 520 -44.14 -11.30 11.23
N GLU E 521 -45.40 -11.68 11.50
CA GLU E 521 -45.75 -13.08 11.69
C GLU E 521 -46.94 -13.42 10.81
N ASP E 522 -46.86 -14.54 10.11
CA ASP E 522 -47.92 -14.99 9.22
C ASP E 522 -48.17 -16.49 9.39
N TYR E 523 -49.41 -16.87 9.11
CA TYR E 523 -49.90 -18.24 9.17
C TYR E 523 -50.14 -18.85 7.80
N ALA E 524 -49.83 -18.12 6.73
CA ALA E 524 -50.30 -18.52 5.41
C ALA E 524 -49.70 -19.84 4.97
N SER E 525 -48.38 -19.97 5.06
CA SER E 525 -47.76 -21.22 4.62
C SER E 525 -48.26 -22.37 5.49
N TYR E 526 -48.56 -22.08 6.74
CA TYR E 526 -49.06 -23.08 7.66
C TYR E 526 -50.53 -23.37 7.43
N ILE E 527 -51.28 -22.39 6.93
CA ILE E 527 -52.70 -22.55 6.67
C ILE E 527 -52.92 -22.35 5.19
N MET E 528 -53.13 -23.43 4.44
CA MET E 528 -53.58 -23.23 3.06
C MET E 528 -55.07 -22.94 3.05
N ASN E 529 -55.86 -23.87 3.60
CA ASN E 529 -57.30 -23.87 3.42
C ASN E 529 -58.08 -23.68 4.70
N GLY E 530 -57.42 -23.31 5.78
CA GLY E 530 -58.16 -23.18 7.01
C GLY E 530 -58.43 -24.54 7.61
N ILE E 531 -59.44 -24.58 8.47
CA ILE E 531 -60.01 -25.84 8.91
C ILE E 531 -61.51 -25.80 8.68
N ILE E 532 -62.05 -26.91 8.23
CA ILE E 532 -63.47 -27.12 8.07
C ILE E 532 -63.87 -28.20 9.06
N LYS E 533 -64.97 -28.01 9.78
CA LYS E 533 -65.39 -29.04 10.72
C LYS E 533 -65.86 -30.25 9.94
N TRP E 534 -65.20 -31.39 10.18
CA TRP E 534 -65.58 -32.66 9.59
C TRP E 534 -66.28 -33.54 10.58
N GLY E 535 -66.71 -32.98 11.70
CA GLY E 535 -67.40 -33.74 12.71
C GLY E 535 -67.11 -33.20 14.09
N ASP E 536 -67.57 -33.95 15.07
CA ASP E 536 -67.40 -33.59 16.45
C ASP E 536 -65.96 -33.61 16.95
N PRO E 537 -65.08 -34.50 16.49
CA PRO E 537 -63.75 -34.57 17.13
C PRO E 537 -62.95 -33.29 17.03
N VAL E 538 -63.05 -32.59 15.91
CA VAL E 538 -62.37 -31.30 15.80
C VAL E 538 -62.85 -30.34 16.87
N THR E 539 -64.15 -30.33 17.11
CA THR E 539 -64.70 -29.43 18.10
C THR E 539 -64.37 -29.91 19.51
N ARG E 540 -64.25 -31.21 19.68
CA ARG E 540 -63.79 -31.78 20.94
C ARG E 540 -62.39 -31.29 21.26
N VAL E 541 -61.52 -31.34 20.28
CA VAL E 541 -60.15 -30.93 20.46
C VAL E 541 -60.09 -29.45 20.80
N LEU E 542 -60.84 -28.65 20.08
CA LEU E 542 -60.85 -27.24 20.40
C LEU E 542 -61.53 -26.98 21.74
N ASP E 543 -62.46 -27.83 22.13
CA ASP E 543 -63.17 -27.63 23.39
C ASP E 543 -62.21 -27.81 24.55
N ASP E 544 -61.51 -28.94 24.59
CA ASP E 544 -60.63 -29.15 25.72
C ASP E 544 -59.34 -28.35 25.55
N GLY E 545 -59.05 -27.90 24.33
CA GLY E 545 -57.95 -26.98 24.17
C GLY E 545 -58.25 -25.64 24.78
N GLU E 546 -59.43 -25.10 24.51
CA GLU E 546 -59.80 -23.82 25.11
C GLU E 546 -59.99 -23.95 26.61
N LEU E 547 -60.48 -25.11 27.07
CA LEU E 547 -60.46 -25.42 28.49
C LEU E 547 -59.06 -25.27 29.05
N LEU E 548 -58.09 -25.88 28.36
CA LEU E 548 -56.70 -25.81 28.79
C LEU E 548 -56.21 -24.37 28.80
N VAL E 549 -56.64 -23.59 27.82
CA VAL E 549 -56.13 -22.23 27.69
C VAL E 549 -56.69 -21.38 28.82
N GLN E 550 -57.96 -21.54 29.14
CA GLN E 550 -58.51 -20.82 30.27
C GLN E 550 -57.84 -21.24 31.56
N GLN E 551 -57.52 -22.54 31.67
CA GLN E 551 -56.81 -23.02 32.84
C GLN E 551 -55.50 -22.28 33.01
N THR E 552 -54.68 -22.27 31.97
CA THR E 552 -53.40 -21.60 32.07
C THR E 552 -53.53 -20.09 32.12
N LYS E 553 -54.68 -19.55 31.73
CA LYS E 553 -54.86 -18.11 31.78
C LYS E 553 -55.22 -17.64 33.17
N ASN E 554 -56.10 -18.36 33.85
CA ASN E 554 -56.55 -17.94 35.17
C ASN E 554 -55.64 -18.40 36.29
N SER E 555 -55.08 -19.60 36.16
CA SER E 555 -54.47 -20.29 37.29
C SER E 555 -52.98 -19.99 37.39
N ASP E 556 -52.56 -19.73 38.61
CA ASP E 556 -51.19 -19.40 38.91
C ASP E 556 -50.44 -20.53 39.59
N ARG E 557 -51.14 -21.61 39.95
CA ARG E 557 -50.55 -22.73 40.66
C ARG E 557 -49.67 -23.60 39.78
N THR E 558 -49.88 -23.58 38.48
CA THR E 558 -49.14 -24.42 37.54
C THR E 558 -48.80 -23.53 36.37
N PRO E 559 -47.67 -22.82 36.43
CA PRO E 559 -47.37 -21.83 35.39
C PRO E 559 -47.25 -22.44 34.01
N LEU E 560 -46.92 -23.72 33.93
CA LEU E 560 -46.73 -24.42 32.67
C LEU E 560 -47.82 -25.47 32.52
N VAL E 561 -48.22 -25.69 31.28
CA VAL E 561 -49.09 -26.79 30.91
C VAL E 561 -48.41 -27.58 29.80
N SER E 562 -47.99 -28.80 30.12
CA SER E 562 -47.27 -29.63 29.17
C SER E 562 -48.27 -30.50 28.42
N VAL E 563 -48.46 -30.16 27.15
CA VAL E 563 -49.48 -30.77 26.30
C VAL E 563 -48.88 -31.05 24.94
N LEU E 564 -49.44 -32.05 24.27
CA LEU E 564 -49.18 -32.24 22.85
C LEU E 564 -50.46 -32.79 22.27
N LEU E 565 -50.49 -32.83 20.94
CA LEU E 565 -51.50 -33.56 20.21
C LEU E 565 -50.77 -34.45 19.23
N GLU E 566 -51.11 -35.72 19.21
CA GLU E 566 -50.55 -36.64 18.25
C GLU E 566 -51.64 -37.21 17.38
N GLY E 567 -51.26 -37.51 16.15
CA GLY E 567 -52.12 -38.18 15.23
C GLY E 567 -51.32 -38.82 14.13
N PRO E 568 -51.97 -39.65 13.35
CA PRO E 568 -51.34 -40.16 12.16
C PRO E 568 -51.08 -39.07 11.15
N PRO E 569 -50.30 -39.35 10.12
CA PRO E 569 -49.86 -38.33 9.18
C PRO E 569 -51.01 -37.71 8.43
N HIS E 570 -50.75 -36.50 7.94
CA HIS E 570 -51.63 -35.84 6.98
C HIS E 570 -53.05 -35.66 7.52
N SER E 571 -53.14 -35.46 8.83
CA SER E 571 -54.39 -35.38 9.55
C SER E 571 -54.70 -33.98 10.06
N GLY E 572 -54.01 -32.96 9.57
CA GLY E 572 -54.39 -31.60 9.94
C GLY E 572 -53.98 -31.21 11.33
N LYS E 573 -52.75 -31.57 11.69
CA LYS E 573 -52.22 -31.38 13.02
C LYS E 573 -51.69 -29.98 13.24
N THR E 574 -50.91 -29.49 12.29
CA THR E 574 -50.15 -28.26 12.48
C THR E 574 -51.03 -27.03 12.40
N ALA E 575 -51.85 -26.96 11.36
CA ALA E 575 -52.81 -25.88 11.19
C ALA E 575 -53.72 -25.75 12.40
N LEU E 576 -54.08 -26.87 12.97
CA LEU E 576 -54.97 -26.90 14.11
C LEU E 576 -54.33 -26.23 15.32
N ALA E 577 -53.06 -26.53 15.54
CA ALA E 577 -52.29 -25.83 16.57
C ALA E 577 -52.28 -24.34 16.32
N ALA E 578 -52.12 -23.96 15.06
CA ALA E 578 -52.07 -22.53 14.76
C ALA E 578 -53.41 -21.87 15.08
N LYS E 579 -54.50 -22.55 14.81
CA LYS E 579 -55.79 -21.91 15.01
C LYS E 579 -56.12 -21.78 16.48
N ILE E 580 -55.88 -22.84 17.25
CA ILE E 580 -56.08 -22.73 18.68
C ILE E 580 -55.21 -21.62 19.25
N ALA E 581 -54.01 -21.47 18.70
CA ALA E 581 -53.11 -20.44 19.19
C ALA E 581 -53.73 -19.09 18.97
N GLU E 582 -54.21 -18.85 17.75
CA GLU E 582 -54.86 -17.58 17.47
C GLU E 582 -56.05 -17.34 18.37
N GLU E 583 -56.86 -18.37 18.62
CA GLU E 583 -58.02 -18.18 19.48
C GLU E 583 -57.63 -17.83 20.89
N SER E 584 -56.43 -18.21 21.32
CA SER E 584 -56.00 -17.70 22.62
C SER E 584 -55.76 -16.20 22.50
N ASN E 585 -55.02 -15.81 21.47
CA ASN E 585 -54.72 -14.41 21.18
C ASN E 585 -54.04 -13.80 22.40
N PHE E 586 -53.11 -14.57 22.94
CA PHE E 586 -52.13 -14.07 23.86
C PHE E 586 -51.21 -13.08 23.16
N PRO E 587 -50.51 -12.25 23.94
CA PRO E 587 -49.76 -11.17 23.29
C PRO E 587 -48.57 -11.64 22.52
N PHE E 588 -47.94 -12.74 22.95
CA PHE E 588 -46.73 -13.24 22.32
C PHE E 588 -46.89 -14.72 22.04
N ILE E 589 -46.81 -15.10 20.78
CA ILE E 589 -46.77 -16.50 20.39
C ILE E 589 -45.83 -16.62 19.21
N LYS E 590 -44.95 -17.61 19.25
CA LYS E 590 -44.09 -17.89 18.12
C LYS E 590 -44.24 -19.33 17.68
N ILE E 591 -44.19 -19.48 16.36
CA ILE E 591 -44.12 -20.78 15.71
C ILE E 591 -42.66 -21.12 15.56
N CYS E 592 -42.22 -22.10 16.33
CA CYS E 592 -40.97 -22.78 16.05
C CYS E 592 -41.21 -23.88 15.04
N SER E 593 -40.31 -24.00 14.07
CA SER E 593 -40.38 -25.08 13.12
C SER E 593 -39.01 -25.40 12.56
N PRO E 594 -38.69 -26.68 12.31
CA PRO E 594 -37.35 -27.01 11.83
C PRO E 594 -37.05 -26.43 10.49
N ASP E 595 -38.09 -26.08 9.75
CA ASP E 595 -37.97 -25.42 8.47
C ASP E 595 -37.04 -24.23 8.55
N LYS E 596 -37.15 -23.45 9.60
CA LYS E 596 -36.31 -22.29 9.75
C LYS E 596 -34.98 -22.62 10.42
N MET E 597 -34.83 -23.81 10.99
CA MET E 597 -33.59 -24.26 11.61
C MET E 597 -32.84 -25.23 10.72
N ILE E 598 -33.23 -25.26 9.44
CA ILE E 598 -32.74 -26.23 8.48
C ILE E 598 -31.25 -26.17 8.25
N GLY E 599 -30.66 -27.35 8.12
CA GLY E 599 -29.27 -27.49 7.75
C GLY E 599 -28.34 -26.80 8.71
N PHE E 600 -28.66 -26.86 9.99
CA PHE E 600 -27.92 -26.21 11.02
C PHE E 600 -27.31 -27.24 11.92
N SER E 601 -26.20 -26.86 12.54
CA SER E 601 -25.64 -27.70 13.56
C SER E 601 -26.69 -27.82 14.63
N GLU E 602 -26.80 -29.01 15.20
CA GLU E 602 -27.80 -29.23 16.21
C GLU E 602 -27.62 -28.27 17.37
N THR E 603 -26.38 -27.88 17.65
CA THR E 603 -26.15 -26.88 18.66
C THR E 603 -26.75 -25.56 18.23
N ALA E 604 -26.58 -25.21 16.96
CA ALA E 604 -27.23 -24.02 16.46
C ALA E 604 -28.74 -24.20 16.45
N LYS E 605 -29.19 -25.42 16.33
CA LYS E 605 -30.61 -25.67 16.26
C LYS E 605 -31.28 -25.58 17.61
N CYS E 606 -30.53 -25.83 18.67
CA CYS E 606 -31.02 -25.57 20.01
C CYS E 606 -30.82 -24.12 20.39
N GLN E 607 -29.77 -23.49 19.89
CA GLN E 607 -29.48 -22.12 20.27
C GLN E 607 -30.39 -21.15 19.53
N ALA E 608 -31.18 -21.65 18.60
CA ALA E 608 -32.25 -20.89 18.01
C ALA E 608 -33.53 -21.08 18.79
N MET E 609 -33.62 -22.19 19.50
CA MET E 609 -34.80 -22.49 20.29
C MET E 609 -34.74 -21.90 21.69
N LYS E 610 -33.55 -21.79 22.27
CA LYS E 610 -33.44 -21.16 23.57
C LYS E 610 -33.81 -19.69 23.49
N LYS E 611 -33.43 -19.09 22.38
CA LYS E 611 -33.75 -17.70 22.10
C LYS E 611 -35.23 -17.41 22.18
N ILE E 612 -36.04 -18.21 21.50
CA ILE E 612 -37.43 -17.82 21.41
C ILE E 612 -38.12 -18.05 22.72
N PHE E 613 -37.72 -19.08 23.46
CA PHE E 613 -38.35 -19.25 24.74
C PHE E 613 -37.93 -18.17 25.70
N ASP E 614 -36.71 -17.65 25.59
CA ASP E 614 -36.38 -16.50 26.43
C ASP E 614 -37.21 -15.28 26.03
N ASP E 615 -37.40 -15.09 24.73
CA ASP E 615 -38.20 -13.97 24.25
C ASP E 615 -39.61 -14.08 24.78
N ALA E 616 -40.11 -15.29 24.88
CA ALA E 616 -41.43 -15.52 25.41
C ALA E 616 -41.47 -15.39 26.92
N TYR E 617 -40.37 -15.71 27.58
CA TYR E 617 -40.30 -15.53 29.01
C TYR E 617 -40.43 -14.05 29.34
N LYS E 618 -39.89 -13.19 28.47
CA LYS E 618 -39.99 -11.77 28.72
C LYS E 618 -41.43 -11.27 28.81
N SER E 619 -42.36 -11.87 28.07
CA SER E 619 -43.76 -11.49 28.21
C SER E 619 -44.33 -12.04 29.50
N GLN E 620 -45.49 -11.51 29.87
CA GLN E 620 -46.20 -12.02 31.04
C GLN E 620 -46.78 -13.38 30.77
N LEU E 621 -47.13 -13.65 29.51
CA LEU E 621 -47.48 -15.00 29.14
C LEU E 621 -47.43 -15.11 27.64
N SER E 622 -47.40 -16.35 27.20
CA SER E 622 -47.21 -16.66 25.80
C SER E 622 -47.61 -18.10 25.56
N CYS E 623 -47.73 -18.43 24.28
CA CYS E 623 -48.02 -19.79 23.84
C CYS E 623 -47.08 -20.07 22.68
N VAL E 624 -46.29 -21.11 22.79
CA VAL E 624 -45.35 -21.47 21.74
C VAL E 624 -45.77 -22.76 21.09
N VAL E 625 -45.58 -22.87 19.78
CA VAL E 625 -45.85 -24.12 19.08
C VAL E 625 -44.56 -24.69 18.54
N VAL E 626 -44.41 -26.00 18.70
CA VAL E 626 -43.32 -26.77 18.12
C VAL E 626 -43.92 -27.90 17.30
N ASP E 627 -43.58 -27.92 16.02
CA ASP E 627 -44.16 -28.87 15.09
C ASP E 627 -43.13 -29.86 14.58
N ASP E 628 -43.63 -31.04 14.24
CA ASP E 628 -42.84 -32.08 13.62
C ASP E 628 -41.59 -32.37 14.44
N ILE E 629 -41.81 -32.60 15.73
CA ILE E 629 -40.79 -32.89 16.72
C ILE E 629 -39.81 -33.90 16.19
N GLU E 630 -40.36 -34.94 15.59
CA GLU E 630 -39.54 -36.01 15.07
C GLU E 630 -38.60 -35.48 14.00
N ARG E 631 -39.07 -34.51 13.23
CA ARG E 631 -38.24 -33.88 12.22
C ARG E 631 -37.37 -32.81 12.80
N LEU E 632 -37.71 -32.29 13.97
CA LEU E 632 -36.85 -31.32 14.60
C LEU E 632 -35.61 -31.97 15.15
N LEU E 633 -35.79 -33.13 15.75
CA LEU E 633 -34.71 -33.88 16.35
C LEU E 633 -34.29 -35.07 15.51
N ASP E 634 -34.72 -35.10 14.26
CA ASP E 634 -34.15 -35.94 13.20
C ASP E 634 -34.12 -37.42 13.57
N TYR E 635 -35.29 -37.92 13.94
CA TYR E 635 -35.43 -39.34 14.22
C TYR E 635 -35.53 -40.10 12.92
N VAL E 636 -34.77 -41.18 12.81
CA VAL E 636 -34.99 -42.16 11.77
C VAL E 636 -34.96 -43.57 12.37
N PRO E 637 -35.97 -44.41 12.11
CA PRO E 637 -36.02 -45.72 12.75
C PRO E 637 -35.09 -46.77 12.16
N ILE E 638 -34.45 -46.50 11.02
CA ILE E 638 -33.67 -47.53 10.31
C ILE E 638 -32.70 -48.20 11.26
N GLY E 639 -32.06 -47.39 12.05
CA GLY E 639 -31.47 -47.75 13.30
C GLY E 639 -31.76 -46.43 13.95
N PRO E 640 -31.99 -46.40 15.24
CA PRO E 640 -32.32 -45.13 15.84
C PRO E 640 -31.11 -44.25 15.79
N ARG E 641 -31.28 -43.08 15.19
CA ARG E 641 -30.33 -42.01 15.33
C ARG E 641 -31.04 -40.69 15.31
N PHE E 642 -30.58 -39.82 16.18
CA PHE E 642 -31.16 -38.51 16.34
C PHE E 642 -30.14 -37.60 16.99
N SER E 643 -30.54 -36.36 17.12
CA SER E 643 -29.73 -35.36 17.78
C SER E 643 -30.16 -35.34 19.24
N ASN E 644 -29.24 -35.63 20.12
CA ASN E 644 -29.57 -35.75 21.53
C ASN E 644 -29.64 -34.38 22.16
N LEU E 645 -28.81 -33.48 21.67
CA LEU E 645 -28.73 -32.15 22.25
C LEU E 645 -30.05 -31.45 22.13
N VAL E 646 -30.67 -31.60 20.96
CA VAL E 646 -31.97 -31.03 20.69
C VAL E 646 -32.98 -31.60 21.65
N LEU E 647 -32.81 -32.88 21.99
CA LEU E 647 -33.79 -33.55 22.81
C LEU E 647 -33.92 -32.85 24.13
N GLN E 648 -32.81 -32.58 24.75
CA GLN E 648 -32.80 -32.13 26.12
C GLN E 648 -32.95 -30.64 26.20
N ALA E 649 -32.44 -29.97 25.19
CA ALA E 649 -32.73 -28.56 25.00
C ALA E 649 -34.18 -28.32 24.66
N LEU E 650 -34.91 -29.37 24.30
CA LEU E 650 -36.35 -29.33 24.28
C LEU E 650 -36.96 -29.72 25.62
N LEU E 651 -36.37 -30.71 26.25
CA LEU E 651 -37.03 -31.41 27.32
C LEU E 651 -37.03 -30.63 28.61
N VAL E 652 -35.86 -30.19 29.06
CA VAL E 652 -35.83 -29.64 30.41
C VAL E 652 -36.54 -28.31 30.43
N LEU E 653 -36.52 -27.62 29.30
CA LEU E 653 -37.19 -26.35 29.15
C LEU E 653 -38.68 -26.52 29.31
N LEU E 654 -39.19 -27.73 29.05
CA LEU E 654 -40.55 -28.07 29.40
C LEU E 654 -40.77 -28.06 30.89
N LYS E 655 -39.75 -28.38 31.66
CA LYS E 655 -39.94 -28.65 33.08
C LYS E 655 -39.69 -27.43 33.94
N LYS E 656 -39.02 -26.42 33.40
CA LYS E 656 -38.68 -25.29 34.23
C LYS E 656 -39.87 -24.34 34.37
N ALA E 657 -39.73 -23.42 35.31
CA ALA E 657 -40.68 -22.35 35.54
C ALA E 657 -40.01 -21.04 35.15
N PRO E 658 -40.56 -20.21 34.28
CA PRO E 658 -40.01 -18.88 34.10
C PRO E 658 -40.15 -18.10 35.39
N PRO E 659 -39.50 -16.95 35.49
CA PRO E 659 -39.51 -16.18 36.75
C PRO E 659 -40.89 -16.01 37.36
N GLN E 660 -40.89 -16.04 38.69
CA GLN E 660 -42.12 -16.07 39.46
C GLN E 660 -43.03 -14.91 39.14
N GLY E 661 -44.28 -15.23 38.86
CA GLY E 661 -45.33 -14.25 38.67
C GLY E 661 -45.84 -14.20 37.26
N ARG E 662 -45.11 -14.76 36.32
CA ARG E 662 -45.54 -14.89 34.95
C ARG E 662 -45.57 -16.37 34.57
N LYS E 663 -46.59 -16.71 33.81
CA LYS E 663 -46.90 -18.08 33.45
C LYS E 663 -47.03 -18.18 31.95
N LEU E 664 -46.97 -19.41 31.44
CA LEU E 664 -46.78 -19.63 30.02
C LEU E 664 -47.33 -20.98 29.59
N LEU E 665 -47.37 -21.21 28.27
CA LEU E 665 -47.47 -22.60 27.85
C LEU E 665 -46.74 -22.86 26.54
N ILE E 666 -46.60 -24.16 26.34
CA ILE E 666 -45.96 -24.78 25.21
C ILE E 666 -46.99 -25.68 24.60
N ILE E 667 -46.81 -25.99 23.33
CA ILE E 667 -47.52 -27.12 22.77
C ILE E 667 -46.71 -27.71 21.63
N GLY E 668 -46.83 -29.03 21.50
CA GLY E 668 -46.04 -29.77 20.55
C GLY E 668 -46.92 -30.71 19.75
N THR E 669 -46.38 -31.15 18.62
CA THR E 669 -47.12 -32.08 17.81
C THR E 669 -46.19 -32.95 16.98
N THR E 670 -46.66 -34.15 16.71
CA THR E 670 -45.86 -35.18 16.08
C THR E 670 -46.75 -36.22 15.46
N SER E 671 -46.15 -37.03 14.61
CA SER E 671 -46.84 -38.09 13.89
C SER E 671 -46.79 -39.42 14.61
N ARG E 672 -46.16 -39.49 15.78
CA ARG E 672 -46.12 -40.76 16.48
C ARG E 672 -45.90 -40.55 17.97
N LYS E 673 -46.54 -41.42 18.76
CA LYS E 673 -46.41 -41.43 20.21
C LYS E 673 -45.47 -42.53 20.71
N ASP E 674 -45.14 -43.50 19.88
CA ASP E 674 -44.50 -44.72 20.39
C ASP E 674 -43.05 -44.48 20.77
N VAL E 675 -42.26 -43.90 19.87
CA VAL E 675 -40.87 -43.63 20.16
C VAL E 675 -40.80 -42.61 21.29
N LEU E 676 -41.80 -41.73 21.35
CA LEU E 676 -41.87 -40.74 22.39
C LEU E 676 -42.03 -41.41 23.73
N GLN E 677 -42.68 -42.56 23.74
CA GLN E 677 -42.76 -43.32 24.96
C GLN E 677 -41.39 -43.87 25.28
N GLU E 678 -40.77 -44.52 24.28
CA GLU E 678 -39.54 -45.23 24.56
C GLU E 678 -38.39 -44.27 24.83
N MET E 679 -38.44 -43.12 24.20
CA MET E 679 -37.55 -41.99 24.42
C MET E 679 -37.90 -41.15 25.63
N GLU E 680 -38.98 -41.46 26.33
CA GLU E 680 -39.20 -40.98 27.69
C GLU E 680 -39.28 -39.46 27.75
N MET E 681 -39.93 -38.84 26.76
CA MET E 681 -40.37 -37.46 26.89
C MET E 681 -41.86 -37.24 27.08
N LEU E 682 -42.71 -38.23 26.82
CA LEU E 682 -44.14 -37.95 26.96
C LEU E 682 -44.58 -38.02 28.41
N ASN E 683 -43.88 -38.77 29.23
CA ASN E 683 -44.04 -38.66 30.67
C ASN E 683 -43.96 -37.21 31.09
N ALA E 684 -42.99 -36.48 30.54
CA ALA E 684 -42.89 -35.07 30.83
C ALA E 684 -44.11 -34.30 30.37
N PHE E 685 -44.64 -34.65 29.21
CA PHE E 685 -45.89 -34.03 28.79
C PHE E 685 -47.02 -34.49 29.70
N SER E 686 -47.72 -33.52 30.29
CA SER E 686 -48.72 -33.83 31.29
C SER E 686 -49.97 -34.41 30.68
N THR E 687 -50.38 -33.88 29.54
CA THR E 687 -51.61 -34.29 28.90
C THR E 687 -51.34 -34.65 27.46
N THR E 688 -52.25 -35.44 26.91
CA THR E 688 -52.09 -36.01 25.59
C THR E 688 -53.42 -35.96 24.89
N ILE E 689 -53.36 -35.82 23.57
CA ILE E 689 -54.54 -35.79 22.73
C ILE E 689 -54.33 -36.72 21.58
N HIS E 690 -55.37 -37.49 21.26
CA HIS E 690 -55.40 -38.29 20.06
C HIS E 690 -56.22 -37.55 19.02
N VAL E 691 -55.55 -37.11 17.97
CA VAL E 691 -56.22 -36.55 16.80
C VAL E 691 -56.41 -37.72 15.84
N PRO E 692 -57.64 -38.14 15.57
CA PRO E 692 -57.84 -39.22 14.63
C PRO E 692 -57.82 -38.78 13.18
N ASN E 693 -57.54 -39.76 12.35
CA ASN E 693 -57.78 -39.73 10.94
C ASN E 693 -59.25 -39.96 10.65
N ILE E 694 -59.64 -39.69 9.41
CA ILE E 694 -61.02 -39.92 9.00
C ILE E 694 -61.24 -41.42 9.10
N ALA E 695 -62.24 -41.84 9.88
CA ALA E 695 -62.54 -43.25 10.02
C ALA E 695 -63.70 -43.76 9.19
N THR E 696 -64.57 -42.89 8.66
CA THR E 696 -65.84 -43.35 8.13
C THR E 696 -66.30 -42.53 6.93
N GLY E 697 -67.06 -43.21 6.07
CA GLY E 697 -67.48 -42.62 4.81
C GLY E 697 -68.47 -41.49 4.99
N GLU E 698 -69.38 -41.62 5.95
CA GLU E 698 -70.44 -40.63 6.11
C GLU E 698 -69.86 -39.25 6.40
N GLN E 699 -68.97 -39.17 7.37
CA GLN E 699 -68.37 -37.89 7.69
C GLN E 699 -67.47 -37.41 6.56
N LEU E 700 -66.89 -38.35 5.81
CA LEU E 700 -66.18 -37.98 4.59
C LEU E 700 -67.08 -37.20 3.65
N LEU E 701 -68.26 -37.75 3.36
CA LEU E 701 -69.19 -37.05 2.48
C LEU E 701 -69.53 -35.70 3.06
N GLU E 702 -69.64 -35.63 4.38
CA GLU E 702 -69.95 -34.36 5.01
C GLU E 702 -68.83 -33.36 4.76
N ALA E 703 -67.58 -33.81 4.90
CA ALA E 703 -66.43 -32.95 4.63
C ALA E 703 -66.43 -32.49 3.19
N LEU E 704 -66.81 -33.38 2.28
CA LEU E 704 -66.87 -33.01 0.89
C LEU E 704 -67.90 -31.93 0.68
N GLU E 705 -68.98 -31.97 1.45
CA GLU E 705 -69.99 -30.93 1.35
C GLU E 705 -69.40 -29.59 1.76
N LEU E 706 -68.55 -29.58 2.78
CA LEU E 706 -67.94 -28.32 3.19
C LEU E 706 -67.09 -27.78 2.07
N LEU E 707 -66.35 -28.66 1.42
CA LEU E 707 -65.56 -28.27 0.27
C LEU E 707 -66.44 -28.03 -0.94
N GLY E 708 -67.55 -28.75 -1.05
CA GLY E 708 -68.47 -28.54 -2.14
C GLY E 708 -67.82 -28.83 -3.46
N ASN E 709 -66.83 -29.74 -3.48
CA ASN E 709 -66.15 -30.07 -4.71
C ASN E 709 -67.06 -30.90 -5.61
N PHE E 710 -67.76 -31.86 -5.02
CA PHE E 710 -68.56 -32.80 -5.78
C PHE E 710 -70.03 -32.42 -5.74
N LYS E 711 -70.67 -32.50 -6.89
CA LYS E 711 -72.08 -32.21 -6.98
C LYS E 711 -72.89 -33.42 -6.53
N ASP E 712 -74.17 -33.18 -6.26
CA ASP E 712 -74.99 -34.16 -5.56
C ASP E 712 -75.14 -35.44 -6.34
N LYS E 713 -75.18 -35.36 -7.67
CA LYS E 713 -75.28 -36.56 -8.50
C LYS E 713 -74.16 -37.53 -8.19
N GLU E 714 -72.93 -37.06 -8.34
CA GLU E 714 -71.79 -37.91 -8.10
C GLU E 714 -71.61 -38.21 -6.62
N ARG E 715 -72.03 -37.31 -5.73
CA ARG E 715 -72.02 -37.65 -4.31
C ARG E 715 -72.86 -38.90 -4.05
N THR E 716 -74.03 -38.97 -4.67
CA THR E 716 -74.85 -40.16 -4.57
C THR E 716 -74.20 -41.35 -5.23
N THR E 717 -73.49 -41.13 -6.35
CA THR E 717 -72.77 -42.25 -6.96
C THR E 717 -71.78 -42.83 -5.98
N ILE E 718 -71.11 -41.95 -5.25
CA ILE E 718 -70.14 -42.36 -4.24
C ILE E 718 -70.83 -43.16 -3.16
N ALA E 719 -71.94 -42.62 -2.66
CA ALA E 719 -72.58 -43.09 -1.44
C ALA E 719 -72.89 -44.58 -1.43
N GLN E 720 -73.10 -45.19 -2.60
CA GLN E 720 -73.36 -46.63 -2.63
C GLN E 720 -72.13 -47.43 -2.23
N GLN E 721 -71.03 -47.22 -2.94
CA GLN E 721 -69.86 -48.07 -2.79
C GLN E 721 -68.95 -47.61 -1.68
N VAL E 722 -68.95 -46.31 -1.41
CA VAL E 722 -67.96 -45.69 -0.56
C VAL E 722 -67.99 -46.24 0.86
N LYS E 723 -69.17 -46.63 1.30
CA LYS E 723 -69.36 -47.16 2.63
C LYS E 723 -68.92 -48.61 2.68
N GLY E 724 -68.23 -48.97 3.78
CA GLY E 724 -67.68 -50.31 3.96
C GLY E 724 -66.16 -50.42 3.96
N LYS E 725 -65.44 -49.40 3.49
CA LYS E 725 -63.98 -49.43 3.65
C LYS E 725 -63.56 -49.11 5.08
N LYS E 726 -64.27 -48.20 5.75
CA LYS E 726 -63.92 -47.77 7.10
C LYS E 726 -62.48 -47.28 7.13
N VAL E 727 -62.25 -46.31 6.25
CA VAL E 727 -60.93 -45.85 5.83
C VAL E 727 -60.10 -45.27 6.96
N TRP E 728 -58.79 -45.49 6.87
CA TRP E 728 -57.79 -45.03 7.81
C TRP E 728 -57.19 -43.67 7.38
N ILE E 729 -57.88 -42.94 6.49
CA ILE E 729 -57.30 -41.80 5.77
C ILE E 729 -57.22 -40.53 6.59
N GLY E 730 -56.10 -39.82 6.43
CA GLY E 730 -55.95 -38.47 6.91
C GLY E 730 -56.33 -37.46 5.82
N ILE E 731 -56.69 -36.28 6.26
CA ILE E 731 -57.39 -35.33 5.39
C ILE E 731 -56.48 -34.63 4.41
N LYS E 732 -55.28 -34.28 4.83
CA LYS E 732 -54.38 -33.52 3.96
C LYS E 732 -54.17 -34.24 2.64
N LYS E 733 -53.97 -35.54 2.71
CA LYS E 733 -53.92 -36.33 1.50
C LYS E 733 -55.26 -36.29 0.77
N LEU E 734 -56.38 -36.39 1.51
CA LEU E 734 -57.69 -36.26 0.90
C LEU E 734 -57.74 -35.07 -0.05
N LEU E 735 -57.33 -33.92 0.47
CA LEU E 735 -57.31 -32.70 -0.31
C LEU E 735 -56.45 -32.88 -1.53
N MET E 736 -55.37 -33.62 -1.38
CA MET E 736 -54.49 -33.78 -2.52
C MET E 736 -55.14 -34.64 -3.59
N LEU E 737 -55.68 -35.79 -3.22
CA LEU E 737 -56.04 -36.73 -4.28
C LEU E 737 -57.36 -36.37 -4.92
N ILE E 738 -58.21 -35.57 -4.27
CA ILE E 738 -59.36 -35.06 -5.01
C ILE E 738 -58.86 -34.29 -6.21
N GLU E 739 -57.88 -33.41 -5.98
CA GLU E 739 -57.39 -32.58 -7.04
C GLU E 739 -56.68 -33.43 -8.08
N MET E 740 -56.06 -34.51 -7.61
CA MET E 740 -55.41 -35.43 -8.54
C MET E 740 -56.43 -36.02 -9.49
N SER E 741 -57.64 -36.30 -9.01
CA SER E 741 -58.62 -36.87 -9.93
C SER E 741 -59.37 -35.84 -10.73
N LEU E 742 -59.53 -34.60 -10.24
CA LEU E 742 -60.28 -33.63 -11.02
C LEU E 742 -59.64 -33.35 -12.36
N GLN E 743 -58.33 -33.51 -12.45
CA GLN E 743 -57.66 -33.02 -13.63
C GLN E 743 -57.72 -34.01 -14.77
N MET E 744 -58.22 -35.22 -14.50
CA MET E 744 -58.38 -36.19 -15.56
C MET E 744 -59.36 -35.65 -16.58
N ASP E 745 -60.60 -35.44 -16.14
CA ASP E 745 -61.69 -34.73 -16.79
C ASP E 745 -62.70 -34.39 -15.73
N PRO E 746 -63.60 -33.45 -15.99
CA PRO E 746 -64.80 -33.34 -15.15
C PRO E 746 -65.73 -34.52 -15.36
N GLU E 747 -65.66 -35.17 -16.52
CA GLU E 747 -66.54 -36.28 -16.80
C GLU E 747 -66.11 -37.50 -16.02
N TYR E 748 -64.86 -37.90 -16.20
CA TYR E 748 -64.33 -39.09 -15.55
C TYR E 748 -63.54 -38.59 -14.37
N ARG E 749 -64.15 -38.67 -13.22
CA ARG E 749 -63.51 -38.58 -11.93
C ARG E 749 -63.29 -39.95 -11.31
N VAL E 750 -64.16 -40.90 -11.60
CA VAL E 750 -64.36 -42.02 -10.71
C VAL E 750 -63.28 -43.05 -10.92
N ARG E 751 -62.95 -43.32 -12.18
CA ARG E 751 -62.00 -44.35 -12.52
C ARG E 751 -60.66 -44.01 -11.92
N LYS E 752 -60.31 -42.73 -11.94
CA LYS E 752 -59.14 -42.28 -11.21
C LYS E 752 -59.41 -42.28 -9.73
N PHE E 753 -60.49 -41.63 -9.28
CA PHE E 753 -60.61 -41.27 -7.88
C PHE E 753 -60.69 -42.48 -6.99
N LEU E 754 -61.68 -43.33 -7.23
CA LEU E 754 -61.93 -44.39 -6.28
C LEU E 754 -60.88 -45.46 -6.37
N ALA E 755 -60.48 -45.81 -7.59
CA ALA E 755 -59.42 -46.78 -7.76
C ALA E 755 -58.10 -46.28 -7.22
N LEU E 756 -57.94 -44.96 -7.12
CA LEU E 756 -56.77 -44.36 -6.51
C LEU E 756 -56.89 -44.38 -5.00
N LEU E 757 -58.11 -44.26 -4.50
CA LEU E 757 -58.33 -44.25 -3.07
C LEU E 757 -58.14 -45.61 -2.44
N ARG E 758 -58.48 -46.67 -3.15
CA ARG E 758 -58.36 -48.00 -2.58
C ARG E 758 -56.94 -48.36 -2.19
N GLU E 759 -55.94 -47.67 -2.74
CA GLU E 759 -54.58 -47.85 -2.30
C GLU E 759 -54.39 -47.50 -0.84
N GLU E 760 -55.28 -46.69 -0.28
CA GLU E 760 -55.20 -46.27 1.09
C GLU E 760 -56.25 -46.99 1.91
N GLY E 761 -55.93 -47.23 3.17
CA GLY E 761 -56.77 -48.03 4.03
C GLY E 761 -56.46 -49.50 3.95
N ALA E 762 -55.28 -49.87 3.44
CA ALA E 762 -54.90 -51.27 3.24
C ALA E 762 -55.90 -51.97 2.33
N GLY F 243 -6.96 -1.24 61.78
CA GLY F 243 -8.31 -0.73 61.71
C GLY F 243 -9.05 -1.18 60.46
N ILE F 244 -9.35 -2.48 60.44
CA ILE F 244 -10.04 -3.15 59.33
C ILE F 244 -10.73 -4.35 59.96
N GLY F 245 -12.06 -4.40 59.86
CA GLY F 245 -12.80 -5.45 60.54
C GLY F 245 -12.69 -6.75 59.78
N GLY F 246 -12.24 -7.79 60.46
CA GLY F 246 -11.91 -9.05 59.86
C GLY F 246 -10.60 -8.92 59.09
N LEU F 247 -10.35 -9.90 58.22
CA LEU F 247 -9.17 -9.94 57.35
C LEU F 247 -7.91 -9.70 58.19
N ASP F 248 -7.65 -10.67 59.06
CA ASP F 248 -6.48 -10.66 59.92
C ASP F 248 -5.41 -11.69 59.57
N LYS F 249 -5.78 -12.91 59.17
CA LYS F 249 -4.75 -13.88 58.78
C LYS F 249 -4.03 -13.44 57.51
N GLU F 250 -4.79 -13.05 56.48
CA GLU F 250 -4.13 -12.55 55.28
C GLU F 250 -3.33 -11.31 55.62
N PHE F 251 -3.95 -10.42 56.41
CA PHE F 251 -3.25 -9.25 56.91
C PHE F 251 -2.03 -9.67 57.72
N SER F 252 -2.17 -10.72 58.54
CA SER F 252 -1.08 -11.12 59.43
C SER F 252 0.15 -11.53 58.64
N ASP F 253 -0.04 -12.45 57.68
CA ASP F 253 1.09 -12.96 56.90
C ASP F 253 1.75 -11.88 56.05
N ILE F 254 0.94 -11.04 55.41
CA ILE F 254 1.46 -10.09 54.43
C ILE F 254 2.48 -9.12 55.06
N PHE F 255 2.21 -8.56 56.25
CA PHE F 255 3.13 -7.52 56.72
C PHE F 255 4.51 -8.10 57.03
N ARG F 256 4.58 -9.25 57.73
CA ARG F 256 5.88 -9.74 58.21
C ARG F 256 6.89 -9.90 57.06
N ARG F 257 6.48 -10.55 55.99
CA ARG F 257 7.41 -10.91 54.93
C ARG F 257 8.02 -9.66 54.27
N ALA F 258 7.20 -8.66 53.99
CA ALA F 258 7.71 -7.41 53.41
C ALA F 258 8.47 -6.58 54.43
N PHE F 259 7.89 -6.39 55.62
CA PHE F 259 8.48 -5.51 56.63
C PHE F 259 9.70 -6.14 57.30
N ALA F 260 9.69 -7.46 57.54
CA ALA F 260 10.84 -8.10 58.19
C ALA F 260 12.13 -7.79 57.45
N SER F 261 12.09 -7.88 56.12
CA SER F 261 13.27 -7.57 55.33
C SER F 261 13.69 -6.11 55.50
N ARG F 262 12.73 -5.19 55.49
CA ARG F 262 13.03 -3.79 55.73
C ARG F 262 13.56 -3.51 57.14
N VAL F 263 13.04 -4.18 58.16
CA VAL F 263 13.27 -3.70 59.53
C VAL F 263 14.72 -4.02 59.93
N LYS F 275 17.94 -10.02 48.99
CA LYS F 275 17.62 -8.73 48.40
C LYS F 275 16.27 -8.21 48.87
N HIS F 276 16.17 -6.90 49.10
CA HIS F 276 14.92 -6.32 49.55
C HIS F 276 13.86 -6.46 48.48
N VAL F 277 12.61 -6.71 48.91
CA VAL F 277 11.52 -6.90 47.98
C VAL F 277 11.30 -5.64 47.17
N LYS F 278 10.98 -5.81 45.88
CA LYS F 278 10.74 -4.65 45.03
C LYS F 278 9.35 -4.10 45.29
N GLY F 279 8.35 -4.98 45.35
CA GLY F 279 6.97 -4.58 45.58
C GLY F 279 6.16 -5.76 46.02
N ILE F 280 5.01 -5.50 46.61
CA ILE F 280 4.03 -6.53 46.94
C ILE F 280 2.72 -6.07 46.33
N LEU F 281 2.01 -7.00 45.69
CA LEU F 281 0.76 -6.69 45.03
C LEU F 281 -0.32 -7.56 45.65
N LEU F 282 -1.47 -6.97 45.97
CA LEU F 282 -2.59 -7.65 46.59
C LEU F 282 -3.82 -7.59 45.70
N TYR F 283 -4.50 -8.72 45.55
CA TYR F 283 -5.72 -8.81 44.77
C TYR F 283 -6.86 -9.17 45.71
N GLY F 284 -7.93 -8.40 45.63
CA GLY F 284 -9.06 -8.54 46.52
C GLY F 284 -10.31 -8.32 45.69
N PRO F 285 -11.46 -8.83 46.14
CA PRO F 285 -12.70 -8.52 45.44
C PRO F 285 -13.09 -7.06 45.65
N PRO F 286 -13.85 -6.48 44.73
CA PRO F 286 -14.22 -5.06 44.89
C PRO F 286 -15.11 -4.91 46.11
N GLY F 287 -15.01 -3.74 46.75
CA GLY F 287 -15.74 -3.50 47.97
C GLY F 287 -15.02 -3.93 49.23
N CYS F 288 -13.75 -4.35 49.09
CA CYS F 288 -12.91 -4.81 50.19
C CYS F 288 -12.33 -3.66 51.04
N GLY F 289 -12.77 -2.41 50.85
CA GLY F 289 -12.19 -1.31 51.59
C GLY F 289 -10.74 -1.11 51.24
N LYS F 290 -10.43 -1.15 49.93
CA LYS F 290 -9.05 -1.07 49.45
C LYS F 290 -8.34 0.20 49.91
N THR F 291 -9.02 1.35 49.86
CA THR F 291 -8.34 2.61 50.13
C THR F 291 -7.81 2.66 51.55
N LEU F 292 -8.61 2.25 52.53
CA LEU F 292 -8.18 2.30 53.92
C LEU F 292 -6.96 1.41 54.13
N LEU F 293 -6.96 0.22 53.52
CA LEU F 293 -5.85 -0.71 53.66
C LEU F 293 -4.55 -0.13 53.11
N ALA F 294 -4.60 0.52 51.95
CA ALA F 294 -3.39 1.11 51.37
C ALA F 294 -2.84 2.19 52.29
N ARG F 295 -3.74 3.02 52.83
CA ARG F 295 -3.34 4.04 53.78
C ARG F 295 -2.77 3.42 55.05
N GLN F 296 -3.45 2.38 55.57
CA GLN F 296 -3.02 1.77 56.83
C GLN F 296 -1.64 1.15 56.71
N ILE F 297 -1.38 0.41 55.62
CA ILE F 297 -0.08 -0.25 55.46
C ILE F 297 1.02 0.80 55.34
N GLY F 298 0.80 1.84 54.54
CA GLY F 298 1.80 2.87 54.38
C GLY F 298 2.10 3.58 55.69
N LYS F 299 1.06 3.90 56.45
CA LYS F 299 1.25 4.58 57.73
C LYS F 299 2.10 3.74 58.66
N MET F 300 1.82 2.43 58.72
CA MET F 300 2.57 1.56 59.61
C MET F 300 4.05 1.52 59.24
N LEU F 301 4.36 1.56 57.94
CA LEU F 301 5.73 1.42 57.49
C LEU F 301 6.64 2.53 58.01
N ASN F 302 6.19 3.77 57.93
CA ASN F 302 6.98 4.92 58.35
C ASN F 302 6.14 5.85 59.20
N ALA F 303 6.79 6.56 60.11
CA ALA F 303 6.16 7.63 60.86
C ALA F 303 5.57 8.69 59.93
N ARG F 304 6.44 9.39 59.20
CA ARG F 304 6.03 10.52 58.37
C ARG F 304 6.56 10.41 56.94
N GLU F 305 6.64 9.19 56.39
CA GLU F 305 7.04 9.06 55.00
C GLU F 305 5.96 9.74 54.16
N PRO F 306 6.32 10.65 53.25
CA PRO F 306 5.26 11.41 52.55
C PRO F 306 4.33 10.52 51.75
N LYS F 307 3.03 10.66 52.01
CA LYS F 307 2.06 9.86 51.30
C LYS F 307 1.87 10.49 49.93
N VAL F 308 1.98 9.67 48.88
CA VAL F 308 1.82 10.13 47.51
C VAL F 308 0.67 9.37 46.87
N VAL F 309 -0.25 10.10 46.23
CA VAL F 309 -1.42 9.53 45.59
C VAL F 309 -1.33 9.74 44.08
N ASN F 310 -1.58 8.67 43.33
CA ASN F 310 -1.52 8.66 41.88
C ASN F 310 -2.91 8.44 41.30
N GLY F 311 -3.28 9.24 40.30
CA GLY F 311 -4.59 9.13 39.67
C GLY F 311 -4.84 7.85 38.88
N PRO F 312 -6.13 7.51 38.66
CA PRO F 312 -6.49 6.23 38.01
C PRO F 312 -5.99 5.95 36.59
N GLU F 313 -5.91 6.94 35.69
CA GLU F 313 -5.52 6.70 34.29
C GLU F 313 -4.00 6.56 34.15
N ILE F 314 -3.54 5.33 34.41
CA ILE F 314 -2.12 4.98 34.40
C ILE F 314 -1.47 5.13 33.02
N LEU F 315 -2.15 4.73 31.95
CA LEU F 315 -1.51 4.76 30.64
C LEU F 315 -1.96 5.89 29.73
N ASN F 316 -1.04 6.22 28.82
CA ASN F 316 -1.14 7.31 27.86
C ASN F 316 -0.50 6.86 26.56
N LYS F 317 -0.50 7.76 25.58
CA LYS F 317 0.01 7.44 24.25
C LYS F 317 1.46 6.98 24.31
N TYR F 318 2.28 7.63 25.15
CA TYR F 318 3.71 7.34 25.38
C TYR F 318 4.70 7.91 24.39
N VAL F 319 4.29 8.62 23.34
CA VAL F 319 5.24 9.19 22.39
C VAL F 319 5.67 10.61 22.74
N GLY F 320 6.42 10.77 23.84
CA GLY F 320 6.89 12.06 24.29
C GLY F 320 5.97 12.84 25.21
N GLU F 321 4.76 12.36 25.45
CA GLU F 321 3.83 13.03 26.34
C GLU F 321 3.21 11.99 27.25
N SER F 322 3.39 12.18 28.56
CA SER F 322 2.87 11.35 29.64
C SER F 322 3.82 10.19 29.96
N GLU F 323 5.01 10.20 29.38
CA GLU F 323 6.03 9.18 29.62
C GLU F 323 7.02 9.72 30.63
N ALA F 324 7.36 10.99 30.46
CA ALA F 324 8.27 11.65 31.39
C ALA F 324 7.64 11.72 32.77
N ASN F 325 6.34 12.03 32.81
CA ASN F 325 5.62 12.12 34.08
C ASN F 325 5.51 10.77 34.72
N ILE F 326 5.19 9.73 33.95
CA ILE F 326 5.23 8.39 34.50
C ILE F 326 6.64 8.07 34.95
N ARG F 327 7.63 8.50 34.16
CA ARG F 327 9.02 8.39 34.56
C ARG F 327 9.34 9.30 35.75
N LYS F 328 8.70 10.49 35.83
CA LYS F 328 9.16 11.48 36.81
C LYS F 328 8.82 11.07 38.23
N LEU F 329 7.62 10.52 38.46
CA LEU F 329 7.25 10.17 39.82
C LEU F 329 8.23 9.17 40.40
N PHE F 330 8.63 8.17 39.61
CA PHE F 330 9.71 7.31 40.05
C PHE F 330 11.00 8.10 40.18
N ALA F 331 11.26 9.01 39.23
CA ALA F 331 12.53 9.71 39.16
C ALA F 331 12.78 10.48 40.45
N ASP F 332 11.73 11.05 41.03
CA ASP F 332 11.89 11.80 42.25
C ASP F 332 12.45 10.91 43.36
N ALA F 333 11.91 9.71 43.49
CA ALA F 333 12.36 8.78 44.54
C ALA F 333 13.83 8.42 44.41
N GLU F 334 14.32 8.17 43.19
CA GLU F 334 15.73 7.83 43.03
C GLU F 334 16.64 8.98 43.49
N GLU F 335 16.21 10.23 43.32
CA GLU F 335 17.06 11.37 43.69
C GLU F 335 17.45 11.30 45.16
N GLU F 336 16.48 11.06 46.06
CA GLU F 336 16.83 10.88 47.46
C GLU F 336 17.72 9.65 47.60
N GLN F 337 17.36 8.58 46.90
CA GLN F 337 18.07 7.32 47.02
C GLN F 337 19.54 7.44 46.65
N ARG F 338 19.84 8.13 45.55
CA ARG F 338 21.25 8.27 45.20
C ARG F 338 21.97 9.15 46.22
N ARG F 339 21.29 10.20 46.69
CA ARG F 339 21.92 11.13 47.63
C ARG F 339 22.31 10.44 48.94
N LEU F 340 21.41 9.60 49.47
CA LEU F 340 21.65 8.92 50.75
C LEU F 340 22.05 7.48 50.49
N GLY F 341 23.35 7.19 50.61
CA GLY F 341 23.88 5.85 50.45
C GLY F 341 24.31 5.17 51.73
N ALA F 342 24.55 5.94 52.80
CA ALA F 342 25.04 5.36 54.05
C ALA F 342 24.04 4.41 54.68
N ASN F 343 22.76 4.76 54.66
CA ASN F 343 21.74 3.94 55.31
C ASN F 343 20.53 3.78 54.42
N SER F 344 19.72 2.79 54.77
CA SER F 344 18.50 2.47 54.04
C SER F 344 17.53 3.65 54.04
N GLY F 345 16.98 3.95 52.87
CA GLY F 345 15.98 5.00 52.71
C GLY F 345 14.83 4.40 51.95
N LEU F 346 13.61 4.61 52.45
CA LEU F 346 12.41 4.06 51.84
C LEU F 346 11.36 5.12 51.55
N HIS F 347 10.87 5.11 50.32
CA HIS F 347 9.79 5.98 49.85
C HIS F 347 8.66 5.09 49.36
N ILE F 348 7.43 5.40 49.77
CA ILE F 348 6.25 4.62 49.41
C ILE F 348 5.44 5.42 48.41
N ILE F 349 5.15 4.80 47.27
CA ILE F 349 4.31 5.36 46.23
C ILE F 349 3.24 4.31 46.01
N ILE F 350 1.98 4.72 45.96
CA ILE F 350 0.87 3.80 45.79
C ILE F 350 0.07 4.27 44.58
N PHE F 351 -0.24 3.33 43.68
CA PHE F 351 -1.06 3.65 42.51
C PHE F 351 -2.38 2.90 42.74
N ASP F 352 -3.49 3.62 42.87
CA ASP F 352 -4.78 2.98 43.11
C ASP F 352 -5.54 2.60 41.83
N GLU F 353 -6.18 1.44 41.89
CA GLU F 353 -7.05 0.92 40.83
C GLU F 353 -6.39 0.82 39.45
N ILE F 354 -5.13 0.35 39.39
CA ILE F 354 -4.30 0.17 38.17
C ILE F 354 -4.95 0.51 36.82
N HIS F 371 0.89 3.02 26.46
CA HIS F 371 0.47 1.66 26.14
C HIS F 371 1.70 0.74 26.10
N ASP F 372 2.24 0.49 24.91
CA ASP F 372 3.45 -0.31 24.74
C ASP F 372 4.57 0.11 25.69
N THR F 373 5.04 1.34 25.52
CA THR F 373 6.24 1.80 26.21
C THR F 373 6.08 1.79 27.73
N VAL F 374 4.90 2.20 28.24
CA VAL F 374 4.75 2.30 29.70
C VAL F 374 4.92 0.94 30.36
N VAL F 375 4.37 -0.11 29.75
CA VAL F 375 4.64 -1.48 30.21
C VAL F 375 6.14 -1.70 30.32
N ASN F 376 6.87 -1.57 29.21
CA ASN F 376 8.32 -1.75 29.25
C ASN F 376 8.96 -0.73 30.19
N GLN F 377 8.44 0.51 30.18
CA GLN F 377 9.07 1.59 30.93
C GLN F 377 8.90 1.36 32.42
N LEU F 378 7.69 0.99 32.83
CA LEU F 378 7.42 0.74 34.25
C LEU F 378 8.29 -0.40 34.76
N LEU F 379 8.37 -1.49 33.99
CA LEU F 379 9.18 -2.63 34.42
C LEU F 379 10.65 -2.24 34.56
N SER F 380 11.15 -1.41 33.64
CA SER F 380 12.55 -1.00 33.68
C SER F 380 12.86 -0.18 34.91
N LYS F 381 11.97 0.75 35.28
CA LYS F 381 12.22 1.58 36.44
C LYS F 381 12.29 0.77 37.73
N ILE F 382 11.33 -0.15 37.90
CA ILE F 382 11.29 -0.95 39.12
C ILE F 382 12.52 -1.84 39.24
N ASP F 383 12.97 -2.42 38.13
CA ASP F 383 14.18 -3.24 38.09
C ASP F 383 14.99 -2.75 36.90
N GLY F 384 16.26 -2.42 37.14
CA GLY F 384 17.14 -1.88 36.12
C GLY F 384 18.51 -2.54 36.14
N VAL F 385 19.37 -2.06 35.23
CA VAL F 385 20.80 -2.25 35.42
C VAL F 385 21.20 -1.62 36.74
N GLU F 386 20.73 -0.41 37.00
CA GLU F 386 20.88 0.19 38.31
C GLU F 386 19.79 -0.48 39.13
N GLN F 387 20.14 -0.97 40.32
CA GLN F 387 19.18 -1.74 41.09
C GLN F 387 17.90 -0.97 41.41
N LEU F 388 18.02 0.29 41.84
CA LEU F 388 16.85 1.12 42.16
C LEU F 388 16.04 0.58 43.34
N ASN F 389 16.55 -0.43 44.04
CA ASN F 389 15.92 -0.99 45.24
C ASN F 389 16.06 -0.04 46.43
N ASN F 390 15.36 -0.41 47.51
CA ASN F 390 15.13 0.36 48.73
C ASN F 390 13.89 1.25 48.57
N ILE F 391 13.10 1.02 47.52
CA ILE F 391 11.80 1.66 47.35
C ILE F 391 10.78 0.60 46.96
N LEU F 392 9.52 0.86 47.29
CA LEU F 392 8.43 -0.05 46.97
C LEU F 392 7.22 0.67 46.41
N VAL F 393 6.54 0.00 45.48
CA VAL F 393 5.31 0.48 44.87
C VAL F 393 4.31 -0.67 44.91
N ILE F 394 3.11 -0.41 45.44
CA ILE F 394 2.08 -1.44 45.58
C ILE F 394 0.84 -1.07 44.78
N GLY F 395 0.34 -2.03 44.00
CA GLY F 395 -0.89 -1.90 43.22
C GLY F 395 -1.96 -2.86 43.73
N MET F 396 -3.15 -2.32 44.00
CA MET F 396 -4.28 -3.14 44.46
C MET F 396 -5.39 -3.05 43.42
N THR F 397 -5.92 -4.21 43.01
CA THR F 397 -6.91 -4.23 41.91
C THR F 397 -7.95 -5.31 42.13
N ASN F 398 -9.17 -5.00 41.67
CA ASN F 398 -10.27 -5.95 41.77
C ASN F 398 -10.08 -7.12 40.78
N ARG F 399 -9.46 -6.87 39.62
CA ARG F 399 -9.33 -7.86 38.54
C ARG F 399 -7.86 -8.19 38.27
N PRO F 400 -7.46 -9.47 38.27
CA PRO F 400 -6.07 -9.78 37.91
C PRO F 400 -5.71 -9.69 36.43
N ASP F 401 -6.58 -10.15 35.52
CA ASP F 401 -6.17 -10.42 34.14
C ASP F 401 -5.73 -9.18 33.37
N LEU F 402 -6.38 -8.03 33.60
CA LEU F 402 -6.03 -6.82 32.86
C LEU F 402 -4.57 -6.41 33.06
N ILE F 403 -4.06 -6.56 34.27
CA ILE F 403 -2.73 -6.05 34.62
C ILE F 403 -1.66 -6.89 33.91
N ASP F 404 -0.45 -6.30 33.79
CA ASP F 404 0.64 -6.92 33.03
C ASP F 404 1.08 -8.26 33.60
N GLU F 405 1.48 -9.14 32.68
CA GLU F 405 1.96 -10.48 33.02
C GLU F 405 3.26 -10.46 33.82
N ALA F 406 4.15 -9.51 33.53
CA ALA F 406 5.50 -9.54 34.08
C ALA F 406 5.51 -9.46 35.59
N LEU F 407 4.54 -8.75 36.17
CA LEU F 407 4.51 -8.58 37.62
C LEU F 407 4.35 -9.92 38.33
N LEU F 408 3.56 -10.83 37.77
CA LEU F 408 3.18 -12.04 38.50
C LEU F 408 4.38 -12.93 38.78
N ARG F 409 5.29 -13.06 37.82
CA ARG F 409 6.38 -14.01 37.98
C ARG F 409 7.30 -13.57 39.14
N PRO F 410 7.86 -14.51 39.91
CA PRO F 410 8.71 -14.10 41.04
C PRO F 410 9.91 -13.28 40.59
N GLY F 411 10.28 -12.30 41.41
CA GLY F 411 11.18 -11.23 41.00
C GLY F 411 10.65 -9.85 41.24
N ARG F 412 10.29 -9.15 40.16
CA ARG F 412 9.91 -7.74 40.28
C ARG F 412 8.74 -7.53 41.24
N LEU F 413 7.68 -8.34 41.12
CA LEU F 413 6.56 -8.31 42.07
C LEU F 413 6.21 -9.74 42.48
N GLU F 414 7.02 -10.30 43.37
CA GLU F 414 6.88 -11.69 43.80
C GLU F 414 5.54 -11.91 44.49
N PRO F 422 -19.70 -4.69 49.68
CA PRO F 422 -20.61 -3.60 50.06
C PRO F 422 -20.12 -2.80 51.26
N ASP F 423 -19.76 -3.48 52.35
CA ASP F 423 -19.29 -2.82 53.56
C ASP F 423 -20.35 -1.83 54.03
N GLU F 424 -21.53 -2.39 54.31
CA GLU F 424 -22.75 -1.63 54.50
C GLU F 424 -22.63 -0.54 55.56
N LYS F 425 -21.74 -0.71 56.56
CA LYS F 425 -21.42 0.42 57.43
C LYS F 425 -20.69 1.51 56.66
N GLY F 426 -19.84 1.11 55.72
CA GLY F 426 -19.26 2.08 54.81
C GLY F 426 -20.32 2.73 53.96
N ARG F 427 -21.34 1.95 53.60
CA ARG F 427 -22.44 2.53 52.85
C ARG F 427 -23.26 3.49 53.71
N LEU F 428 -23.39 3.22 55.01
CA LEU F 428 -23.99 4.20 55.91
C LEU F 428 -23.17 5.49 55.91
N GLN F 429 -21.85 5.38 55.78
CA GLN F 429 -21.06 6.60 55.63
C GLN F 429 -21.34 7.27 54.29
N ILE F 430 -21.57 6.47 53.24
CA ILE F 430 -21.96 7.06 51.96
C ILE F 430 -23.25 7.87 52.13
N LEU F 431 -24.18 7.34 52.92
CA LEU F 431 -25.37 8.13 53.29
C LEU F 431 -24.96 9.41 54.01
N HIS F 432 -24.26 9.28 55.12
CA HIS F 432 -23.97 10.44 55.99
C HIS F 432 -22.91 11.40 55.40
N ILE F 433 -22.50 11.17 54.17
CA ILE F 433 -21.81 12.17 53.35
C ILE F 433 -22.75 12.72 52.27
N HIS F 434 -23.32 11.85 51.44
CA HIS F 434 -24.20 12.30 50.36
C HIS F 434 -25.60 12.61 50.86
N THR F 435 -26.19 11.71 51.67
CA THR F 435 -27.56 11.92 52.13
C THR F 435 -27.65 13.00 53.20
N ALA F 436 -26.71 13.00 54.16
CA ALA F 436 -26.68 14.05 55.16
C ALA F 436 -26.32 15.42 54.61
N ARG F 437 -25.74 15.50 53.41
CA ARG F 437 -25.36 16.78 52.83
C ARG F 437 -26.54 17.72 52.65
N MET F 438 -27.66 17.20 52.17
CA MET F 438 -28.84 18.02 51.92
C MET F 438 -29.55 18.41 53.22
N ALA F 446 -39.74 14.05 57.30
CA ALA F 446 -40.60 13.04 56.69
C ALA F 446 -39.81 12.22 55.69
N ASP F 447 -39.04 11.24 56.16
CA ASP F 447 -37.91 10.72 55.41
C ASP F 447 -37.99 9.22 55.24
N VAL F 448 -37.03 8.69 54.47
CA VAL F 448 -36.80 7.26 54.36
C VAL F 448 -36.32 6.72 55.70
N ASP F 449 -36.47 5.41 55.87
CA ASP F 449 -35.94 4.79 57.06
C ASP F 449 -34.43 5.00 57.14
N ILE F 450 -33.90 4.86 58.35
CA ILE F 450 -32.49 5.07 58.59
C ILE F 450 -31.65 3.98 57.92
N LYS F 451 -32.17 2.75 57.81
CA LYS F 451 -31.33 1.57 57.59
C LYS F 451 -31.69 0.76 56.35
N GLU F 452 -32.82 1.02 55.70
CA GLU F 452 -33.21 0.21 54.55
C GLU F 452 -32.20 0.36 53.42
N LEU F 453 -31.81 1.60 53.13
CA LEU F 453 -30.90 1.94 52.06
C LEU F 453 -29.45 1.64 52.37
N ALA F 454 -29.15 1.01 53.52
CA ALA F 454 -27.84 0.46 53.83
C ALA F 454 -27.76 -1.06 53.74
N VAL F 455 -28.84 -1.78 54.06
CA VAL F 455 -28.83 -3.24 53.97
C VAL F 455 -29.42 -3.78 52.67
N GLU F 456 -29.99 -2.95 51.80
CA GLU F 456 -30.51 -3.40 50.51
C GLU F 456 -29.47 -3.25 49.37
N THR F 457 -28.18 -3.28 49.71
CA THR F 457 -27.08 -3.02 48.77
C THR F 457 -26.99 -3.99 47.60
N LYS F 458 -27.63 -5.16 47.69
CA LYS F 458 -27.33 -6.29 46.78
C LYS F 458 -27.39 -5.93 45.29
N ASN F 459 -28.19 -4.93 44.90
CA ASN F 459 -28.35 -4.62 43.48
C ASN F 459 -27.53 -3.41 43.05
N PHE F 460 -27.10 -2.54 43.97
CA PHE F 460 -26.39 -1.31 43.63
C PHE F 460 -25.12 -1.20 44.48
N SER F 461 -24.41 -0.08 44.31
CA SER F 461 -23.45 0.38 45.31
C SER F 461 -23.49 1.90 45.39
N GLY F 462 -23.11 2.41 46.55
CA GLY F 462 -23.19 3.83 46.82
C GLY F 462 -22.30 4.70 45.96
N ALA F 463 -21.21 4.15 45.42
CA ALA F 463 -20.30 4.96 44.62
C ALA F 463 -20.92 5.38 43.29
N GLU F 464 -21.90 4.62 42.78
CA GLU F 464 -22.66 5.02 41.61
C GLU F 464 -24.03 5.58 41.96
N LEU F 465 -24.48 5.37 43.20
CA LEU F 465 -25.78 5.84 43.64
C LEU F 465 -25.64 7.35 43.89
N GLU F 466 -25.74 8.13 42.81
CA GLU F 466 -25.87 9.57 42.94
C GLU F 466 -26.92 10.20 42.03
N GLY F 467 -27.80 9.43 41.39
CA GLY F 467 -28.81 10.02 40.53
C GLY F 467 -30.15 10.24 41.19
N LEU F 468 -30.64 9.20 41.85
CA LEU F 468 -31.97 9.23 42.44
C LEU F 468 -32.02 10.14 43.66
N VAL F 469 -30.97 10.12 44.47
CA VAL F 469 -30.91 10.99 45.65
C VAL F 469 -30.96 12.45 45.21
N ARG F 470 -30.39 12.75 44.04
CA ARG F 470 -30.42 14.10 43.51
C ARG F 470 -31.79 14.36 42.93
N ALA F 471 -32.43 13.30 42.43
CA ALA F 471 -33.79 13.36 41.91
C ALA F 471 -34.80 13.49 43.02
N ALA F 472 -34.42 13.22 44.29
CA ALA F 472 -35.38 13.18 45.39
C ALA F 472 -36.21 14.45 45.43
N GLN F 473 -35.62 15.56 45.02
CA GLN F 473 -36.40 16.76 44.71
C GLN F 473 -37.38 16.42 43.60
N SER F 474 -36.85 15.94 42.47
CA SER F 474 -37.62 15.76 41.24
C SER F 474 -38.82 14.84 41.43
N THR F 475 -38.71 13.85 42.31
CA THR F 475 -39.76 12.88 42.58
C THR F 475 -41.17 13.48 42.66
N ALA F 476 -41.47 14.19 43.73
CA ALA F 476 -42.75 14.85 43.90
C ALA F 476 -42.80 16.25 43.27
N MET F 477 -41.65 16.81 42.90
CA MET F 477 -41.55 18.13 42.31
C MET F 477 -42.29 18.26 40.98
N ASN F 478 -42.35 17.18 40.18
CA ASN F 478 -42.95 17.27 38.84
C ASN F 478 -44.47 17.20 38.85
N ARG F 479 -45.07 18.32 39.26
CA ARG F 479 -46.51 18.49 39.24
C ARG F 479 -46.83 19.76 38.47
N HIS F 480 -45.95 20.12 37.51
CA HIS F 480 -46.06 21.35 36.71
C HIS F 480 -46.02 22.59 37.59
N ILE F 481 -45.16 22.55 38.59
CA ILE F 481 -45.01 23.65 39.54
C ILE F 481 -43.63 24.30 39.34
N GLU F 495 -43.69 33.02 42.85
CA GLU F 495 -44.36 31.77 42.54
C GLU F 495 -43.59 30.58 43.13
N SER F 496 -44.08 30.02 44.24
CA SER F 496 -43.46 28.80 44.74
C SER F 496 -44.39 28.04 45.70
N LEU F 497 -44.55 26.75 45.42
CA LEU F 497 -45.10 25.82 46.40
C LEU F 497 -44.18 25.78 47.61
N GLN F 498 -44.78 25.71 48.81
CA GLN F 498 -44.04 25.82 50.05
C GLN F 498 -42.85 24.86 50.08
N VAL F 499 -41.78 25.28 50.76
CA VAL F 499 -40.50 24.60 50.65
C VAL F 499 -40.60 23.21 51.28
N THR F 500 -39.70 22.33 50.84
CA THR F 500 -39.84 20.91 51.10
C THR F 500 -39.11 20.56 52.40
N ARG F 501 -39.28 19.31 52.81
CA ARG F 501 -38.67 18.77 54.02
C ARG F 501 -37.52 17.83 53.71
N GLY F 502 -37.01 17.86 52.49
CA GLY F 502 -36.00 16.90 52.09
C GLY F 502 -36.66 15.60 51.73
N ASP F 503 -37.92 15.67 51.28
CA ASP F 503 -38.84 14.55 51.37
C ASP F 503 -38.34 13.37 50.52
N PHE F 504 -38.45 12.18 51.09
CA PHE F 504 -38.03 10.93 50.45
C PHE F 504 -39.28 10.17 50.02
N LEU F 505 -39.44 9.97 48.71
CA LEU F 505 -40.62 9.29 48.17
C LEU F 505 -40.19 8.52 46.93
N ALA F 506 -40.02 7.21 47.07
CA ALA F 506 -39.57 6.33 45.98
C ALA F 506 -38.25 6.80 45.39
N SER F 507 -37.43 7.43 46.23
CA SER F 507 -36.06 7.78 45.89
C SER F 507 -35.09 6.72 46.38
N LEU F 508 -35.56 5.49 46.52
CA LEU F 508 -34.82 4.45 47.24
C LEU F 508 -33.93 3.63 46.31
N GLU F 509 -34.49 3.03 45.26
CA GLU F 509 -33.67 2.53 44.15
C GLU F 509 -34.17 2.83 42.74
N ASN F 510 -35.45 3.16 42.53
CA ASN F 510 -36.09 2.90 41.24
C ASN F 510 -35.88 4.01 40.20
N ASP F 511 -35.50 5.21 40.60
CA ASP F 511 -35.30 6.29 39.62
C ASP F 511 -34.19 5.93 38.63
N ILE F 512 -33.05 5.45 39.14
CA ILE F 512 -31.95 4.98 38.30
C ILE F 512 -31.48 3.61 38.77
N LYS F 513 -32.25 2.58 38.43
CA LYS F 513 -31.92 1.23 38.84
C LYS F 513 -30.60 0.67 38.30
N PRO F 514 -30.10 0.99 37.10
CA PRO F 514 -28.90 0.30 36.60
C PRO F 514 -27.73 0.49 37.55
N ALA F 515 -27.14 -0.62 37.96
CA ALA F 515 -26.05 -0.57 38.91
C ALA F 515 -25.39 -1.95 38.95
N PHE F 516 -24.26 -2.01 39.65
CA PHE F 516 -23.46 -3.22 39.79
C PHE F 516 -23.52 -3.68 41.24
N GLY F 517 -24.04 -4.88 41.49
CA GLY F 517 -24.03 -5.40 42.84
C GLY F 517 -23.76 -6.90 42.97
N THR F 518 -23.77 -7.63 41.85
CA THR F 518 -23.45 -9.06 41.84
C THR F 518 -24.24 -9.85 42.89
N ASN F 519 -25.57 -9.69 42.90
CA ASN F 519 -26.36 -10.40 43.91
C ASN F 519 -26.22 -11.92 43.77
N GLN F 520 -26.27 -12.43 42.53
CA GLN F 520 -26.07 -13.86 42.23
C GLN F 520 -26.93 -14.84 43.05
N GLU F 521 -28.22 -14.51 43.28
CA GLU F 521 -29.08 -15.44 44.03
C GLU F 521 -30.48 -15.54 43.42
N ASP F 522 -30.94 -16.78 43.20
CA ASP F 522 -32.30 -17.10 42.72
C ASP F 522 -32.71 -18.46 43.31
N TYR F 523 -32.79 -18.52 44.64
CA TYR F 523 -33.06 -19.76 45.37
C TYR F 523 -34.52 -20.16 45.43
N ALA F 524 -35.38 -19.18 45.64
CA ALA F 524 -36.80 -19.42 45.90
C ALA F 524 -37.56 -20.10 44.77
N SER F 525 -37.19 -19.85 43.51
CA SER F 525 -38.01 -20.32 42.40
C SER F 525 -38.17 -21.83 42.34
N TYR F 526 -37.14 -22.60 42.72
CA TYR F 526 -37.26 -24.05 42.59
C TYR F 526 -38.39 -24.60 43.43
N ILE F 527 -38.62 -24.03 44.60
CA ILE F 527 -39.75 -24.38 45.41
C ILE F 527 -40.78 -23.27 45.23
N MET F 528 -41.77 -23.54 44.39
CA MET F 528 -42.79 -22.54 44.13
C MET F 528 -43.88 -22.68 45.18
N ASN F 529 -44.20 -23.92 45.52
CA ASN F 529 -45.14 -24.23 46.58
C ASN F 529 -44.33 -24.85 47.71
N GLY F 530 -44.54 -24.37 48.92
CA GLY F 530 -43.83 -24.94 50.04
C GLY F 530 -44.23 -26.39 50.24
N ILE F 531 -43.24 -27.20 50.63
CA ILE F 531 -43.51 -28.60 50.84
C ILE F 531 -44.39 -28.78 52.08
N ILE F 532 -45.38 -29.64 51.93
CA ILE F 532 -46.33 -29.97 52.97
C ILE F 532 -45.98 -31.34 53.51
N LYS F 533 -46.00 -31.49 54.83
CA LYS F 533 -45.73 -32.80 55.39
C LYS F 533 -47.04 -33.55 55.32
N TRP F 534 -47.09 -34.47 54.38
CA TRP F 534 -48.22 -35.34 54.14
C TRP F 534 -48.07 -36.71 54.77
N GLY F 535 -46.89 -37.08 55.21
CA GLY F 535 -46.73 -38.43 55.69
C GLY F 535 -45.52 -38.64 56.55
N ASP F 536 -45.55 -39.76 57.26
CA ASP F 536 -44.37 -40.22 57.96
C ASP F 536 -43.16 -40.32 57.07
N PRO F 537 -43.25 -40.77 55.81
CA PRO F 537 -42.04 -40.85 54.99
C PRO F 537 -41.40 -39.50 54.82
N VAL F 538 -42.19 -38.44 54.79
CA VAL F 538 -41.63 -37.12 54.58
C VAL F 538 -40.74 -36.75 55.74
N THR F 539 -41.26 -36.90 56.96
CA THR F 539 -40.47 -36.57 58.13
C THR F 539 -39.30 -37.52 58.26
N ARG F 540 -39.48 -38.77 57.84
CA ARG F 540 -38.40 -39.73 57.84
C ARG F 540 -37.25 -39.25 56.97
N VAL F 541 -37.56 -38.97 55.71
CA VAL F 541 -36.56 -38.52 54.76
C VAL F 541 -35.89 -37.25 55.23
N LEU F 542 -36.68 -36.33 55.72
CA LEU F 542 -36.11 -35.03 56.07
C LEU F 542 -35.19 -35.17 57.28
N ASP F 543 -35.64 -35.90 58.29
CA ASP F 543 -34.83 -36.04 59.49
C ASP F 543 -33.62 -36.91 59.22
N ASP F 544 -33.76 -37.90 58.34
CA ASP F 544 -32.64 -38.75 57.98
C ASP F 544 -31.62 -38.01 57.16
N GLY F 545 -32.02 -36.99 56.42
CA GLY F 545 -31.08 -36.22 55.67
C GLY F 545 -30.39 -35.19 56.53
N GLU F 546 -31.15 -34.64 57.47
CA GLU F 546 -30.54 -33.58 58.23
C GLU F 546 -29.68 -34.13 59.36
N LEU F 547 -29.86 -35.39 59.74
CA LEU F 547 -28.83 -35.99 60.58
C LEU F 547 -27.51 -36.06 59.83
N LEU F 548 -27.54 -36.24 58.50
CA LEU F 548 -26.28 -36.20 57.77
C LEU F 548 -25.70 -34.81 57.81
N VAL F 549 -26.51 -33.79 57.52
CA VAL F 549 -25.91 -32.45 57.45
C VAL F 549 -25.40 -32.06 58.82
N GLN F 550 -25.99 -32.63 59.87
CA GLN F 550 -25.56 -32.35 61.23
C GLN F 550 -24.32 -33.13 61.60
N GLN F 551 -24.25 -34.41 61.25
CA GLN F 551 -23.09 -35.18 61.68
C GLN F 551 -21.85 -34.77 60.93
N THR F 552 -22.00 -34.23 59.72
CA THR F 552 -20.85 -33.66 59.02
C THR F 552 -20.21 -32.55 59.81
N LYS F 553 -21.02 -31.68 60.41
CA LYS F 553 -20.47 -30.52 61.09
C LYS F 553 -19.50 -30.93 62.19
N ASN F 554 -19.77 -32.03 62.88
CA ASN F 554 -18.85 -32.53 63.89
C ASN F 554 -18.03 -33.69 63.35
N SER F 555 -18.13 -33.99 62.06
CA SER F 555 -17.53 -35.18 61.51
C SER F 555 -16.03 -35.01 61.42
N ASP F 556 -15.35 -36.12 61.50
CA ASP F 556 -14.01 -36.27 61.02
C ASP F 556 -13.95 -37.53 60.19
N ARG F 557 -13.01 -37.53 59.26
CA ARG F 557 -12.81 -38.57 58.27
C ARG F 557 -14.03 -38.78 57.38
N THR F 558 -14.87 -37.76 57.23
CA THR F 558 -15.85 -37.71 56.16
C THR F 558 -16.15 -36.28 55.77
N PRO F 559 -15.20 -35.54 55.24
CA PRO F 559 -15.49 -34.15 54.87
C PRO F 559 -16.49 -34.09 53.74
N LEU F 560 -16.37 -34.97 52.78
CA LEU F 560 -17.44 -35.21 51.84
C LEU F 560 -18.36 -36.26 52.43
N VAL F 561 -19.64 -36.11 52.15
CA VAL F 561 -20.61 -37.17 52.36
C VAL F 561 -21.53 -37.21 51.16
N SER F 562 -21.68 -38.39 50.60
CA SER F 562 -22.43 -38.57 49.37
C SER F 562 -23.74 -39.25 49.69
N VAL F 563 -24.82 -38.66 49.23
CA VAL F 563 -26.11 -39.32 49.31
C VAL F 563 -26.82 -39.10 48.01
N LEU F 564 -27.55 -40.10 47.60
CA LEU F 564 -28.41 -40.02 46.45
C LEU F 564 -29.81 -40.35 46.92
N LEU F 565 -30.73 -39.46 46.65
CA LEU F 565 -32.13 -39.70 46.92
C LEU F 565 -32.81 -39.83 45.58
N GLU F 566 -33.73 -40.77 45.50
CA GLU F 566 -34.37 -41.11 44.26
C GLU F 566 -35.83 -41.39 44.51
N GLY F 567 -36.65 -40.91 43.59
CA GLY F 567 -38.01 -41.33 43.51
C GLY F 567 -38.49 -41.39 42.09
N PRO F 568 -39.66 -41.97 41.87
CA PRO F 568 -40.23 -41.99 40.56
C PRO F 568 -40.55 -40.58 40.09
N PRO F 569 -40.80 -40.43 38.80
CA PRO F 569 -41.00 -39.09 38.24
C PRO F 569 -42.28 -38.47 38.70
N HIS F 570 -42.30 -37.15 38.59
CA HIS F 570 -43.41 -36.33 39.05
C HIS F 570 -43.73 -36.58 40.53
N SER F 571 -42.70 -36.88 41.29
CA SER F 571 -42.74 -36.82 42.74
C SER F 571 -41.70 -35.78 43.07
N GLY F 572 -42.11 -34.69 43.72
CA GLY F 572 -41.21 -33.59 43.97
C GLY F 572 -40.12 -34.03 44.89
N LYS F 573 -38.91 -34.05 44.39
CA LYS F 573 -37.69 -34.17 45.14
C LYS F 573 -36.69 -33.06 44.87
N THR F 574 -37.04 -32.11 44.02
CA THR F 574 -36.13 -31.03 43.70
C THR F 574 -36.23 -29.90 44.69
N ALA F 575 -37.46 -29.56 45.05
CA ALA F 575 -37.68 -28.56 46.08
C ALA F 575 -37.34 -29.13 47.45
N LEU F 576 -37.56 -30.43 47.61
CA LEU F 576 -37.31 -31.09 48.88
C LEU F 576 -35.85 -30.99 49.26
N ALA F 577 -34.98 -31.26 48.30
CA ALA F 577 -33.56 -31.14 48.58
C ALA F 577 -33.21 -29.70 48.82
N ALA F 578 -33.78 -28.80 48.02
CA ALA F 578 -33.61 -27.39 48.30
C ALA F 578 -34.13 -27.04 49.69
N LYS F 579 -35.17 -27.73 50.14
CA LYS F 579 -35.68 -27.41 51.47
C LYS F 579 -34.68 -27.84 52.54
N ILE F 580 -34.16 -29.06 52.44
CA ILE F 580 -33.30 -29.51 53.51
C ILE F 580 -32.03 -28.66 53.49
N ALA F 581 -31.63 -28.23 52.31
CA ALA F 581 -30.47 -27.36 52.23
C ALA F 581 -30.74 -26.02 52.88
N GLU F 582 -31.94 -25.50 52.69
CA GLU F 582 -32.37 -24.31 53.41
C GLU F 582 -32.35 -24.57 54.91
N GLU F 583 -32.77 -25.76 55.30
CA GLU F 583 -32.98 -26.09 56.71
C GLU F 583 -31.70 -25.92 57.49
N SER F 584 -30.62 -26.47 56.99
CA SER F 584 -29.32 -26.28 57.60
C SER F 584 -28.71 -25.05 56.96
N ASN F 585 -28.58 -23.98 57.73
CA ASN F 585 -28.14 -22.72 57.17
C ASN F 585 -26.63 -22.69 57.15
N PHE F 586 -26.08 -22.54 55.96
CA PHE F 586 -24.65 -22.53 55.70
C PHE F 586 -24.13 -21.18 55.28
N PRO F 587 -22.81 -20.99 55.33
CA PRO F 587 -22.23 -19.81 54.70
C PRO F 587 -22.57 -19.69 53.24
N PHE F 588 -22.51 -20.81 52.52
CA PHE F 588 -22.60 -20.82 51.09
C PHE F 588 -23.47 -21.97 50.63
N ILE F 589 -24.22 -21.70 49.57
CA ILE F 589 -25.07 -22.70 48.93
C ILE F 589 -25.05 -22.48 47.43
N LYS F 590 -25.03 -23.56 46.68
CA LYS F 590 -25.09 -23.39 45.26
C LYS F 590 -25.66 -24.65 44.63
N ILE F 591 -26.22 -24.43 43.45
CA ILE F 591 -27.20 -25.28 42.83
C ILE F 591 -26.82 -25.56 41.38
N CYS F 592 -26.56 -26.82 41.07
CA CYS F 592 -26.21 -27.24 39.72
C CYS F 592 -27.50 -27.73 39.11
N SER F 593 -27.99 -26.99 38.13
CA SER F 593 -29.28 -27.22 37.53
C SER F 593 -29.15 -27.30 36.01
N PRO F 594 -29.65 -28.36 35.38
CA PRO F 594 -29.66 -28.42 33.92
C PRO F 594 -30.18 -27.20 33.20
N ASP F 595 -31.13 -26.50 33.80
CA ASP F 595 -31.71 -25.28 33.25
C ASP F 595 -30.72 -24.22 32.79
N LYS F 596 -29.58 -24.08 33.45
CA LYS F 596 -28.70 -22.98 33.08
C LYS F 596 -27.81 -23.27 31.89
N MET F 597 -27.26 -24.48 31.81
CA MET F 597 -26.26 -24.78 30.80
C MET F 597 -26.84 -25.56 29.64
N ILE F 598 -28.15 -25.42 29.41
CA ILE F 598 -28.81 -26.18 28.37
C ILE F 598 -28.13 -25.92 27.04
N GLY F 599 -27.97 -26.97 26.26
CA GLY F 599 -27.47 -26.83 24.91
C GLY F 599 -26.01 -26.49 24.84
N PHE F 600 -25.22 -26.94 25.81
CA PHE F 600 -23.79 -26.71 25.84
C PHE F 600 -22.99 -27.97 25.62
N SER F 601 -21.85 -27.78 24.98
CA SER F 601 -20.89 -28.86 24.79
C SER F 601 -20.48 -29.43 26.14
N GLU F 602 -20.10 -30.70 26.09
CA GLU F 602 -19.84 -31.46 27.30
C GLU F 602 -18.70 -30.85 28.11
N THR F 603 -17.68 -30.39 27.43
CA THR F 603 -16.54 -29.80 28.08
C THR F 603 -16.83 -28.41 28.62
N ALA F 604 -17.93 -27.81 28.19
CA ALA F 604 -18.38 -26.58 28.82
C ALA F 604 -19.19 -26.88 30.05
N LYS F 605 -19.96 -27.95 29.97
CA LYS F 605 -20.83 -28.32 31.08
C LYS F 605 -20.01 -28.75 32.29
N CYS F 606 -19.02 -29.60 32.07
CA CYS F 606 -18.19 -30.03 33.18
C CYS F 606 -17.43 -28.85 33.74
N GLN F 607 -16.94 -28.01 32.84
CA GLN F 607 -16.22 -26.82 33.26
C GLN F 607 -17.10 -25.96 34.14
N ALA F 608 -18.39 -25.92 33.84
CA ALA F 608 -19.29 -25.11 34.64
C ALA F 608 -19.38 -25.70 36.02
N MET F 609 -19.46 -27.02 36.10
CA MET F 609 -19.58 -27.60 37.42
C MET F 609 -18.30 -27.40 38.22
N LYS F 610 -17.15 -27.48 37.58
CA LYS F 610 -15.92 -27.10 38.28
C LYS F 610 -15.95 -25.67 38.75
N LYS F 611 -16.49 -24.80 37.90
CA LYS F 611 -16.37 -23.38 38.17
C LYS F 611 -17.19 -23.00 39.38
N ILE F 612 -18.34 -23.64 39.52
CA ILE F 612 -19.10 -23.44 40.74
C ILE F 612 -18.50 -24.21 41.90
N PHE F 613 -17.87 -25.34 41.63
CA PHE F 613 -17.62 -26.27 42.69
C PHE F 613 -16.36 -25.88 43.44
N ASP F 614 -15.41 -25.30 42.72
CA ASP F 614 -14.26 -24.69 43.35
C ASP F 614 -14.59 -23.42 44.10
N ASP F 615 -15.62 -22.70 43.70
CA ASP F 615 -16.06 -21.61 44.56
C ASP F 615 -16.55 -22.20 45.87
N ALA F 616 -17.29 -23.32 45.79
CA ALA F 616 -17.76 -23.95 47.02
C ALA F 616 -16.61 -24.42 47.88
N TYR F 617 -15.56 -24.98 47.28
CA TYR F 617 -14.37 -25.26 48.08
C TYR F 617 -13.82 -24.01 48.73
N LYS F 618 -13.74 -22.92 48.00
CA LYS F 618 -13.08 -21.77 48.60
C LYS F 618 -13.88 -21.21 49.77
N SER F 619 -15.14 -21.59 49.93
CA SER F 619 -15.87 -21.40 51.16
C SER F 619 -15.37 -22.36 52.23
N GLN F 620 -15.62 -22.00 53.49
CA GLN F 620 -15.14 -22.82 54.59
C GLN F 620 -15.88 -24.15 54.65
N LEU F 621 -17.19 -24.13 54.55
CA LEU F 621 -17.88 -25.37 54.25
C LEU F 621 -19.24 -25.05 53.63
N SER F 622 -19.65 -25.89 52.68
CA SER F 622 -20.94 -25.73 52.04
C SER F 622 -21.36 -27.03 51.40
N CYS F 623 -22.67 -27.26 51.42
CA CYS F 623 -23.31 -28.31 50.64
C CYS F 623 -23.68 -27.76 49.27
N VAL F 624 -23.73 -28.65 48.30
CA VAL F 624 -24.31 -28.33 47.01
C VAL F 624 -25.20 -29.45 46.53
N VAL F 625 -25.98 -29.12 45.54
CA VAL F 625 -26.98 -30.00 44.98
C VAL F 625 -26.69 -30.12 43.50
N VAL F 626 -26.99 -31.28 42.95
CA VAL F 626 -27.01 -31.44 41.51
C VAL F 626 -28.23 -32.24 41.15
N ASP F 627 -29.06 -31.68 40.29
CA ASP F 627 -30.35 -32.26 39.97
C ASP F 627 -30.35 -32.99 38.64
N ASP F 628 -31.30 -33.90 38.50
CA ASP F 628 -31.80 -34.34 37.21
C ASP F 628 -30.68 -34.92 36.37
N ILE F 629 -29.84 -35.71 37.03
CA ILE F 629 -28.56 -36.06 36.47
C ILE F 629 -28.72 -36.97 35.28
N GLU F 630 -29.87 -37.65 35.17
CA GLU F 630 -30.18 -38.35 33.95
C GLU F 630 -30.13 -37.41 32.76
N ARG F 631 -30.49 -36.15 32.99
CA ARG F 631 -30.41 -35.13 31.96
C ARG F 631 -29.01 -34.55 31.91
N LEU F 632 -28.37 -34.42 33.07
CA LEU F 632 -27.04 -33.87 33.08
C LEU F 632 -26.10 -34.79 32.31
N LEU F 633 -26.32 -36.09 32.42
CA LEU F 633 -25.54 -37.06 31.67
C LEU F 633 -25.94 -37.16 30.21
N ASP F 634 -27.00 -36.49 29.81
CA ASP F 634 -27.59 -36.65 28.49
C ASP F 634 -28.01 -38.10 28.25
N TYR F 635 -28.72 -38.69 29.20
CA TYR F 635 -29.15 -40.09 29.08
C TYR F 635 -30.37 -40.26 28.21
N VAL F 636 -30.37 -41.34 27.42
CA VAL F 636 -31.57 -41.82 26.74
C VAL F 636 -31.60 -43.34 26.73
N PRO F 637 -32.74 -43.96 26.94
CA PRO F 637 -32.79 -45.42 27.03
C PRO F 637 -32.74 -46.17 25.71
N ILE F 638 -33.30 -45.59 24.65
CA ILE F 638 -33.67 -46.35 23.44
C ILE F 638 -32.47 -47.10 22.93
N GLY F 639 -31.33 -46.47 23.03
CA GLY F 639 -30.07 -47.12 22.89
C GLY F 639 -29.36 -46.42 24.00
N PRO F 640 -28.44 -47.09 24.68
CA PRO F 640 -27.68 -46.36 25.67
C PRO F 640 -26.79 -45.35 24.98
N ARG F 641 -26.96 -44.10 25.34
CA ARG F 641 -26.00 -43.07 25.00
C ARG F 641 -26.09 -41.97 26.01
N PHE F 642 -24.95 -41.38 26.29
CA PHE F 642 -24.82 -40.35 27.28
C PHE F 642 -23.50 -39.63 27.09
N SER F 643 -23.39 -38.52 27.79
CA SER F 643 -22.15 -37.81 27.89
C SER F 643 -21.26 -38.47 28.91
N ASN F 644 -20.10 -38.92 28.48
CA ASN F 644 -19.20 -39.67 29.34
C ASN F 644 -18.28 -38.80 30.18
N LEU F 645 -17.89 -37.64 29.66
CA LEU F 645 -16.88 -36.86 30.38
C LEU F 645 -17.49 -36.25 31.61
N VAL F 646 -18.74 -35.84 31.48
CA VAL F 646 -19.49 -35.34 32.62
C VAL F 646 -19.66 -36.43 33.65
N LEU F 647 -19.96 -37.65 33.20
CA LEU F 647 -20.11 -38.76 34.12
C LEU F 647 -18.88 -38.96 34.95
N GLN F 648 -17.76 -39.02 34.28
CA GLN F 648 -16.53 -39.40 34.94
C GLN F 648 -16.06 -38.30 35.83
N ALA F 649 -16.30 -37.06 35.40
CA ALA F 649 -16.03 -35.92 36.24
C ALA F 649 -16.82 -36.03 37.53
N LEU F 650 -18.14 -36.16 37.41
CA LEU F 650 -19.00 -36.23 38.57
C LEU F 650 -18.61 -37.35 39.52
N LEU F 651 -18.26 -38.49 38.95
CA LEU F 651 -17.97 -39.62 39.79
C LEU F 651 -16.68 -39.40 40.53
N VAL F 652 -15.70 -38.80 39.87
CA VAL F 652 -14.47 -38.56 40.60
C VAL F 652 -14.68 -37.45 41.62
N LEU F 653 -15.61 -36.53 41.35
CA LEU F 653 -15.90 -35.51 42.37
C LEU F 653 -16.35 -36.14 43.65
N LEU F 654 -17.27 -37.09 43.57
CA LEU F 654 -17.90 -37.60 44.77
C LEU F 654 -16.93 -38.16 45.79
N LYS F 655 -15.76 -38.64 45.38
CA LYS F 655 -14.77 -39.10 46.34
C LYS F 655 -13.55 -38.20 46.43
N LYS F 656 -13.53 -37.06 45.77
CA LYS F 656 -12.37 -36.19 45.88
C LYS F 656 -12.49 -35.42 47.17
N ALA F 657 -11.50 -35.50 47.97
CA ALA F 657 -11.54 -34.86 49.26
C ALA F 657 -11.27 -33.35 49.14
N PRO F 658 -11.86 -32.54 50.00
CA PRO F 658 -11.50 -31.13 50.04
C PRO F 658 -10.17 -30.94 50.76
N PRO F 659 -9.50 -29.84 50.50
CA PRO F 659 -8.05 -29.81 50.67
C PRO F 659 -7.42 -30.06 52.04
N GLN F 660 -7.62 -29.23 53.07
CA GLN F 660 -7.31 -29.66 54.44
C GLN F 660 -8.48 -30.05 55.33
N GLY F 661 -9.38 -29.11 55.57
CA GLY F 661 -10.33 -29.26 56.64
C GLY F 661 -11.78 -29.26 56.27
N ARG F 662 -12.07 -28.74 55.10
CA ARG F 662 -13.45 -28.36 54.84
C ARG F 662 -14.27 -29.53 54.33
N LYS F 663 -15.57 -29.40 54.55
CA LYS F 663 -16.51 -30.49 54.36
C LYS F 663 -17.77 -30.05 53.64
N LEU F 664 -18.44 -31.03 53.03
CA LEU F 664 -19.63 -30.78 52.23
C LEU F 664 -20.54 -31.99 52.30
N LEU F 665 -21.82 -31.72 52.06
CA LEU F 665 -22.83 -32.76 51.84
C LEU F 665 -23.35 -32.57 50.43
N ILE F 666 -23.03 -33.50 49.55
CA ILE F 666 -23.59 -33.54 48.20
C ILE F 666 -24.80 -34.45 48.10
N ILE F 667 -25.84 -33.95 47.44
CA ILE F 667 -27.05 -34.73 47.18
C ILE F 667 -27.28 -34.73 45.69
N GLY F 668 -27.95 -35.77 45.20
CA GLY F 668 -28.34 -35.80 43.80
C GLY F 668 -29.68 -36.47 43.61
N THR F 669 -30.40 -36.02 42.59
CA THR F 669 -31.75 -36.48 42.30
C THR F 669 -31.75 -37.46 41.16
N THR F 670 -32.51 -38.54 41.34
CA THR F 670 -32.58 -39.61 40.36
C THR F 670 -34.00 -40.08 40.16
N SER F 671 -34.46 -39.99 38.92
CA SER F 671 -35.73 -40.62 38.56
C SER F 671 -35.61 -42.13 38.70
N ARG F 672 -34.55 -42.69 38.12
CA ARG F 672 -34.38 -44.13 37.96
C ARG F 672 -32.99 -44.56 38.41
N LYS F 673 -32.93 -45.49 39.36
CA LYS F 673 -31.65 -45.87 39.94
C LYS F 673 -30.93 -46.89 39.08
N ASP F 674 -31.69 -47.85 38.52
CA ASP F 674 -31.09 -49.05 37.93
C ASP F 674 -30.08 -48.68 36.86
N VAL F 675 -30.34 -47.59 36.15
CA VAL F 675 -29.39 -47.08 35.18
C VAL F 675 -28.07 -46.82 35.86
N LEU F 676 -28.14 -46.26 37.05
CA LEU F 676 -26.94 -45.91 37.77
C LEU F 676 -26.29 -47.15 38.33
N GLN F 677 -27.10 -48.15 38.68
CA GLN F 677 -26.55 -49.42 39.10
C GLN F 677 -25.72 -50.04 38.00
N GLU F 678 -26.16 -49.89 36.76
CA GLU F 678 -25.38 -50.42 35.65
C GLU F 678 -24.17 -49.54 35.34
N MET F 679 -24.28 -48.23 35.57
CA MET F 679 -23.11 -47.39 35.32
C MET F 679 -22.07 -47.44 36.42
N GLU F 680 -22.26 -48.24 37.45
CA GLU F 680 -21.23 -48.48 38.46
C GLU F 680 -20.80 -47.16 39.11
N MET F 681 -21.76 -46.25 39.24
CA MET F 681 -21.60 -45.01 39.96
C MET F 681 -22.16 -45.06 41.38
N LEU F 682 -22.98 -46.06 41.66
CA LEU F 682 -23.70 -46.12 42.92
C LEU F 682 -22.83 -46.44 44.12
N ASN F 683 -21.81 -47.27 43.95
CA ASN F 683 -20.94 -47.60 45.07
C ASN F 683 -20.26 -46.37 45.64
N ALA F 684 -19.83 -45.45 44.79
CA ALA F 684 -19.29 -44.18 45.26
C ALA F 684 -20.30 -43.43 46.12
N PHE F 685 -21.56 -43.48 45.76
CA PHE F 685 -22.58 -42.96 46.64
C PHE F 685 -22.75 -43.78 47.91
N SER F 686 -23.42 -43.17 48.87
CA SER F 686 -23.65 -43.75 50.17
C SER F 686 -25.06 -43.44 50.63
N THR F 687 -25.65 -44.37 51.39
CA THR F 687 -26.88 -44.15 52.18
C THR F 687 -28.02 -43.62 51.32
N THR F 688 -28.27 -44.28 50.21
CA THR F 688 -29.21 -43.74 49.26
C THR F 688 -30.62 -43.81 49.83
N ILE F 689 -31.53 -43.08 49.20
CA ILE F 689 -32.83 -42.77 49.80
C ILE F 689 -33.91 -42.99 48.76
N HIS F 690 -34.83 -43.89 49.07
CA HIS F 690 -36.03 -44.03 48.28
C HIS F 690 -37.06 -43.09 48.86
N VAL F 691 -37.57 -42.19 48.03
CA VAL F 691 -38.73 -41.39 48.37
C VAL F 691 -39.90 -41.99 47.61
N PRO F 692 -40.92 -42.53 48.27
CA PRO F 692 -41.98 -43.20 47.53
C PRO F 692 -43.00 -42.24 46.97
N ASN F 693 -43.75 -42.78 46.04
CA ASN F 693 -45.01 -42.21 45.60
C ASN F 693 -46.09 -42.49 46.63
N ILE F 694 -47.21 -41.80 46.46
CA ILE F 694 -48.37 -42.06 47.31
C ILE F 694 -48.83 -43.48 47.08
N ALA F 695 -48.92 -44.24 48.17
CA ALA F 695 -49.52 -45.56 48.14
C ALA F 695 -51.02 -45.56 48.40
N THR F 696 -51.52 -44.63 49.21
CA THR F 696 -52.83 -44.81 49.83
C THR F 696 -53.65 -43.54 49.83
N GLY F 697 -54.95 -43.74 49.87
CA GLY F 697 -55.87 -42.63 49.85
C GLY F 697 -55.88 -41.84 51.13
N GLU F 698 -55.57 -42.48 52.26
CA GLU F 698 -55.41 -41.74 53.51
C GLU F 698 -54.40 -40.62 53.33
N GLN F 699 -53.25 -40.97 52.81
CA GLN F 699 -52.20 -40.00 52.63
C GLN F 699 -52.65 -38.94 51.62
N LEU F 700 -53.41 -39.36 50.61
CA LEU F 700 -53.93 -38.45 49.61
C LEU F 700 -54.85 -37.39 50.22
N LEU F 701 -55.87 -37.86 50.92
CA LEU F 701 -56.84 -36.95 51.51
C LEU F 701 -56.15 -36.04 52.49
N GLU F 702 -55.20 -36.57 53.25
CA GLU F 702 -54.51 -35.72 54.18
C GLU F 702 -53.66 -34.69 53.46
N ALA F 703 -53.14 -35.04 52.29
CA ALA F 703 -52.29 -34.12 51.56
C ALA F 703 -53.10 -32.93 51.04
N LEU F 704 -54.18 -33.23 50.34
CA LEU F 704 -55.02 -32.16 49.86
C LEU F 704 -55.77 -31.44 50.97
N GLU F 705 -55.87 -32.07 52.13
CA GLU F 705 -56.36 -31.37 53.31
C GLU F 705 -55.34 -30.33 53.74
N LEU F 706 -54.06 -30.72 53.76
CA LEU F 706 -53.02 -29.74 54.08
C LEU F 706 -53.10 -28.60 53.10
N LEU F 707 -53.34 -28.92 51.83
CA LEU F 707 -53.44 -27.85 50.85
C LEU F 707 -54.73 -27.09 51.04
N GLY F 708 -55.85 -27.81 51.10
CA GLY F 708 -57.15 -27.20 51.07
C GLY F 708 -57.73 -26.96 49.68
N ASN F 709 -57.56 -27.91 48.76
CA ASN F 709 -58.22 -27.77 47.46
C ASN F 709 -59.72 -27.82 47.60
N PHE F 710 -60.21 -28.92 48.14
CA PHE F 710 -61.62 -29.25 48.11
C PHE F 710 -62.31 -28.84 49.39
N LYS F 711 -63.55 -28.42 49.24
CA LYS F 711 -64.45 -28.33 50.36
C LYS F 711 -64.69 -29.73 50.89
N ASP F 712 -64.95 -29.83 52.20
CA ASP F 712 -65.14 -31.14 52.82
C ASP F 712 -66.30 -31.90 52.19
N LYS F 713 -67.35 -31.20 51.81
CA LYS F 713 -68.52 -31.82 51.21
C LYS F 713 -68.18 -32.56 49.92
N GLU F 714 -67.62 -31.84 48.96
CA GLU F 714 -67.24 -32.46 47.71
C GLU F 714 -66.12 -33.46 47.93
N ARG F 715 -65.31 -33.22 48.95
CA ARG F 715 -64.25 -34.16 49.29
C ARG F 715 -64.84 -35.50 49.72
N THR F 716 -66.06 -35.47 50.27
CA THR F 716 -66.75 -36.71 50.62
C THR F 716 -66.82 -37.66 49.44
N THR F 717 -67.15 -37.12 48.27
CA THR F 717 -67.47 -37.97 47.13
C THR F 717 -66.27 -38.78 46.71
N ILE F 718 -65.10 -38.14 46.63
CA ILE F 718 -63.91 -38.88 46.30
C ILE F 718 -63.50 -39.74 47.48
N ALA F 719 -63.85 -39.29 48.69
CA ALA F 719 -63.52 -40.09 49.86
C ALA F 719 -64.29 -41.39 49.88
N GLN F 720 -65.39 -41.49 49.12
CA GLN F 720 -66.27 -42.65 49.18
C GLN F 720 -65.51 -43.94 48.95
N GLN F 721 -64.46 -43.87 48.14
CA GLN F 721 -63.50 -44.94 47.97
C GLN F 721 -62.18 -44.45 48.53
N VAL F 722 -61.68 -45.15 49.54
CA VAL F 722 -60.36 -44.89 50.07
C VAL F 722 -59.38 -45.94 49.57
N LYS F 723 -59.82 -47.20 49.60
CA LYS F 723 -59.08 -48.36 49.13
C LYS F 723 -59.48 -48.75 47.73
N GLY F 724 -60.71 -48.37 47.32
CA GLY F 724 -61.39 -48.97 46.17
C GLY F 724 -60.50 -49.05 44.96
N LYS F 725 -59.62 -48.08 44.81
CA LYS F 725 -58.52 -48.15 43.88
C LYS F 725 -57.27 -47.84 44.68
N LYS F 726 -56.13 -48.20 44.12
CA LYS F 726 -54.86 -48.07 44.80
C LYS F 726 -53.91 -47.30 43.91
N VAL F 727 -53.04 -46.50 44.52
CA VAL F 727 -52.39 -45.41 43.79
C VAL F 727 -50.87 -45.56 43.74
N TRP F 728 -50.34 -45.15 42.59
CA TRP F 728 -48.93 -45.04 42.29
C TRP F 728 -48.45 -43.60 42.19
N ILE F 729 -49.32 -42.64 42.47
CA ILE F 729 -49.12 -41.23 42.11
C ILE F 729 -48.01 -40.52 42.87
N GLY F 730 -47.29 -39.68 42.12
CA GLY F 730 -46.40 -38.69 42.68
C GLY F 730 -47.08 -37.33 42.77
N ILE F 731 -46.53 -36.49 43.64
CA ILE F 731 -47.20 -35.26 44.02
C ILE F 731 -47.32 -34.26 42.89
N LYS F 732 -46.35 -34.23 42.00
CA LYS F 732 -46.32 -33.19 40.99
C LYS F 732 -47.41 -33.36 39.96
N LYS F 733 -47.58 -34.58 39.45
CA LYS F 733 -48.66 -34.86 38.51
C LYS F 733 -50.02 -34.68 39.14
N LEU F 734 -50.16 -35.04 40.41
CA LEU F 734 -51.42 -34.87 41.10
C LEU F 734 -51.79 -33.41 41.19
N LEU F 735 -50.84 -32.61 41.66
CA LEU F 735 -51.07 -31.18 41.78
C LEU F 735 -51.34 -30.56 40.43
N MET F 736 -50.83 -31.17 39.37
CA MET F 736 -51.11 -30.63 38.06
C MET F 736 -52.51 -31.02 37.65
N LEU F 737 -53.00 -32.17 38.09
CA LEU F 737 -54.30 -32.65 37.66
C LEU F 737 -55.46 -31.95 38.37
N ILE F 738 -55.27 -31.60 39.65
CA ILE F 738 -56.37 -30.98 40.39
C ILE F 738 -56.78 -29.66 39.75
N GLU F 739 -55.85 -28.98 39.10
CA GLU F 739 -56.15 -27.68 38.55
C GLU F 739 -57.11 -27.77 37.39
N MET F 740 -56.84 -28.69 36.47
CA MET F 740 -57.75 -28.85 35.34
C MET F 740 -59.09 -29.41 35.81
N SER F 741 -59.08 -30.30 36.80
CA SER F 741 -60.36 -30.77 37.30
C SER F 741 -61.20 -29.62 37.83
N LEU F 742 -60.59 -28.73 38.62
CA LEU F 742 -61.33 -27.58 39.14
C LEU F 742 -61.75 -26.63 38.04
N GLN F 743 -60.91 -26.48 37.01
CA GLN F 743 -61.25 -25.59 35.91
C GLN F 743 -62.58 -25.97 35.27
N MET F 744 -62.88 -27.27 35.20
CA MET F 744 -64.15 -27.72 34.68
C MET F 744 -65.29 -27.47 35.66
N ASP F 745 -66.53 -27.65 35.18
CA ASP F 745 -67.70 -27.17 35.90
C ASP F 745 -67.87 -27.92 37.22
N PRO F 746 -68.41 -27.24 38.26
CA PRO F 746 -68.54 -27.88 39.59
C PRO F 746 -69.26 -29.20 39.60
N GLU F 747 -70.16 -29.42 38.66
CA GLU F 747 -70.76 -30.74 38.52
C GLU F 747 -69.69 -31.79 38.26
N TYR F 748 -68.74 -31.47 37.38
CA TYR F 748 -67.86 -32.46 36.81
C TYR F 748 -66.44 -32.41 37.34
N ARG F 749 -66.16 -31.57 38.33
CA ARG F 749 -64.80 -31.44 38.83
C ARG F 749 -64.29 -32.76 39.39
N VAL F 750 -64.98 -33.28 40.41
CA VAL F 750 -64.56 -34.55 40.98
C VAL F 750 -64.87 -35.68 40.00
N ARG F 751 -65.87 -35.50 39.15
CA ARG F 751 -66.24 -36.52 38.18
C ARG F 751 -65.09 -36.78 37.22
N LYS F 752 -64.44 -35.71 36.79
CA LYS F 752 -63.38 -35.84 35.82
C LYS F 752 -62.08 -36.13 36.52
N PHE F 753 -61.97 -35.66 37.76
CA PHE F 753 -60.79 -35.91 38.57
C PHE F 753 -60.60 -37.39 38.76
N LEU F 754 -61.67 -38.07 39.13
CA LEU F 754 -61.59 -39.51 39.34
C LEU F 754 -61.28 -40.24 38.04
N ALA F 755 -61.91 -39.81 36.95
CA ALA F 755 -61.70 -40.43 35.65
C ALA F 755 -60.24 -40.37 35.26
N LEU F 756 -59.59 -39.24 35.48
CA LEU F 756 -58.21 -39.07 35.08
C LEU F 756 -57.24 -39.67 36.06
N LEU F 757 -57.59 -39.68 37.35
CA LEU F 757 -56.78 -40.39 38.31
C LEU F 757 -56.78 -41.88 37.98
N ARG F 758 -57.87 -42.36 37.41
CA ARG F 758 -57.93 -43.73 36.91
C ARG F 758 -57.26 -43.87 35.56
N GLU F 759 -57.26 -42.81 34.75
CA GLU F 759 -56.62 -42.88 33.44
C GLU F 759 -55.14 -43.21 33.53
N GLU F 760 -54.49 -42.76 34.59
CA GLU F 760 -53.09 -43.10 34.82
C GLU F 760 -52.96 -44.42 35.58
N GLY F 761 -54.02 -45.21 35.66
CA GLY F 761 -53.99 -46.49 36.32
C GLY F 761 -54.05 -46.38 37.82
N ALA F 762 -55.01 -45.60 38.29
CA ALA F 762 -55.23 -45.35 39.72
C ALA F 762 -54.03 -44.75 40.46
N MET G 4 -4.20 -19.82 15.12
CA MET G 4 -4.52 -18.65 14.25
C MET G 4 -5.18 -19.00 12.90
N ALA G 5 -4.38 -19.40 11.90
CA ALA G 5 -4.88 -19.49 10.52
C ALA G 5 -5.47 -18.13 10.14
N GLU G 6 -4.73 -17.10 10.50
CA GLU G 6 -5.20 -15.73 10.57
C GLU G 6 -4.48 -14.88 9.54
N ASP G 7 -5.25 -14.19 8.70
CA ASP G 7 -4.72 -13.12 7.86
C ASP G 7 -5.49 -11.84 8.16
N ALA G 8 -4.76 -10.84 8.64
CA ALA G 8 -5.26 -9.48 8.74
C ALA G 8 -4.33 -8.60 7.93
N ASP G 9 -4.88 -7.97 6.90
CA ASP G 9 -4.17 -6.98 6.11
C ASP G 9 -4.97 -5.69 6.22
N MET G 10 -4.31 -4.64 6.72
CA MET G 10 -5.03 -3.46 7.18
C MET G 10 -4.40 -2.20 6.63
N ARG G 11 -5.14 -1.12 6.86
CA ARG G 11 -4.80 0.23 6.41
C ARG G 11 -5.10 1.20 7.55
N ASN G 12 -4.49 2.38 7.46
CA ASN G 12 -4.69 3.42 8.46
C ASN G 12 -4.47 4.78 7.81
N GLU G 13 -4.79 5.83 8.55
CA GLU G 13 -4.99 7.16 8.01
C GLU G 13 -4.13 8.20 8.69
N LEU G 14 -4.01 9.32 8.00
CA LEU G 14 -3.02 10.36 8.25
C LEU G 14 -3.60 11.58 8.95
N GLU G 15 -2.76 12.20 9.77
CA GLU G 15 -3.04 13.49 10.38
C GLU G 15 -2.06 14.53 9.84
N GLU G 16 -2.58 15.46 9.06
CA GLU G 16 -1.70 16.41 8.39
C GLU G 16 -1.12 17.40 9.39
N MET G 17 0.15 17.71 9.21
CA MET G 17 0.86 18.67 10.03
C MET G 17 0.31 20.08 9.78
N GLN G 18 0.63 20.95 10.72
CA GLN G 18 0.15 22.32 10.77
C GLN G 18 1.11 23.22 9.99
N ARG G 19 0.99 24.53 10.21
CA ARG G 19 1.79 25.62 9.71
C ARG G 19 1.45 26.08 8.30
N ARG G 20 0.25 25.75 7.80
CA ARG G 20 -0.19 26.19 6.47
C ARG G 20 -1.60 26.76 6.61
N ALA G 21 -1.70 27.96 7.18
CA ALA G 21 -3.02 28.57 7.27
C ALA G 21 -3.56 28.85 5.89
N ASP G 22 -2.71 29.39 5.03
CA ASP G 22 -2.96 29.69 3.63
C ASP G 22 -1.64 29.47 2.93
N GLN G 23 -1.70 29.17 1.63
CA GLN G 23 -0.49 28.87 0.91
C GLN G 23 0.46 30.07 0.90
N LEU G 24 -0.09 31.28 0.82
CA LEU G 24 0.64 32.55 0.75
C LEU G 24 1.92 32.62 1.58
N ALA G 25 1.97 31.90 2.69
CA ALA G 25 3.13 31.83 3.57
C ALA G 25 4.47 31.69 2.83
N ASP G 26 4.48 30.89 1.77
CA ASP G 26 5.67 30.77 0.93
C ASP G 26 6.03 32.08 0.22
N GLU G 27 5.09 33.03 0.14
CA GLU G 27 5.42 34.36 -0.38
C GLU G 27 6.50 35.02 0.49
N SER G 28 6.60 34.61 1.75
CA SER G 28 7.70 35.05 2.58
C SER G 28 9.03 34.75 1.91
N LEU G 29 9.11 33.60 1.24
CA LEU G 29 10.29 33.34 0.45
C LEU G 29 10.43 34.33 -0.69
N GLU G 30 9.31 34.74 -1.30
CA GLU G 30 9.37 35.77 -2.33
C GLU G 30 9.88 37.09 -1.77
N SER G 31 9.61 37.35 -0.50
CA SER G 31 10.25 38.46 0.19
C SER G 31 11.75 38.25 0.28
N THR G 32 12.17 37.08 0.75
CA THR G 32 13.59 36.94 1.00
C THR G 32 14.39 36.72 -0.27
N ARG G 33 13.71 36.36 -1.36
CA ARG G 33 14.24 36.63 -2.68
C ARG G 33 14.48 38.11 -2.84
N ARG G 34 13.47 38.93 -2.55
CA ARG G 34 13.64 40.34 -2.86
C ARG G 34 14.75 40.99 -2.03
N MET G 35 14.95 40.57 -0.79
CA MET G 35 16.05 41.13 -0.03
C MET G 35 17.34 40.37 -0.32
N LEU G 36 17.32 39.45 -1.28
CA LEU G 36 18.53 39.20 -2.06
C LEU G 36 18.60 40.09 -3.28
N GLN G 37 17.45 40.49 -3.80
CA GLN G 37 17.43 41.29 -5.01
C GLN G 37 17.82 42.72 -4.72
N LEU G 38 17.38 43.24 -3.57
CA LEU G 38 17.51 44.65 -3.26
C LEU G 38 18.72 44.97 -2.38
N VAL G 39 19.73 44.10 -2.39
CA VAL G 39 20.88 44.27 -1.53
C VAL G 39 22.19 44.45 -2.29
N GLU G 40 22.28 43.84 -3.45
CA GLU G 40 23.58 43.80 -4.09
C GLU G 40 23.90 45.12 -4.74
N GLU G 41 22.90 45.77 -5.31
CA GLU G 41 23.16 46.97 -6.06
C GLU G 41 23.54 48.10 -5.14
N SER G 42 23.10 48.02 -3.90
CA SER G 42 23.50 48.98 -2.90
C SER G 42 25.02 49.00 -2.77
N LYS G 43 25.62 47.85 -2.53
CA LYS G 43 27.07 47.86 -2.38
C LYS G 43 27.77 47.98 -3.72
N ASP G 44 27.18 47.43 -4.76
CA ASP G 44 27.82 47.43 -6.06
C ASP G 44 27.97 48.84 -6.59
N ALA G 45 27.00 49.69 -6.28
CA ALA G 45 27.16 51.10 -6.57
C ALA G 45 27.80 51.84 -5.43
N GLY G 46 27.85 51.27 -4.23
CA GLY G 46 28.47 51.98 -3.14
C GLY G 46 29.98 52.04 -3.27
N ILE G 47 30.60 50.89 -3.45
CA ILE G 47 32.06 50.86 -3.57
C ILE G 47 32.52 51.54 -4.85
N ARG G 48 31.83 51.33 -5.97
CA ARG G 48 32.23 52.05 -7.18
C ARG G 48 31.77 53.49 -7.17
N THR G 49 30.83 53.85 -6.31
CA THR G 49 30.53 55.24 -6.09
C THR G 49 31.65 55.87 -5.28
N LEU G 50 32.27 55.09 -4.39
CA LEU G 50 33.50 55.52 -3.77
C LEU G 50 34.63 55.61 -4.78
N VAL G 51 34.61 54.76 -5.81
CA VAL G 51 35.65 54.84 -6.83
C VAL G 51 35.55 56.15 -7.60
N MET G 52 34.34 56.47 -8.06
CA MET G 52 34.19 57.73 -8.77
C MET G 52 34.41 58.90 -7.83
N LEU G 53 33.98 58.76 -6.57
CA LEU G 53 34.31 59.75 -5.56
C LEU G 53 35.80 59.90 -5.35
N ASP G 54 36.54 58.81 -5.43
CA ASP G 54 37.96 58.85 -5.19
C ASP G 54 38.67 59.56 -6.33
N GLU G 55 38.31 59.19 -7.56
CA GLU G 55 38.97 59.81 -8.70
C GLU G 55 38.56 61.27 -8.80
N GLN G 56 37.38 61.63 -8.30
CA GLN G 56 37.01 63.02 -8.23
C GLN G 56 37.63 63.76 -7.05
N GLY G 57 37.99 63.06 -5.98
CA GLY G 57 38.70 63.73 -4.90
C GLY G 57 40.14 64.02 -5.27
N GLU G 58 40.73 63.16 -6.07
CA GLU G 58 42.05 63.45 -6.61
C GLU G 58 41.96 64.30 -7.86
N GLN G 59 40.80 64.39 -8.48
CA GLN G 59 40.56 65.50 -9.39
C GLN G 59 40.58 66.83 -8.64
N LEU G 60 40.01 66.85 -7.45
CA LEU G 60 40.13 68.03 -6.59
C LEU G 60 41.58 68.24 -6.16
N ASP G 61 42.39 67.18 -6.15
CA ASP G 61 43.80 67.39 -5.91
C ASP G 61 44.47 68.06 -7.11
N ARG G 62 44.02 67.75 -8.32
CA ARG G 62 44.53 68.51 -9.47
C ARG G 62 43.94 69.92 -9.52
N VAL G 63 42.80 70.14 -8.87
CA VAL G 63 42.34 71.51 -8.66
C VAL G 63 43.33 72.25 -7.80
N GLU G 64 43.82 71.57 -6.75
CA GLU G 64 44.84 72.19 -5.91
C GLU G 64 46.10 72.47 -6.73
N GLU G 65 46.40 71.59 -7.70
CA GLU G 65 47.56 71.79 -8.56
C GLU G 65 47.40 73.02 -9.41
N GLY G 66 46.18 73.30 -9.88
CA GLY G 66 45.96 74.54 -10.60
C GLY G 66 46.05 75.75 -9.70
N MET G 67 45.30 75.73 -8.60
CA MET G 67 45.10 76.93 -7.79
C MET G 67 46.40 77.42 -7.18
N ASN G 68 47.28 76.50 -6.76
CA ASN G 68 48.49 76.95 -6.11
C ASN G 68 49.37 77.76 -7.05
N HIS G 69 49.57 77.30 -8.28
CA HIS G 69 50.48 78.03 -9.16
C HIS G 69 49.80 79.23 -9.79
N ILE G 70 48.47 79.23 -9.89
CA ILE G 70 47.77 80.45 -10.28
C ILE G 70 48.01 81.54 -9.25
N ASN G 71 47.80 81.19 -7.98
CA ASN G 71 47.94 82.19 -6.92
C ASN G 71 49.41 82.55 -6.74
N GLN G 72 50.31 81.63 -7.09
CA GLN G 72 51.74 81.94 -7.04
C GLN G 72 52.14 82.94 -8.11
N ASP G 73 51.55 82.84 -9.31
CA ASP G 73 51.82 83.89 -10.29
C ASP G 73 51.12 85.19 -9.92
N MET G 74 50.01 85.09 -9.20
CA MET G 74 49.20 86.25 -8.87
C MET G 74 49.46 86.86 -7.50
N LYS G 75 50.28 86.23 -6.66
CA LYS G 75 50.94 86.98 -5.61
C LYS G 75 52.21 87.65 -6.14
N GLU G 76 52.55 87.42 -7.40
CA GLU G 76 53.81 87.81 -8.00
C GLU G 76 53.65 88.85 -9.12
N ALA G 77 52.78 88.57 -10.10
CA ALA G 77 52.59 89.46 -11.24
C ALA G 77 52.04 90.82 -10.87
N GLU G 78 51.46 90.98 -9.68
CA GLU G 78 51.16 92.32 -9.19
C GLU G 78 52.45 93.08 -8.90
N LYS G 79 53.45 92.39 -8.36
CA LYS G 79 54.72 93.05 -8.09
C LYS G 79 55.47 93.30 -9.40
N ASN G 80 55.44 92.32 -10.32
CA ASN G 80 56.00 92.58 -11.64
C ASN G 80 55.30 93.74 -12.31
N LEU G 81 54.01 93.91 -12.02
CA LEU G 81 53.26 95.03 -12.54
C LEU G 81 53.82 96.36 -12.04
N LYS G 82 54.03 96.48 -10.73
CA LYS G 82 54.54 97.77 -10.27
C LYS G 82 56.01 97.95 -10.65
N ASP G 83 56.72 96.86 -10.95
CA ASP G 83 58.04 96.99 -11.55
C ASP G 83 57.92 97.54 -12.97
N LEU G 84 56.90 97.09 -13.70
CA LEU G 84 56.62 97.62 -15.03
C LEU G 84 56.27 99.10 -14.98
N GLY G 85 55.61 99.54 -13.90
CA GLY G 85 55.21 100.92 -13.70
C GLY G 85 56.18 101.97 -14.21
N LYS G 86 57.22 102.27 -13.43
CA LYS G 86 58.25 103.24 -13.79
C LYS G 86 57.68 104.57 -14.30
N ALA G 144 12.32 22.67 5.77
CA ALA G 144 13.78 22.70 5.81
C ALA G 144 14.32 23.62 4.72
N ARG G 145 13.92 24.88 4.85
CA ARG G 145 14.15 25.93 3.86
C ARG G 145 14.21 27.29 4.57
N GLU G 146 13.55 27.37 5.73
CA GLU G 146 13.81 28.45 6.68
C GLU G 146 15.29 28.56 6.99
N ASN G 147 16.02 27.43 6.99
CA ASN G 147 17.46 27.52 7.19
C ASN G 147 18.16 28.08 5.95
N GLU G 148 17.56 27.95 4.76
CA GLU G 148 18.10 28.68 3.62
C GLU G 148 17.86 30.17 3.76
N MET G 149 16.69 30.51 4.30
CA MET G 149 16.42 31.90 4.63
C MET G 149 17.38 32.42 5.69
N ASP G 150 17.70 31.59 6.68
CA ASP G 150 18.70 31.93 7.68
C ASP G 150 20.07 32.17 7.05
N GLU G 151 20.39 31.41 6.01
CA GLU G 151 21.64 31.65 5.30
C GLU G 151 21.58 32.98 4.56
N ASN G 152 20.42 33.32 4.01
CA ASN G 152 20.29 34.60 3.36
C ASN G 152 20.44 35.73 4.37
N LEU G 153 19.90 35.53 5.57
CA LEU G 153 20.08 36.48 6.65
C LEU G 153 21.55 36.67 7.00
N GLU G 154 22.33 35.59 6.99
CA GLU G 154 23.74 35.74 7.37
C GLU G 154 24.56 36.37 6.25
N GLN G 155 24.09 36.18 5.01
CA GLN G 155 24.64 36.91 3.89
C GLN G 155 24.41 38.41 4.12
N VAL G 156 23.21 38.75 4.57
CA VAL G 156 22.90 40.15 4.81
C VAL G 156 23.64 40.69 6.03
N SER G 157 23.97 39.82 6.97
CA SER G 157 24.74 40.30 8.12
C SER G 157 26.15 40.69 7.70
N GLY G 158 26.73 40.00 6.71
CA GLY G 158 27.95 40.52 6.10
C GLY G 158 27.74 41.78 5.27
N ILE G 159 26.59 41.86 4.61
CA ILE G 159 26.30 43.04 3.77
C ILE G 159 26.28 44.30 4.61
N ILE G 160 25.68 44.23 5.79
CA ILE G 160 25.52 45.47 6.55
C ILE G 160 26.82 45.89 7.18
N GLY G 161 27.73 44.94 7.41
CA GLY G 161 29.06 45.32 7.83
C GLY G 161 29.81 46.08 6.76
N ASN G 162 29.72 45.63 5.51
CA ASN G 162 30.45 46.34 4.46
C ASN G 162 29.83 47.69 4.19
N LEU G 163 28.51 47.71 4.27
CA LEU G 163 27.75 48.94 4.22
C LEU G 163 28.26 49.96 5.22
N ARG G 164 28.21 49.60 6.51
CA ARG G 164 28.46 50.59 7.55
C ARG G 164 29.91 51.04 7.52
N HIS G 165 30.82 50.12 7.19
CA HIS G 165 32.24 50.49 7.20
C HIS G 165 32.47 51.58 6.18
N MET G 166 32.03 51.33 4.95
CA MET G 166 32.22 52.40 3.99
C MET G 166 31.26 53.57 4.18
N ALA G 167 30.21 53.43 4.97
CA ALA G 167 29.34 54.56 5.26
C ALA G 167 30.04 55.59 6.13
N LEU G 168 30.69 55.11 7.20
CA LEU G 168 31.46 56.01 8.03
C LEU G 168 32.63 56.58 7.25
N ASP G 169 33.19 55.77 6.36
CA ASP G 169 34.37 56.22 5.64
C ASP G 169 34.01 57.27 4.61
N MET G 170 32.87 57.12 3.92
CA MET G 170 32.45 58.17 3.01
C MET G 170 32.03 59.43 3.74
N GLY G 171 31.64 59.32 5.01
CA GLY G 171 31.44 60.53 5.79
C GLY G 171 32.74 61.29 5.93
N ASN G 172 33.80 60.57 6.33
CA ASN G 172 35.09 61.23 6.48
C ASN G 172 35.56 61.77 5.12
N GLU G 173 35.27 61.02 4.07
CA GLU G 173 35.76 61.31 2.74
C GLU G 173 35.22 62.65 2.24
N ILE G 174 33.91 62.82 2.37
CA ILE G 174 33.32 64.06 1.89
C ILE G 174 33.65 65.20 2.81
N ASP G 175 33.84 64.95 4.11
CA ASP G 175 34.29 66.04 4.96
C ASP G 175 35.66 66.54 4.56
N THR G 176 36.55 65.60 4.19
CA THR G 176 37.87 66.00 3.70
C THR G 176 37.75 66.81 2.43
N GLN G 177 36.90 66.39 1.51
CA GLN G 177 36.78 67.15 0.28
C GLN G 177 36.16 68.51 0.53
N ASN G 178 35.32 68.65 1.54
CA ASN G 178 34.76 69.98 1.80
C ASN G 178 35.76 70.90 2.47
N ARG G 179 36.67 70.39 3.29
CA ARG G 179 37.71 71.27 3.79
C ARG G 179 38.69 71.64 2.67
N GLN G 180 38.87 70.73 1.71
CA GLN G 180 39.66 71.05 0.54
C GLN G 180 39.00 72.18 -0.24
N ILE G 181 37.67 72.14 -0.30
CA ILE G 181 36.91 73.24 -0.87
C ILE G 181 37.07 74.51 -0.04
N ASP G 182 37.16 74.36 1.28
CA ASP G 182 37.34 75.54 2.14
C ASP G 182 38.65 76.23 1.82
N ARG G 183 39.68 75.47 1.49
CA ARG G 183 40.91 76.06 0.97
C ARG G 183 40.65 76.79 -0.35
N ILE G 184 40.00 76.08 -1.30
CA ILE G 184 39.84 76.61 -2.65
C ILE G 184 39.13 77.94 -2.62
N MET G 185 38.00 78.00 -1.92
CA MET G 185 37.15 79.18 -1.94
C MET G 185 37.94 80.43 -1.57
N GLU G 186 38.62 80.40 -0.42
CA GLU G 186 39.30 81.59 0.05
C GLU G 186 40.43 81.97 -0.90
N LYS G 187 41.25 80.99 -1.32
CA LYS G 187 42.41 81.39 -2.10
C LYS G 187 42.04 81.80 -3.51
N ALA G 188 41.14 81.05 -4.14
CA ALA G 188 40.63 81.42 -5.45
C ALA G 188 39.87 82.74 -5.45
N ASP G 189 39.18 83.07 -4.36
CA ASP G 189 38.42 84.32 -4.36
C ASP G 189 39.31 85.53 -4.14
N SER G 190 40.29 85.42 -3.24
CA SER G 190 41.28 86.48 -3.12
C SER G 190 42.01 86.66 -4.44
N ASN G 191 42.30 85.57 -5.12
CA ASN G 191 42.96 85.65 -6.41
C ASN G 191 42.03 86.22 -7.48
N LYS G 192 40.71 86.06 -7.32
CA LYS G 192 39.75 86.76 -8.19
C LYS G 192 39.83 88.26 -7.99
N THR G 193 40.00 88.71 -6.76
CA THR G 193 40.19 90.15 -6.55
C THR G 193 41.49 90.61 -7.19
N ARG G 194 42.54 89.80 -7.06
CA ARG G 194 43.85 90.19 -7.55
C ARG G 194 43.89 90.28 -9.08
N ILE G 195 43.16 89.41 -9.79
CA ILE G 195 43.21 89.46 -11.24
C ILE G 195 42.54 90.72 -11.79
N ASP G 196 41.44 91.14 -11.18
CA ASP G 196 40.74 92.31 -11.72
C ASP G 196 41.47 93.60 -11.36
N GLU G 197 42.00 93.69 -10.14
CA GLU G 197 42.78 94.89 -9.84
C GLU G 197 44.07 94.92 -10.64
N ALA G 198 44.66 93.75 -10.91
CA ALA G 198 45.92 93.75 -11.65
C ALA G 198 45.71 94.08 -13.12
N ASN G 199 44.62 93.59 -13.70
CA ASN G 199 44.31 93.91 -15.08
C ASN G 199 43.97 95.39 -15.26
N GLN G 200 43.11 95.93 -14.39
CA GLN G 200 42.75 97.33 -14.54
C GLN G 200 43.88 98.26 -14.17
N ARG G 201 44.71 97.88 -13.21
CA ARG G 201 45.87 98.70 -12.89
C ARG G 201 46.87 98.69 -14.03
N ALA G 202 47.08 97.53 -14.66
CA ALA G 202 47.99 97.46 -15.78
C ALA G 202 47.49 98.25 -16.97
N THR G 203 46.18 98.32 -17.18
CA THR G 203 45.66 99.06 -18.30
C THR G 203 45.65 100.56 -18.01
N LYS G 204 45.44 100.96 -16.76
CA LYS G 204 45.45 102.38 -16.45
C LYS G 204 46.86 103.00 -16.48
N MET G 205 47.91 102.21 -16.70
CA MET G 205 49.25 102.74 -16.93
C MET G 205 49.65 102.70 -18.40
N LEU G 206 48.70 102.96 -19.29
CA LEU G 206 49.00 103.20 -20.70
C LEU G 206 49.39 104.66 -20.89
N GLY G 207 50.30 104.89 -21.83
CA GLY G 207 50.75 106.23 -22.13
C GLY G 207 51.66 106.77 -21.05
N ALA H 191 2.88 27.72 14.90
CA ALA H 191 3.03 29.10 15.31
C ALA H 191 2.60 30.04 14.19
N LEU H 192 1.30 30.06 13.93
CA LEU H 192 0.75 30.89 12.87
C LEU H 192 0.93 32.37 13.18
N SER H 193 0.98 32.72 14.47
CA SER H 193 1.45 34.04 14.85
C SER H 193 2.83 34.29 14.31
N GLU H 194 3.74 33.33 14.49
CA GLU H 194 5.12 33.53 14.10
C GLU H 194 5.37 33.21 12.65
N ILE H 195 4.51 32.43 12.02
CA ILE H 195 4.57 32.27 10.56
C ILE H 195 4.09 33.54 9.89
N GLU H 196 2.99 34.11 10.37
CA GLU H 196 2.50 35.35 9.79
C GLU H 196 3.46 36.50 10.06
N THR H 197 4.17 36.47 11.19
CA THR H 197 5.18 37.49 11.44
C THR H 197 6.47 37.23 10.65
N ARG H 198 6.89 35.96 10.55
CA ARG H 198 7.98 35.54 9.68
C ARG H 198 7.75 36.03 8.27
N HIS H 199 6.49 36.12 7.86
CA HIS H 199 6.14 36.78 6.60
C HIS H 199 6.21 38.30 6.73
N SER H 200 5.42 38.85 7.64
CA SER H 200 5.04 40.25 7.61
C SER H 200 6.15 41.16 8.11
N GLU H 201 6.73 40.85 9.27
CA GLU H 201 7.83 41.62 9.82
C GLU H 201 9.03 41.62 8.89
N ILE H 202 9.21 40.53 8.16
CA ILE H 202 10.38 40.43 7.31
C ILE H 202 10.10 41.07 5.96
N ILE H 203 8.85 41.14 5.53
CA ILE H 203 8.53 42.07 4.46
C ILE H 203 8.80 43.50 4.91
N LYS H 204 8.52 43.83 6.17
CA LYS H 204 8.92 45.16 6.62
C LYS H 204 10.42 45.34 6.67
N LEU H 205 11.15 44.25 6.86
CA LEU H 205 12.59 44.36 6.85
C LEU H 205 13.08 44.67 5.44
N GLU H 206 12.50 43.99 4.44
CA GLU H 206 12.87 44.33 3.07
C GLU H 206 12.39 45.75 2.75
N ASN H 207 11.23 46.15 3.27
CA ASN H 207 10.77 47.51 3.01
C ASN H 207 11.72 48.55 3.58
N SER H 208 12.23 48.33 4.78
CA SER H 208 13.19 49.27 5.34
C SER H 208 14.46 49.33 4.49
N ILE H 209 14.92 48.17 4.02
CA ILE H 209 16.09 48.23 3.16
C ILE H 209 15.72 48.88 1.83
N ARG H 210 14.46 48.79 1.42
CA ARG H 210 14.00 49.46 0.22
C ARG H 210 13.96 50.96 0.40
N GLU H 211 13.68 51.41 1.62
CA GLU H 211 13.69 52.84 1.89
C GLU H 211 15.09 53.39 1.80
N LEU H 212 16.03 52.72 2.46
CA LEU H 212 17.40 53.15 2.30
C LEU H 212 17.90 52.95 0.88
N HIS H 213 17.34 51.97 0.16
CA HIS H 213 17.72 51.76 -1.22
C HIS H 213 17.26 52.88 -2.09
N ASP H 214 16.11 53.46 -1.76
CA ASP H 214 15.66 54.63 -2.46
C ASP H 214 16.60 55.78 -2.18
N MET H 215 16.93 56.00 -0.91
CA MET H 215 17.87 57.05 -0.57
C MET H 215 19.24 56.83 -1.20
N PHE H 216 19.61 55.57 -1.44
CA PHE H 216 20.94 55.30 -1.99
C PHE H 216 21.00 55.36 -3.51
N MET H 217 19.98 54.89 -4.21
CA MET H 217 19.95 55.15 -5.63
C MET H 217 19.85 56.64 -5.90
N ASP H 218 19.16 57.35 -5.00
CA ASP H 218 19.20 58.80 -5.04
C ASP H 218 20.63 59.29 -4.84
N MET H 219 21.32 58.75 -3.83
CA MET H 219 22.65 59.22 -3.46
C MET H 219 23.62 59.03 -4.60
N ALA H 220 23.69 57.80 -5.10
CA ALA H 220 24.71 57.45 -6.07
C ALA H 220 24.45 58.10 -7.40
N MET H 221 23.18 58.15 -7.85
CA MET H 221 22.91 58.84 -9.10
C MET H 221 23.02 60.35 -8.94
N LEU H 222 22.91 60.85 -7.73
CA LEU H 222 23.09 62.26 -7.50
C LEU H 222 24.53 62.65 -7.62
N VAL H 223 25.42 61.91 -6.96
CA VAL H 223 26.84 62.21 -7.05
C VAL H 223 27.36 61.91 -8.44
N GLU H 224 26.79 60.89 -9.10
CA GLU H 224 26.96 60.72 -10.53
C GLU H 224 26.69 62.00 -11.30
N SER H 225 25.52 62.58 -11.09
CA SER H 225 25.15 63.77 -11.84
C SER H 225 26.07 64.92 -11.51
N GLN H 226 26.53 64.98 -10.27
CA GLN H 226 27.51 65.99 -9.89
C GLN H 226 28.82 65.81 -10.64
N GLY H 227 29.15 64.57 -10.99
CA GLY H 227 30.38 64.32 -11.73
C GLY H 227 30.47 65.07 -13.04
N GLU H 228 29.34 65.51 -13.60
CA GLU H 228 29.39 66.40 -14.75
C GLU H 228 29.78 67.83 -14.36
N MET H 229 29.45 68.27 -13.14
CA MET H 229 29.96 69.58 -12.77
C MET H 229 31.46 69.46 -12.55
N ILE H 230 31.89 68.30 -12.06
CA ILE H 230 33.32 68.00 -12.03
C ILE H 230 33.91 67.95 -13.42
N ASP H 231 33.13 67.58 -14.43
CA ASP H 231 33.66 67.66 -15.79
C ASP H 231 33.85 69.12 -16.20
N ARG H 232 32.92 69.99 -15.81
CA ARG H 232 33.13 71.38 -16.12
C ARG H 232 34.24 71.99 -15.28
N ILE H 233 34.52 71.44 -14.12
CA ILE H 233 35.76 71.78 -13.43
C ILE H 233 36.94 71.40 -14.30
N GLU H 234 36.95 70.15 -14.77
CA GLU H 234 38.03 69.64 -15.59
C GLU H 234 38.27 70.54 -16.79
N TYR H 235 37.23 71.16 -17.31
CA TYR H 235 37.42 72.29 -18.20
C TYR H 235 38.08 73.46 -17.47
N ASN H 236 37.39 74.01 -16.47
CA ASN H 236 37.72 75.26 -15.79
C ASN H 236 38.76 75.09 -14.69
N VAL H 237 39.57 74.04 -14.76
CA VAL H 237 40.68 73.87 -13.82
C VAL H 237 42.03 74.13 -14.47
N GLU H 238 42.19 73.82 -15.75
CA GLU H 238 43.45 73.99 -16.47
C GLU H 238 43.31 74.84 -17.73
N HIS H 239 42.17 74.82 -18.39
CA HIS H 239 41.90 75.87 -19.37
C HIS H 239 41.91 77.23 -18.70
N ALA H 240 41.46 77.30 -17.45
CA ALA H 240 41.70 78.50 -16.66
C ALA H 240 43.18 78.77 -16.52
N VAL H 241 43.97 77.73 -16.25
CA VAL H 241 45.42 77.90 -16.22
C VAL H 241 45.94 78.20 -17.61
N ASP H 242 45.34 77.60 -18.64
CA ASP H 242 45.82 77.80 -19.99
C ASP H 242 45.63 79.23 -20.46
N TYR H 243 44.67 79.95 -19.88
CA TYR H 243 44.63 81.39 -20.09
C TYR H 243 45.58 82.12 -19.15
N VAL H 244 45.49 81.84 -17.85
CA VAL H 244 46.12 82.70 -16.85
C VAL H 244 47.64 82.59 -16.89
N GLU H 245 48.15 81.37 -16.82
CA GLU H 245 49.59 81.20 -16.76
C GLU H 245 50.23 81.65 -18.06
N ARG H 246 49.50 81.45 -19.16
CA ARG H 246 49.93 81.87 -20.48
C ARG H 246 49.90 83.39 -20.65
N ALA H 247 48.98 84.06 -19.96
CA ALA H 247 48.94 85.52 -19.98
C ALA H 247 50.07 86.09 -19.16
N VAL H 248 50.35 85.49 -18.00
CA VAL H 248 51.43 86.00 -17.16
C VAL H 248 52.78 85.60 -17.71
N SER H 249 52.81 84.68 -18.68
CA SER H 249 54.03 84.45 -19.44
C SER H 249 54.38 85.62 -20.34
N ASP H 250 53.41 86.48 -20.67
CA ASP H 250 53.67 87.70 -21.44
C ASP H 250 53.58 89.00 -20.67
N THR H 251 52.93 89.03 -19.49
CA THR H 251 52.98 90.25 -18.71
C THR H 251 54.26 90.34 -17.88
N LYS H 252 54.67 89.21 -17.33
CA LYS H 252 55.97 89.17 -16.65
C LYS H 252 57.07 89.46 -17.65
N LYS H 253 56.90 89.05 -18.90
CA LYS H 253 57.81 89.36 -19.99
C LYS H 253 57.41 90.59 -20.79
N ALA H 254 56.40 91.33 -20.34
CA ALA H 254 56.13 92.65 -20.88
C ALA H 254 57.06 93.69 -20.27
N VAL H 255 57.66 93.36 -19.12
CA VAL H 255 58.71 94.19 -18.55
C VAL H 255 59.91 94.19 -19.49
N LYS H 256 60.14 93.08 -20.18
CA LYS H 256 61.14 93.04 -21.24
C LYS H 256 60.67 93.84 -22.44
N ASN I 57 12.94 34.59 14.25
CA ASN I 57 12.65 35.15 15.56
C ASN I 57 13.76 36.07 16.07
N ARG I 58 14.76 35.49 16.75
CA ARG I 58 15.61 36.31 17.63
C ARG I 58 16.50 37.26 16.84
N ARG I 59 17.23 36.76 15.84
CA ARG I 59 18.14 37.66 15.13
C ARG I 59 17.41 38.58 14.17
N LEU I 60 16.11 38.39 13.98
CA LEU I 60 15.42 39.17 12.97
C LEU I 60 15.19 40.60 13.46
N GLN I 61 14.78 40.74 14.71
CA GLN I 61 14.52 42.05 15.28
C GLN I 61 15.82 42.73 15.70
N GLN I 62 16.80 41.97 16.16
CA GLN I 62 18.15 42.50 16.32
C GLN I 62 18.63 43.12 15.03
N THR I 63 18.43 42.40 13.92
CA THR I 63 18.84 42.93 12.64
C THR I 63 17.96 44.09 12.25
N GLN I 64 16.70 44.09 12.69
CA GLN I 64 15.81 45.20 12.38
C GLN I 64 16.31 46.48 13.02
N ALA I 65 16.68 46.40 14.29
CA ALA I 65 17.25 47.56 14.97
C ALA I 65 18.55 48.00 14.32
N GLN I 66 19.45 47.06 14.02
CA GLN I 66 20.72 47.40 13.37
C GLN I 66 20.47 48.09 12.04
N VAL I 67 19.59 47.51 11.24
CA VAL I 67 19.35 48.04 9.92
C VAL I 67 18.66 49.39 10.02
N ASP I 68 17.79 49.59 11.02
CA ASP I 68 17.15 50.88 11.14
C ASP I 68 18.12 51.94 11.63
N GLU I 69 19.16 51.53 12.37
CA GLU I 69 20.27 52.44 12.62
C GLU I 69 20.90 52.82 11.30
N VAL I 70 20.95 51.86 10.38
CA VAL I 70 21.61 52.13 9.11
C VAL I 70 20.70 52.89 8.16
N VAL I 71 19.39 52.80 8.34
CA VAL I 71 18.47 53.73 7.71
C VAL I 71 18.84 55.13 8.14
N ASP I 72 19.15 55.29 9.42
CA ASP I 72 19.52 56.60 9.90
C ASP I 72 20.93 56.99 9.50
N ILE I 73 21.81 56.04 9.21
CA ILE I 73 23.10 56.41 8.62
C ILE I 73 22.87 56.97 7.23
N MET I 74 21.94 56.36 6.49
CA MET I 74 21.58 56.96 5.22
C MET I 74 20.89 58.30 5.40
N ARG I 75 20.16 58.47 6.49
CA ARG I 75 19.59 59.78 6.72
C ARG I 75 20.67 60.79 7.04
N VAL I 76 21.77 60.35 7.64
CA VAL I 76 22.93 61.22 7.78
C VAL I 76 23.53 61.53 6.42
N ASN I 77 23.46 60.60 5.48
CA ASN I 77 23.88 60.93 4.12
C ASN I 77 22.92 61.91 3.47
N VAL I 78 21.65 61.88 3.87
CA VAL I 78 20.71 62.89 3.43
C VAL I 78 21.03 64.23 4.08
N ASP I 79 21.47 64.19 5.33
CA ASP I 79 21.96 65.41 5.97
C ASP I 79 23.19 65.95 5.25
N LYS I 80 24.00 65.07 4.70
CA LYS I 80 25.11 65.50 3.86
C LYS I 80 24.68 66.07 2.52
N VAL I 81 23.62 65.53 1.91
CA VAL I 81 23.51 65.73 0.46
C VAL I 81 23.08 67.14 0.11
N LEU I 82 22.43 67.85 1.03
CA LEU I 82 22.19 69.26 0.77
C LEU I 82 23.49 70.04 0.88
N GLU I 83 24.34 69.67 1.83
CA GLU I 83 25.64 70.28 1.94
C GLU I 83 26.55 69.87 0.80
N ARG I 84 26.25 68.74 0.18
CA ARG I 84 26.92 68.39 -1.05
C ARG I 84 26.49 69.34 -2.15
N ASP I 85 25.19 69.36 -2.43
CA ASP I 85 24.67 69.93 -3.66
C ASP I 85 24.82 71.44 -3.69
N GLN I 86 24.59 72.11 -2.56
CA GLN I 86 24.77 73.55 -2.54
C GLN I 86 26.22 73.91 -2.82
N LYS I 87 27.16 73.11 -2.33
CA LYS I 87 28.55 73.41 -2.57
C LYS I 87 28.96 73.10 -4.00
N LEU I 88 28.36 72.06 -4.58
CA LEU I 88 28.51 71.83 -6.00
C LEU I 88 27.95 72.99 -6.82
N SER I 89 26.94 73.66 -6.30
CA SER I 89 26.41 74.84 -6.96
C SER I 89 27.36 76.00 -6.87
N GLU I 90 27.80 76.34 -5.66
CA GLU I 90 28.51 77.59 -5.52
C GLU I 90 29.91 77.50 -6.11
N LEU I 91 30.49 76.30 -6.16
CA LEU I 91 31.77 76.19 -6.83
C LEU I 91 31.64 76.38 -8.33
N ASP I 92 30.50 75.99 -8.90
CA ASP I 92 30.23 76.42 -10.26
C ASP I 92 29.99 77.91 -10.31
N ASP I 93 29.39 78.46 -9.25
CA ASP I 93 29.01 79.86 -9.26
C ASP I 93 30.24 80.74 -9.17
N ARG I 94 31.37 80.16 -8.80
CA ARG I 94 32.63 80.87 -8.86
C ARG I 94 33.36 80.56 -10.15
N ALA I 95 33.35 79.30 -10.60
CA ALA I 95 34.20 78.93 -11.72
C ALA I 95 33.72 79.60 -13.01
N ASP I 96 32.41 79.70 -13.17
CA ASP I 96 31.86 80.37 -14.33
C ASP I 96 32.27 81.84 -14.35
N ALA I 97 32.27 82.49 -13.19
CA ALA I 97 32.66 83.89 -13.11
C ALA I 97 34.17 84.08 -13.18
N LEU I 98 34.92 83.07 -12.78
CA LEU I 98 36.37 83.11 -12.89
C LEU I 98 36.81 82.99 -14.34
N GLN I 99 36.00 82.37 -15.18
CA GLN I 99 36.44 82.05 -16.54
C GLN I 99 36.73 83.29 -17.37
N ALA I 100 35.90 84.33 -17.25
CA ALA I 100 36.12 85.52 -18.07
C ALA I 100 37.31 86.34 -17.57
N GLY I 101 37.44 86.48 -16.24
CA GLY I 101 38.59 87.18 -15.72
C GLY I 101 39.88 86.45 -16.02
N ALA I 102 39.83 85.13 -16.12
CA ALA I 102 40.98 84.37 -16.57
C ALA I 102 41.21 84.57 -18.06
N SER I 103 40.14 84.65 -18.83
CA SER I 103 40.24 84.66 -20.28
C SER I 103 40.82 85.97 -20.80
N GLN I 104 40.31 87.07 -20.31
CA GLN I 104 40.59 88.35 -20.96
C GLN I 104 41.94 88.94 -20.59
N PHE I 105 42.64 88.34 -19.63
CA PHE I 105 43.86 88.98 -19.17
C PHE I 105 45.01 88.81 -20.16
N GLU I 106 45.03 87.74 -20.95
CA GLU I 106 46.05 87.66 -21.99
C GLU I 106 45.78 88.69 -23.08
N THR I 107 44.51 88.98 -23.34
CA THR I 107 44.19 90.01 -24.32
C THR I 107 44.63 91.36 -23.80
N SER I 108 44.38 91.63 -22.52
CA SER I 108 44.90 92.87 -21.94
C SER I 108 46.41 92.90 -21.98
N ALA I 109 47.05 91.74 -21.82
CA ALA I 109 48.51 91.70 -21.90
C ALA I 109 48.99 92.07 -23.29
N ALA I 110 48.26 91.63 -24.30
CA ALA I 110 48.61 92.00 -25.67
C ALA I 110 48.43 93.50 -25.88
N LYS I 111 47.33 94.05 -25.35
CA LYS I 111 47.11 95.48 -25.41
C LYS I 111 48.23 96.27 -24.75
N LEU I 112 48.74 95.75 -23.64
CA LEU I 112 49.84 96.38 -22.92
C LEU I 112 51.17 96.34 -23.65
N LYS I 113 51.62 95.15 -24.04
CA LYS I 113 53.05 95.00 -24.35
C LYS I 113 53.41 95.43 -25.77
N ARG I 114 52.47 95.90 -26.58
CA ARG I 114 52.87 96.42 -27.89
C ARG I 114 53.61 97.74 -27.81
N LYS I 115 53.62 98.42 -26.67
CA LYS I 115 54.05 99.81 -26.58
C LYS I 115 55.42 100.00 -25.95
N TYR I 116 55.75 99.26 -24.89
CA TYR I 116 56.85 99.61 -24.00
C TYR I 116 58.08 98.74 -24.27
N TRP I 117 58.37 98.50 -25.54
CA TRP I 117 59.51 97.67 -25.88
C TRP I 117 60.80 98.42 -25.57
N ALA J 26 29.51 87.66 -40.33
CA ALA J 26 28.63 86.88 -41.18
C ALA J 26 29.39 86.34 -42.40
N GLU J 27 30.33 87.14 -42.90
CA GLU J 27 30.93 86.86 -44.19
C GLU J 27 31.81 85.61 -44.09
N ALA J 28 31.34 84.53 -44.69
CA ALA J 28 32.12 83.30 -44.81
C ALA J 28 33.29 83.42 -45.78
N MET J 29 33.34 84.48 -46.61
CA MET J 29 34.33 84.60 -47.67
C MET J 29 35.02 85.95 -47.78
N ALA J 30 34.34 87.02 -47.38
CA ALA J 30 34.87 88.35 -47.64
C ALA J 30 35.92 88.75 -46.62
N LEU J 31 35.78 88.27 -45.39
CA LEU J 31 36.83 88.43 -44.40
C LEU J 31 38.10 87.76 -44.88
N LEU J 32 37.94 86.59 -45.48
CA LEU J 32 39.07 85.88 -46.09
C LEU J 32 39.64 86.71 -47.23
N ALA J 33 38.80 87.14 -48.16
CA ALA J 33 39.31 87.76 -49.38
C ALA J 33 40.03 89.06 -49.07
N GLU J 34 39.50 89.81 -48.10
CA GLU J 34 40.16 91.03 -47.65
C GLU J 34 41.36 90.79 -46.74
N ALA J 35 41.54 89.57 -46.20
CA ALA J 35 42.76 89.28 -45.44
C ALA J 35 43.84 88.55 -46.23
N GLU J 36 43.48 87.83 -47.28
CA GLU J 36 44.48 87.15 -48.12
C GLU J 36 45.28 88.13 -48.96
N ARG J 37 44.66 89.21 -49.44
CA ARG J 37 45.37 90.31 -50.09
C ARG J 37 46.13 91.18 -49.11
N LYS J 38 46.01 90.91 -47.81
CA LYS J 38 46.57 91.72 -46.74
C LYS J 38 47.70 90.99 -46.02
N VAL J 39 47.92 89.71 -46.33
CA VAL J 39 49.01 88.91 -45.81
C VAL J 39 50.10 88.84 -46.88
N LYS J 40 51.18 89.57 -46.67
CA LYS J 40 52.32 89.56 -47.57
C LYS J 40 53.50 90.21 -46.86
N ASN J 41 54.70 89.69 -47.13
CA ASN J 41 55.92 90.25 -46.58
C ASN J 41 56.37 91.46 -47.38
N SER J 42 56.94 92.44 -46.68
CA SER J 42 57.15 93.77 -47.22
C SER J 42 58.64 93.96 -47.41
N GLN J 43 59.10 93.77 -48.65
CA GLN J 43 60.34 94.32 -49.16
C GLN J 43 60.00 95.11 -50.42
N SER J 44 59.45 96.29 -50.22
CA SER J 44 58.91 97.08 -51.33
C SER J 44 58.52 98.45 -50.78
N PHE J 45 57.74 99.19 -51.57
CA PHE J 45 57.16 100.45 -51.15
C PHE J 45 56.18 100.24 -49.99
N PHE J 46 55.65 99.01 -49.84
CA PHE J 46 54.76 98.64 -48.74
C PHE J 46 55.47 98.51 -47.40
N SER J 47 56.81 98.49 -47.39
CA SER J 47 57.54 98.32 -46.13
C SER J 47 57.43 99.56 -45.25
N GLY J 48 58.07 100.65 -45.66
CA GLY J 48 57.95 101.89 -44.90
C GLY J 48 58.69 101.80 -43.59
N LEU J 49 57.98 102.09 -42.50
CA LEU J 49 58.59 102.25 -41.19
C LEU J 49 58.54 100.97 -40.36
N PHE J 50 57.34 100.47 -40.08
CA PHE J 50 57.16 99.31 -39.21
C PHE J 50 56.47 98.19 -39.98
N GLY J 51 56.37 97.04 -39.31
CA GLY J 51 55.93 95.82 -39.95
C GLY J 51 54.43 95.81 -40.22
N GLY J 52 53.99 94.74 -40.86
CA GLY J 52 52.59 94.50 -41.11
C GLY J 52 52.01 93.59 -40.05
N SER J 53 52.64 93.56 -38.86
CA SER J 53 52.12 92.75 -37.78
C SER J 53 50.81 93.29 -37.21
N SER J 54 50.45 94.52 -37.52
CA SER J 54 49.11 95.00 -37.21
C SER J 54 48.11 94.38 -38.16
N LYS J 55 48.55 94.09 -39.38
CA LYS J 55 47.64 93.64 -40.40
C LYS J 55 47.33 92.18 -40.17
N ILE J 56 48.35 91.37 -39.92
CA ILE J 56 48.11 89.95 -39.66
C ILE J 56 47.53 89.76 -38.27
N GLU J 57 47.72 90.71 -37.35
CA GLU J 57 47.01 90.62 -36.08
C GLU J 57 45.51 90.81 -36.29
N GLU J 58 45.12 91.85 -37.04
CA GLU J 58 43.73 92.03 -37.40
C GLU J 58 43.21 90.82 -38.17
N ALA J 59 44.01 90.31 -39.11
CA ALA J 59 43.56 89.19 -39.92
C ALA J 59 43.33 87.95 -39.09
N CYS J 60 44.22 87.64 -38.15
CA CYS J 60 44.08 86.42 -37.37
C CYS J 60 42.97 86.53 -36.35
N GLU J 61 42.71 87.73 -35.83
CA GLU J 61 41.53 87.90 -34.99
C GLU J 61 40.26 87.65 -35.81
N ILE J 62 40.25 88.15 -37.05
CA ILE J 62 39.11 87.93 -37.93
C ILE J 62 39.01 86.47 -38.38
N TYR J 63 40.13 85.80 -38.64
CA TYR J 63 40.05 84.36 -38.91
C TYR J 63 39.50 83.61 -37.71
N ALA J 64 39.79 84.06 -36.50
CA ALA J 64 39.22 83.41 -35.32
C ALA J 64 37.71 83.58 -35.32
N ARG J 65 37.26 84.81 -35.61
CA ARG J 65 35.83 85.06 -35.69
C ARG J 65 35.20 84.27 -36.83
N ALA J 66 35.95 84.10 -37.92
CA ALA J 66 35.43 83.38 -39.08
C ALA J 66 35.28 81.89 -38.80
N ALA J 67 36.26 81.31 -38.12
CA ALA J 67 36.13 79.92 -37.74
C ALA J 67 35.04 79.75 -36.70
N ASN J 68 34.76 80.81 -35.95
CA ASN J 68 33.61 80.79 -35.09
C ASN J 68 32.33 80.79 -35.90
N MET J 69 32.25 81.58 -36.97
CA MET J 69 30.94 81.67 -37.62
C MET J 69 30.68 80.42 -38.41
N PHE J 70 31.73 79.73 -38.86
CA PHE J 70 31.49 78.43 -39.50
C PHE J 70 31.09 77.38 -38.48
N LYS J 71 31.68 77.40 -37.29
CA LYS J 71 31.29 76.40 -36.31
C LYS J 71 29.89 76.67 -35.78
N MET J 72 29.56 77.95 -35.60
CA MET J 72 28.19 78.35 -35.32
C MET J 72 27.23 77.90 -36.41
N ALA J 73 27.69 77.95 -37.66
CA ALA J 73 26.90 77.47 -38.79
C ALA J 73 27.09 75.98 -39.02
N LYS J 74 27.56 75.24 -38.02
CA LYS J 74 27.51 73.77 -38.01
C LYS J 74 28.36 73.18 -39.13
N ASN J 75 29.53 73.78 -39.36
CA ASN J 75 30.34 73.47 -40.52
C ASN J 75 31.67 72.89 -40.07
N TRP J 76 31.65 71.93 -39.14
CA TRP J 76 32.81 71.62 -38.33
C TRP J 76 34.01 71.15 -39.15
N SER J 77 33.80 70.72 -40.39
CA SER J 77 34.92 70.53 -41.30
C SER J 77 35.46 71.86 -41.81
N ALA J 78 34.59 72.66 -42.41
CA ALA J 78 35.01 73.97 -42.89
C ALA J 78 35.43 74.86 -41.72
N ALA J 79 34.69 74.78 -40.62
CA ALA J 79 35.12 75.51 -39.43
C ALA J 79 36.45 75.00 -38.92
N GLY J 80 36.66 73.68 -38.95
CA GLY J 80 37.90 73.14 -38.41
C GLY J 80 39.09 73.53 -39.26
N ASN J 81 38.90 73.57 -40.58
CA ASN J 81 39.94 74.08 -41.43
C ASN J 81 40.10 75.59 -41.27
N ALA J 82 39.01 76.30 -40.93
CA ALA J 82 39.15 77.72 -40.65
C ALA J 82 39.96 77.96 -39.41
N PHE J 83 39.82 77.05 -38.44
CA PHE J 83 40.71 77.05 -37.32
C PHE J 83 42.11 76.68 -37.76
N CYS J 84 42.24 75.79 -38.75
CA CYS J 84 43.60 75.42 -39.14
C CYS J 84 44.38 76.58 -39.74
N GLN J 85 43.78 77.39 -40.64
CA GLN J 85 44.56 78.54 -41.11
C GLN J 85 44.76 79.55 -39.98
N ALA J 86 43.71 79.87 -39.21
CA ALA J 86 43.90 80.79 -38.10
C ALA J 86 44.97 80.29 -37.14
N ALA J 87 44.99 78.99 -36.89
CA ALA J 87 45.86 78.39 -35.90
C ALA J 87 47.30 78.35 -36.36
N GLN J 88 47.52 78.25 -37.67
CA GLN J 88 48.87 78.20 -38.22
C GLN J 88 49.40 79.57 -38.55
N LEU J 89 48.52 80.48 -38.98
CA LEU J 89 48.93 81.83 -39.32
C LEU J 89 49.14 82.70 -38.10
N HIS J 90 48.65 82.29 -36.94
CA HIS J 90 48.80 83.12 -35.76
C HIS J 90 50.23 83.03 -35.24
N LEU J 91 50.94 81.95 -35.56
CA LEU J 91 52.33 81.83 -35.17
C LEU J 91 53.23 82.77 -35.97
N GLN J 92 52.72 83.32 -37.08
CA GLN J 92 53.60 84.01 -38.01
C GLN J 92 53.97 85.41 -37.55
N LEU J 93 53.18 86.03 -36.67
CA LEU J 93 53.58 87.33 -36.17
C LEU J 93 54.66 87.10 -35.12
N GLN J 94 54.25 86.75 -33.91
CA GLN J 94 54.93 85.79 -33.03
C GLN J 94 53.92 85.50 -31.94
N SER J 95 53.18 84.40 -32.05
CA SER J 95 52.22 84.07 -30.99
C SER J 95 52.10 82.56 -30.91
N LYS J 96 52.95 81.97 -30.10
CA LYS J 96 52.88 80.57 -29.74
C LYS J 96 51.95 80.32 -28.58
N HIS J 97 51.46 81.39 -27.95
CA HIS J 97 50.64 81.24 -26.76
C HIS J 97 49.29 80.65 -27.14
N ASP J 98 48.52 81.40 -27.93
CA ASP J 98 47.16 81.04 -28.26
C ASP J 98 47.07 80.31 -29.59
N ALA J 99 48.19 80.18 -30.31
CA ALA J 99 48.21 79.25 -31.43
C ALA J 99 48.10 77.81 -30.96
N ALA J 100 48.54 77.52 -29.74
CA ALA J 100 48.24 76.22 -29.15
C ALA J 100 46.76 76.06 -28.87
N THR J 101 46.09 77.14 -28.47
CA THR J 101 44.65 77.09 -28.25
C THR J 101 43.90 76.94 -29.57
N CYS J 102 44.39 77.62 -30.60
CA CYS J 102 43.82 77.47 -31.93
C CYS J 102 44.07 76.09 -32.52
N PHE J 103 45.17 75.44 -32.13
CA PHE J 103 45.41 74.04 -32.47
C PHE J 103 44.42 73.12 -31.78
N VAL J 104 44.16 73.37 -30.50
CA VAL J 104 43.16 72.57 -29.81
C VAL J 104 41.77 72.81 -30.39
N ASP J 105 41.49 74.04 -30.83
CA ASP J 105 40.20 74.30 -31.45
C ASP J 105 40.08 73.64 -32.80
N ALA J 106 41.19 73.63 -33.55
CA ALA J 106 41.25 72.93 -34.82
C ALA J 106 41.10 71.43 -34.61
N GLY J 107 41.55 70.93 -33.47
CA GLY J 107 41.42 69.54 -33.16
C GLY J 107 40.01 69.25 -32.73
N ASN J 108 39.41 70.17 -31.97
CA ASN J 108 38.07 69.93 -31.45
C ASN J 108 37.06 69.90 -32.57
N ALA J 109 37.36 70.57 -33.68
CA ALA J 109 36.39 70.64 -34.76
C ALA J 109 36.23 69.28 -35.45
N PHE J 110 37.34 68.70 -35.92
CA PHE J 110 37.32 67.36 -36.48
C PHE J 110 37.20 66.27 -35.44
N LYS J 111 37.39 66.60 -34.16
CA LYS J 111 37.02 65.70 -33.08
C LYS J 111 35.50 65.62 -32.95
N LYS J 112 34.83 66.76 -33.07
CA LYS J 112 33.37 66.77 -33.17
C LYS J 112 32.90 66.31 -34.53
N ALA J 113 33.56 66.72 -35.60
CA ALA J 113 33.12 66.26 -36.89
C ALA J 113 33.57 64.82 -37.03
N ASP J 114 33.34 64.27 -38.17
CA ASP J 114 33.47 62.83 -38.30
C ASP J 114 34.94 62.42 -38.43
N PRO J 115 35.73 62.96 -39.38
CA PRO J 115 37.00 62.30 -39.69
C PRO J 115 38.14 62.61 -38.72
N GLN J 116 39.33 62.17 -39.11
CA GLN J 116 40.60 62.38 -38.44
C GLN J 116 41.10 63.78 -38.75
N GLU J 117 42.41 64.02 -38.62
CA GLU J 117 43.13 65.25 -38.89
C GLU J 117 43.00 66.24 -37.75
N ALA J 118 42.10 66.02 -36.80
CA ALA J 118 42.30 66.58 -35.47
C ALA J 118 43.55 65.99 -34.83
N ILE J 119 43.93 64.76 -35.21
CA ILE J 119 45.14 64.13 -34.71
C ILE J 119 46.36 64.97 -35.02
N ASN J 120 46.32 65.71 -36.12
CA ASN J 120 47.45 66.54 -36.46
C ASN J 120 47.35 67.87 -35.80
N CYS J 121 46.13 68.35 -35.55
CA CYS J 121 45.99 69.57 -34.80
C CYS J 121 46.53 69.40 -33.40
N LEU J 122 46.27 68.25 -32.77
CA LEU J 122 46.77 68.03 -31.41
C LEU J 122 48.22 67.58 -31.36
N MET J 123 48.75 66.95 -32.40
CA MET J 123 50.19 66.70 -32.43
C MET J 123 50.99 67.95 -32.75
N ARG J 124 50.44 68.90 -33.51
CA ARG J 124 51.06 70.22 -33.58
C ARG J 124 50.94 70.95 -32.26
N ALA J 125 49.84 70.73 -31.54
CA ALA J 125 49.62 71.41 -30.26
C ALA J 125 50.64 70.99 -29.22
N ILE J 126 50.71 69.69 -28.95
CA ILE J 126 51.36 69.18 -27.75
C ILE J 126 52.86 69.42 -27.78
N GLU J 127 53.47 69.29 -28.96
CA GLU J 127 54.90 69.54 -29.05
C GLU J 127 55.23 70.99 -28.77
N ILE J 128 54.45 71.91 -29.34
CA ILE J 128 54.66 73.33 -29.09
C ILE J 128 54.37 73.68 -27.63
N TYR J 129 53.39 73.02 -27.03
CA TYR J 129 53.13 73.30 -25.62
C TYR J 129 54.29 72.88 -24.74
N THR J 130 54.88 71.73 -25.02
CA THR J 130 56.04 71.31 -24.24
C THR J 130 57.26 72.16 -24.59
N ASP J 131 57.32 72.68 -25.82
CA ASP J 131 58.38 73.58 -26.22
C ASP J 131 58.29 74.93 -25.53
N MET J 132 57.14 75.28 -24.96
CA MET J 132 57.08 76.47 -24.13
C MET J 132 57.93 76.32 -22.87
N GLY J 133 58.12 75.08 -22.38
CA GLY J 133 58.74 74.85 -21.09
C GLY J 133 57.75 74.31 -20.10
N ARG J 134 56.89 73.40 -20.58
CA ARG J 134 55.67 73.05 -19.89
C ARG J 134 55.47 71.53 -19.99
N PHE J 135 54.59 71.02 -19.17
CA PHE J 135 54.37 69.58 -19.01
C PHE J 135 52.92 69.15 -19.09
N THR J 136 52.00 69.91 -18.52
CA THR J 136 50.71 69.34 -18.14
C THR J 136 49.79 69.17 -19.34
N ILE J 137 49.54 70.26 -20.07
CA ILE J 137 48.53 70.23 -21.10
C ILE J 137 49.00 69.41 -22.28
N ALA J 138 50.32 69.26 -22.39
CA ALA J 138 50.87 68.30 -23.31
C ALA J 138 50.27 66.94 -23.07
N ALA J 139 50.28 66.52 -21.80
CA ALA J 139 49.65 65.26 -21.43
C ALA J 139 48.14 65.32 -21.52
N LYS J 140 47.54 66.48 -21.24
CA LYS J 140 46.08 66.55 -21.18
C LYS J 140 45.44 66.50 -22.56
N HIS J 141 46.21 66.75 -23.61
CA HIS J 141 45.75 66.45 -24.97
C HIS J 141 46.44 65.26 -25.58
N HIS J 142 47.52 64.78 -24.98
CA HIS J 142 48.08 63.51 -25.42
C HIS J 142 47.09 62.41 -25.07
N ILE J 143 46.39 62.56 -23.94
CA ILE J 143 45.27 61.69 -23.64
C ILE J 143 44.12 61.89 -24.61
N SER J 144 43.97 63.09 -25.17
CA SER J 144 42.88 63.28 -26.11
C SER J 144 43.16 62.51 -27.39
N ILE J 145 44.40 62.59 -27.87
CA ILE J 145 44.82 61.78 -29.01
C ILE J 145 44.67 60.30 -28.67
N ALA J 146 45.01 59.93 -27.43
CA ALA J 146 44.90 58.55 -27.01
C ALA J 146 43.44 58.08 -27.01
N GLU J 147 42.52 58.94 -26.60
CA GLU J 147 41.11 58.61 -26.63
C GLU J 147 40.62 58.44 -28.05
N ILE J 148 41.11 59.26 -28.96
CA ILE J 148 40.73 59.12 -30.35
C ILE J 148 41.28 57.82 -30.92
N TYR J 149 42.57 57.55 -30.69
CA TYR J 149 43.25 56.35 -31.15
C TYR J 149 42.92 55.10 -30.32
N GLU J 150 42.01 55.21 -29.36
CA GLU J 150 41.41 54.05 -28.73
C GLU J 150 39.98 53.86 -29.18
N THR J 151 39.16 54.89 -29.07
CA THR J 151 37.74 54.80 -29.37
C THR J 151 37.44 54.95 -30.86
N GLU J 152 38.12 55.87 -31.54
CA GLU J 152 37.71 56.32 -32.87
C GLU J 152 38.63 55.94 -34.01
N LEU J 153 39.92 56.27 -33.90
CA LEU J 153 40.84 56.17 -35.02
C LEU J 153 41.80 55.07 -34.61
N VAL J 154 41.18 53.95 -34.28
CA VAL J 154 41.66 52.97 -33.31
C VAL J 154 43.08 52.52 -33.63
N ASP J 155 44.00 52.90 -32.76
CA ASP J 155 45.43 52.67 -32.90
C ASP J 155 45.97 52.36 -31.52
N VAL J 156 45.29 51.43 -30.85
CA VAL J 156 45.51 51.15 -29.42
C VAL J 156 46.94 50.80 -29.11
N GLU J 157 47.68 50.27 -30.07
CA GLU J 157 49.08 50.01 -29.83
C GLU J 157 49.89 51.29 -29.79
N LYS J 158 49.34 52.38 -30.33
CA LYS J 158 49.87 53.72 -30.18
C LYS J 158 49.15 54.54 -29.12
N ALA J 159 47.85 54.37 -28.97
CA ALA J 159 47.13 55.11 -27.93
C ALA J 159 47.57 54.68 -26.55
N ILE J 160 47.85 53.39 -26.38
CA ILE J 160 48.33 52.90 -25.09
C ILE J 160 49.72 53.41 -24.82
N ALA J 161 50.52 53.62 -25.86
CA ALA J 161 51.78 54.33 -25.67
C ALA J 161 51.54 55.78 -25.32
N HIS J 162 50.46 56.36 -25.83
CA HIS J 162 50.16 57.74 -25.49
C HIS J 162 49.75 57.85 -24.04
N TYR J 163 48.89 56.95 -23.58
CA TYR J 163 48.60 56.83 -22.16
C TYR J 163 49.86 56.59 -21.35
N GLU J 164 50.80 55.84 -21.91
CA GLU J 164 51.98 55.46 -21.13
C GLU J 164 52.92 56.64 -20.91
N GLN J 165 53.32 57.30 -22.00
CA GLN J 165 54.16 58.49 -21.88
C GLN J 165 53.41 59.63 -21.20
N SER J 166 52.13 59.76 -21.46
CA SER J 166 51.38 60.83 -20.83
C SER J 166 51.29 60.60 -19.33
N ALA J 167 51.07 59.34 -18.92
CA ALA J 167 51.09 58.99 -17.51
C ALA J 167 52.48 59.08 -16.92
N ASP J 168 53.51 59.03 -17.77
CA ASP J 168 54.85 59.32 -17.29
C ASP J 168 54.98 60.80 -16.93
N TYR J 169 54.42 61.66 -17.78
CA TYR J 169 54.36 63.08 -17.41
C TYR J 169 53.49 63.31 -16.18
N TYR J 170 52.33 62.66 -16.09
CA TYR J 170 51.45 62.91 -14.94
C TYR J 170 52.07 62.36 -13.66
N LYS J 171 52.89 61.33 -13.80
CA LYS J 171 53.61 60.78 -12.65
C LYS J 171 54.65 61.77 -12.17
N GLY J 172 55.40 62.37 -13.10
CA GLY J 172 56.44 63.31 -12.77
C GLY J 172 55.94 64.68 -12.34
N GLU J 173 54.62 64.83 -12.18
CA GLU J 173 54.01 66.05 -11.66
C GLU J 173 53.13 65.78 -10.44
N GLU J 174 53.06 64.53 -9.97
CA GLU J 174 52.27 64.15 -8.80
C GLU J 174 50.80 64.55 -9.00
N SER J 175 50.36 64.47 -10.26
CA SER J 175 48.94 64.48 -10.61
C SER J 175 48.52 63.01 -10.65
N ASN J 176 48.36 62.46 -9.44
CA ASN J 176 48.29 61.04 -9.26
C ASN J 176 47.04 60.46 -9.90
N SER J 177 46.05 61.31 -10.15
CA SER J 177 44.80 60.95 -10.79
C SER J 177 45.01 60.26 -12.12
N SER J 178 45.51 61.02 -13.09
CA SER J 178 45.79 60.45 -14.40
C SER J 178 46.95 59.48 -14.34
N ALA J 179 47.84 59.64 -13.36
CA ALA J 179 48.94 58.71 -13.22
C ALA J 179 48.42 57.30 -12.97
N ASN J 180 47.44 57.16 -12.09
CA ASN J 180 46.83 55.84 -11.93
C ASN J 180 45.92 55.52 -13.10
N LYS J 181 45.22 56.53 -13.64
CA LYS J 181 44.14 56.26 -14.56
C LYS J 181 44.64 55.73 -15.89
N CYS J 182 45.56 56.47 -16.50
CA CYS J 182 46.00 56.08 -17.83
C CYS J 182 46.76 54.77 -17.78
N LEU J 183 47.39 54.47 -16.65
CA LEU J 183 47.94 53.13 -16.43
C LEU J 183 46.85 52.07 -16.40
N LEU J 184 45.73 52.36 -15.75
CA LEU J 184 44.63 51.41 -15.77
C LEU J 184 44.13 51.19 -17.20
N LYS J 185 44.08 52.26 -17.99
CA LYS J 185 43.73 52.12 -19.40
C LYS J 185 44.76 51.30 -20.16
N VAL J 186 46.04 51.41 -19.80
CA VAL J 186 47.04 50.53 -20.41
C VAL J 186 46.71 49.09 -20.09
N ALA J 187 46.67 48.78 -18.80
CA ALA J 187 46.64 47.39 -18.36
C ALA J 187 45.34 46.66 -18.66
N GLY J 188 44.20 47.36 -18.63
CA GLY J 188 42.93 46.66 -18.78
C GLY J 188 42.74 46.06 -20.16
N TYR J 189 43.23 46.75 -21.19
CA TYR J 189 43.26 46.19 -22.53
C TYR J 189 44.53 45.41 -22.83
N ALA J 190 45.67 45.84 -22.27
CA ALA J 190 46.95 45.21 -22.54
C ALA J 190 46.99 43.77 -22.05
N ALA J 191 46.44 43.52 -20.85
CA ALA J 191 46.48 42.18 -20.28
C ALA J 191 45.75 41.20 -21.16
N GLN J 192 44.52 41.52 -21.52
CA GLN J 192 43.75 40.62 -22.34
C GLN J 192 44.39 40.45 -23.71
N LEU J 193 44.75 41.55 -24.35
CA LEU J 193 45.34 41.43 -25.68
C LEU J 193 46.76 40.85 -25.70
N GLU J 194 47.71 41.43 -24.94
CA GLU J 194 49.08 40.93 -25.06
C GLU J 194 50.11 40.99 -23.93
N GLN J 195 50.02 41.91 -22.98
CA GLN J 195 51.10 42.14 -22.04
C GLN J 195 50.66 41.60 -20.69
N TYR J 196 51.47 40.71 -20.14
CA TYR J 196 51.04 39.99 -18.96
C TYR J 196 51.67 40.44 -17.65
N GLN J 197 53.00 40.58 -17.60
CA GLN J 197 53.62 41.04 -16.36
C GLN J 197 53.34 42.50 -16.08
N LYS J 198 53.11 43.28 -17.13
CA LYS J 198 52.61 44.63 -16.94
C LYS J 198 51.28 44.65 -16.20
N ALA J 199 50.45 43.62 -16.35
CA ALA J 199 49.16 43.65 -15.67
C ALA J 199 49.32 43.71 -14.16
N ILE J 200 49.99 42.73 -13.58
CA ILE J 200 50.17 42.78 -12.13
C ILE J 200 51.14 43.87 -11.71
N ASP J 201 52.10 44.23 -12.56
CA ASP J 201 53.00 45.29 -12.14
C ASP J 201 52.29 46.63 -12.05
N ILE J 202 51.39 46.89 -13.00
CA ILE J 202 50.58 48.10 -12.95
C ILE J 202 49.58 48.04 -11.81
N TYR J 203 48.88 46.91 -11.64
CA TYR J 203 47.85 46.92 -10.61
C TYR J 203 48.43 46.81 -9.21
N GLU J 204 49.72 46.50 -9.09
CA GLU J 204 50.41 46.57 -7.80
C GLU J 204 51.02 47.94 -7.57
N GLN J 205 51.48 48.60 -8.64
CA GLN J 205 51.97 49.96 -8.47
C GLN J 205 50.84 50.87 -8.05
N VAL J 206 49.66 50.69 -8.62
CA VAL J 206 48.51 51.43 -8.12
C VAL J 206 48.10 50.91 -6.75
N GLY J 207 48.28 49.61 -6.48
CA GLY J 207 47.71 49.06 -5.27
C GLY J 207 48.43 49.43 -4.00
N THR J 208 49.75 49.57 -4.06
CA THR J 208 50.49 49.95 -2.85
C THR J 208 50.13 51.35 -2.39
N SER J 209 50.33 52.34 -3.25
CA SER J 209 49.94 53.69 -2.91
C SER J 209 48.43 53.85 -2.79
N ALA J 210 47.66 52.89 -3.29
CA ALA J 210 46.24 52.85 -2.96
C ALA J 210 46.02 52.47 -1.51
N MET J 211 46.73 51.43 -1.04
CA MET J 211 46.66 51.10 0.37
C MET J 211 47.20 52.22 1.24
N ASP J 212 48.07 53.07 0.70
CA ASP J 212 48.67 54.13 1.50
C ASP J 212 47.62 55.11 1.97
N SER J 213 46.99 55.80 1.04
CA SER J 213 46.20 56.97 1.39
C SER J 213 44.90 56.54 2.07
N PRO J 214 44.40 57.34 3.04
CA PRO J 214 43.10 57.02 3.63
C PRO J 214 41.95 57.29 2.69
N LEU J 215 42.22 57.90 1.53
CA LEU J 215 41.24 58.12 0.49
C LEU J 215 41.19 56.97 -0.50
N LEU J 216 42.32 56.30 -0.71
CA LEU J 216 42.51 55.41 -1.82
C LEU J 216 42.36 53.92 -1.51
N LYS J 217 42.42 53.51 -0.25
CA LYS J 217 42.63 52.08 0.00
C LYS J 217 41.39 51.24 -0.19
N TYR J 218 40.26 51.85 -0.53
CA TYR J 218 39.06 51.11 -0.89
C TYR J 218 38.94 50.91 -2.38
N SER J 219 39.57 51.77 -3.18
CA SER J 219 39.68 51.50 -4.60
C SER J 219 40.64 50.36 -4.89
N ALA J 220 41.49 50.02 -3.91
CA ALA J 220 42.47 48.97 -4.12
C ALA J 220 41.82 47.60 -4.24
N LYS J 221 40.57 47.46 -3.81
CA LYS J 221 39.93 46.16 -3.81
C LYS J 221 39.75 45.63 -5.22
N ASP J 222 39.16 46.44 -6.09
CA ASP J 222 39.08 46.04 -7.47
C ASP J 222 40.41 46.13 -8.19
N TYR J 223 41.36 46.90 -7.67
CA TYR J 223 42.66 46.96 -8.34
C TYR J 223 43.40 45.65 -8.17
N PHE J 224 43.39 45.09 -6.97
CA PHE J 224 43.94 43.77 -6.77
C PHE J 224 43.04 42.66 -7.28
N PHE J 225 41.76 42.94 -7.49
CA PHE J 225 40.94 42.02 -8.27
C PHE J 225 41.45 41.93 -9.70
N LYS J 226 41.78 43.08 -10.30
CA LYS J 226 42.31 43.10 -11.64
C LYS J 226 43.70 42.51 -11.71
N ALA J 227 44.48 42.67 -10.65
CA ALA J 227 45.79 42.02 -10.60
C ALA J 227 45.64 40.51 -10.48
N ALA J 228 44.64 40.07 -9.74
CA ALA J 228 44.49 38.65 -9.48
C ALA J 228 43.90 37.92 -10.67
N LEU J 229 42.79 38.41 -11.20
CA LEU J 229 42.02 37.62 -12.14
C LEU J 229 42.64 37.60 -13.52
N CYS J 230 43.59 38.49 -13.79
CA CYS J 230 44.46 38.27 -14.92
C CYS J 230 45.29 37.02 -14.62
N HIS J 231 45.11 35.98 -15.42
CA HIS J 231 45.95 34.81 -15.36
C HIS J 231 46.68 34.72 -16.69
N PHE J 232 47.94 34.31 -16.64
CA PHE J 232 48.91 34.77 -17.61
C PHE J 232 49.42 33.52 -18.27
N CYS J 233 48.48 32.65 -18.62
CA CYS J 233 48.71 31.21 -18.64
C CYS J 233 49.35 30.81 -17.31
N ILE J 234 48.60 31.02 -16.24
CA ILE J 234 48.97 30.55 -14.91
C ILE J 234 47.76 29.79 -14.38
N ASP J 235 48.01 28.58 -13.89
CA ASP J 235 47.00 27.70 -13.32
C ASP J 235 46.89 27.88 -11.82
N MET J 236 47.83 28.59 -11.23
CA MET J 236 48.15 28.61 -9.82
C MET J 236 47.25 29.53 -9.01
N LEU J 237 47.60 29.58 -7.73
CA LEU J 237 47.07 30.47 -6.71
C LEU J 237 47.85 31.76 -6.56
N ASN J 238 48.40 32.29 -7.66
CA ASN J 238 49.14 33.55 -7.60
C ASN J 238 48.24 34.66 -7.08
N ALA J 239 46.96 34.57 -7.37
CA ALA J 239 46.00 35.43 -6.70
C ALA J 239 46.00 35.18 -5.21
N LYS J 240 46.14 33.93 -4.79
CA LYS J 240 46.23 33.69 -3.35
C LYS J 240 47.55 34.15 -2.78
N LEU J 241 48.60 34.18 -3.60
CA LEU J 241 49.80 34.88 -3.18
C LEU J 241 49.51 36.34 -2.91
N ALA J 242 48.63 36.95 -3.71
CA ALA J 242 48.20 38.30 -3.36
C ALA J 242 47.31 38.31 -2.12
N VAL J 243 46.55 37.24 -1.89
CA VAL J 243 45.70 37.17 -0.68
C VAL J 243 46.56 37.19 0.58
N GLN J 244 47.48 36.23 0.70
CA GLN J 244 48.37 36.25 1.85
C GLN J 244 49.45 37.33 1.74
N LYS J 245 49.45 38.11 0.66
CA LYS J 245 50.13 39.39 0.66
C LYS J 245 49.23 40.49 1.20
N TYR J 246 48.11 40.73 0.52
CA TYR J 246 47.36 41.96 0.67
C TYR J 246 46.72 42.12 2.03
N GLU J 247 46.61 43.38 2.43
CA GLU J 247 45.83 43.83 3.57
C GLU J 247 44.35 43.76 3.23
N GLU J 248 43.83 42.55 3.13
CA GLU J 248 42.42 42.38 2.82
C GLU J 248 41.56 42.75 4.02
N LEU J 249 41.91 42.22 5.18
CA LEU J 249 41.00 42.18 6.31
C LEU J 249 39.70 41.52 5.86
N PHE J 250 39.84 40.24 5.54
CA PHE J 250 38.82 39.39 4.97
C PHE J 250 37.49 39.33 5.73
N PRO J 251 37.39 39.75 7.02
CA PRO J 251 36.05 40.10 7.53
C PRO J 251 35.42 41.30 6.82
N ALA J 252 36.15 41.96 5.93
CA ALA J 252 35.55 42.80 4.89
C ALA J 252 35.18 41.88 3.72
N PHE J 253 33.89 41.63 3.55
CA PHE J 253 33.39 40.61 2.64
C PHE J 253 33.39 41.07 1.19
N SER J 254 33.58 42.36 0.91
CA SER J 254 33.62 42.79 -0.48
C SER J 254 34.84 42.25 -1.20
N ASP J 255 35.90 41.92 -0.46
CA ASP J 255 37.03 41.19 -1.03
C ASP J 255 36.78 39.70 -1.12
N SER J 256 35.68 39.18 -0.56
CA SER J 256 35.29 37.81 -0.84
C SER J 256 34.70 37.67 -2.23
N ARG J 257 34.13 38.75 -2.76
CA ARG J 257 33.82 38.82 -4.18
C ARG J 257 35.05 39.10 -5.04
N GLU J 258 36.22 39.21 -4.41
CA GLU J 258 37.50 39.29 -5.06
C GLU J 258 38.26 37.97 -4.94
N CYS J 259 38.36 37.42 -3.73
CA CYS J 259 39.19 36.23 -3.51
C CYS J 259 38.43 34.97 -3.12
N LYS J 260 37.28 35.02 -2.46
CA LYS J 260 36.55 33.75 -2.26
C LYS J 260 35.94 33.28 -3.55
N LEU J 261 35.58 34.22 -4.41
CA LEU J 261 35.47 33.95 -5.84
C LEU J 261 36.71 33.19 -6.31
N MET J 262 37.88 33.74 -6.01
CA MET J 262 39.12 33.11 -6.41
C MET J 262 39.35 31.80 -5.68
N LYS J 263 39.02 31.73 -4.40
CA LYS J 263 39.27 30.49 -3.67
C LYS J 263 38.40 29.36 -4.18
N LYS J 264 37.27 29.65 -4.81
CA LYS J 264 36.60 28.61 -5.61
C LYS J 264 37.38 28.33 -6.88
N LEU J 265 37.58 29.37 -7.70
CA LEU J 265 37.84 29.07 -9.09
C LEU J 265 39.26 28.62 -9.32
N LEU J 266 40.16 28.90 -8.38
CA LEU J 266 41.51 28.36 -8.48
C LEU J 266 41.46 26.85 -8.58
N GLU J 267 40.81 26.21 -7.61
CA GLU J 267 40.75 24.76 -7.60
C GLU J 267 39.75 24.23 -8.61
N ALA J 268 38.84 25.08 -9.11
CA ALA J 268 38.03 24.65 -10.25
C ALA J 268 38.88 24.53 -11.51
N HIS J 269 39.73 25.52 -11.78
CA HIS J 269 40.68 25.49 -12.89
C HIS J 269 41.82 24.51 -12.68
N GLU J 270 42.20 24.25 -11.44
CA GLU J 270 43.30 23.36 -11.14
C GLU J 270 42.85 21.91 -11.10
N GLU J 271 41.61 21.66 -10.65
CA GLU J 271 40.99 20.36 -10.87
C GLU J 271 40.21 20.30 -12.18
N GLN J 272 40.60 21.13 -13.16
CA GLN J 272 40.06 21.14 -14.52
C GLN J 272 38.55 21.02 -14.59
N ASN J 273 37.85 21.58 -13.62
CA ASN J 273 36.42 21.41 -13.46
C ASN J 273 35.71 22.69 -13.91
N VAL J 274 34.54 22.52 -14.53
CA VAL J 274 33.85 23.62 -15.19
C VAL J 274 32.51 23.94 -14.52
N ASP J 275 31.86 22.93 -13.93
CA ASP J 275 30.56 23.17 -13.30
C ASP J 275 30.66 23.82 -11.92
N SER J 276 31.88 24.06 -11.41
CA SER J 276 32.12 24.96 -10.29
C SER J 276 32.65 26.31 -10.72
N TYR J 277 33.47 26.32 -11.78
CA TYR J 277 33.96 27.57 -12.32
C TYR J 277 32.85 28.41 -12.91
N THR J 278 32.04 27.79 -13.74
CA THR J 278 30.91 28.49 -14.33
C THR J 278 29.87 28.84 -13.27
N GLU J 279 29.70 27.98 -12.26
CA GLU J 279 28.76 28.27 -11.19
C GLU J 279 29.14 29.54 -10.43
N SER J 280 30.43 29.84 -10.37
CA SER J 280 30.87 31.07 -9.71
C SER J 280 30.23 32.28 -10.33
N VAL J 281 30.16 32.35 -11.66
CA VAL J 281 29.47 33.46 -12.29
C VAL J 281 27.97 33.25 -12.43
N LYS J 282 27.49 32.01 -12.35
CA LYS J 282 26.05 31.79 -12.21
C LYS J 282 25.52 32.52 -11.00
N GLU J 283 26.25 32.49 -9.90
CA GLU J 283 25.87 33.25 -8.72
C GLU J 283 26.42 34.67 -8.68
N TYR J 284 27.53 34.94 -9.36
CA TYR J 284 28.14 36.25 -9.24
C TYR J 284 27.57 37.27 -10.22
N ASP J 285 26.84 36.82 -11.25
CA ASP J 285 26.23 37.77 -12.16
C ASP J 285 25.10 38.53 -11.51
N SER J 286 24.43 37.91 -10.53
CA SER J 286 23.35 38.61 -9.85
C SER J 286 23.89 39.63 -8.86
N ILE J 287 24.94 39.25 -8.10
CA ILE J 287 25.45 40.12 -7.03
C ILE J 287 26.48 41.10 -7.55
N SER J 288 26.77 41.09 -8.84
CA SER J 288 27.66 42.07 -9.45
C SER J 288 27.35 42.06 -10.93
N ARG J 289 27.00 43.21 -11.47
CA ARG J 289 26.80 43.29 -12.90
C ARG J 289 28.15 43.19 -13.59
N LEU J 290 28.18 42.39 -14.65
CA LEU J 290 29.41 42.05 -15.35
C LEU J 290 29.52 42.89 -16.62
N ASP J 291 30.61 43.63 -16.74
CA ASP J 291 30.87 44.42 -17.93
C ASP J 291 31.60 43.57 -18.95
N GLN J 292 32.01 44.20 -20.05
CA GLN J 292 32.61 43.46 -21.16
C GLN J 292 33.98 42.90 -20.79
N TRP J 293 34.75 43.65 -20.01
CA TRP J 293 36.10 43.24 -19.71
C TRP J 293 36.12 42.06 -18.74
N LEU J 294 35.22 42.09 -17.74
CA LEU J 294 35.12 40.98 -16.82
C LEU J 294 34.70 39.71 -17.51
N THR J 295 33.72 39.79 -18.41
CA THR J 295 33.28 38.57 -19.07
C THR J 295 34.29 38.11 -20.11
N THR J 296 35.06 39.03 -20.67
CA THR J 296 36.11 38.62 -21.58
C THR J 296 37.22 37.93 -20.81
N MET J 297 37.49 38.39 -19.58
CA MET J 297 38.45 37.69 -18.74
C MET J 297 37.90 36.39 -18.22
N LEU J 298 36.59 36.31 -17.99
CA LEU J 298 35.96 35.03 -17.68
C LEU J 298 36.23 34.07 -18.81
N LEU J 299 35.99 34.53 -20.02
CA LEU J 299 36.24 33.70 -21.19
C LEU J 299 37.73 33.44 -21.34
N ARG J 300 38.59 34.33 -20.85
CA ARG J 300 40.03 34.13 -20.91
C ARG J 300 40.48 32.98 -20.00
N ILE J 301 40.03 33.01 -18.75
CA ILE J 301 40.46 31.96 -17.85
C ILE J 301 39.83 30.64 -18.27
N LYS J 302 38.63 30.67 -18.87
CA LYS J 302 38.14 29.39 -19.36
C LYS J 302 38.72 28.99 -20.71
N LYS J 303 39.40 29.89 -21.43
CA LYS J 303 40.25 29.41 -22.52
C LYS J 303 41.45 28.68 -21.96
N THR J 304 41.95 29.13 -20.81
CA THR J 304 42.92 28.31 -20.09
C THR J 304 42.28 27.00 -19.61
N ILE J 305 40.99 27.02 -19.27
CA ILE J 305 40.29 25.77 -18.93
C ILE J 305 40.16 24.88 -20.16
N GLN J 306 39.89 25.47 -21.33
CA GLN J 306 39.87 24.70 -22.57
C GLN J 306 41.22 24.07 -22.85
N GLY J 307 42.29 24.85 -22.73
CA GLY J 307 43.63 24.33 -22.85
C GLY J 307 43.99 23.33 -21.78
N ASP J 308 43.28 23.34 -20.65
CA ASP J 308 43.40 22.26 -19.69
C ASP J 308 42.54 21.05 -20.07
N GLU J 309 41.41 21.26 -20.75
CA GLU J 309 40.46 20.18 -20.99
C GLU J 309 40.29 19.85 -22.46
N GLU J 310 39.74 20.79 -23.24
CA GLU J 310 39.47 20.62 -24.67
C GLU J 310 40.62 19.95 -25.42
N ASP J 311 40.40 18.73 -25.88
CA ASP J 311 41.50 17.90 -26.38
C ASP J 311 42.24 18.49 -27.58
N ALA K 26 21.91 109.60 -0.66
CA ALA K 26 23.13 108.81 -0.77
C ALA K 26 23.05 107.76 -1.87
N GLU K 27 21.92 107.68 -2.55
CA GLU K 27 21.75 106.68 -3.59
C GLU K 27 22.45 107.13 -4.87
N ALA K 28 22.48 106.22 -5.84
CA ALA K 28 23.27 106.41 -7.04
C ALA K 28 22.54 107.20 -8.11
N MET K 29 21.33 107.68 -7.84
CA MET K 29 20.64 108.48 -8.84
C MET K 29 21.41 109.77 -9.12
N ALA K 30 22.17 110.25 -8.14
CA ALA K 30 23.11 111.34 -8.39
C ALA K 30 24.34 110.85 -9.14
N LEU K 31 24.81 109.64 -8.84
CA LEU K 31 26.01 109.14 -9.52
C LEU K 31 25.76 108.94 -11.01
N LEU K 32 24.56 108.51 -11.38
CA LEU K 32 24.22 108.31 -12.78
C LEU K 32 24.22 109.63 -13.54
N ALA K 33 23.56 110.65 -13.01
CA ALA K 33 23.55 111.96 -13.67
C ALA K 33 24.92 112.63 -13.66
N GLU K 34 25.73 112.43 -12.61
CA GLU K 34 27.05 113.05 -12.56
C GLU K 34 28.00 112.41 -13.57
N ALA K 35 27.89 111.10 -13.78
CA ALA K 35 28.64 110.47 -14.85
C ALA K 35 28.01 110.70 -16.21
N GLU K 36 26.71 111.02 -16.26
CA GLU K 36 26.04 111.34 -17.50
C GLU K 36 26.37 112.74 -17.98
N ARG K 37 26.80 113.62 -17.09
CA ARG K 37 27.37 114.87 -17.56
C ARG K 37 28.68 114.62 -18.28
N LYS K 38 29.42 113.62 -17.82
CA LYS K 38 30.78 113.36 -18.24
C LYS K 38 30.86 112.43 -19.45
N VAL K 39 29.74 111.86 -19.88
CA VAL K 39 29.76 110.79 -20.88
C VAL K 39 29.68 111.40 -22.28
N LYS K 40 29.90 112.72 -22.37
CA LYS K 40 29.77 113.38 -23.66
C LYS K 40 30.90 112.99 -24.60
N ASN K 41 30.56 112.86 -25.88
CA ASN K 41 31.52 112.57 -26.96
C ASN K 41 32.00 113.90 -27.51
N SER K 42 33.10 114.40 -26.96
CA SER K 42 33.42 115.80 -27.04
C SER K 42 34.18 116.14 -28.31
N GLN K 43 33.96 117.35 -28.80
CA GLN K 43 34.76 117.97 -29.84
C GLN K 43 35.05 119.41 -29.39
N SER K 44 36.07 119.54 -28.55
CA SER K 44 36.44 120.79 -27.89
C SER K 44 37.80 120.57 -27.25
N PHE K 45 38.19 121.49 -26.36
CA PHE K 45 39.42 121.32 -25.58
C PHE K 45 39.26 120.25 -24.50
N PHE K 46 38.03 119.82 -24.21
CA PHE K 46 37.81 118.75 -23.24
C PHE K 46 38.51 117.47 -23.68
N SER K 47 38.50 117.21 -24.99
CA SER K 47 39.36 116.17 -25.55
C SER K 47 40.78 116.71 -25.76
N GLY K 48 40.91 117.73 -26.59
CA GLY K 48 42.22 118.26 -26.93
C GLY K 48 42.87 117.38 -27.97
N LEU K 49 43.82 116.55 -27.55
CA LEU K 49 44.44 115.54 -28.38
C LEU K 49 43.97 114.14 -28.00
N PHE K 50 44.00 113.82 -26.71
CA PHE K 50 43.42 112.59 -26.23
C PHE K 50 41.89 112.75 -26.15
N GLY K 51 41.21 111.64 -25.87
CA GLY K 51 39.77 111.66 -25.74
C GLY K 51 39.34 111.95 -24.33
N GLY K 52 38.58 111.01 -23.76
CA GLY K 52 38.25 111.00 -22.35
C GLY K 52 38.49 109.64 -21.78
N SER K 53 39.59 108.99 -22.19
CA SER K 53 39.77 107.56 -21.94
C SER K 53 39.84 107.26 -20.44
N SER K 54 40.74 107.93 -19.74
CA SER K 54 40.75 107.83 -18.29
C SER K 54 39.46 108.38 -17.70
N LYS K 55 38.92 109.42 -18.33
CA LYS K 55 37.66 109.99 -17.88
C LYS K 55 36.50 109.03 -18.07
N ILE K 56 36.43 108.32 -19.20
CA ILE K 56 35.32 107.42 -19.42
C ILE K 56 35.49 106.11 -18.64
N GLU K 57 36.71 105.73 -18.30
CA GLU K 57 36.87 104.63 -17.37
C GLU K 57 36.44 105.03 -15.97
N GLU K 58 36.75 106.27 -15.57
CA GLU K 58 36.22 106.81 -14.34
C GLU K 58 34.69 106.82 -14.36
N ALA K 59 34.11 107.22 -15.50
CA ALA K 59 32.66 107.28 -15.62
C ALA K 59 32.05 105.89 -15.50
N CYS K 60 32.60 104.92 -16.22
CA CYS K 60 32.07 103.56 -16.15
C CYS K 60 32.29 102.94 -14.79
N GLU K 61 33.29 103.41 -14.04
CA GLU K 61 33.42 102.98 -12.65
C GLU K 61 32.32 103.59 -11.79
N ILE K 62 31.93 104.83 -12.08
CA ILE K 62 30.77 105.40 -11.39
C ILE K 62 29.51 104.61 -11.70
N TYR K 63 29.34 104.19 -12.96
CA TYR K 63 28.19 103.36 -13.31
C TYR K 63 28.26 101.98 -12.66
N ALA K 64 29.46 101.41 -12.56
CA ALA K 64 29.63 100.14 -11.86
C ALA K 64 29.19 100.26 -10.41
N ARG K 65 29.72 101.26 -9.70
CA ARG K 65 29.36 101.48 -8.32
C ARG K 65 27.86 101.79 -8.18
N ALA K 66 27.29 102.49 -9.15
CA ALA K 66 25.87 102.78 -9.10
C ALA K 66 25.06 101.50 -9.20
N ALA K 67 25.36 100.69 -10.21
CA ALA K 67 24.59 99.49 -10.46
C ALA K 67 24.77 98.48 -9.35
N ASN K 68 25.87 98.54 -8.59
CA ASN K 68 25.99 97.65 -7.45
C ASN K 68 25.10 98.12 -6.31
N MET K 69 25.16 99.43 -5.98
CA MET K 69 24.35 99.84 -4.85
C MET K 69 22.86 99.88 -5.15
N PHE K 70 22.44 99.83 -6.42
CA PHE K 70 21.01 99.62 -6.66
C PHE K 70 20.57 98.24 -6.19
N LYS K 71 21.35 97.20 -6.46
CA LYS K 71 20.99 95.89 -5.92
C LYS K 71 21.15 95.89 -4.42
N MET K 72 22.07 96.70 -3.89
CA MET K 72 22.20 96.77 -2.45
C MET K 72 20.96 97.39 -1.83
N ALA K 73 20.31 98.31 -2.55
CA ALA K 73 19.14 99.01 -2.06
C ALA K 73 17.82 98.32 -2.40
N LYS K 74 17.86 97.02 -2.68
CA LYS K 74 16.64 96.22 -2.85
C LYS K 74 15.75 96.75 -3.98
N ASN K 75 16.36 97.25 -5.05
CA ASN K 75 15.58 97.95 -6.07
C ASN K 75 15.05 96.99 -7.12
N TRP K 76 15.94 96.19 -7.68
CA TRP K 76 15.65 95.05 -8.53
C TRP K 76 15.09 95.40 -9.91
N SER K 77 14.76 96.67 -10.14
CA SER K 77 14.11 97.10 -11.38
C SER K 77 14.88 98.21 -12.08
N ALA K 78 15.38 99.20 -11.35
CA ALA K 78 16.41 100.10 -11.88
C ALA K 78 17.82 99.54 -11.73
N ALA K 79 17.99 98.51 -10.90
CA ALA K 79 19.32 97.97 -10.66
C ALA K 79 19.88 97.27 -11.90
N GLY K 80 19.08 96.36 -12.49
CA GLY K 80 19.53 95.71 -13.70
C GLY K 80 19.63 96.68 -14.85
N ASN K 81 18.81 97.72 -14.85
CA ASN K 81 18.96 98.80 -15.83
C ASN K 81 20.29 99.52 -15.62
N ALA K 82 20.68 99.70 -14.36
CA ALA K 82 21.98 100.32 -14.09
C ALA K 82 23.12 99.45 -14.58
N PHE K 83 23.02 98.12 -14.44
CA PHE K 83 24.04 97.25 -15.01
C PHE K 83 24.03 97.33 -16.53
N CYS K 84 22.84 97.38 -17.12
CA CYS K 84 22.72 97.53 -18.56
C CYS K 84 23.48 98.76 -19.05
N GLN K 85 23.24 99.90 -18.41
CA GLN K 85 23.87 101.14 -18.85
C GLN K 85 25.36 101.18 -18.52
N ALA K 86 25.76 100.58 -17.40
CA ALA K 86 27.16 100.52 -17.02
C ALA K 86 27.95 99.73 -18.05
N ALA K 87 27.39 98.61 -18.51
CA ALA K 87 28.01 97.86 -19.59
C ALA K 87 27.88 98.56 -20.93
N GLN K 88 26.78 99.28 -21.14
CA GLN K 88 26.51 99.93 -22.41
C GLN K 88 27.56 100.99 -22.70
N LEU K 89 27.96 101.72 -21.68
CA LEU K 89 29.02 102.72 -21.83
C LEU K 89 30.41 102.12 -21.81
N HIS K 90 30.53 100.80 -21.69
CA HIS K 90 31.77 100.08 -21.94
C HIS K 90 31.81 99.35 -23.29
N LEU K 91 30.66 99.17 -23.95
CA LEU K 91 30.62 98.38 -25.18
C LEU K 91 31.47 98.96 -26.30
N GLN K 92 31.46 100.28 -26.46
CA GLN K 92 32.07 100.92 -27.61
C GLN K 92 33.49 101.40 -27.35
N LEU K 93 34.05 101.10 -26.19
CA LEU K 93 35.35 101.65 -25.83
C LEU K 93 36.49 100.81 -26.37
N GLN K 94 36.73 99.66 -25.75
CA GLN K 94 37.73 98.71 -26.22
C GLN K 94 37.29 97.26 -26.12
N SER K 95 36.29 96.96 -25.31
CA SER K 95 36.11 95.62 -24.76
C SER K 95 34.66 95.48 -24.38
N LYS K 96 33.97 94.56 -25.03
CA LYS K 96 32.61 94.21 -24.68
C LYS K 96 32.58 93.18 -23.56
N HIS K 97 33.76 92.82 -23.05
CA HIS K 97 33.95 91.60 -22.29
C HIS K 97 33.49 91.71 -20.84
N ASP K 98 34.07 92.63 -20.07
CA ASP K 98 33.49 92.91 -18.77
C ASP K 98 32.13 93.56 -18.94
N ALA K 99 31.88 94.21 -20.07
CA ALA K 99 30.54 94.65 -20.38
C ALA K 99 29.63 93.46 -20.65
N ALA K 100 30.17 92.38 -21.22
CA ALA K 100 29.38 91.18 -21.40
C ALA K 100 29.09 90.51 -20.06
N THR K 101 30.06 90.52 -19.15
CA THR K 101 29.82 89.94 -17.84
C THR K 101 28.84 90.78 -17.06
N CYS K 102 28.85 92.10 -17.27
CA CYS K 102 27.83 92.95 -16.70
C CYS K 102 26.47 92.70 -17.33
N PHE K 103 26.43 92.30 -18.60
CA PHE K 103 25.16 91.82 -19.14
C PHE K 103 24.75 90.47 -18.55
N VAL K 104 25.69 89.61 -18.24
CA VAL K 104 25.36 88.39 -17.50
C VAL K 104 24.80 88.74 -16.14
N ASP K 105 25.41 89.71 -15.49
CA ASP K 105 24.94 90.17 -14.19
C ASP K 105 23.57 90.83 -14.32
N ALA K 106 23.34 91.51 -15.43
CA ALA K 106 22.04 92.12 -15.69
C ALA K 106 21.00 91.05 -16.01
N GLY K 107 21.45 89.93 -16.58
CA GLY K 107 20.58 88.78 -16.68
C GLY K 107 20.31 88.14 -15.34
N ASN K 108 21.26 88.23 -14.42
CA ASN K 108 21.05 87.84 -13.03
C ASN K 108 20.34 88.90 -12.22
N ALA K 109 20.05 90.05 -12.84
CA ALA K 109 19.38 91.16 -12.17
C ALA K 109 17.86 91.00 -12.20
N PHE K 110 17.26 91.02 -13.39
CA PHE K 110 15.82 91.01 -13.49
C PHE K 110 15.25 89.60 -13.45
N LYS K 111 16.12 88.58 -13.41
CA LYS K 111 15.70 87.18 -13.30
C LYS K 111 15.07 86.88 -11.96
N LYS K 112 15.74 87.25 -10.87
CA LYS K 112 15.10 87.15 -9.56
C LYS K 112 13.83 87.99 -9.55
N ALA K 113 13.86 89.13 -10.20
CA ALA K 113 12.65 89.93 -10.27
C ALA K 113 11.72 89.32 -11.33
N ASP K 114 10.49 89.84 -11.41
CA ASP K 114 9.55 89.42 -12.47
C ASP K 114 9.77 89.96 -13.90
N PRO K 115 10.33 91.16 -14.13
CA PRO K 115 10.46 91.68 -15.49
C PRO K 115 11.32 90.80 -16.39
N GLN K 116 11.03 90.87 -17.69
CA GLN K 116 11.68 90.08 -18.70
C GLN K 116 12.94 90.71 -19.28
N GLU K 117 13.36 91.87 -18.79
CA GLU K 117 14.54 92.53 -19.34
C GLU K 117 15.77 91.62 -19.30
N ALA K 118 15.87 90.77 -18.27
CA ALA K 118 17.04 89.90 -18.14
C ALA K 118 17.25 88.98 -19.33
N ILE K 119 16.19 88.42 -19.93
CA ILE K 119 16.39 87.51 -21.06
C ILE K 119 17.05 88.24 -22.22
N ASN K 120 16.69 89.51 -22.44
CA ASN K 120 17.31 90.27 -23.52
C ASN K 120 18.80 90.42 -23.27
N CYS K 121 19.18 90.70 -22.03
CA CYS K 121 20.60 90.80 -21.70
C CYS K 121 21.30 89.47 -21.83
N LEU K 122 20.56 88.38 -21.61
CA LEU K 122 21.13 87.07 -21.82
C LEU K 122 21.27 86.75 -23.30
N MET K 123 20.44 87.36 -24.15
CA MET K 123 20.74 87.30 -25.57
C MET K 123 22.03 88.04 -25.86
N ARG K 124 22.16 89.25 -25.30
CA ARG K 124 23.34 90.08 -25.56
C ARG K 124 24.61 89.33 -25.17
N ALA K 125 24.53 88.59 -24.08
CA ALA K 125 25.65 87.78 -23.69
C ALA K 125 25.87 86.67 -24.69
N ILE K 126 24.81 86.08 -25.23
CA ILE K 126 25.02 85.00 -26.21
C ILE K 126 25.70 85.55 -27.46
N GLU K 127 25.19 86.65 -28.03
CA GLU K 127 25.87 87.18 -29.22
C GLU K 127 27.13 87.99 -28.88
N ILE K 128 27.64 87.91 -27.67
CA ILE K 128 29.04 88.27 -27.42
C ILE K 128 29.90 87.03 -27.25
N TYR K 129 29.42 86.07 -26.46
CA TYR K 129 30.21 84.89 -26.17
C TYR K 129 30.14 83.89 -27.32
N THR K 130 28.96 83.69 -27.90
CA THR K 130 28.85 82.96 -29.16
C THR K 130 29.63 83.65 -30.27
N ASP K 131 29.54 84.98 -30.32
CA ASP K 131 30.21 85.72 -31.37
C ASP K 131 31.73 85.69 -31.23
N MET K 132 32.23 85.40 -30.03
CA MET K 132 33.65 85.53 -29.74
C MET K 132 34.39 84.20 -29.66
N GLY K 133 33.68 83.09 -29.50
CA GLY K 133 34.29 81.80 -29.22
C GLY K 133 34.06 81.24 -27.83
N ARG K 134 33.21 81.86 -27.02
CA ARG K 134 32.96 81.41 -25.66
C ARG K 134 31.63 80.66 -25.57
N PHE K 135 31.60 79.51 -26.24
CA PHE K 135 30.40 78.69 -26.24
C PHE K 135 30.14 78.05 -24.89
N THR K 136 31.16 77.94 -24.05
CA THR K 136 31.01 77.27 -22.76
C THR K 136 30.08 78.05 -21.84
N ILE K 137 30.43 79.31 -21.55
CA ILE K 137 29.58 80.15 -20.71
C ILE K 137 28.27 80.47 -21.42
N ALA K 138 28.32 80.46 -22.75
CA ALA K 138 27.12 80.63 -23.53
C ALA K 138 26.15 79.52 -23.20
N ALA K 139 26.64 78.28 -23.20
CA ALA K 139 25.81 77.15 -22.82
C ALA K 139 25.48 77.17 -21.34
N LYS K 140 26.29 77.82 -20.51
CA LYS K 140 25.99 77.88 -19.09
C LYS K 140 24.73 78.68 -18.80
N HIS K 141 24.51 79.79 -19.52
CA HIS K 141 23.28 80.54 -19.30
C HIS K 141 22.23 80.34 -20.38
N HIS K 142 22.58 79.67 -21.49
CA HIS K 142 21.59 79.34 -22.49
C HIS K 142 20.59 78.35 -21.93
N ILE K 143 21.04 77.51 -21.01
CA ILE K 143 20.14 76.62 -20.29
C ILE K 143 19.27 77.40 -19.32
N SER K 144 19.80 78.46 -18.70
CA SER K 144 19.00 79.22 -17.74
C SER K 144 17.92 80.00 -18.44
N ILE K 145 18.15 80.35 -19.69
CA ILE K 145 17.10 80.98 -20.49
C ILE K 145 15.92 80.03 -20.66
N ALA K 146 16.21 78.77 -20.99
CA ALA K 146 15.13 77.81 -21.11
C ALA K 146 14.50 77.49 -19.76
N GLU K 147 15.28 77.57 -18.68
CA GLU K 147 14.72 77.43 -17.35
C GLU K 147 13.72 78.53 -17.04
N ILE K 148 13.90 79.68 -17.68
CA ILE K 148 12.94 80.77 -17.49
C ILE K 148 11.79 80.67 -18.47
N TYR K 149 12.04 80.22 -19.70
CA TYR K 149 10.99 80.06 -20.68
C TYR K 149 10.05 78.92 -20.34
N GLU K 150 10.44 78.04 -19.43
CA GLU K 150 9.58 76.93 -19.02
C GLU K 150 9.05 77.12 -17.61
N THR K 151 9.92 77.47 -16.66
CA THR K 151 9.50 77.57 -15.28
C THR K 151 8.73 78.86 -15.02
N GLU K 152 9.24 79.98 -15.56
CA GLU K 152 8.77 81.30 -15.21
C GLU K 152 7.89 81.96 -16.28
N LEU K 153 8.31 81.90 -17.54
CA LEU K 153 7.82 82.79 -18.59
C LEU K 153 7.32 81.93 -19.75
N VAL K 154 6.34 81.09 -19.44
CA VAL K 154 6.11 79.80 -20.08
C VAL K 154 5.99 79.94 -21.60
N ASP K 155 7.01 79.46 -22.29
CA ASP K 155 7.19 79.56 -23.74
C ASP K 155 7.84 78.26 -24.20
N VAL K 156 7.30 77.14 -23.72
CA VAL K 156 8.07 75.91 -23.57
C VAL K 156 8.63 75.33 -24.85
N GLU K 157 8.08 75.68 -26.01
CA GLU K 157 8.71 75.20 -27.23
C GLU K 157 10.00 75.94 -27.54
N LYS K 158 10.16 77.16 -27.04
CA LYS K 158 11.43 77.86 -27.19
C LYS K 158 12.39 77.47 -26.08
N ALA K 159 11.84 77.16 -24.90
CA ALA K 159 12.65 76.56 -23.85
C ALA K 159 13.29 75.28 -24.36
N ILE K 160 12.47 74.41 -24.95
CA ILE K 160 12.95 73.15 -25.49
C ILE K 160 13.90 73.37 -26.66
N ALA K 161 13.64 74.38 -27.49
CA ALA K 161 14.57 74.66 -28.58
C ALA K 161 15.91 75.15 -28.06
N HIS K 162 15.92 75.77 -26.88
CA HIS K 162 17.19 76.18 -26.29
C HIS K 162 17.85 75.11 -25.47
N TYR K 163 17.10 74.21 -24.82
CA TYR K 163 17.75 73.04 -24.26
C TYR K 163 18.42 72.23 -25.35
N GLU K 164 17.73 72.05 -26.48
CA GLU K 164 18.28 71.27 -27.57
C GLU K 164 19.47 71.97 -28.21
N GLN K 165 19.36 73.28 -28.42
CA GLN K 165 20.47 74.03 -29.00
C GLN K 165 21.67 74.07 -28.05
N SER K 166 21.41 74.20 -26.76
CA SER K 166 22.51 74.28 -25.84
C SER K 166 23.15 72.92 -25.67
N ALA K 167 22.35 71.85 -25.72
CA ALA K 167 22.89 70.51 -25.69
C ALA K 167 23.72 70.23 -26.93
N ASP K 168 23.36 70.83 -28.06
CA ASP K 168 24.23 70.77 -29.22
C ASP K 168 25.55 71.44 -28.91
N TYR K 169 25.53 72.54 -28.15
CA TYR K 169 26.80 73.16 -27.82
C TYR K 169 27.58 72.34 -26.80
N TYR K 170 26.90 71.76 -25.81
CA TYR K 170 27.62 70.98 -24.80
C TYR K 170 28.20 69.72 -25.41
N LYS K 171 27.55 69.17 -26.43
CA LYS K 171 28.15 68.13 -27.24
C LYS K 171 29.16 68.68 -28.24
N GLY K 172 29.18 69.99 -28.46
CA GLY K 172 30.24 70.57 -29.25
C GLY K 172 31.58 70.42 -28.55
N GLU K 173 31.62 70.75 -27.26
CA GLU K 173 32.78 70.48 -26.42
C GLU K 173 32.71 69.13 -25.73
N GLU K 174 31.75 68.28 -26.12
CA GLU K 174 31.63 66.89 -25.70
C GLU K 174 31.32 66.77 -24.21
N SER K 175 30.96 67.86 -23.56
CA SER K 175 30.48 67.77 -22.18
C SER K 175 29.11 67.11 -22.23
N ASN K 176 29.09 65.82 -21.94
CA ASN K 176 27.95 64.99 -22.32
C ASN K 176 26.76 65.18 -21.41
N SER K 177 26.95 65.02 -20.10
CA SER K 177 25.79 64.95 -19.24
C SER K 177 25.15 66.30 -19.02
N SER K 178 25.85 67.40 -19.29
CA SER K 178 25.17 68.68 -19.37
C SER K 178 24.16 68.64 -20.50
N ALA K 179 24.57 68.08 -21.64
CA ALA K 179 23.64 67.91 -22.74
C ALA K 179 22.55 66.92 -22.39
N ASN K 180 22.84 65.90 -21.57
CA ASN K 180 21.81 64.93 -21.22
C ASN K 180 20.81 65.51 -20.23
N LYS K 181 21.29 66.40 -19.37
CA LYS K 181 20.42 67.16 -18.49
C LYS K 181 19.57 68.13 -19.28
N CYS K 182 20.08 68.61 -20.41
CA CYS K 182 19.24 69.36 -21.34
C CYS K 182 18.23 68.44 -22.02
N LEU K 183 18.67 67.24 -22.40
CA LEU K 183 17.83 66.33 -23.17
C LEU K 183 16.70 65.74 -22.34
N LEU K 184 16.83 65.67 -21.03
CA LEU K 184 15.68 65.28 -20.23
C LEU K 184 14.61 66.36 -20.24
N LYS K 185 15.03 67.62 -20.17
CA LYS K 185 14.06 68.71 -20.27
C LYS K 185 13.48 68.83 -21.66
N VAL K 186 14.23 68.41 -22.67
CA VAL K 186 13.65 68.24 -24.00
C VAL K 186 12.69 67.07 -23.99
N ALA K 187 13.21 65.89 -23.68
CA ALA K 187 12.55 64.62 -23.90
C ALA K 187 11.47 64.39 -22.87
N GLY K 188 11.76 64.73 -21.61
CA GLY K 188 10.75 64.60 -20.59
C GLY K 188 9.58 65.53 -20.84
N TYR K 189 9.82 66.67 -21.46
CA TYR K 189 8.76 67.57 -21.90
C TYR K 189 8.43 67.39 -23.36
N ALA K 190 8.96 66.34 -23.99
CA ALA K 190 8.37 65.84 -25.22
C ALA K 190 7.27 64.82 -24.96
N ALA K 191 7.01 64.50 -23.70
CA ALA K 191 5.89 63.63 -23.35
C ALA K 191 4.57 64.40 -23.29
N GLN K 192 4.57 65.54 -22.62
CA GLN K 192 3.36 66.34 -22.50
C GLN K 192 3.14 67.21 -23.72
N LEU K 193 4.20 67.50 -24.47
CA LEU K 193 4.08 67.97 -25.84
C LEU K 193 3.81 66.81 -26.80
N GLU K 194 3.92 65.58 -26.31
CA GLU K 194 3.30 64.38 -26.88
C GLU K 194 3.95 63.93 -28.19
N GLN K 195 5.19 64.34 -28.46
CA GLN K 195 5.97 63.77 -29.56
C GLN K 195 6.79 62.58 -29.02
N TYR K 196 6.07 61.47 -28.86
CA TYR K 196 6.68 60.25 -28.36
C TYR K 196 7.68 59.68 -29.33
N GLN K 197 7.44 59.92 -30.62
CA GLN K 197 8.35 59.47 -31.66
C GLN K 197 9.72 60.08 -31.49
N LYS K 198 9.79 61.31 -30.99
CA LYS K 198 11.06 61.93 -30.71
C LYS K 198 11.55 61.66 -29.30
N ALA K 199 10.64 61.30 -28.40
CA ALA K 199 11.07 60.92 -27.06
C ALA K 199 11.92 59.67 -27.10
N ILE K 200 11.47 58.66 -27.85
CA ILE K 200 12.28 57.45 -28.01
C ILE K 200 13.46 57.66 -28.94
N ASP K 201 13.50 58.76 -29.71
CA ASP K 201 14.66 59.10 -30.50
C ASP K 201 15.81 59.70 -29.70
N ILE K 202 15.67 59.84 -28.39
CA ILE K 202 16.62 60.55 -27.57
C ILE K 202 17.33 59.61 -26.61
N TYR K 203 16.61 58.71 -25.96
CA TYR K 203 17.21 57.90 -24.92
C TYR K 203 18.03 56.75 -25.48
N GLU K 204 17.92 56.49 -26.78
CA GLU K 204 18.64 55.38 -27.39
C GLU K 204 20.12 55.72 -27.50
N GLN K 205 20.44 56.77 -28.22
CA GLN K 205 21.84 57.05 -28.53
C GLN K 205 22.61 57.51 -27.30
N VAL K 206 21.90 57.93 -26.26
CA VAL K 206 22.56 58.36 -25.04
C VAL K 206 22.72 57.22 -24.05
N GLY K 207 21.87 56.20 -24.12
CA GLY K 207 21.89 55.17 -23.10
C GLY K 207 22.58 53.91 -23.55
N THR K 208 22.55 53.65 -24.86
CA THR K 208 23.39 52.61 -25.41
C THR K 208 24.85 53.00 -25.38
N SER K 209 25.13 54.29 -25.29
CA SER K 209 26.46 54.79 -25.00
C SER K 209 26.85 54.66 -23.55
N ALA K 210 25.93 54.24 -22.68
CA ALA K 210 26.17 54.21 -21.25
C ALA K 210 26.52 52.84 -20.67
N MET K 211 26.25 51.72 -21.36
CA MET K 211 26.63 50.45 -20.76
C MET K 211 28.14 50.27 -20.68
N ASP K 212 28.89 50.93 -21.56
CA ASP K 212 30.34 50.89 -21.39
C ASP K 212 30.75 51.69 -20.17
N SER K 213 29.99 52.72 -19.83
CA SER K 213 30.31 53.53 -18.69
C SER K 213 29.82 52.85 -17.42
N PRO K 214 30.70 52.55 -16.45
CA PRO K 214 30.19 52.21 -15.11
C PRO K 214 29.60 53.41 -14.41
N LEU K 215 29.87 54.61 -14.93
CA LEU K 215 29.40 55.84 -14.36
C LEU K 215 27.89 55.90 -14.30
N LEU K 216 27.19 55.23 -15.23
CA LEU K 216 25.75 55.40 -15.34
C LEU K 216 25.02 54.09 -15.60
N LYS K 217 25.68 52.95 -15.50
CA LYS K 217 25.08 51.73 -16.02
C LYS K 217 23.88 51.32 -15.19
N TYR K 218 23.99 51.45 -13.87
CA TYR K 218 22.84 51.21 -13.00
C TYR K 218 21.76 52.26 -13.20
N SER K 219 22.10 53.41 -13.77
CA SER K 219 21.12 54.38 -14.24
C SER K 219 20.65 54.15 -15.68
N ALA K 220 21.43 53.45 -16.51
CA ALA K 220 21.10 53.39 -17.93
C ALA K 220 19.78 52.67 -18.18
N LYS K 221 19.50 51.64 -17.38
CA LYS K 221 18.24 50.96 -17.50
C LYS K 221 17.08 51.83 -17.03
N ASP K 222 17.35 52.89 -16.27
CA ASP K 222 16.29 53.84 -16.01
C ASP K 222 15.91 54.51 -17.31
N TYR K 223 16.91 54.81 -18.13
CA TYR K 223 16.66 55.56 -19.34
C TYR K 223 15.97 54.69 -20.38
N PHE K 224 16.20 53.39 -20.34
CA PHE K 224 15.43 52.47 -21.18
C PHE K 224 14.22 51.88 -20.48
N PHE K 225 13.88 52.39 -19.32
CA PHE K 225 12.47 52.51 -18.99
C PHE K 225 11.91 53.79 -19.59
N LYS K 226 12.68 54.87 -19.52
CA LYS K 226 12.25 56.13 -20.12
C LYS K 226 12.14 56.03 -21.63
N ALA K 227 12.93 55.18 -22.26
CA ALA K 227 12.72 54.95 -23.69
C ALA K 227 11.53 54.05 -23.91
N ALA K 228 11.37 53.07 -23.04
CA ALA K 228 10.46 51.98 -23.33
C ALA K 228 9.02 52.42 -23.13
N LEU K 229 8.74 53.07 -22.01
CA LEU K 229 7.38 53.46 -21.69
C LEU K 229 6.92 54.67 -22.48
N CYS K 230 7.80 55.35 -23.20
CA CYS K 230 7.30 56.33 -24.14
C CYS K 230 6.60 55.62 -25.28
N HIS K 231 5.30 55.45 -25.09
CA HIS K 231 4.42 54.97 -26.13
C HIS K 231 3.54 56.10 -26.63
N PHE K 232 3.36 56.12 -27.95
CA PHE K 232 2.17 56.63 -28.61
C PHE K 232 1.29 55.44 -28.98
N CYS K 233 1.27 54.48 -28.06
CA CYS K 233 0.95 53.08 -28.33
C CYS K 233 1.89 52.48 -29.39
N ILE K 234 3.19 52.57 -29.14
CA ILE K 234 4.18 51.87 -29.97
C ILE K 234 4.18 50.39 -29.57
N ASP K 235 3.40 49.60 -30.30
CA ASP K 235 3.26 48.16 -30.04
C ASP K 235 4.11 47.31 -30.96
N MET K 236 5.21 47.87 -31.48
CA MET K 236 6.14 47.01 -32.19
C MET K 236 6.94 46.23 -31.16
N LEU K 237 7.69 45.23 -31.63
CA LEU K 237 8.69 44.55 -30.84
C LEU K 237 10.03 45.26 -30.85
N ASN K 238 10.07 46.49 -31.35
CA ASN K 238 11.19 47.37 -31.03
C ASN K 238 11.25 47.60 -29.53
N ALA K 239 10.09 47.71 -28.89
CA ALA K 239 10.06 47.72 -27.45
C ALA K 239 10.48 46.38 -26.88
N LYS K 240 10.20 45.30 -27.58
CA LYS K 240 10.72 43.98 -27.26
C LYS K 240 12.13 43.72 -27.79
N LEU K 241 12.70 44.65 -28.56
CA LEU K 241 14.05 44.52 -29.09
C LEU K 241 15.02 45.60 -28.64
N ALA K 242 14.57 46.84 -28.43
CA ALA K 242 15.46 47.86 -27.88
C ALA K 242 15.87 47.50 -26.47
N VAL K 243 15.05 46.72 -25.78
CA VAL K 243 15.41 46.18 -24.49
C VAL K 243 16.48 45.09 -24.60
N GLN K 244 16.74 44.59 -25.80
CA GLN K 244 17.68 43.51 -26.06
C GLN K 244 18.97 43.99 -26.69
N LYS K 245 18.88 44.91 -27.65
CA LYS K 245 20.08 45.56 -28.18
C LYS K 245 20.85 46.22 -27.07
N TYR K 246 20.16 47.05 -26.29
CA TYR K 246 20.64 47.36 -24.96
C TYR K 246 20.65 46.02 -24.28
N GLU K 247 21.82 45.40 -24.17
CA GLU K 247 21.83 44.06 -23.62
C GLU K 247 21.62 44.25 -22.14
N GLU K 248 20.72 43.45 -21.61
CA GLU K 248 20.09 43.78 -20.36
C GLU K 248 19.67 42.44 -19.79
N LEU K 249 20.29 42.07 -18.68
CA LEU K 249 19.81 40.89 -17.99
C LEU K 249 18.42 41.20 -17.49
N PHE K 250 17.44 40.57 -18.14
CA PHE K 250 16.05 40.68 -17.71
C PHE K 250 15.82 40.22 -16.28
N PRO K 251 16.63 39.32 -15.68
CA PRO K 251 16.61 39.20 -14.22
C PRO K 251 17.41 40.28 -13.51
N ALA K 252 17.70 41.41 -14.14
CA ALA K 252 18.08 42.56 -13.34
C ALA K 252 16.86 43.06 -12.57
N PHE K 253 17.13 43.58 -11.38
CA PHE K 253 16.14 43.78 -10.33
C PHE K 253 15.65 45.22 -10.25
N SER K 254 16.16 46.10 -11.11
CA SER K 254 15.43 47.28 -11.56
C SER K 254 14.92 47.14 -12.99
N ASP K 255 15.42 46.16 -13.75
CA ASP K 255 14.77 45.76 -14.98
C ASP K 255 13.58 44.88 -14.68
N SER K 256 13.55 44.27 -13.50
CA SER K 256 12.30 43.73 -13.05
C SER K 256 11.28 44.84 -12.89
N ARG K 257 11.76 46.03 -12.55
CA ARG K 257 10.98 47.26 -12.51
C ARG K 257 10.93 47.99 -13.85
N GLU K 258 11.57 47.48 -14.91
CA GLU K 258 11.37 47.90 -16.30
C GLU K 258 10.82 46.82 -17.19
N CYS K 259 11.54 45.70 -17.37
CA CYS K 259 11.27 44.83 -18.51
C CYS K 259 9.99 44.04 -18.29
N LYS K 260 9.97 43.20 -17.24
CA LYS K 260 8.77 42.40 -16.96
C LYS K 260 7.65 43.23 -16.37
N LEU K 261 7.97 44.38 -15.79
CA LEU K 261 6.97 45.41 -15.62
C LEU K 261 6.31 45.73 -16.95
N MET K 262 7.13 46.07 -17.94
CA MET K 262 6.60 46.43 -19.23
C MET K 262 5.88 45.27 -19.87
N LYS K 263 6.28 44.04 -19.56
CA LYS K 263 5.55 42.90 -20.10
C LYS K 263 4.15 42.88 -19.54
N LYS K 264 3.98 43.11 -18.25
CA LYS K 264 2.61 43.11 -17.75
C LYS K 264 1.86 44.36 -18.21
N LEU K 265 2.56 45.45 -18.44
CA LEU K 265 1.90 46.69 -18.85
C LEU K 265 1.42 46.68 -20.30
N LEU K 266 2.10 45.92 -21.16
CA LEU K 266 1.82 45.93 -22.59
C LEU K 266 1.45 44.57 -23.15
N GLU K 267 1.33 43.56 -22.31
CA GLU K 267 0.62 42.33 -22.64
C GLU K 267 -0.86 42.45 -22.29
N ALA K 268 -1.17 43.14 -21.19
CA ALA K 268 -2.57 43.35 -20.83
C ALA K 268 -3.24 44.28 -21.84
N HIS K 269 -2.49 45.25 -22.36
CA HIS K 269 -2.97 46.01 -23.51
C HIS K 269 -3.18 45.11 -24.70
N GLU K 270 -2.35 44.10 -24.86
CA GLU K 270 -2.53 43.14 -25.92
C GLU K 270 -3.48 42.02 -25.52
N GLU K 271 -3.82 41.94 -24.23
CA GLU K 271 -4.96 41.17 -23.76
C GLU K 271 -6.26 41.95 -23.90
N GLN K 272 -6.17 43.28 -24.02
CA GLN K 272 -7.32 44.18 -23.91
C GLN K 272 -8.02 43.98 -22.57
N ASN K 273 -7.27 44.23 -21.50
CA ASN K 273 -7.74 43.93 -20.14
C ASN K 273 -7.07 44.88 -19.15
N VAL K 274 -7.78 45.94 -18.75
CA VAL K 274 -7.17 47.01 -17.97
C VAL K 274 -7.12 46.69 -16.47
N ASP K 275 -7.83 45.69 -15.98
CA ASP K 275 -7.99 45.58 -14.53
C ASP K 275 -6.71 45.08 -13.88
N SER K 276 -6.16 43.98 -14.37
CA SER K 276 -4.92 43.48 -13.81
C SER K 276 -3.74 44.40 -14.16
N TYR K 277 -3.87 45.18 -15.23
CA TYR K 277 -2.97 46.29 -15.48
C TYR K 277 -2.96 47.27 -14.30
N THR K 278 -4.14 47.76 -13.91
CA THR K 278 -4.17 48.74 -12.84
C THR K 278 -3.82 48.14 -11.49
N GLU K 279 -4.00 46.84 -11.32
CA GLU K 279 -3.55 46.22 -10.08
C GLU K 279 -2.03 46.07 -10.07
N SER K 280 -1.44 45.74 -11.20
CA SER K 280 -0.01 45.53 -11.25
C SER K 280 0.78 46.83 -11.33
N VAL K 281 0.17 47.92 -11.76
CA VAL K 281 0.90 49.18 -11.72
C VAL K 281 1.04 49.63 -10.27
N LYS K 282 0.06 49.32 -9.43
CA LYS K 282 0.22 49.55 -8.01
C LYS K 282 1.17 48.53 -7.41
N GLU K 283 1.20 47.32 -7.97
CA GLU K 283 2.18 46.34 -7.50
C GLU K 283 3.58 46.86 -7.77
N TYR K 284 3.75 47.61 -8.86
CA TYR K 284 4.99 48.32 -9.08
C TYR K 284 5.15 49.44 -8.08
N ASP K 285 4.05 50.11 -7.76
CA ASP K 285 4.14 51.17 -6.77
C ASP K 285 4.57 50.59 -5.43
N SER K 286 4.15 49.35 -5.14
CA SER K 286 4.55 48.70 -3.90
C SER K 286 6.05 48.48 -3.80
N ILE K 287 6.73 48.34 -4.93
CA ILE K 287 8.15 48.03 -4.96
C ILE K 287 9.03 49.16 -5.49
N SER K 288 8.45 50.15 -6.15
CA SER K 288 9.19 51.37 -6.50
C SER K 288 8.16 52.45 -6.77
N ARG K 289 8.11 53.47 -5.91
CA ARG K 289 7.12 54.52 -6.07
C ARG K 289 7.33 55.37 -7.29
N LEU K 290 6.22 55.72 -7.92
CA LEU K 290 6.17 56.47 -9.16
C LEU K 290 6.24 57.97 -8.93
N ASP K 291 6.77 58.67 -9.93
CA ASP K 291 6.99 60.11 -9.87
C ASP K 291 6.16 60.79 -10.97
N GLN K 292 6.39 62.08 -11.16
CA GLN K 292 5.45 62.91 -11.92
C GLN K 292 5.45 62.55 -13.40
N TRP K 293 6.63 62.48 -14.00
CA TRP K 293 6.68 62.33 -15.45
C TRP K 293 6.21 60.96 -15.84
N LEU K 294 6.58 59.97 -15.03
CA LEU K 294 6.18 58.62 -15.32
C LEU K 294 4.71 58.46 -15.09
N THR K 295 4.21 58.99 -13.97
CA THR K 295 2.84 58.72 -13.60
C THR K 295 1.90 59.38 -14.61
N THR K 296 2.29 60.56 -15.09
CA THR K 296 1.49 61.24 -16.09
C THR K 296 1.50 60.48 -17.41
N MET K 297 2.66 59.95 -17.80
CA MET K 297 2.67 59.15 -19.02
C MET K 297 1.95 57.82 -18.84
N LEU K 298 1.89 57.31 -17.62
CA LEU K 298 1.16 56.07 -17.35
C LEU K 298 -0.34 56.27 -17.43
N LEU K 299 -0.86 57.33 -16.83
CA LEU K 299 -2.27 57.61 -17.03
C LEU K 299 -2.57 57.95 -18.49
N ARG K 300 -1.62 58.57 -19.19
CA ARG K 300 -1.74 58.79 -20.62
C ARG K 300 -1.90 57.48 -21.40
N ILE K 301 -0.98 56.55 -21.19
CA ILE K 301 -1.03 55.32 -21.96
C ILE K 301 -2.19 54.48 -21.48
N LYS K 302 -2.55 54.61 -20.22
CA LYS K 302 -3.75 53.97 -19.71
C LYS K 302 -4.99 54.51 -20.41
N LYS K 303 -5.02 55.80 -20.73
CA LYS K 303 -6.12 56.29 -21.58
C LYS K 303 -6.09 55.59 -22.93
N THR K 304 -4.91 55.38 -23.48
CA THR K 304 -4.87 54.73 -24.80
C THR K 304 -5.37 53.28 -24.71
N ILE K 305 -5.01 52.61 -23.62
CA ILE K 305 -5.42 51.23 -23.40
C ILE K 305 -6.93 51.15 -23.23
N GLN K 306 -7.48 52.05 -22.41
CA GLN K 306 -8.92 52.12 -22.20
C GLN K 306 -9.69 52.41 -23.47
N GLY K 307 -9.27 53.45 -24.20
CA GLY K 307 -9.93 53.79 -25.46
C GLY K 307 -9.76 52.76 -26.54
N ASP K 308 -8.78 51.85 -26.38
CA ASP K 308 -8.68 50.70 -27.26
C ASP K 308 -9.54 49.51 -26.78
N GLU K 309 -9.80 49.40 -25.48
CA GLU K 309 -10.59 48.26 -24.99
C GLU K 309 -12.09 48.44 -25.13
N GLU K 310 -12.57 49.66 -25.40
CA GLU K 310 -13.97 49.80 -25.80
C GLU K 310 -14.21 49.19 -27.17
N ASP K 311 -13.29 49.44 -28.12
CA ASP K 311 -13.41 48.98 -29.49
C ASP K 311 -12.13 48.27 -29.93
PG ATP L . -11.84 -46.68 45.28
O1G ATP L . -10.42 -46.80 44.79
O2G ATP L . -12.82 -46.14 44.28
O3G ATP L . -12.28 -47.86 46.10
PB ATP L . -10.39 -45.61 47.20
O1B ATP L . -9.34 -44.79 46.52
O2B ATP L . -10.10 -47.07 47.43
O3B ATP L . -11.73 -45.51 46.35
PA ATP L . -9.68 -45.47 49.66
O1A ATP L . -8.35 -45.32 48.96
O2A ATP L . -10.17 -46.83 50.05
O3A ATP L . -10.72 -44.93 48.60
O5' ATP L . -9.67 -44.56 50.98
C5' ATP L . -8.49 -44.49 51.77
C4' ATP L . -8.66 -44.98 53.22
O4' ATP L . -7.98 -46.24 53.43
C3' ATP L . -8.07 -44.04 54.27
O3' ATP L . -9.02 -43.55 55.21
C2' ATP L . -7.01 -44.87 54.94
O2' ATP L . -6.80 -44.61 56.32
C1' ATP L . -7.51 -46.28 54.78
N9 ATP L . -6.46 -47.29 55.12
C8 ATP L . -5.13 -47.07 55.27
N7 ATP L . -4.47 -48.19 55.57
C5 ATP L . -5.36 -49.16 55.62
C6 ATP L . -5.29 -50.59 55.88
N6 ATP L . -4.12 -51.18 56.16
N1 ATP L . -6.42 -51.30 55.85
C2 ATP L . -7.58 -50.72 55.58
N3 ATP L . -7.73 -49.40 55.32
C4 ATP L . -6.66 -48.58 55.32
H5'1 ATP L . -8.11 -43.47 51.72
H5'2 ATP L . -7.74 -45.14 51.31
H4' ATP L . -9.73 -45.11 53.42
H3' ATP L . -7.56 -43.17 53.83
HO3' ATP L . -8.55 -43.00 55.84
H2' ATP L . -6.12 -44.69 54.35
HO2' ATP L . -6.04 -44.03 56.42
H1' ATP L . -8.36 -46.42 55.48
H8 ATP L . -4.63 -46.13 55.17
HN61 ATP L . -3.28 -50.64 56.18
HN62 ATP L . -4.08 -52.16 56.34
H2 ATP L . -8.43 -51.36 55.58
PB ADP M . 15.82 -21.23 33.16
O1B ADP M . 16.26 -20.63 31.85
O2B ADP M . 16.92 -21.89 33.95
O3B ADP M . 14.51 -21.97 33.05
PA ADP M . 16.66 -19.04 34.52
O1A ADP M . 16.17 -17.61 34.52
O2A ADP M . 17.85 -19.43 33.70
O3A ADP M . 15.45 -19.97 34.07
O5' ADP M . 16.97 -19.44 36.04
C5' ADP M . 18.20 -20.09 36.34
C4' ADP M . 18.46 -20.07 37.83
O4' ADP M . 19.59 -20.85 38.22
C3' ADP M . 18.76 -18.67 38.32
O3' ADP M . 17.64 -18.07 38.93
C2' ADP M . 19.88 -18.84 39.32
O2' ADP M . 19.53 -18.25 40.56
C1' ADP M . 20.10 -20.34 39.45
N9 ADP M . 21.51 -20.76 39.64
C8 ADP M . 22.51 -20.03 40.16
N7 ADP M . 23.67 -20.73 40.19
C5 ADP M . 23.40 -21.95 39.68
C6 ADP M . 24.17 -23.18 39.43
N6 ADP M . 25.48 -23.26 39.72
N1 ADP M . 23.51 -24.22 38.90
C2 ADP M . 22.21 -24.15 38.61
N3 ADP M . 21.45 -23.07 38.81
C4 ADP M . 21.99 -21.96 39.34
H5'1 ADP M . 19.02 -19.60 35.81
H5'2 ADP M . 18.14 -21.12 35.96
H4' ADP M . 17.57 -20.41 38.36
H3' ADP M . 19.13 -18.06 37.49
HO3' ADP M . 17.83 -17.14 39.13
H2' ADP M . 20.73 -18.36 38.90
HO2' ADP M . 19.66 -17.30 40.49
H1' ADP M . 19.54 -20.71 40.30
H8 ADP M . 22.40 -19.01 40.49
HN61 ADP M . 25.98 -22.49 40.11
HN62 ADP M . 25.96 -24.13 39.53
H2 ADP M . 21.74 -25.03 38.18
PG ATP N . 18.37 -25.65 3.46
O1G ATP N . 18.05 -24.28 4.00
O2G ATP N . 17.61 -26.03 2.22
O3G ATP N . 18.45 -26.71 4.52
PB ATP N . 20.94 -26.72 3.10
O1B ATP N . 21.43 -26.78 4.52
O2B ATP N . 20.42 -27.97 2.44
O3B ATP N . 19.89 -25.52 2.98
PA ATP N . 23.19 -25.12 2.63
O1A ATP N . 23.78 -24.60 1.34
O2A ATP N . 22.59 -24.15 3.60
O3A ATP N . 22.05 -26.12 2.12
O5' ATP N . 24.34 -26.05 3.26
C5' ATP N . 25.58 -25.40 3.48
C4' ATP N . 26.69 -26.35 3.81
O4' ATP N . 27.10 -27.12 2.68
C3' ATP N . 27.90 -25.57 4.21
O3' ATP N . 27.97 -25.47 5.62
C2' ATP N . 29.03 -26.36 3.63
O2' ATP N . 30.02 -26.71 4.58
C1' ATP N . 28.41 -27.58 2.94
N9 ATP N . 29.15 -27.94 1.71
C8 ATP N . 30.44 -27.72 1.45
N7 ATP N . 30.80 -28.13 0.22
C5 ATP N . 29.69 -28.65 -0.32
C6 ATP N . 29.39 -29.30 -1.60
N6 ATP N . 30.32 -29.45 -2.54
N1 ATP N . 28.15 -29.74 -1.81
C2 ATP N . 27.20 -29.60 -0.87
N3 ATP N . 27.43 -29.03 0.32
C4 ATP N . 28.63 -28.55 0.66
H5'1 ATP N . 25.49 -24.68 4.29
H5'2 ATP N . 25.86 -24.85 2.59
H4' ATP N . 26.39 -26.99 4.64
H3' ATP N . 27.85 -24.58 3.76
HO3' ATP N . 28.68 -24.86 5.84
H2' ATP N . 29.46 -25.66 2.89
HO2' ATP N . 30.53 -25.92 4.78
H1' ATP N . 28.38 -28.43 3.64
H8 ATP N . 31.11 -27.21 2.12
HN61 ATP N . 31.26 -29.13 -2.39
HN62 ATP N . 30.07 -29.90 -3.41
H2 ATP N . 26.20 -29.96 -1.08
PG ATP O . 6.66 -57.13 22.93
O1G ATP O . 7.10 -55.74 22.57
O2G ATP O . 5.77 -57.19 24.14
O3G ATP O . 6.28 -58.02 21.80
PB ATP O . 9.22 -57.97 22.47
O1B ATP O . 9.55 -56.67 21.79
O2B ATP O . 8.96 -59.23 21.68
O3B ATP O . 8.02 -57.73 23.49
PA ATP O . 11.64 -57.34 23.40
O1A ATP O . 11.25 -56.01 24.02
O2A ATP O . 12.20 -57.46 22.01
O3A ATP O . 10.37 -58.28 23.52
O5' ATP O . 12.62 -58.12 24.40
C5' ATP O . 13.81 -57.47 24.74
C4' ATP O . 14.60 -58.05 25.89
O4' ATP O . 14.70 -59.44 25.69
C3' ATP O . 15.99 -57.43 25.88
O3' ATP O . 16.54 -57.30 27.18
C2' ATP O . 16.74 -58.48 25.11
O2' ATP O . 18.13 -58.42 25.34
C1' ATP O . 16.08 -59.75 25.56
N9 ATP O . 16.17 -60.77 24.53
C8 ATP O . 15.49 -60.73 23.38
N7 ATP O . 15.74 -61.83 22.64
C5 ATP O . 16.58 -62.57 23.36
C6 ATP O . 17.23 -63.84 23.18
N6 ATP O . 17.01 -64.51 22.03
N1 ATP O . 18.03 -64.29 24.16
C2 ATP O . 18.21 -63.57 25.30
N3 ATP O . 17.65 -62.40 25.52
C4 ATP O . 16.84 -61.87 24.61
H5'1 ATP O . 13.58 -56.43 24.95
H5'2 ATP O . 14.42 -57.52 23.87
H4' ATP O . 14.10 -57.83 26.83
H3' ATP O . 15.99 -56.49 25.33
HO3' ATP O . 17.29 -56.69 27.13
H2' ATP O . 16.56 -58.31 24.05
HO2' ATP O . 18.40 -57.51 25.27
H1' ATP O . 16.52 -60.09 26.49
H8 ATP O . 14.86 -59.91 23.10
HN61 ATP O . 16.39 -64.10 21.34
HN62 ATP O . 17.45 -65.41 21.86
H2 ATP O . 18.87 -63.96 26.06
PG ATP P . -2.57 -56.82 -4.68
O1G ATP P . -2.53 -56.31 -3.26
O2G ATP P . -2.14 -58.25 -4.84
O3G ATP P . -3.78 -56.42 -5.47
PB ATP P . -1.44 -56.16 -7.01
O1B ATP P . -2.50 -55.24 -7.54
O2B ATP P . -1.43 -57.61 -7.37
O3B ATP P . -1.41 -56.03 -5.42
PA ATP P . 0.17 -55.37 -8.96
O1A ATP P . 0.35 -53.90 -9.20
O2A ATP P . -0.95 -56.17 -9.54
O3A ATP P . -0.03 -55.55 -7.40
O5' ATP P . 1.58 -56.13 -9.14
C5' ATP P . 1.73 -56.76 -10.40
C4' ATP P . 3.12 -57.28 -10.77
O4' ATP P . 2.99 -58.35 -11.70
C3' ATP P . 4.06 -56.27 -11.43
O3' ATP P . 5.12 -55.87 -10.56
C2' ATP P . 4.66 -56.97 -12.62
O2' ATP P . 6.09 -56.98 -12.62
C1' ATP P . 4.15 -58.38 -12.53
N9 ATP P . 3.87 -58.84 -13.89
C8 ATP P . 4.82 -58.92 -14.82
N7 ATP P . 4.30 -59.39 -15.96
C5 ATP P . 3.00 -59.62 -15.75
C6 ATP P . 1.87 -60.11 -16.54
N6 ATP P . 2.01 -60.48 -17.82
N1 ATP P . 0.67 -60.21 -15.94
C2 ATP P . 0.50 -59.86 -14.67
N3 ATP P . 1.49 -59.40 -13.90
C4 ATP P . 2.73 -59.26 -14.38
H5'1 ATP P . 1.30 -56.16 -11.20
H5'2 ATP P . 1.13 -57.64 -10.29
H4' ATP P . 3.62 -57.64 -9.85
H3' ATP P . 3.49 -55.42 -11.78
HO3' ATP P . 5.60 -55.15 -10.99
H2' ATP P . 4.28 -56.52 -13.54
HO2' ATP P . 6.40 -56.18 -13.06
H1' ATP P . 4.93 -59.00 -12.09
H8 ATP P . 5.84 -58.63 -14.66
HN61 ATP P . 2.90 -60.40 -18.24
HN62 ATP P . 1.22 -60.82 -18.33
H2 ATP P . -0.49 -59.95 -14.24
PG ATP Q . -0.19 -18.46 -17.81
O1G ATP Q . -0.61 -17.50 -16.73
O2G ATP Q . 0.75 -19.56 -17.38
O3G ATP Q . -1.25 -18.92 -18.75
PB ATP Q . 1.26 -18.27 -20.07
O1B ATP Q . 2.17 -19.32 -19.55
O2B ATP Q . 0.16 -18.60 -21.03
O3B ATP Q . 0.70 -17.55 -18.77
PA ATP Q . 2.40 -17.00 -22.26
O1A ATP Q . 3.60 -16.12 -22.44
O2A ATP Q . 1.07 -16.52 -22.80
O3A ATP Q . 2.17 -17.12 -20.68
O5' ATP Q . 2.68 -18.50 -22.71
C5' ATP Q . 3.85 -19.09 -22.20
C4' ATP Q . 4.72 -19.53 -23.33
O4' ATP Q . 4.07 -20.17 -24.42
C3' ATP Q . 5.34 -18.32 -23.96
O3' ATP Q . 6.39 -17.83 -23.15
C2' ATP Q . 5.82 -18.85 -25.28
O2' ATP Q . 7.20 -19.14 -25.08
C1' ATP Q . 4.97 -20.11 -25.51
N9 ATP Q . 4.17 -20.11 -26.76
C8 ATP Q . 4.48 -19.57 -27.96
N7 ATP Q . 3.49 -19.76 -28.85
C5 ATP Q . 2.52 -20.42 -28.23
C6 ATP Q . 1.20 -20.93 -28.61
N6 ATP Q . 0.75 -20.73 -29.86
N1 ATP Q . 0.48 -21.57 -27.68
C2 ATP Q . 0.95 -21.75 -26.45
N3 ATP Q . 2.14 -21.31 -26.03
C4 ATP Q . 2.96 -20.64 -26.86
H5'1 ATP Q . 3.61 -19.90 -21.50
H5'2 ATP Q . 4.39 -18.32 -21.67
H4' ATP Q . 5.53 -20.19 -22.96
H3' ATP Q . 4.56 -17.59 -24.15
HO3' ATP Q . 6.75 -17.02 -23.55
H2' ATP Q . 5.70 -18.10 -26.04
HO2' ATP Q . 7.70 -18.32 -25.17
H1' ATP Q . 5.64 -20.96 -25.52
H8 ATP Q . 5.39 -19.05 -28.17
HN61 ATP Q . 1.36 -20.25 -30.50
HN62 ATP Q . -0.14 -21.07 -30.16
H2 ATP Q . 0.32 -22.28 -25.75
PG ATP R . -29.01 -45.41 -13.16
O1G ATP R . -28.95 -44.01 -12.64
O2G ATP R . -27.71 -46.19 -13.14
O3G ATP R . -30.23 -46.20 -12.76
PB ATP R . -30.57 -44.37 -15.08
O1B ATP R . -30.39 -42.97 -14.57
O2B ATP R . -31.79 -45.18 -14.75
O3B ATP R . -29.27 -45.21 -14.72
PA ATP R . -29.56 -43.16 -17.38
O1A ATP R . -30.22 -41.87 -17.02
O2A ATP R . -28.08 -43.32 -17.20
O3A ATP R . -30.38 -44.32 -16.66
O5' ATP R . -30.06 -43.57 -18.84
C5' ATP R . -30.35 -42.57 -19.79
C4' ATP R . -30.63 -43.19 -21.15
O4' ATP R . -31.93 -43.81 -21.19
C3' ATP R . -30.65 -42.18 -22.27
O3' ATP R . -29.52 -42.41 -23.10
C2' ATP R . -31.93 -42.44 -23.02
O2' ATP R . -31.78 -42.42 -24.43
C1' ATP R . -32.32 -43.81 -22.55
N9 ATP R . -33.76 -43.94 -22.84
C8 ATP R . -34.24 -44.08 -24.07
N7 ATP R . -35.59 -44.16 -24.06
C5 ATP R . -35.97 -44.06 -22.78
C6 ATP R . -37.24 -44.05 -22.04
N6 ATP R . -38.43 -44.18 -22.68
N1 ATP R . -37.20 -43.91 -20.71
C2 ATP R . -36.03 -43.77 -20.06
N3 ATP R . -34.86 -43.76 -20.67
C4 ATP R . -34.76 -43.90 -21.99
H5'1 ATP R . -29.50 -41.89 -19.86
H5'2 ATP R . -31.21 -42.01 -19.45
H4' ATP R . -29.85 -43.93 -21.36
H3' ATP R . -30.65 -41.16 -21.87
HO3' ATP R . -29.48 -41.73 -23.77
H2' ATP R . -32.72 -41.75 -22.72
HO2' ATP R . -31.57 -41.51 -24.67
H1' ATP R . -31.77 -44.56 -23.13
H8 ATP R . -33.62 -44.14 -24.94
HN61 ATP R . -38.45 -44.29 -23.68
HN62 ATP R . -39.29 -44.18 -22.16
H2 ATP R . -36.06 -43.66 -18.99
PG ATP S . -24.81 -3.80 -12.05
O1G ATP S . -24.10 -2.48 -11.84
O2G ATP S . -23.95 -5.02 -11.86
O3G ATP S . -26.19 -3.88 -11.48
PB ATP S . -26.29 -2.84 -14.02
O1B ATP S . -26.21 -1.60 -13.17
O2B ATP S . -27.53 -3.69 -14.07
O3B ATP S . -25.08 -3.80 -13.62
PA ATP S . -27.08 -2.68 -16.58
O1A ATP S . -28.17 -1.73 -16.18
O2A ATP S . -27.45 -4.10 -16.69
O3A ATP S . -25.90 -2.50 -15.52
O5' ATP S . -26.35 -2.23 -17.93
C5' ATP S . -27.10 -1.52 -18.88
C4' ATP S . -26.66 -1.79 -20.30
O4' ATP S . -26.90 -3.14 -20.69
C3' ATP S . -27.42 -0.94 -21.30
O3' ATP S . -26.70 0.24 -21.64
C2' ATP S . -27.56 -1.85 -22.47
O2' ATP S . -26.34 -1.92 -23.21
C1' ATP S . -27.80 -3.16 -21.79
N9 ATP S . -29.13 -3.30 -21.17
C8 ATP S . -29.29 -3.93 -20.02
N7 ATP S . -30.57 -3.97 -19.65
C5 ATP S . -31.27 -3.30 -20.54
C6 ATP S . -32.68 -2.98 -20.67
N6 ATP S . -33.53 -3.40 -19.71
N1 ATP S . -33.06 -2.28 -21.74
C2 ATP S . -32.16 -1.90 -22.66
N3 ATP S . -30.84 -2.16 -22.59
C4 ATP S . -30.33 -2.85 -21.56
H5'1 ATP S . -26.99 -0.45 -18.68
H5'2 ATP S . -28.15 -1.76 -18.76
H4' ATP S . -25.59 -1.57 -20.39
H3' ATP S . -28.43 -0.72 -20.90
HO3' ATP S . -27.09 0.62 -22.43
H2' ATP S . -28.39 -1.56 -23.11
HO2' ATP S . -26.21 -1.11 -23.71
H1' ATP S . -27.60 -3.96 -22.49
H8 ATP S . -28.51 -4.41 -19.45
HN61 ATP S . -33.17 -3.93 -18.94
HN62 ATP S . -34.51 -3.19 -19.78
H2 ATP S . -32.53 -1.33 -23.51
PG ATP T . -47.61 -34.17 9.57
O1G ATP T . -47.26 -33.34 10.76
O2G ATP T . -47.94 -35.62 9.84
O3G ATP T . -46.72 -33.95 8.38
PB ATP T . -48.99 -31.94 9.02
O1B ATP T . -47.83 -31.52 8.17
O2B ATP T . -49.15 -31.41 10.42
O3B ATP T . -48.99 -33.53 9.09
PA ATP T . -51.19 -30.32 8.57
O1A ATP T . -50.28 -29.17 8.22
O2A ATP T . -51.61 -30.44 10.00
O3A ATP T . -50.34 -31.63 8.22
O5' ATP T . -52.42 -30.34 7.53
C5' ATP T . -52.80 -29.09 6.93
C4' ATP T . -54.03 -29.11 6.01
O4' ATP T . -55.16 -29.82 6.52
C3' ATP T . -54.52 -27.69 5.74
O3' ATP T . -54.57 -27.47 4.33
C2' ATP T . -55.92 -27.58 6.26
O2' ATP T . -56.83 -26.93 5.39
C1' ATP T . -56.34 -28.99 6.60
N9 ATP T . -56.82 -29.11 7.98
C8 ATP T . -56.06 -28.98 9.07
N7 ATP T . -56.79 -29.16 10.19
C5 ATP T . -58.04 -29.42 9.80
C6 ATP T . -59.31 -29.70 10.47
N6 ATP T . -59.36 -29.74 11.81
N1 ATP T . -60.40 -29.89 9.72
C2 ATP T . -60.34 -29.85 8.39
N3 ATP T . -59.22 -29.59 7.70
C4 ATP T . -58.06 -29.35 8.34
H5'1 ATP T . -51.95 -28.73 6.36
H5'2 ATP T . -52.98 -28.40 7.75
H4' ATP T . -53.73 -29.55 5.05
H3' ATP T . -53.87 -26.96 6.22
HO3' ATP T . -54.48 -26.52 4.21
H2' ATP T . -55.86 -27.00 7.18
HO2' ATP T . -56.48 -26.06 5.20
H1' ATP T . -57.10 -29.34 5.89
H8 ATP T . -55.01 -28.78 9.02
HN61 ATP T . -60.23 -29.92 12.25
HN62 ATP T . -58.52 -29.57 12.34
H2 ATP T . -61.25 -30.02 7.85
PB ADP U . -32.53 7.97 12.17
O1B ADP U . -31.95 9.10 11.33
O2B ADP U . -32.50 6.62 11.51
O3B ADP U . -32.06 7.97 13.60
PA ADP U . -34.72 9.62 12.87
O1A ADP U . -33.91 10.72 12.23
O2A ADP U . -34.94 9.51 14.36
O3A ADP U . -34.11 8.29 12.20
O5' ADP U . -36.15 9.61 12.15
C5' ADP U . -36.77 10.85 11.91
C4' ADP U . -37.86 10.61 10.88
O4' ADP U . -39.13 10.16 11.39
C3' ADP U . -38.15 11.92 10.16
O3' ADP U . -37.48 11.92 8.91
C2' ADP U . -39.64 11.98 9.98
O2' ADP U . -40.03 11.97 8.62
C1' ADP U . -40.22 10.76 10.65
N9 ADP U . -41.34 11.09 11.55
C8 ADP U . -42.34 11.88 11.13
N7 ADP U . -43.26 12.05 12.07
C5 ADP U . -42.90 11.30 13.11
C6 ADP U . -43.48 11.05 14.42
N6 ADP U . -44.65 11.65 14.74
N1 ADP U . -42.82 10.23 15.25
C2 ADP U . -41.66 9.67 14.88
N3 ADP U . -41.06 9.86 13.69
C4 ADP U . -41.62 10.67 12.78
H5'1 ADP U . -36.06 11.58 11.54
H5'2 ADP U . -37.19 11.22 12.85
H4' ADP U . -37.50 9.88 10.17
H3' ADP U . -37.83 12.76 10.79
HO3' ADP U . -37.66 12.73 8.44
H2' ADP U . -39.95 12.93 10.46
HO2' ADP U . -40.10 12.88 8.30
H1' ADP U . -40.58 10.10 9.86
H8 ADP U . -42.35 12.38 10.15
HN61 ADP U . -45.08 11.49 15.63
HN62 ADP U . -45.09 12.26 14.07
H2 ADP U . -41.19 9.03 15.59
PG ATP V . -38.82 -35.49 38.22
O1G ATP V . -37.50 -34.99 37.67
O2G ATP V . -38.72 -36.10 39.61
O3G ATP V . -39.70 -36.24 37.27
PB ATP V . -39.47 -33.59 40.00
O1B ATP V . -38.01 -33.56 40.35
O2B ATP V . -40.47 -34.30 40.85
O3B ATP V . -39.64 -34.15 38.51
PA ATP V . -39.52 -31.03 40.92
O1A ATP V . -38.59 -30.08 40.22
O2A ATP V . -39.15 -31.90 42.10
O3A ATP V . -40.00 -32.11 39.85
O5' ATP V . -41.00 -30.42 41.11
C5' ATP V . -41.79 -30.96 42.17
C4' ATP V . -43.01 -30.18 42.58
O4' ATP V . -43.56 -30.82 43.72
C3' ATP V . -42.74 -28.71 42.95
O3' ATP V . -43.27 -27.78 42.00
C2' ATP V . -43.40 -28.50 44.31
O2' ATP V . -44.29 -27.39 44.32
C1' ATP V . -44.12 -29.81 44.52
N9 ATP V . -44.21 -30.18 45.93
C8 ATP V . -44.62 -29.37 46.90
N7 ATP V . -44.70 -30.05 48.05
C5 ATP V . -44.37 -31.32 47.83
C6 ATP V . -44.24 -32.56 48.62
N6 ATP V . -44.47 -32.59 49.94
N1 ATP V . -43.88 -33.68 47.98
C2 ATP V . -43.64 -33.67 46.67
N3 ATP V . -43.76 -32.58 45.89
C4 ATP V . -44.14 -31.41 46.40
H5'1 ATP V . -42.08 -31.98 41.92
H5'2 ATP V . -41.16 -31.00 43.05
H4' ATP V . -43.73 -30.21 41.75
H3' ATP V . -41.66 -28.57 43.07
HO3' ATP V . -42.72 -26.99 42.00
H2' ATP V . -42.63 -28.40 45.08
HO2' ATP V . -43.78 -26.57 44.21
H1' ATP V . -45.15 -29.64 44.18
H8 ATP V . -44.83 -28.32 46.78
HN61 ATP V . -44.38 -33.45 50.44
HN62 ATP V . -44.74 -31.75 50.42
H2 ATP V . -43.37 -34.61 46.19
#